data_7X6L
#
_entry.id   7X6L
#
_cell.length_a   1.00
_cell.length_b   1.00
_cell.length_c   1.00
_cell.angle_alpha   90.00
_cell.angle_beta   90.00
_cell.angle_gamma   90.00
#
_symmetry.space_group_name_H-M   'P 1'
#
loop_
_entity.id
_entity.type
_entity.pdbx_description
1 polymer 'Heavy chain of antibody 12 fab'
2 polymer 'The light chain of the antibody 12 fab'
3 polymer Hemagglutinin
4 polymer Hemagglutinin
#
loop_
_entity_poly.entity_id
_entity_poly.type
_entity_poly.pdbx_seq_one_letter_code
_entity_poly.pdbx_strand_id
1 'polypeptide(L)'
;EVQLVESGGGLVQPGGSLRLSCAASGFTFSTYNMNWVRQAPGKGLEWLSYISTSSNTIYYADSVKGRFTISRDNAKNSLF
LQMNSLRDEDTAVYYCARDRGCSSTNCYVVGYYFYGMDVWGQGTTVTVSSASTKGPSVFPLAPSSKSTSGGTAALGCLVK
DYFPEPVTVSWNSGALTSGVHTFPAVLQSSGLYSLSSVVTVPSSSLGTQTYICNVNHKPSNTKVDKKVE
;
I,G,H
2 'polypeptide(L)'
;DIQMTQSPSSVSASVGDRVTITCRASQGISSYLAWYQLKPGRAPKLLIYGATRLQSGVPSRFSGSGSGTDFTLTISGLQP
EDFATYHCQQADSFPLTFGQGTRLEIKRTVAAPSVFIFPPSDEQLKSGTASVVCLLNNFYPREAKVQWKVDNALQSGNSQ
ESVTEQDSKDSTYSLSSTLTLSKADYEKHKVYACEVTHQGLSSPVTKSFNRGEC
;
K,J,L
3 'polypeptide(L)'
;QDLPGNDNPTATLCLGHHAVPNGTLVKTITDDQIEVTNATELVQSSSTGKICNNPHRILDGIDCTLIDALLGDPHCDVFQ
NETWDLFVERSKAFSNCYPYDVPDYASLRSLVASSGTLEFITEGFTWTGVTQNGGSNACKRGPGSGFFSRLNWLTKSGST
YPVLNVTMPNNDNFDKLYIWGVHHPSTNQEQTSLYVQASGRVTVSTRRSQQTIIPNIGSRPWVRGLSSRISIYWTIVKPG
DVLVINSNGNLIAPRGYFKMRTGKSSIMRSDAPIDTCISECITPNGSIPNDKPFQNVNKITYGACPKYVKQNTLKLATGM
RNVPEKQTR
;
A,C,D
4 'polypeptide(L)'
;GLFGAIAGFIENGWEGMIDGWYGFRHQNSEGTGQAADLKSTQAAIDQINGKLNRVIEKTNEKFHQIEKEFSEVEGRIQDL
EKYVEDTKIDLWSYNAELLVALENQHTIDLTDSEMNKLFEKTRRQLRENAEDMGNGCFKIYHKCDNACIESIRNGTYDHD
VYRDEALNNRFQIKGV
;
B,E,F
#
# COMPACT_ATOMS: atom_id res chain seq x y z
N GLU A 1 22.95 -16.09 26.67
CA GLU A 1 22.14 -16.75 25.65
C GLU A 1 21.10 -17.67 26.28
N VAL A 2 20.28 -18.28 25.44
CA VAL A 2 19.25 -19.21 25.90
C VAL A 2 19.90 -20.54 26.25
N GLN A 3 19.73 -20.97 27.50
CA GLN A 3 20.32 -22.22 27.97
C GLN A 3 19.48 -22.76 29.11
N LEU A 4 19.20 -24.06 29.07
CA LEU A 4 18.43 -24.75 30.10
C LEU A 4 19.36 -25.68 30.87
N VAL A 5 19.38 -25.53 32.20
CA VAL A 5 20.22 -26.32 33.09
C VAL A 5 19.32 -27.16 33.97
N GLU A 6 19.51 -28.47 33.93
CA GLU A 6 18.72 -29.39 34.74
C GLU A 6 19.44 -29.72 36.05
N SER A 7 18.64 -30.13 37.03
CA SER A 7 19.16 -30.48 38.35
C SER A 7 18.20 -31.47 39.00
N GLY A 8 18.58 -31.95 40.18
CA GLY A 8 17.76 -32.87 40.93
C GLY A 8 18.02 -34.34 40.66
N GLY A 9 19.06 -34.67 39.91
CA GLY A 9 19.37 -36.05 39.61
C GLY A 9 20.16 -36.73 40.72
N GLY A 10 20.44 -38.00 40.50
CA GLY A 10 21.19 -38.79 41.45
C GLY A 10 20.74 -40.25 41.40
N LEU A 11 21.02 -40.96 42.49
CA LEU A 11 20.68 -42.36 42.63
C LEU A 11 19.52 -42.50 43.60
N VAL A 12 18.54 -43.32 43.23
CA VAL A 12 17.36 -43.56 44.05
C VAL A 12 16.95 -45.02 43.91
N GLN A 13 16.15 -45.51 44.89
CA GLN A 13 15.57 -46.83 44.97
C GLN A 13 14.22 -46.87 44.26
N PRO A 14 13.81 -48.03 43.74
CA PRO A 14 12.46 -48.13 43.14
C PRO A 14 11.36 -47.99 44.17
N GLY A 15 10.61 -46.89 44.10
CA GLY A 15 9.56 -46.59 45.06
C GLY A 15 9.77 -45.31 45.85
N GLY A 16 10.81 -44.54 45.57
CA GLY A 16 11.07 -43.30 46.28
C GLY A 16 10.37 -42.11 45.66
N SER A 17 10.91 -40.93 45.92
CA SER A 17 10.34 -39.69 45.41
C SER A 17 11.44 -38.65 45.25
N LEU A 18 11.37 -37.91 44.14
CA LEU A 18 12.34 -36.85 43.84
C LEU A 18 11.60 -35.63 43.35
N ARG A 19 12.36 -34.60 42.99
CA ARG A 19 11.78 -33.37 42.44
C ARG A 19 12.85 -32.73 41.55
N LEU A 20 12.69 -32.88 40.24
CA LEU A 20 13.66 -32.35 39.29
C LEU A 20 13.49 -30.84 39.14
N SER A 21 14.47 -30.22 38.49
CA SER A 21 14.47 -28.78 38.27
C SER A 21 14.96 -28.50 36.85
N CYS A 22 14.51 -27.35 36.32
CA CYS A 22 14.86 -26.93 34.97
C CYS A 22 15.15 -25.42 35.02
N ALA A 23 16.42 -25.08 35.25
CA ALA A 23 16.81 -23.69 35.40
C ALA A 23 16.91 -23.02 34.02
N ALA A 24 16.20 -21.93 33.85
CA ALA A 24 16.17 -21.18 32.60
C ALA A 24 16.86 -19.84 32.76
N SER A 25 17.48 -19.37 31.68
CA SER A 25 18.17 -18.09 31.69
C SER A 25 18.25 -17.58 30.26
N GLY A 26 18.27 -16.25 30.13
CA GLY A 26 18.40 -15.60 28.85
C GLY A 26 17.09 -15.27 28.15
N PHE A 27 15.95 -15.69 28.72
CA PHE A 27 14.66 -15.42 28.11
C PHE A 27 13.61 -15.32 29.21
N THR A 28 12.43 -14.82 28.83
CA THR A 28 11.33 -14.69 29.77
C THR A 28 10.65 -16.04 29.94
N PHE A 29 10.69 -16.58 31.15
CA PHE A 29 10.13 -17.90 31.42
C PHE A 29 8.61 -17.90 31.49
N SER A 30 7.99 -16.75 31.79
CA SER A 30 6.55 -16.67 31.95
C SER A 30 5.80 -16.51 30.62
N THR A 31 6.50 -16.51 29.49
CA THR A 31 5.87 -16.35 28.20
C THR A 31 5.98 -17.58 27.30
N TYR A 32 6.83 -18.53 27.63
CA TYR A 32 7.02 -19.73 26.82
C TYR A 32 6.50 -20.95 27.56
N ASN A 33 6.08 -21.96 26.80
CA ASN A 33 5.58 -23.20 27.36
C ASN A 33 6.71 -24.17 27.60
N MET A 34 6.50 -25.09 28.54
CA MET A 34 7.49 -26.10 28.90
C MET A 34 6.86 -27.49 28.78
N ASN A 35 7.71 -28.50 28.85
CA ASN A 35 7.28 -29.89 28.71
C ASN A 35 8.25 -30.78 29.46
N TRP A 36 8.16 -32.09 29.22
CA TRP A 36 9.02 -33.07 29.88
C TRP A 36 9.19 -34.25 28.93
N VAL A 37 10.35 -34.34 28.28
CA VAL A 37 10.66 -35.41 27.34
C VAL A 37 11.91 -36.13 27.83
N ARG A 38 11.82 -37.44 28.00
CA ARG A 38 12.94 -38.25 28.45
C ARG A 38 13.52 -39.03 27.28
N GLN A 39 14.55 -39.83 27.57
CA GLN A 39 15.19 -40.66 26.54
C GLN A 39 15.61 -41.97 27.20
N ALA A 40 14.87 -43.04 26.91
CA ALA A 40 15.13 -44.34 27.50
C ALA A 40 16.34 -44.99 26.83
N PRO A 41 17.17 -45.72 27.59
CA PRO A 41 18.30 -46.44 26.99
C PRO A 41 17.80 -47.62 26.17
N GLY A 42 18.19 -47.66 24.90
CA GLY A 42 17.72 -48.68 23.98
C GLY A 42 16.44 -48.34 23.26
N LYS A 43 15.74 -47.29 23.65
CA LYS A 43 14.51 -46.85 23.02
C LYS A 43 14.68 -45.40 22.55
N GLY A 44 13.61 -44.87 21.96
CA GLY A 44 13.60 -43.50 21.46
C GLY A 44 13.10 -42.52 22.49
N LEU A 45 12.75 -41.33 22.01
CA LEU A 45 12.22 -40.29 22.88
C LEU A 45 10.79 -40.59 23.28
N GLU A 46 10.38 -40.06 24.43
CA GLU A 46 9.04 -40.29 24.95
C GLU A 46 8.57 -39.04 25.67
N TRP A 47 7.51 -38.43 25.15
CA TRP A 47 6.90 -37.27 25.80
C TRP A 47 6.08 -37.71 27.00
N LEU A 48 6.20 -36.95 28.10
CA LEU A 48 5.52 -37.28 29.35
C LEU A 48 4.43 -36.29 29.72
N SER A 49 4.74 -35.00 29.80
CA SER A 49 3.78 -34.01 30.27
C SER A 49 3.97 -32.70 29.51
N TYR A 50 3.03 -31.79 29.74
CA TYR A 50 3.05 -30.47 29.10
C TYR A 50 2.32 -29.49 30.00
N ILE A 51 2.89 -28.29 30.15
CA ILE A 51 2.30 -27.23 30.96
C ILE A 51 2.32 -25.94 30.14
N SER A 52 1.46 -25.01 30.52
CA SER A 52 1.33 -23.72 29.87
C SER A 52 1.78 -22.61 30.82
N THR A 53 1.73 -21.38 30.32
CA THR A 53 2.12 -20.23 31.13
C THR A 53 1.05 -19.86 32.15
N SER A 54 -0.22 -20.13 31.85
CA SER A 54 -1.31 -19.81 32.76
C SER A 54 -1.52 -20.87 33.83
N SER A 55 -0.83 -22.02 33.71
CA SER A 55 -0.91 -23.14 34.66
C SER A 55 -2.33 -23.67 34.81
N ASN A 56 -3.05 -23.76 33.69
CA ASN A 56 -4.41 -24.28 33.70
C ASN A 56 -4.56 -25.42 32.69
N THR A 57 -3.73 -25.40 31.65
CA THR A 57 -3.75 -26.43 30.61
C THR A 57 -2.58 -27.37 30.86
N ILE A 58 -2.84 -28.46 31.57
CA ILE A 58 -1.82 -29.46 31.90
C ILE A 58 -2.25 -30.78 31.28
N TYR A 59 -1.37 -31.37 30.46
CA TYR A 59 -1.62 -32.63 29.79
C TYR A 59 -0.63 -33.69 30.27
N TYR A 60 -1.03 -34.95 30.15
CA TYR A 60 -0.20 -36.07 30.54
C TYR A 60 -0.26 -37.14 29.46
N ALA A 61 0.77 -37.99 29.45
CA ALA A 61 0.86 -39.08 28.50
C ALA A 61 0.09 -40.30 29.00
N ASP A 62 0.06 -41.35 28.18
CA ASP A 62 -0.64 -42.57 28.55
C ASP A 62 0.13 -43.39 29.59
N SER A 63 1.45 -43.25 29.61
CA SER A 63 2.28 -43.98 30.56
C SER A 63 2.41 -43.28 31.91
N VAL A 64 1.90 -42.05 32.03
CA VAL A 64 2.00 -41.32 33.29
C VAL A 64 0.93 -41.81 34.27
N LYS A 65 -0.35 -41.67 33.87
CA LYS A 65 -1.51 -42.08 34.65
C LYS A 65 -1.56 -41.39 36.02
N GLY A 66 -1.15 -40.13 36.07
CA GLY A 66 -1.19 -39.36 37.29
C GLY A 66 -0.08 -39.64 38.27
N ARG A 67 0.90 -40.47 37.92
CA ARG A 67 1.99 -40.78 38.84
C ARG A 67 3.02 -39.66 38.91
N PHE A 68 3.03 -38.73 37.95
CA PHE A 68 3.96 -37.62 37.95
C PHE A 68 3.19 -36.32 38.08
N THR A 69 3.86 -35.30 38.64
CA THR A 69 3.28 -33.98 38.84
C THR A 69 4.25 -32.93 38.33
N ILE A 70 3.77 -32.06 37.45
CA ILE A 70 4.58 -31.02 36.83
C ILE A 70 4.05 -29.66 37.26
N SER A 71 4.93 -28.82 37.79
CA SER A 71 4.56 -27.48 38.23
C SER A 71 5.63 -26.50 37.77
N ARG A 72 5.35 -25.21 37.98
CA ARG A 72 6.28 -24.15 37.59
C ARG A 72 6.05 -22.94 38.49
N ASP A 73 7.00 -22.02 38.45
CA ASP A 73 6.92 -20.80 39.24
C ASP A 73 7.54 -19.66 38.45
N ASN A 74 6.76 -18.59 38.24
CA ASN A 74 7.27 -17.45 37.50
C ASN A 74 8.25 -16.60 38.31
N ALA A 75 8.20 -16.70 39.64
CA ALA A 75 9.10 -15.94 40.49
C ALA A 75 10.50 -16.53 40.53
N LYS A 76 10.63 -17.84 40.29
CA LYS A 76 11.94 -18.50 40.31
C LYS A 76 12.42 -18.92 38.94
N ASN A 77 11.55 -18.90 37.92
CA ASN A 77 11.85 -19.27 36.53
C ASN A 77 12.42 -20.69 36.42
N SER A 78 11.68 -21.65 36.97
CA SER A 78 12.11 -23.04 36.96
C SER A 78 10.87 -23.93 36.96
N LEU A 79 11.10 -25.21 36.73
CA LEU A 79 10.05 -26.22 36.74
C LEU A 79 10.11 -27.05 38.02
N PHE A 80 9.03 -27.78 38.28
CA PHE A 80 8.92 -28.67 39.44
C PHE A 80 8.36 -30.00 38.93
N LEU A 81 9.26 -30.91 38.55
CA LEU A 81 8.89 -32.21 38.02
C LEU A 81 8.94 -33.22 39.15
N GLN A 82 7.77 -33.49 39.74
CA GLN A 82 7.67 -34.45 40.84
C GLN A 82 7.59 -35.86 40.29
N MET A 83 8.41 -36.75 40.84
CA MET A 83 8.49 -38.14 40.40
C MET A 83 8.01 -39.04 41.53
N ASN A 84 6.87 -39.69 41.32
CA ASN A 84 6.30 -40.61 42.30
C ASN A 84 5.94 -41.92 41.63
N SER A 85 6.00 -43.00 42.42
CA SER A 85 5.70 -44.38 42.00
C SER A 85 6.60 -44.81 40.84
N LEU A 86 7.91 -44.81 41.10
CA LEU A 86 8.89 -45.14 40.09
C LEU A 86 9.11 -46.66 40.04
N ARG A 87 9.73 -47.10 38.94
CA ARG A 87 10.04 -48.50 38.74
C ARG A 87 11.36 -48.60 37.98
N ASP A 88 11.72 -49.81 37.57
CA ASP A 88 12.96 -50.03 36.84
C ASP A 88 12.88 -49.57 35.40
N GLU A 89 11.68 -49.46 34.83
CA GLU A 89 11.53 -49.01 33.45
C GLU A 89 11.76 -47.51 33.30
N ASP A 90 11.57 -46.74 34.38
CA ASP A 90 11.72 -45.29 34.33
C ASP A 90 13.17 -44.83 34.48
N THR A 91 14.13 -45.75 34.52
CA THR A 91 15.55 -45.39 34.63
C THR A 91 16.01 -44.87 33.27
N ALA A 92 16.09 -43.54 33.15
CA ALA A 92 16.46 -42.91 31.89
C ALA A 92 17.05 -41.54 32.19
N VAL A 93 17.36 -40.81 31.13
CA VAL A 93 17.89 -39.45 31.23
C VAL A 93 16.76 -38.49 30.85
N TYR A 94 16.42 -37.60 31.78
CA TYR A 94 15.30 -36.68 31.58
C TYR A 94 15.79 -35.34 31.05
N TYR A 95 14.94 -34.71 30.24
CA TYR A 95 15.24 -33.42 29.63
C TYR A 95 14.01 -32.52 29.72
N CYS A 96 14.25 -31.21 29.75
CA CYS A 96 13.20 -30.21 29.62
C CYS A 96 13.47 -29.37 28.38
N ALA A 97 12.41 -29.11 27.61
CA ALA A 97 12.52 -28.39 26.35
C ALA A 97 11.53 -27.26 26.30
N ARG A 98 11.85 -26.25 25.50
CA ARG A 98 11.00 -25.08 25.30
C ARG A 98 10.35 -25.17 23.93
N ASP A 99 9.05 -24.90 23.87
CA ASP A 99 8.32 -24.95 22.61
C ASP A 99 8.68 -23.74 21.74
N ARG A 100 8.52 -23.92 20.42
CA ARG A 100 8.83 -22.85 19.49
C ARG A 100 7.74 -21.78 19.49
N GLY A 101 6.51 -22.18 19.18
CA GLY A 101 5.37 -21.26 19.29
C GLY A 101 4.75 -20.86 17.97
N CYS A 102 5.58 -20.59 16.96
CA CYS A 102 5.10 -20.11 15.68
C CYS A 102 5.86 -20.80 14.56
N SER A 103 5.55 -20.43 13.32
CA SER A 103 6.20 -20.96 12.14
C SER A 103 7.17 -19.98 11.51
N SER A 104 7.41 -18.83 12.13
CA SER A 104 8.31 -17.83 11.59
C SER A 104 9.70 -18.01 12.20
N THR A 105 10.59 -17.05 11.96
CA THR A 105 11.95 -17.15 12.48
C THR A 105 11.99 -16.87 13.98
N ASN A 106 11.57 -15.68 14.39
CA ASN A 106 11.48 -15.30 15.79
C ASN A 106 10.01 -15.14 16.16
N CYS A 107 9.57 -15.92 17.14
CA CYS A 107 8.17 -15.94 17.57
C CYS A 107 7.98 -14.89 18.65
N TYR A 108 7.51 -13.70 18.25
CA TYR A 108 7.21 -12.65 19.22
C TYR A 108 5.91 -12.94 19.96
N VAL A 109 5.00 -13.69 19.34
CA VAL A 109 3.77 -14.15 19.98
C VAL A 109 3.87 -15.65 20.11
N VAL A 110 4.08 -16.13 21.34
CA VAL A 110 4.29 -17.55 21.58
C VAL A 110 2.95 -18.27 21.51
N GLY A 111 2.92 -19.40 20.79
CA GLY A 111 1.71 -20.15 20.63
C GLY A 111 1.67 -21.44 21.41
N TYR A 112 1.88 -22.57 20.75
CA TYR A 112 1.79 -23.88 21.38
C TYR A 112 2.92 -24.75 20.83
N TYR A 113 2.81 -26.06 21.08
CA TYR A 113 3.84 -27.03 20.72
C TYR A 113 3.66 -27.62 19.33
N PHE A 114 2.98 -26.91 18.43
CA PHE A 114 2.69 -27.45 17.11
C PHE A 114 3.80 -27.23 16.09
N TYR A 115 4.94 -26.67 16.50
CA TYR A 115 6.05 -26.43 15.58
C TYR A 115 7.37 -26.81 16.22
N GLY A 116 7.40 -27.92 16.94
CA GLY A 116 8.63 -28.46 17.47
C GLY A 116 9.16 -27.70 18.68
N MET A 117 10.31 -28.16 19.15
CA MET A 117 10.99 -27.58 20.31
C MET A 117 12.44 -27.32 19.94
N ASP A 118 12.78 -26.05 19.75
CA ASP A 118 14.11 -25.67 19.27
C ASP A 118 15.13 -25.49 20.39
N VAL A 119 14.70 -25.51 21.65
CA VAL A 119 15.59 -25.31 22.79
C VAL A 119 15.62 -26.59 23.60
N TRP A 120 16.82 -27.12 23.83
CA TRP A 120 17.02 -28.32 24.62
C TRP A 120 18.15 -28.10 25.62
N GLY A 121 18.03 -28.73 26.78
CA GLY A 121 19.02 -28.62 27.82
C GLY A 121 20.06 -29.73 27.77
N GLN A 122 20.95 -29.70 28.76
CA GLN A 122 22.01 -30.71 28.83
C GLN A 122 21.49 -32.03 29.40
N GLY A 123 20.62 -31.98 30.39
CA GLY A 123 20.05 -33.17 30.98
C GLY A 123 20.84 -33.68 32.16
N THR A 124 20.17 -34.50 32.97
CA THR A 124 20.78 -35.11 34.15
C THR A 124 20.43 -36.60 34.18
N THR A 125 21.34 -37.39 34.75
CA THR A 125 21.18 -38.83 34.81
C THR A 125 20.46 -39.20 36.11
N VAL A 126 19.31 -39.86 35.97
CA VAL A 126 18.52 -40.32 37.11
C VAL A 126 18.49 -41.85 37.06
N THR A 127 19.22 -42.48 37.96
CA THR A 127 19.31 -43.94 38.01
C THR A 127 18.40 -44.46 39.12
N VAL A 128 17.46 -45.33 38.75
CA VAL A 128 16.51 -45.90 39.68
C VAL A 128 16.86 -47.38 39.83
N SER A 129 17.58 -47.72 40.90
CA SER A 129 17.99 -49.09 41.15
C SER A 129 18.16 -49.29 42.65
N SER A 130 17.83 -50.49 43.12
CA SER A 130 17.94 -50.81 44.54
C SER A 130 19.34 -51.25 44.94
N ALA A 131 20.25 -51.44 43.97
CA ALA A 131 21.60 -51.87 44.29
C ALA A 131 22.43 -50.69 44.78
N SER A 132 23.31 -50.97 45.75
CA SER A 132 24.16 -49.94 46.33
C SER A 132 25.46 -49.82 45.53
N THR A 133 26.35 -48.96 46.00
CA THR A 133 27.64 -48.75 45.35
C THR A 133 28.57 -49.92 45.65
N LYS A 134 29.08 -50.56 44.59
CA LYS A 134 29.95 -51.70 44.71
C LYS A 134 31.14 -51.53 43.78
N GLY A 135 32.33 -51.88 44.27
CA GLY A 135 33.55 -51.78 43.49
C GLY A 135 33.61 -52.80 42.38
N PRO A 136 34.40 -52.52 41.35
CA PRO A 136 34.48 -53.43 40.21
C PRO A 136 35.39 -54.62 40.50
N SER A 137 35.14 -55.69 39.75
CA SER A 137 35.92 -56.92 39.84
C SER A 137 36.62 -57.14 38.50
N VAL A 138 37.94 -57.01 38.49
CA VAL A 138 38.71 -57.10 37.26
C VAL A 138 39.13 -58.56 37.05
N PHE A 139 38.87 -59.08 35.86
CA PHE A 139 39.24 -60.44 35.48
C PHE A 139 40.08 -60.38 34.22
N PRO A 140 41.32 -60.82 34.25
CA PRO A 140 42.16 -60.77 33.04
C PRO A 140 41.79 -61.88 32.06
N LEU A 141 42.30 -61.73 30.84
CA LEU A 141 42.07 -62.69 29.77
C LEU A 141 43.41 -63.12 29.20
N ALA A 142 43.67 -64.42 29.20
CA ALA A 142 44.93 -64.94 28.69
C ALA A 142 44.89 -64.97 27.17
N PRO A 143 45.81 -64.28 26.48
CA PRO A 143 45.79 -64.29 25.02
C PRO A 143 46.40 -65.57 24.46
N SER A 144 46.14 -65.79 23.17
CA SER A 144 46.64 -66.96 22.47
C SER A 144 46.79 -66.63 21.00
N SER A 145 47.64 -67.42 20.32
CA SER A 145 47.89 -67.22 18.90
C SER A 145 46.75 -67.81 18.08
N LYS A 146 46.08 -66.97 17.29
CA LYS A 146 44.97 -67.39 16.44
C LYS A 146 45.28 -67.23 14.97
N SER A 147 45.73 -66.05 14.54
CA SER A 147 46.04 -65.80 13.14
C SER A 147 47.44 -66.32 12.83
N THR A 148 47.52 -67.32 11.97
CA THR A 148 48.81 -67.91 11.61
C THR A 148 49.57 -67.03 10.63
N SER A 149 48.92 -66.63 9.54
CA SER A 149 49.59 -65.80 8.52
C SER A 149 49.73 -64.35 8.96
N GLY A 150 48.79 -63.85 9.77
CA GLY A 150 48.85 -62.48 10.22
C GLY A 150 49.74 -62.28 11.44
N GLY A 151 49.66 -63.21 12.39
CA GLY A 151 50.46 -63.12 13.59
C GLY A 151 49.97 -62.12 14.61
N THR A 152 48.66 -62.08 14.86
CA THR A 152 48.07 -61.17 15.82
C THR A 152 47.42 -61.95 16.96
N ALA A 153 47.25 -61.26 18.08
CA ALA A 153 46.63 -61.87 19.26
C ALA A 153 45.93 -60.78 20.06
N ALA A 154 44.68 -61.03 20.42
CA ALA A 154 43.87 -60.06 21.15
C ALA A 154 43.92 -60.37 22.65
N LEU A 155 43.76 -59.32 23.45
CA LEU A 155 43.74 -59.44 24.90
C LEU A 155 42.92 -58.29 25.48
N GLY A 156 42.36 -58.53 26.66
CA GLY A 156 41.55 -57.51 27.29
C GLY A 156 41.30 -57.82 28.75
N CYS A 157 40.39 -57.06 29.34
CA CYS A 157 40.02 -57.21 30.74
C CYS A 157 38.51 -57.11 30.87
N LEU A 158 37.96 -57.86 31.84
CA LEU A 158 36.53 -57.93 32.07
C LEU A 158 36.19 -57.19 33.36
N VAL A 159 35.42 -56.12 33.24
CA VAL A 159 34.93 -55.37 34.39
C VAL A 159 33.48 -55.78 34.61
N LYS A 160 33.23 -56.54 35.67
CA LYS A 160 31.91 -57.09 35.95
C LYS A 160 31.53 -56.81 37.39
N ASP A 161 30.21 -56.69 37.61
CA ASP A 161 29.58 -56.49 38.93
C ASP A 161 30.09 -55.22 39.61
N TYR A 162 29.80 -54.09 38.98
CA TYR A 162 30.13 -52.78 39.52
C TYR A 162 28.88 -51.90 39.50
N PHE A 163 28.90 -50.86 40.34
CA PHE A 163 27.82 -49.90 40.43
C PHE A 163 28.34 -48.59 41.02
N PRO A 164 28.01 -47.43 40.44
CA PRO A 164 27.23 -47.27 39.20
C PRO A 164 28.09 -47.08 37.95
N GLU A 165 27.44 -46.77 36.84
CA GLU A 165 28.10 -46.51 35.57
C GLU A 165 28.52 -45.04 35.47
N PRO A 166 29.61 -44.74 34.74
CA PRO A 166 30.56 -45.61 34.05
C PRO A 166 31.89 -45.78 34.77
N VAL A 167 32.81 -46.50 34.15
CA VAL A 167 34.17 -46.69 34.66
C VAL A 167 35.14 -46.37 33.54
N THR A 168 36.04 -45.43 33.77
CA THR A 168 37.05 -45.06 32.79
C THR A 168 38.15 -46.13 32.81
N VAL A 169 38.22 -46.92 31.73
CA VAL A 169 39.17 -48.01 31.61
C VAL A 169 40.15 -47.68 30.48
N SER A 170 41.44 -47.73 30.81
CA SER A 170 42.49 -47.44 29.83
C SER A 170 43.58 -48.50 29.99
N TRP A 171 44.72 -48.27 29.31
CA TRP A 171 45.83 -49.19 29.34
C TRP A 171 47.12 -48.41 29.61
N ASN A 172 47.87 -48.86 30.61
CA ASN A 172 49.15 -48.26 31.04
C ASN A 172 49.00 -46.78 31.40
N SER A 173 47.89 -46.46 32.09
CA SER A 173 47.55 -45.10 32.55
C SER A 173 47.47 -44.10 31.39
N GLY A 174 46.89 -44.54 30.28
CA GLY A 174 46.73 -43.68 29.12
C GLY A 174 47.87 -43.71 28.12
N ALA A 175 48.88 -44.55 28.33
CA ALA A 175 50.00 -44.61 27.39
C ALA A 175 49.64 -45.39 26.14
N LEU A 176 48.86 -46.46 26.28
CA LEU A 176 48.44 -47.29 25.15
C LEU A 176 47.02 -46.89 24.77
N THR A 177 46.90 -46.12 23.69
CA THR A 177 45.61 -45.64 23.20
C THR A 177 45.27 -46.10 21.79
N SER A 178 46.25 -46.57 21.02
CA SER A 178 46.00 -47.00 19.65
C SER A 178 45.34 -48.37 19.64
N GLY A 179 44.21 -48.49 18.95
CA GLY A 179 43.51 -49.74 18.83
C GLY A 179 42.66 -50.12 20.04
N VAL A 180 42.47 -49.21 20.99
CA VAL A 180 41.70 -49.49 22.19
C VAL A 180 40.22 -49.24 21.88
N HIS A 181 39.39 -50.26 22.07
CA HIS A 181 37.95 -50.17 21.84
C HIS A 181 37.22 -50.29 23.17
N THR A 182 36.31 -49.34 23.42
CA THR A 182 35.54 -49.31 24.65
C THR A 182 34.13 -49.80 24.37
N PHE A 183 33.70 -50.84 25.09
CA PHE A 183 32.38 -51.42 24.92
C PHE A 183 31.41 -50.81 25.92
N PRO A 184 30.15 -50.59 25.53
CA PRO A 184 29.17 -50.04 26.47
C PRO A 184 28.72 -51.08 27.49
N ALA A 185 28.27 -50.58 28.63
CA ALA A 185 27.83 -51.45 29.71
C ALA A 185 26.44 -52.02 29.41
N VAL A 186 26.23 -53.26 29.86
CA VAL A 186 24.96 -53.95 29.68
C VAL A 186 24.47 -54.43 31.04
N LEU A 187 23.16 -54.62 31.14
CA LEU A 187 22.55 -55.07 32.38
C LEU A 187 22.72 -56.58 32.53
N GLN A 188 23.02 -57.02 33.75
CA GLN A 188 23.15 -58.42 34.08
C GLN A 188 21.89 -58.90 34.77
N SER A 189 21.92 -60.15 35.26
CA SER A 189 20.77 -60.70 35.96
C SER A 189 20.62 -60.10 37.35
N SER A 190 21.72 -59.70 37.98
CA SER A 190 21.69 -59.09 39.30
C SER A 190 21.44 -57.58 39.25
N GLY A 191 21.35 -56.99 38.06
CA GLY A 191 21.11 -55.56 37.94
C GLY A 191 22.35 -54.71 37.83
N LEU A 192 23.54 -55.30 37.96
CA LEU A 192 24.78 -54.54 37.89
C LEU A 192 25.31 -54.51 36.45
N TYR A 193 26.00 -53.42 36.13
CA TYR A 193 26.53 -53.23 34.79
C TYR A 193 27.79 -54.06 34.58
N SER A 194 28.15 -54.24 33.31
CA SER A 194 29.34 -55.00 32.94
C SER A 194 29.76 -54.60 31.54
N LEU A 195 31.04 -54.29 31.36
CA LEU A 195 31.59 -53.94 30.06
C LEU A 195 32.96 -54.59 29.92
N SER A 196 33.64 -54.27 28.81
CA SER A 196 34.96 -54.82 28.53
C SER A 196 35.71 -53.83 27.65
N SER A 197 37.03 -54.07 27.52
CA SER A 197 37.88 -53.22 26.70
C SER A 197 39.06 -54.04 26.20
N VAL A 198 39.26 -54.06 24.89
CA VAL A 198 40.34 -54.81 24.26
C VAL A 198 41.22 -53.84 23.50
N VAL A 199 42.37 -54.35 23.03
CA VAL A 199 43.34 -53.57 22.29
C VAL A 199 44.05 -54.49 21.31
N THR A 200 44.05 -54.12 20.03
CA THR A 200 44.69 -54.92 19.00
C THR A 200 46.21 -54.77 19.09
N VAL A 201 46.89 -55.87 19.43
CA VAL A 201 48.34 -55.87 19.57
C VAL A 201 48.91 -57.04 18.79
N PRO A 202 50.12 -56.95 18.25
CA PRO A 202 50.73 -58.09 17.57
C PRO A 202 51.17 -59.16 18.56
N SER A 203 51.38 -60.37 18.03
CA SER A 203 51.76 -61.50 18.86
C SER A 203 53.24 -61.50 19.23
N SER A 204 54.05 -60.63 18.63
CA SER A 204 55.47 -60.57 18.95
C SER A 204 55.75 -59.89 20.28
N SER A 205 54.83 -59.05 20.77
CA SER A 205 55.02 -58.31 22.01
C SER A 205 54.19 -58.89 23.16
N LEU A 206 53.91 -60.19 23.11
CA LEU A 206 53.13 -60.81 24.17
C LEU A 206 53.99 -61.05 25.42
N GLY A 207 55.15 -61.68 25.25
CA GLY A 207 56.05 -61.96 26.34
C GLY A 207 57.05 -60.88 26.66
N THR A 208 57.00 -59.75 25.96
CA THR A 208 57.93 -58.66 26.17
C THR A 208 57.25 -57.40 26.70
N GLN A 209 56.20 -56.94 26.04
CA GLN A 209 55.51 -55.72 26.45
C GLN A 209 54.52 -56.05 27.58
N THR A 210 54.59 -55.26 28.66
CA THR A 210 53.70 -55.44 29.80
C THR A 210 52.42 -54.64 29.57
N TYR A 211 51.27 -55.32 29.62
CA TYR A 211 49.97 -54.71 29.42
C TYR A 211 49.23 -54.70 30.76
N ILE A 212 49.10 -53.53 31.36
CA ILE A 212 48.42 -53.37 32.64
C ILE A 212 47.10 -52.66 32.36
N CYS A 213 46.00 -53.37 32.58
CA CYS A 213 44.66 -52.80 32.38
C CYS A 213 44.26 -52.04 33.64
N ASN A 214 44.24 -50.71 33.54
CA ASN A 214 43.93 -49.86 34.68
C ASN A 214 42.43 -49.63 34.76
N VAL A 215 41.86 -49.87 35.95
CA VAL A 215 40.43 -49.69 36.20
C VAL A 215 40.29 -48.71 37.36
N ASN A 216 39.65 -47.58 37.10
CA ASN A 216 39.46 -46.54 38.09
C ASN A 216 37.98 -46.19 38.20
N HIS A 217 37.46 -46.18 39.42
CA HIS A 217 36.06 -45.87 39.69
C HIS A 217 36.00 -44.61 40.55
N LYS A 218 35.18 -43.64 40.11
CA LYS A 218 35.14 -42.36 40.82
C LYS A 218 34.38 -42.41 42.15
N PRO A 219 33.09 -42.78 42.23
CA PRO A 219 32.40 -42.61 43.52
C PRO A 219 32.73 -43.66 44.57
N SER A 220 33.38 -44.75 44.20
CA SER A 220 33.75 -45.79 45.17
C SER A 220 35.23 -45.78 45.53
N ASN A 221 36.06 -45.04 44.77
CA ASN A 221 37.50 -44.90 44.99
C ASN A 221 38.21 -46.26 44.98
N THR A 222 37.86 -47.10 44.03
CA THR A 222 38.43 -48.43 43.89
C THR A 222 39.33 -48.45 42.65
N LYS A 223 40.59 -48.83 42.85
CA LYS A 223 41.58 -48.90 41.77
C LYS A 223 42.23 -50.28 41.82
N VAL A 224 41.80 -51.16 40.92
CA VAL A 224 42.34 -52.52 40.84
C VAL A 224 43.05 -52.66 39.51
N ASP A 225 44.35 -52.95 39.57
CA ASP A 225 45.19 -53.13 38.39
C ASP A 225 45.58 -54.59 38.28
N LYS A 226 45.23 -55.22 37.16
CA LYS A 226 45.54 -56.62 36.90
C LYS A 226 46.38 -56.71 35.62
N LYS A 227 47.51 -57.40 35.72
CA LYS A 227 48.40 -57.56 34.57
C LYS A 227 47.84 -58.60 33.62
N VAL A 228 47.76 -58.25 32.34
CA VAL A 228 47.25 -59.14 31.30
C VAL A 228 48.44 -59.81 30.64
N GLU A 229 48.60 -61.11 30.89
CA GLU A 229 49.71 -61.87 30.32
C GLU A 229 49.26 -63.27 29.96
N ASP B 1 -3.14 -46.11 19.63
CA ASP B 1 -2.17 -45.02 19.50
C ASP B 1 -1.52 -45.04 18.12
N ILE B 2 -1.38 -43.86 17.53
CA ILE B 2 -0.77 -43.74 16.21
C ILE B 2 0.75 -43.90 16.34
N GLN B 3 1.30 -44.84 15.59
CA GLN B 3 2.73 -45.12 15.60
C GLN B 3 3.38 -44.49 14.38
N MET B 4 4.44 -43.70 14.61
CA MET B 4 5.16 -43.02 13.53
C MET B 4 6.06 -44.06 12.85
N THR B 5 5.55 -44.67 11.79
CA THR B 5 6.28 -45.69 11.07
C THR B 5 7.29 -45.03 10.13
N GLN B 6 8.57 -45.34 10.32
CA GLN B 6 9.64 -44.83 9.49
C GLN B 6 10.18 -45.94 8.59
N SER B 7 10.81 -45.52 7.49
CA SER B 7 11.39 -46.45 6.54
C SER B 7 12.53 -45.76 5.81
N PRO B 8 13.73 -46.36 5.75
CA PRO B 8 14.08 -47.63 6.39
C PRO B 8 14.57 -47.47 7.82
N SER B 9 15.21 -48.50 8.36
CA SER B 9 15.74 -48.44 9.73
C SER B 9 17.12 -47.82 9.79
N SER B 10 17.92 -47.96 8.73
CA SER B 10 19.26 -47.39 8.71
C SER B 10 19.66 -47.11 7.27
N VAL B 11 20.34 -45.98 7.06
CA VAL B 11 20.78 -45.55 5.74
C VAL B 11 22.30 -45.47 5.75
N SER B 12 22.94 -46.17 4.82
CA SER B 12 24.39 -46.16 4.65
C SER B 12 24.72 -45.39 3.38
N ALA B 13 25.40 -44.25 3.54
CA ALA B 13 25.76 -43.41 2.41
C ALA B 13 27.08 -42.71 2.71
N SER B 14 27.82 -42.39 1.65
CA SER B 14 29.11 -41.75 1.77
C SER B 14 28.94 -40.23 1.76
N VAL B 15 30.06 -39.51 1.68
CA VAL B 15 30.02 -38.04 1.68
C VAL B 15 29.64 -37.57 0.29
N GLY B 16 28.59 -36.74 0.21
CA GLY B 16 28.12 -36.21 -1.05
C GLY B 16 26.90 -36.90 -1.62
N ASP B 17 26.50 -38.03 -1.05
CA ASP B 17 25.34 -38.76 -1.56
C ASP B 17 24.06 -38.14 -1.02
N ARG B 18 22.94 -38.57 -1.62
CA ARG B 18 21.62 -38.09 -1.23
C ARG B 18 20.97 -39.09 -0.27
N VAL B 19 20.50 -38.57 0.86
CA VAL B 19 19.86 -39.40 1.89
C VAL B 19 18.35 -39.15 1.82
N THR B 20 17.58 -40.24 1.79
CA THR B 20 16.12 -40.17 1.75
C THR B 20 15.58 -40.85 3.00
N ILE B 21 15.01 -40.07 3.91
CA ILE B 21 14.45 -40.56 5.15
C ILE B 21 12.96 -40.27 5.15
N THR B 22 12.15 -41.32 5.26
CA THR B 22 10.70 -41.18 5.25
C THR B 22 10.12 -41.48 6.63
N CYS B 23 8.99 -40.84 6.93
CA CYS B 23 8.30 -41.03 8.20
C CYS B 23 6.81 -40.76 7.97
N ARG B 24 6.01 -41.81 8.00
CA ARG B 24 4.59 -41.73 7.69
C ARG B 24 3.76 -41.68 8.98
N ALA B 25 2.47 -41.42 8.80
CA ALA B 25 1.52 -41.36 9.90
C ALA B 25 0.16 -41.80 9.38
N SER B 26 -0.89 -41.52 10.16
CA SER B 26 -2.26 -41.89 9.80
C SER B 26 -3.19 -40.69 9.76
N GLN B 27 -2.68 -39.47 9.86
CA GLN B 27 -3.51 -38.27 9.81
C GLN B 27 -2.70 -37.14 9.19
N GLY B 28 -3.26 -35.94 9.18
CA GLY B 28 -2.64 -34.80 8.55
C GLY B 28 -1.67 -34.04 9.42
N ILE B 29 -0.37 -34.24 9.20
CA ILE B 29 0.67 -33.53 9.93
C ILE B 29 1.56 -32.78 8.94
N SER B 30 0.93 -32.23 7.89
CA SER B 30 1.69 -31.54 6.84
C SER B 30 2.32 -30.25 7.34
N SER B 31 1.75 -29.63 8.37
CA SER B 31 2.33 -28.45 8.99
C SER B 31 2.66 -28.68 10.45
N TYR B 32 2.53 -29.91 10.94
CA TYR B 32 2.73 -30.25 12.35
C TYR B 32 3.67 -31.44 12.49
N LEU B 33 4.78 -31.41 11.77
CA LEU B 33 5.78 -32.46 11.84
C LEU B 33 7.15 -31.83 12.10
N ALA B 34 7.84 -32.31 13.13
CA ALA B 34 9.12 -31.77 13.54
C ALA B 34 10.20 -32.83 13.41
N TRP B 35 11.32 -32.45 12.80
CA TRP B 35 12.47 -33.33 12.65
C TRP B 35 13.59 -32.88 13.58
N TYR B 36 14.23 -33.84 14.24
CA TYR B 36 15.29 -33.56 15.19
C TYR B 36 16.56 -34.30 14.80
N GLN B 37 17.68 -33.82 15.32
CA GLN B 37 18.99 -34.42 15.11
C GLN B 37 19.49 -34.92 16.46
N LEU B 38 19.24 -36.18 16.76
CA LEU B 38 19.63 -36.77 18.04
C LEU B 38 21.03 -37.35 17.94
N LYS B 39 21.90 -36.94 18.86
CA LYS B 39 23.27 -37.41 18.92
C LYS B 39 23.52 -38.12 20.24
N PRO B 40 24.36 -39.17 20.25
CA PRO B 40 24.68 -39.85 21.52
C PRO B 40 25.58 -38.98 22.39
N GLY B 41 25.10 -38.67 23.59
CA GLY B 41 25.84 -37.83 24.51
C GLY B 41 25.73 -36.34 24.27
N ARG B 42 24.86 -35.91 23.37
CA ARG B 42 24.66 -34.50 23.08
C ARG B 42 23.19 -34.16 23.14
N ALA B 43 22.90 -32.86 23.22
CA ALA B 43 21.53 -32.39 23.29
C ALA B 43 20.88 -32.43 21.90
N PRO B 44 19.59 -32.74 21.81
CA PRO B 44 18.92 -32.74 20.51
C PRO B 44 18.72 -31.32 19.99
N LYS B 45 18.60 -31.21 18.67
CA LYS B 45 18.42 -29.93 17.99
C LYS B 45 17.33 -30.07 16.94
N LEU B 46 16.43 -29.08 16.91
CA LEU B 46 15.33 -29.08 15.94
C LEU B 46 15.88 -28.79 14.55
N LEU B 47 15.69 -29.75 13.63
CA LEU B 47 16.21 -29.62 12.27
C LEU B 47 15.21 -28.95 11.34
N ILE B 48 14.03 -29.53 11.18
CA ILE B 48 12.99 -29.01 10.30
C ILE B 48 11.68 -28.98 11.09
N TYR B 49 11.08 -27.80 11.19
CA TYR B 49 9.82 -27.61 11.88
C TYR B 49 8.69 -27.43 10.88
N GLY B 50 7.56 -28.10 11.14
CA GLY B 50 6.41 -28.02 10.25
C GLY B 50 6.55 -28.76 8.94
N ALA B 51 7.62 -29.57 8.78
CA ALA B 51 7.92 -30.40 7.62
C ALA B 51 8.13 -29.62 6.32
N THR B 52 8.25 -28.29 6.39
CA THR B 52 8.45 -27.47 5.20
C THR B 52 9.51 -26.39 5.35
N ARG B 53 9.83 -25.95 6.57
CA ARG B 53 10.70 -24.81 6.79
C ARG B 53 11.95 -25.22 7.57
N LEU B 54 13.02 -24.47 7.38
CA LEU B 54 14.30 -24.76 8.01
C LEU B 54 14.46 -23.93 9.29
N GLN B 55 14.96 -24.58 10.34
CA GLN B 55 15.23 -23.88 11.59
C GLN B 55 16.43 -22.95 11.43
N SER B 56 16.35 -21.78 12.05
CA SER B 56 17.44 -20.81 12.01
C SER B 56 18.65 -21.33 12.78
N GLY B 57 19.83 -21.00 12.26
CA GLY B 57 21.08 -21.54 12.78
C GLY B 57 21.56 -22.78 12.03
N VAL B 58 20.66 -23.52 11.42
CA VAL B 58 21.00 -24.69 10.62
C VAL B 58 21.33 -24.21 9.21
N PRO B 59 22.43 -24.67 8.62
CA PRO B 59 22.75 -24.28 7.23
C PRO B 59 21.78 -24.90 6.23
N SER B 60 21.90 -24.45 4.99
CA SER B 60 20.97 -24.81 3.92
C SER B 60 21.30 -26.16 3.27
N ARG B 61 22.16 -26.97 3.87
CA ARG B 61 22.44 -28.30 3.33
C ARG B 61 21.29 -29.27 3.53
N PHE B 62 20.44 -29.03 4.52
CA PHE B 62 19.28 -29.88 4.77
C PHE B 62 18.04 -29.31 4.09
N SER B 63 17.15 -30.20 3.68
CA SER B 63 15.90 -29.82 3.05
C SER B 63 14.85 -30.88 3.34
N GLY B 64 13.62 -30.58 2.96
CA GLY B 64 12.53 -31.52 3.16
C GLY B 64 11.16 -30.95 2.85
N SER B 65 10.23 -31.81 2.45
CA SER B 65 8.88 -31.42 2.12
C SER B 65 7.95 -32.62 2.32
N GLY B 66 6.68 -32.42 2.05
CA GLY B 66 5.69 -33.47 2.17
C GLY B 66 4.33 -32.91 2.51
N SER B 67 3.30 -33.70 2.21
CA SER B 67 1.93 -33.31 2.48
C SER B 67 1.12 -34.56 2.81
N GLY B 68 0.18 -34.40 3.74
CA GLY B 68 -0.65 -35.50 4.17
C GLY B 68 0.08 -36.47 5.07
N THR B 69 0.34 -37.68 4.56
CA THR B 69 1.07 -38.69 5.31
C THR B 69 2.44 -39.01 4.73
N ASP B 70 2.68 -38.69 3.46
CA ASP B 70 3.96 -38.96 2.83
C ASP B 70 4.91 -37.79 3.05
N PHE B 71 6.08 -38.09 3.62
CA PHE B 71 7.09 -37.07 3.89
C PHE B 71 8.45 -37.62 3.48
N THR B 72 9.35 -36.71 3.10
CA THR B 72 10.67 -37.09 2.61
C THR B 72 11.70 -36.10 3.14
N LEU B 73 12.69 -36.62 3.86
CA LEU B 73 13.81 -35.82 4.35
C LEU B 73 14.98 -35.99 3.37
N THR B 74 15.20 -34.99 2.53
CA THR B 74 16.21 -35.03 1.49
C THR B 74 17.43 -34.23 1.94
N ILE B 75 18.58 -34.89 2.01
CA ILE B 75 19.83 -34.28 2.41
C ILE B 75 20.78 -34.36 1.22
N SER B 76 20.86 -33.29 0.45
CA SER B 76 21.77 -33.21 -0.69
C SER B 76 23.09 -32.53 -0.33
N GLY B 77 23.30 -32.21 0.94
CA GLY B 77 24.50 -31.54 1.39
C GLY B 77 25.15 -32.25 2.56
N LEU B 78 25.16 -33.58 2.50
CA LEU B 78 25.63 -34.41 3.61
C LEU B 78 27.12 -34.24 3.83
N GLN B 79 27.50 -33.87 5.06
CA GLN B 79 28.86 -33.67 5.53
C GLN B 79 29.28 -34.84 6.42
N PRO B 80 30.58 -35.13 6.53
CA PRO B 80 31.01 -36.20 7.44
C PRO B 80 30.84 -35.87 8.92
N GLU B 81 30.66 -34.61 9.28
CA GLU B 81 30.43 -34.23 10.66
C GLU B 81 28.95 -34.10 11.01
N ASP B 82 28.06 -34.63 10.17
CA ASP B 82 26.62 -34.52 10.40
C ASP B 82 25.93 -35.88 10.46
N PHE B 83 26.70 -36.95 10.66
CA PHE B 83 26.13 -38.30 10.76
C PHE B 83 25.54 -38.49 12.15
N ALA B 84 24.22 -38.54 12.24
CA ALA B 84 23.53 -38.73 13.50
C ALA B 84 22.19 -39.41 13.24
N THR B 85 21.48 -39.73 14.32
CA THR B 85 20.18 -40.38 14.23
C THR B 85 19.08 -39.31 14.23
N TYR B 86 18.18 -39.41 13.26
CA TYR B 86 17.11 -38.43 13.11
C TYR B 86 15.77 -39.05 13.48
N HIS B 87 14.90 -38.23 14.06
CA HIS B 87 13.59 -38.67 14.51
C HIS B 87 12.53 -37.67 14.07
N CYS B 88 11.30 -38.16 13.90
CA CYS B 88 10.15 -37.34 13.56
C CYS B 88 9.18 -37.32 14.72
N GLN B 89 8.68 -36.12 15.05
CA GLN B 89 7.75 -35.93 16.16
C GLN B 89 6.41 -35.46 15.61
N GLN B 90 5.34 -36.14 16.02
CA GLN B 90 3.99 -35.76 15.64
C GLN B 90 3.49 -34.68 16.59
N ALA B 91 3.07 -33.54 16.03
CA ALA B 91 2.56 -32.43 16.82
C ALA B 91 1.05 -32.31 16.79
N ASP B 92 0.38 -33.01 15.87
CA ASP B 92 -1.07 -33.02 15.78
C ASP B 92 -1.51 -34.49 15.76
N SER B 93 -1.94 -35.01 16.91
CA SER B 93 -2.16 -34.25 18.14
C SER B 93 -1.61 -35.00 19.36
N PHE B 94 -2.02 -34.57 20.55
CA PHE B 94 -1.53 -35.19 21.78
C PHE B 94 -2.10 -36.61 21.90
N PRO B 95 -1.30 -37.57 22.43
CA PRO B 95 0.07 -37.46 22.94
C PRO B 95 1.15 -37.42 21.85
N LEU B 96 2.28 -36.80 22.17
CA LEU B 96 3.36 -36.60 21.20
C LEU B 96 4.14 -37.91 21.07
N THR B 97 3.72 -38.74 20.12
CA THR B 97 4.37 -40.02 19.88
C THR B 97 5.58 -39.82 18.96
N PHE B 98 6.75 -40.23 19.43
CA PHE B 98 7.97 -40.11 18.65
C PHE B 98 8.15 -41.33 17.75
N GLY B 99 9.02 -41.18 16.75
CA GLY B 99 9.28 -42.25 15.81
C GLY B 99 10.36 -43.20 16.30
N GLN B 100 10.64 -44.22 15.47
CA GLN B 100 11.66 -45.20 15.82
C GLN B 100 13.06 -44.65 15.62
N GLY B 101 13.27 -43.87 14.56
CA GLY B 101 14.58 -43.29 14.30
C GLY B 101 15.40 -44.05 13.28
N THR B 102 16.08 -43.32 12.40
CA THR B 102 16.92 -43.91 11.37
C THR B 102 18.37 -43.54 11.66
N ARG B 103 19.21 -44.56 11.85
CA ARG B 103 20.63 -44.35 12.15
C ARG B 103 21.39 -44.18 10.84
N LEU B 104 21.95 -43.00 10.63
CA LEU B 104 22.69 -42.68 9.42
C LEU B 104 24.16 -43.06 9.62
N GLU B 105 24.67 -43.95 8.77
CA GLU B 105 26.03 -44.44 8.85
C GLU B 105 26.77 -44.17 7.55
N ILE B 106 28.09 -44.27 7.62
CA ILE B 106 28.95 -44.04 6.46
C ILE B 106 29.11 -45.36 5.70
N LYS B 107 28.95 -45.29 4.38
CA LYS B 107 29.11 -46.48 3.54
C LYS B 107 30.60 -46.82 3.41
N ARG B 108 30.98 -48.00 3.87
CA ARG B 108 32.36 -48.44 3.86
C ARG B 108 32.48 -49.77 3.12
N THR B 109 33.72 -50.20 2.92
CA THR B 109 34.00 -51.46 2.24
C THR B 109 33.80 -52.63 3.20
N VAL B 110 33.09 -53.66 2.73
CA VAL B 110 32.84 -54.84 3.54
C VAL B 110 34.13 -55.65 3.64
N ALA B 111 34.59 -55.88 4.86
CA ALA B 111 35.82 -56.61 5.13
C ALA B 111 35.52 -57.86 5.93
N ALA B 112 36.45 -58.80 5.88
CA ALA B 112 36.29 -60.07 6.59
C ALA B 112 36.62 -59.87 8.07
N PRO B 113 35.72 -60.26 8.98
CA PRO B 113 36.01 -60.11 10.41
C PRO B 113 36.96 -61.18 10.91
N SER B 114 37.81 -60.78 11.86
CA SER B 114 38.76 -61.68 12.48
C SER B 114 38.14 -62.31 13.73
N VAL B 115 37.99 -63.63 13.72
CA VAL B 115 37.34 -64.33 14.82
C VAL B 115 38.34 -64.49 15.97
N PHE B 116 37.94 -64.05 17.16
CA PHE B 116 38.74 -64.21 18.37
C PHE B 116 37.91 -64.91 19.43
N ILE B 117 38.61 -65.45 20.43
CA ILE B 117 37.98 -66.13 21.55
C ILE B 117 38.88 -65.96 22.77
N PHE B 118 38.29 -66.13 23.96
CA PHE B 118 39.04 -65.96 25.20
C PHE B 118 38.66 -67.04 26.21
N PRO B 119 39.61 -67.90 26.59
CA PRO B 119 39.33 -68.87 27.65
C PRO B 119 39.28 -68.19 29.00
N PRO B 120 38.56 -68.76 29.97
CA PRO B 120 38.52 -68.16 31.30
C PRO B 120 39.84 -68.34 32.03
N SER B 121 40.32 -67.26 32.66
CA SER B 121 41.57 -67.28 33.38
C SER B 121 41.37 -67.87 34.78
N ASP B 122 42.48 -68.03 35.51
CA ASP B 122 42.43 -68.60 36.85
C ASP B 122 41.91 -67.62 37.88
N GLU B 123 41.91 -66.32 37.59
CA GLU B 123 41.40 -65.33 38.54
C GLU B 123 39.88 -65.32 38.60
N GLN B 124 39.21 -65.80 37.56
CA GLN B 124 37.75 -65.82 37.53
C GLN B 124 37.15 -67.15 37.98
N LEU B 125 37.83 -68.26 37.73
CA LEU B 125 37.30 -69.56 38.11
C LEU B 125 37.37 -69.78 39.62
N LYS B 126 38.33 -69.15 40.30
CA LYS B 126 38.42 -69.25 41.75
C LYS B 126 37.42 -68.37 42.48
N SER B 127 36.82 -67.40 41.79
CA SER B 127 35.84 -66.52 42.41
C SER B 127 34.44 -67.12 42.45
N GLY B 128 34.19 -68.19 41.71
CA GLY B 128 32.90 -68.83 41.71
C GLY B 128 32.04 -68.57 40.50
N THR B 129 32.60 -68.01 39.43
CA THR B 129 31.85 -67.72 38.21
C THR B 129 32.69 -68.07 37.00
N ALA B 130 32.08 -67.97 35.82
CA ALA B 130 32.75 -68.28 34.57
C ALA B 130 32.09 -67.50 33.44
N SER B 131 32.89 -67.15 32.44
CA SER B 131 32.39 -66.42 31.28
C SER B 131 33.31 -66.67 30.10
N VAL B 132 32.72 -66.90 28.93
CA VAL B 132 33.45 -67.12 27.69
C VAL B 132 33.23 -65.90 26.80
N VAL B 133 34.33 -65.30 26.34
CA VAL B 133 34.30 -64.07 25.56
C VAL B 133 34.61 -64.41 24.11
N CYS B 134 33.73 -64.00 23.20
CA CYS B 134 33.91 -64.17 21.76
C CYS B 134 33.99 -62.79 21.13
N LEU B 135 35.16 -62.43 20.63
CA LEU B 135 35.44 -61.09 20.14
C LEU B 135 35.42 -61.07 18.61
N LEU B 136 34.76 -60.05 18.05
CA LEU B 136 34.68 -59.85 16.60
C LEU B 136 35.13 -58.44 16.29
N ASN B 137 36.14 -58.31 15.44
CA ASN B 137 36.69 -57.01 15.07
C ASN B 137 36.73 -56.88 13.55
N ASN B 138 36.67 -55.63 13.08
CA ASN B 138 36.77 -55.24 11.67
C ASN B 138 35.68 -55.90 10.82
N PHE B 139 34.43 -55.58 11.15
CA PHE B 139 33.28 -56.09 10.42
C PHE B 139 32.37 -54.93 10.05
N TYR B 140 31.75 -55.03 8.86
CA TYR B 140 30.84 -54.02 8.37
C TYR B 140 29.83 -54.70 7.45
N PRO B 141 28.53 -54.43 7.62
CA PRO B 141 27.92 -53.54 8.62
C PRO B 141 27.70 -54.21 9.97
N ARG B 142 26.83 -53.63 10.80
CA ARG B 142 26.56 -54.16 12.12
C ARG B 142 25.65 -55.39 12.11
N GLU B 143 25.02 -55.70 10.97
CA GLU B 143 24.14 -56.85 10.86
C GLU B 143 24.99 -58.12 10.73
N ALA B 144 25.46 -58.60 11.88
CA ALA B 144 26.28 -59.80 11.95
C ALA B 144 25.62 -60.80 12.89
N LYS B 145 25.58 -62.05 12.47
CA LYS B 145 24.97 -63.12 13.26
C LYS B 145 26.05 -63.86 14.04
N VAL B 146 25.80 -64.08 15.33
CA VAL B 146 26.72 -64.79 16.21
C VAL B 146 25.92 -65.75 17.07
N GLN B 147 26.26 -67.03 17.04
CA GLN B 147 25.56 -68.05 17.79
C GLN B 147 26.54 -68.81 18.67
N TRP B 148 26.01 -69.40 19.74
CA TRP B 148 26.80 -70.15 20.70
C TRP B 148 26.39 -71.62 20.68
N LYS B 149 27.36 -72.51 20.83
CA LYS B 149 27.11 -73.94 20.95
C LYS B 149 28.02 -74.53 22.00
N VAL B 150 27.45 -75.37 22.87
CA VAL B 150 28.18 -76.01 23.95
C VAL B 150 27.99 -77.51 23.82
N ASP B 151 29.09 -78.24 23.58
CA ASP B 151 29.13 -79.70 23.42
C ASP B 151 28.19 -80.16 22.30
N ASN B 152 28.36 -79.52 21.13
CA ASN B 152 27.54 -79.76 19.92
C ASN B 152 26.05 -79.57 20.18
N ALA B 153 25.72 -78.53 20.96
CA ALA B 153 24.34 -78.22 21.28
C ALA B 153 24.20 -76.72 21.46
N LEU B 154 23.33 -76.10 20.69
CA LEU B 154 23.16 -74.66 20.73
C LEU B 154 22.34 -74.25 21.95
N GLN B 155 22.75 -73.15 22.58
CA GLN B 155 22.06 -72.59 23.74
C GLN B 155 21.67 -71.15 23.46
N SER B 156 20.68 -70.68 24.22
CA SER B 156 20.18 -69.33 24.05
C SER B 156 19.55 -68.86 25.36
N GLY B 157 19.36 -67.55 25.47
CA GLY B 157 18.76 -66.94 26.64
C GLY B 157 19.72 -66.63 27.77
N ASN B 158 21.01 -66.88 27.59
CA ASN B 158 21.99 -66.60 28.64
C ASN B 158 23.26 -65.98 28.08
N SER B 159 23.13 -65.21 26.99
CA SER B 159 24.28 -64.58 26.34
C SER B 159 24.02 -63.10 26.17
N GLN B 160 25.06 -62.30 26.38
CA GLN B 160 25.00 -60.85 26.22
C GLN B 160 26.09 -60.40 25.27
N GLU B 161 25.94 -59.18 24.75
CA GLU B 161 26.89 -58.65 23.79
C GLU B 161 26.90 -57.12 23.89
N SER B 162 27.98 -56.52 23.38
CA SER B 162 28.14 -55.08 23.38
C SER B 162 28.68 -54.64 22.02
N VAL B 163 28.09 -53.60 21.46
CA VAL B 163 28.46 -53.08 20.15
C VAL B 163 29.07 -51.69 20.35
N THR B 164 30.29 -51.50 19.82
CA THR B 164 30.96 -50.23 19.91
C THR B 164 30.41 -49.25 18.88
N GLU B 165 30.76 -47.97 19.05
CA GLU B 165 30.35 -46.94 18.12
C GLU B 165 31.27 -46.95 16.90
N GLN B 166 30.89 -46.14 15.90
CA GLN B 166 31.67 -46.06 14.66
C GLN B 166 32.91 -45.22 14.88
N ASP B 167 34.05 -45.70 14.40
CA ASP B 167 35.31 -44.98 14.53
C ASP B 167 35.37 -43.82 13.55
N SER B 168 36.07 -42.77 13.95
CA SER B 168 36.19 -41.58 13.11
C SER B 168 37.32 -41.71 12.09
N LYS B 169 38.28 -42.60 12.32
CA LYS B 169 39.41 -42.77 11.41
C LYS B 169 39.32 -44.05 10.58
N ASP B 170 39.11 -45.20 11.23
CA ASP B 170 39.06 -46.47 10.53
C ASP B 170 37.65 -46.85 10.09
N SER B 171 36.62 -46.28 10.74
CA SER B 171 35.19 -46.53 10.46
C SER B 171 34.85 -48.01 10.58
N THR B 172 35.37 -48.66 11.61
CA THR B 172 35.13 -50.07 11.87
C THR B 172 34.23 -50.23 13.10
N TYR B 173 33.92 -51.48 13.43
CA TYR B 173 33.08 -51.80 14.57
C TYR B 173 33.68 -52.98 15.32
N SER B 174 33.28 -53.10 16.59
CA SER B 174 33.74 -54.19 17.45
C SER B 174 32.55 -54.79 18.18
N LEU B 175 32.60 -56.11 18.38
CA LEU B 175 31.53 -56.82 19.06
C LEU B 175 32.13 -57.88 19.97
N SER B 176 31.71 -57.88 21.23
CA SER B 176 32.20 -58.84 22.23
C SER B 176 30.99 -59.55 22.83
N SER B 177 30.78 -60.80 22.44
CA SER B 177 29.69 -61.61 22.96
C SER B 177 30.12 -62.29 24.25
N THR B 178 29.36 -62.07 25.31
CA THR B 178 29.67 -62.60 26.64
C THR B 178 28.61 -63.63 27.02
N LEU B 179 29.04 -64.84 27.31
CA LEU B 179 28.15 -65.92 27.74
C LEU B 179 28.18 -66.02 29.26
N THR B 180 27.00 -66.16 29.86
CA THR B 180 26.87 -66.22 31.30
C THR B 180 26.98 -67.67 31.77
N LEU B 181 27.99 -67.96 32.59
CA LEU B 181 28.20 -69.29 33.16
C LEU B 181 28.46 -69.16 34.65
N SER B 182 28.53 -70.31 35.33
CA SER B 182 28.80 -70.34 36.75
C SER B 182 29.97 -71.27 37.06
N LYS B 183 30.23 -71.51 38.35
CA LYS B 183 31.32 -72.39 38.73
C LYS B 183 30.96 -73.86 38.51
N ALA B 184 29.72 -74.23 38.81
CA ALA B 184 29.29 -75.62 38.63
C ALA B 184 29.03 -75.95 37.17
N ASP B 185 28.59 -74.97 36.38
CA ASP B 185 28.31 -75.21 34.97
C ASP B 185 29.58 -75.26 34.13
N TYR B 186 30.69 -74.70 34.62
CA TYR B 186 31.95 -74.75 33.88
C TYR B 186 32.58 -76.13 33.95
N GLU B 187 32.49 -76.78 35.11
CA GLU B 187 33.05 -78.12 35.26
C GLU B 187 32.16 -79.20 34.67
N LYS B 188 30.90 -78.90 34.40
CA LYS B 188 30.00 -79.88 33.81
C LYS B 188 30.28 -80.07 32.33
N HIS B 189 30.47 -78.98 31.60
CA HIS B 189 30.72 -79.02 30.17
C HIS B 189 32.22 -78.99 29.89
N LYS B 190 32.59 -79.46 28.70
CA LYS B 190 33.99 -79.58 28.30
C LYS B 190 34.33 -78.72 27.11
N VAL B 191 33.56 -78.81 26.03
CA VAL B 191 33.87 -78.13 24.77
C VAL B 191 32.99 -76.89 24.65
N TYR B 192 33.63 -75.76 24.36
CA TYR B 192 32.93 -74.49 24.14
C TYR B 192 33.33 -73.94 22.78
N ALA B 193 32.38 -73.33 22.09
CA ALA B 193 32.62 -72.80 20.75
C ALA B 193 31.79 -71.54 20.54
N CYS B 194 32.12 -70.83 19.46
CA CYS B 194 31.43 -69.59 19.10
C CYS B 194 31.28 -69.55 17.59
N GLU B 195 30.04 -69.51 17.11
CA GLU B 195 29.77 -69.46 15.68
C GLU B 195 29.77 -68.00 15.22
N VAL B 196 30.43 -67.75 14.09
CA VAL B 196 30.54 -66.42 13.50
C VAL B 196 29.98 -66.49 12.08
N THR B 197 28.94 -65.72 11.82
CA THR B 197 28.31 -65.65 10.50
C THR B 197 28.38 -64.22 10.01
N HIS B 198 29.02 -64.02 8.85
CA HIS B 198 29.19 -62.70 8.28
C HIS B 198 28.91 -62.77 6.78
N GLN B 199 28.54 -61.63 6.21
CA GLN B 199 28.24 -61.58 4.78
C GLN B 199 29.50 -61.66 3.93
N GLY B 200 30.61 -61.09 4.41
CA GLY B 200 31.85 -61.13 3.67
C GLY B 200 32.62 -62.43 3.76
N LEU B 201 32.22 -63.32 4.67
CA LEU B 201 32.90 -64.61 4.83
C LEU B 201 32.26 -65.64 3.93
N SER B 202 33.09 -66.33 3.13
CA SER B 202 32.61 -67.38 2.26
C SER B 202 32.42 -68.71 2.99
N SER B 203 32.91 -68.82 4.23
CA SER B 203 32.76 -70.03 5.03
C SER B 203 32.65 -69.62 6.48
N PRO B 204 31.82 -70.30 7.28
CA PRO B 204 31.70 -69.95 8.71
C PRO B 204 32.95 -70.33 9.50
N VAL B 205 33.70 -69.33 9.94
CA VAL B 205 34.92 -69.54 10.70
C VAL B 205 34.57 -69.52 12.18
N THR B 206 34.92 -70.59 12.90
CA THR B 206 34.62 -70.72 14.31
C THR B 206 35.87 -71.18 15.06
N LYS B 207 35.88 -70.93 16.36
CA LYS B 207 36.97 -71.32 17.24
C LYS B 207 36.44 -72.18 18.37
N SER B 208 37.29 -73.07 18.87
CA SER B 208 36.93 -73.98 19.95
C SER B 208 38.12 -74.16 20.88
N PHE B 209 37.82 -74.46 22.14
CA PHE B 209 38.85 -74.66 23.15
C PHE B 209 38.32 -75.58 24.23
N ASN B 210 39.23 -76.30 24.87
CA ASN B 210 38.88 -77.24 25.94
C ASN B 210 38.92 -76.53 27.29
N ARG B 211 38.27 -77.15 28.28
CA ARG B 211 38.23 -76.58 29.62
C ARG B 211 39.57 -76.70 30.34
N GLY B 212 40.42 -77.63 29.94
CA GLY B 212 41.73 -77.81 30.53
C GLY B 212 42.86 -77.09 29.84
N GLU B 213 42.55 -76.19 28.91
CA GLU B 213 43.55 -75.43 28.16
C GLU B 213 43.55 -73.96 28.56
N CYS B 214 43.27 -73.67 29.83
CA CYS B 214 43.23 -72.30 30.32
C CYS B 214 44.63 -71.78 30.61
N PRO C 9 -30.70 -35.01 27.06
CA PRO C 9 -30.22 -34.22 25.92
C PRO C 9 -30.21 -32.72 26.22
N THR C 10 -29.55 -31.94 25.36
CA THR C 10 -29.47 -30.51 25.55
C THR C 10 -28.15 -30.06 26.13
N ALA C 11 -27.45 -29.18 25.41
CA ALA C 11 -26.15 -28.67 25.85
C ALA C 11 -25.97 -27.28 25.29
N THR C 12 -24.82 -26.67 25.63
CA THR C 12 -24.48 -25.33 25.17
C THR C 12 -23.01 -25.29 24.80
N LEU C 13 -22.72 -24.95 23.55
CA LEU C 13 -21.36 -24.87 23.04
C LEU C 13 -21.18 -23.49 22.41
N CYS C 14 -20.39 -22.64 23.06
CA CYS C 14 -20.19 -21.27 22.61
C CYS C 14 -18.86 -21.13 21.89
N LEU C 15 -18.83 -20.21 20.93
CA LEU C 15 -17.65 -19.92 20.12
C LEU C 15 -17.29 -18.45 20.30
N GLY C 16 -16.26 -18.18 21.08
CA GLY C 16 -15.89 -16.81 21.38
C GLY C 16 -14.41 -16.54 21.27
N HIS C 17 -13.97 -15.39 21.80
CA HIS C 17 -12.57 -15.00 21.77
C HIS C 17 -12.17 -14.47 23.14
N HIS C 18 -10.88 -14.17 23.28
CA HIS C 18 -10.35 -13.66 24.54
C HIS C 18 -10.62 -12.17 24.65
N ALA C 19 -10.99 -11.73 25.86
CA ALA C 19 -11.28 -10.33 26.14
C ALA C 19 -10.36 -9.84 27.25
N VAL C 20 -9.70 -8.72 27.01
CA VAL C 20 -8.78 -8.11 27.96
C VAL C 20 -9.41 -6.82 28.46
N PRO C 21 -9.53 -6.63 29.79
CA PRO C 21 -10.14 -5.39 30.29
C PRO C 21 -9.25 -4.17 30.12
N ASN C 22 -7.94 -4.35 30.05
CA ASN C 22 -6.99 -3.25 29.91
C ASN C 22 -6.39 -3.30 28.51
N GLY C 23 -7.05 -2.64 27.56
CA GLY C 23 -6.59 -2.57 26.20
C GLY C 23 -6.04 -1.22 25.83
N THR C 24 -5.89 -1.00 24.52
CA THR C 24 -5.38 0.27 24.01
C THR C 24 -5.96 0.52 22.62
N LEU C 25 -6.04 1.80 22.27
CA LEU C 25 -6.60 2.20 20.99
C LEU C 25 -5.57 2.07 19.87
N VAL C 26 -6.01 1.58 18.72
CA VAL C 26 -5.15 1.38 17.56
C VAL C 26 -5.65 2.25 16.42
N LYS C 27 -4.87 2.26 15.33
CA LYS C 27 -5.17 3.03 14.13
C LYS C 27 -5.47 2.07 12.99
N THR C 28 -6.68 2.16 12.44
CA THR C 28 -7.10 1.27 11.36
C THR C 28 -7.65 2.13 10.22
N ILE C 29 -8.23 1.45 9.22
CA ILE C 29 -8.77 2.13 8.05
C ILE C 29 -10.20 2.57 8.26
N THR C 30 -11.05 1.67 8.79
CA THR C 30 -12.46 1.96 8.96
C THR C 30 -12.74 2.97 10.07
N ASP C 31 -12.06 2.85 11.21
CA ASP C 31 -12.28 3.73 12.34
C ASP C 31 -11.00 4.50 12.65
N ASP C 32 -11.11 5.47 13.55
CA ASP C 32 -9.95 6.24 13.97
C ASP C 32 -9.30 5.62 15.21
N GLN C 33 -10.09 5.45 16.28
CA GLN C 33 -9.61 4.85 17.52
C GLN C 33 -10.53 3.70 17.89
N ILE C 34 -9.94 2.52 18.11
CA ILE C 34 -10.69 1.33 18.48
C ILE C 34 -9.83 0.51 19.45
N GLU C 35 -10.40 0.17 20.60
CA GLU C 35 -9.68 -0.58 21.61
C GLU C 35 -9.63 -2.05 21.25
N VAL C 36 -8.45 -2.67 21.41
CA VAL C 36 -8.26 -4.07 21.11
C VAL C 36 -7.81 -4.80 22.37
N THR C 37 -7.57 -6.11 22.24
CA THR C 37 -7.14 -6.90 23.40
C THR C 37 -5.68 -6.64 23.74
N ASN C 38 -4.80 -6.70 22.75
CA ASN C 38 -3.38 -6.47 22.97
C ASN C 38 -2.78 -5.86 21.71
N ALA C 39 -1.89 -4.89 21.90
CA ALA C 39 -1.27 -4.20 20.78
C ALA C 39 0.11 -3.71 21.18
N THR C 40 1.02 -3.69 20.21
CA THR C 40 2.38 -3.23 20.41
C THR C 40 2.60 -1.91 19.68
N GLU C 41 3.57 -1.15 20.17
CA GLU C 41 3.93 0.14 19.58
C GLU C 41 5.16 -0.04 18.70
N LEU C 42 5.00 0.22 17.40
CA LEU C 42 6.08 0.04 16.44
C LEU C 42 7.07 1.19 16.40
N VAL C 43 6.86 2.24 17.21
CA VAL C 43 7.74 3.41 17.22
C VAL C 43 8.45 3.45 18.56
N GLN C 44 9.78 3.51 18.52
CA GLN C 44 10.57 3.60 19.74
C GLN C 44 10.51 5.01 20.30
N SER C 45 9.59 5.24 21.25
CA SER C 45 9.42 6.54 21.88
C SER C 45 10.27 6.70 23.14
N SER C 46 11.22 5.78 23.37
CA SER C 46 12.09 5.87 24.54
C SER C 46 13.46 5.32 24.14
N SER C 47 14.48 5.76 24.88
CA SER C 47 15.84 5.36 24.62
C SER C 47 16.60 5.23 25.93
N THR C 48 17.74 4.56 25.87
CA THR C 48 18.58 4.36 27.05
C THR C 48 19.36 5.62 27.44
N GLY C 49 19.56 6.54 26.50
CA GLY C 49 20.28 7.77 26.76
C GLY C 49 21.78 7.68 26.60
N LYS C 50 22.34 6.49 26.41
CA LYS C 50 23.77 6.31 26.25
C LYS C 50 24.05 5.47 25.02
N ILE C 51 25.19 5.74 24.38
CA ILE C 51 25.58 5.06 23.15
C ILE C 51 26.33 3.79 23.51
N CYS C 52 25.92 2.67 22.92
CA CYS C 52 26.57 1.39 23.14
C CYS C 52 27.73 1.21 22.17
N ASN C 53 28.82 0.62 22.66
CA ASN C 53 30.03 0.43 21.88
C ASN C 53 30.13 -0.96 21.27
N ASN C 54 29.00 -1.68 21.15
CA ASN C 54 28.97 -3.01 20.57
C ASN C 54 27.73 -3.12 19.68
N PRO C 55 27.85 -3.75 18.50
CA PRO C 55 29.07 -4.32 17.90
C PRO C 55 29.90 -3.29 17.13
N HIS C 56 29.34 -2.11 16.91
CA HIS C 56 30.02 -1.07 16.16
C HIS C 56 31.11 -0.42 17.01
N ARG C 57 32.24 -0.11 16.37
CA ARG C 57 33.36 0.53 17.05
C ARG C 57 33.09 2.03 17.11
N ILE C 58 32.65 2.51 18.27
CA ILE C 58 32.29 3.91 18.44
C ILE C 58 33.51 4.68 18.92
N LEU C 59 33.84 5.76 18.23
CA LEU C 59 34.94 6.64 18.61
C LEU C 59 34.37 7.91 19.22
N ASP C 60 35.04 8.41 20.26
CA ASP C 60 34.56 9.54 21.05
C ASP C 60 35.40 10.77 20.72
N GLY C 61 34.84 11.67 19.92
CA GLY C 61 35.48 12.94 19.62
C GLY C 61 35.22 14.00 20.67
N ILE C 62 35.88 13.89 21.81
CA ILE C 62 35.62 14.81 22.92
C ILE C 62 36.23 16.18 22.62
N ASP C 63 37.53 16.22 22.35
CA ASP C 63 38.24 17.48 22.17
C ASP C 63 38.46 17.85 20.71
N CYS C 64 38.08 16.99 19.77
CA CYS C 64 38.29 17.25 18.35
C CYS C 64 37.11 16.74 17.54
N THR C 65 36.90 17.36 16.39
CA THR C 65 35.93 16.90 15.41
C THR C 65 36.62 15.96 14.43
N LEU C 66 35.94 15.61 13.34
CA LEU C 66 36.56 14.77 12.32
C LEU C 66 37.59 15.54 11.50
N ILE C 67 37.32 16.82 11.23
CA ILE C 67 38.24 17.64 10.45
C ILE C 67 39.47 18.00 11.28
N ASP C 68 39.31 18.12 12.61
CA ASP C 68 40.44 18.44 13.47
C ASP C 68 41.43 17.29 13.57
N ALA C 69 40.95 16.05 13.44
CA ALA C 69 41.86 14.91 13.45
C ALA C 69 42.54 14.72 12.10
N LEU C 70 41.94 15.23 11.03
CA LEU C 70 42.53 15.08 9.70
C LEU C 70 43.58 16.15 9.41
N LEU C 71 43.47 17.32 10.01
CA LEU C 71 44.40 18.41 9.74
C LEU C 71 45.62 18.40 10.63
N GLY C 72 45.53 17.80 11.82
CA GLY C 72 46.66 17.76 12.72
C GLY C 72 46.56 18.70 13.90
N ASP C 73 45.37 18.80 14.50
CA ASP C 73 45.21 19.60 15.69
C ASP C 73 45.90 18.92 16.88
N PRO C 74 46.58 19.68 17.74
CA PRO C 74 47.33 19.06 18.84
C PRO C 74 46.47 18.46 19.94
N HIS C 75 45.16 18.72 19.96
CA HIS C 75 44.28 18.14 20.97
C HIS C 75 43.83 16.72 20.63
N CYS C 76 44.19 16.21 19.45
CA CYS C 76 43.80 14.86 19.06
C CYS C 76 45.01 14.00 18.76
N ASP C 77 46.02 14.06 19.62
CA ASP C 77 47.24 13.27 19.42
C ASP C 77 47.05 11.79 19.74
N VAL C 78 45.98 11.44 20.47
CA VAL C 78 45.73 10.04 20.81
C VAL C 78 45.04 9.27 19.71
N PHE C 79 44.64 9.93 18.62
CA PHE C 79 43.95 9.29 17.51
C PHE C 79 44.90 8.97 16.35
N GLN C 80 46.17 8.68 16.66
CA GLN C 80 47.15 8.36 15.64
C GLN C 80 46.91 6.95 15.11
N ASN C 81 46.59 6.86 13.81
CA ASN C 81 46.32 5.60 13.10
C ASN C 81 45.18 4.81 13.75
N GLU C 82 44.13 5.52 14.13
CA GLU C 82 42.98 4.92 14.81
C GLU C 82 41.84 4.72 13.82
N THR C 83 41.33 3.49 13.75
CA THR C 83 40.18 3.16 12.93
C THR C 83 38.92 3.09 13.79
N TRP C 84 37.77 3.27 13.14
CA TRP C 84 36.50 3.29 13.86
C TRP C 84 35.40 2.87 12.90
N ASP C 85 34.17 2.90 13.40
CA ASP C 85 32.97 2.65 12.60
C ASP C 85 31.99 3.81 12.61
N LEU C 86 31.92 4.57 13.70
CA LEU C 86 31.07 5.75 13.77
C LEU C 86 31.76 6.80 14.63
N PHE C 87 31.91 8.01 14.08
CA PHE C 87 32.55 9.11 14.79
C PHE C 87 31.48 9.99 15.43
N VAL C 88 31.61 10.20 16.74
CA VAL C 88 30.66 11.00 17.50
C VAL C 88 31.29 12.36 17.76
N GLU C 89 30.72 13.40 17.17
CA GLU C 89 31.21 14.77 17.34
C GLU C 89 30.37 15.45 18.43
N ARG C 90 31.04 15.94 19.47
CA ARG C 90 30.35 16.61 20.56
C ARG C 90 30.04 18.05 20.19
N SER C 91 29.04 18.61 20.89
CA SER C 91 28.65 20.00 20.65
C SER C 91 29.58 21.00 21.33
N LYS C 92 30.35 20.56 22.32
CA LYS C 92 31.29 21.41 23.03
C LYS C 92 32.69 21.36 22.44
N ALA C 93 32.84 20.86 21.21
CA ALA C 93 34.14 20.78 20.57
C ALA C 93 34.57 22.15 20.07
N PHE C 94 35.88 22.41 20.16
CA PHE C 94 36.43 23.69 19.75
C PHE C 94 37.85 23.48 19.24
N SER C 95 38.37 24.51 18.57
CA SER C 95 39.72 24.49 18.03
C SER C 95 40.59 25.46 18.82
N ASN C 96 41.79 25.00 19.18
CA ASN C 96 42.76 25.81 19.91
C ASN C 96 44.08 25.83 19.17
N CYS C 97 44.01 26.09 17.87
CA CYS C 97 45.18 26.09 16.99
C CYS C 97 44.94 27.12 15.90
N TYR C 98 45.70 27.00 14.81
CA TYR C 98 45.54 27.90 13.66
C TYR C 98 44.16 27.71 13.03
N PRO C 99 43.38 28.77 12.85
CA PRO C 99 42.02 28.61 12.33
C PRO C 99 42.02 28.28 10.84
N TYR C 100 41.06 27.45 10.46
CA TYR C 100 40.95 26.97 9.09
C TYR C 100 39.54 27.21 8.58
N ASP C 101 39.38 27.11 7.27
CA ASP C 101 38.09 27.22 6.62
C ASP C 101 37.95 26.07 5.64
N VAL C 102 36.80 25.38 5.68
CA VAL C 102 36.54 24.27 4.78
C VAL C 102 35.41 24.64 3.83
N PRO C 103 35.72 25.01 2.59
CA PRO C 103 34.66 25.14 1.59
C PRO C 103 34.09 23.78 1.24
N ASP C 104 32.76 23.71 1.13
CA ASP C 104 31.99 22.47 1.00
C ASP C 104 32.30 21.52 2.16
N TYR C 105 31.88 21.95 3.36
CA TYR C 105 32.20 21.23 4.59
C TYR C 105 31.54 19.86 4.64
N ALA C 106 30.39 19.69 3.98
CA ALA C 106 29.75 18.38 3.93
C ALA C 106 30.36 17.47 2.88
N SER C 107 31.22 18.00 1.99
CA SER C 107 31.88 17.19 0.98
C SER C 107 33.05 16.40 1.54
N LEU C 108 33.98 17.06 2.24
CA LEU C 108 35.17 16.39 2.73
C LEU C 108 34.88 15.56 3.97
N ARG C 109 33.88 15.95 4.75
CA ARG C 109 33.57 15.21 5.97
C ARG C 109 32.84 13.90 5.69
N SER C 110 32.22 13.77 4.51
CA SER C 110 31.51 12.55 4.16
C SER C 110 32.39 11.51 3.47
N LEU C 111 33.67 11.81 3.26
CA LEU C 111 34.57 10.87 2.59
C LEU C 111 35.33 10.00 3.57
N VAL C 112 35.93 10.62 4.59
CA VAL C 112 36.68 9.86 5.58
C VAL C 112 35.74 9.12 6.52
N ALA C 113 34.58 9.72 6.80
CA ALA C 113 33.58 9.06 7.64
C ALA C 113 32.95 7.86 6.96
N SER C 114 32.94 7.83 5.62
CA SER C 114 32.46 6.63 4.92
C SER C 114 33.47 5.50 5.01
N SER C 115 34.76 5.82 5.04
CA SER C 115 35.79 4.80 5.18
C SER C 115 36.00 4.41 6.64
N GLY C 116 36.24 5.40 7.49
CA GLY C 116 36.41 5.16 8.90
C GLY C 116 37.81 4.70 9.28
N THR C 117 38.82 5.44 8.84
CA THR C 117 40.21 5.10 9.14
C THR C 117 41.04 6.37 9.15
N LEU C 118 42.16 6.30 9.85
CA LEU C 118 43.14 7.39 9.95
C LEU C 118 44.54 6.87 9.68
N GLU C 119 44.67 5.93 8.75
CA GLU C 119 45.97 5.34 8.42
C GLU C 119 46.78 6.37 7.64
N PHE C 120 47.68 7.05 8.33
CA PHE C 120 48.46 8.16 7.74
C PHE C 120 49.82 7.60 7.34
N ILE C 121 49.90 7.07 6.12
CA ILE C 121 51.13 6.49 5.60
C ILE C 121 52.03 7.64 5.15
N THR C 122 53.13 7.87 5.87
CA THR C 122 54.05 8.94 5.55
C THR C 122 54.87 8.56 4.32
N GLU C 123 54.64 9.27 3.22
CA GLU C 123 55.36 9.01 1.97
C GLU C 123 56.65 9.83 1.91
N GLY C 124 57.48 9.49 0.93
CA GLY C 124 58.75 10.18 0.74
C GLY C 124 58.63 11.43 -0.09
N PHE C 125 58.05 12.48 0.49
CA PHE C 125 57.94 13.74 -0.22
C PHE C 125 59.28 14.45 -0.29
N THR C 126 59.55 15.10 -1.41
CA THR C 126 60.82 15.79 -1.65
C THR C 126 60.52 17.26 -1.91
N TRP C 127 60.75 18.09 -0.91
CA TRP C 127 60.56 19.54 -1.00
C TRP C 127 61.89 20.21 -0.70
N THR C 128 62.63 20.56 -1.75
CA THR C 128 63.94 21.17 -1.63
C THR C 128 63.86 22.67 -1.84
N GLY C 129 64.74 23.40 -1.15
CA GLY C 129 64.77 24.85 -1.26
C GLY C 129 63.60 25.55 -0.60
N VAL C 130 63.02 24.94 0.43
CA VAL C 130 61.86 25.50 1.12
C VAL C 130 61.94 25.11 2.59
N THR C 131 61.85 26.11 3.47
CA THR C 131 61.88 25.85 4.91
C THR C 131 60.58 25.18 5.35
N GLN C 132 60.69 23.99 5.92
CA GLN C 132 59.55 23.21 6.34
C GLN C 132 59.29 23.39 7.83
N ASN C 133 58.22 22.74 8.31
CA ASN C 133 57.81 22.71 9.72
C ASN C 133 57.55 24.11 10.27
N GLY C 134 56.87 24.94 9.48
CA GLY C 134 56.54 26.28 9.92
C GLY C 134 55.32 26.28 10.84
N GLY C 135 55.34 27.20 11.80
CA GLY C 135 54.26 27.30 12.76
C GLY C 135 54.01 28.71 13.25
N SER C 136 53.18 28.84 14.27
CA SER C 136 52.85 30.14 14.86
C SER C 136 52.91 30.04 16.37
N ASN C 137 52.84 31.20 17.02
CA ASN C 137 52.92 31.26 18.48
C ASN C 137 51.59 30.95 19.15
N ALA C 138 50.48 31.05 18.41
CA ALA C 138 49.17 30.76 19.01
C ALA C 138 48.95 29.27 19.20
N CYS C 139 49.29 28.46 18.19
CA CYS C 139 49.16 27.01 18.28
C CYS C 139 50.44 26.44 18.88
N LYS C 140 50.32 25.88 20.09
CA LYS C 140 51.46 25.39 20.84
C LYS C 140 51.33 23.90 21.09
N ARG C 141 52.48 23.23 21.17
CA ARG C 141 52.57 21.80 21.47
C ARG C 141 53.56 21.63 22.62
N GLY C 142 53.04 21.66 23.85
CA GLY C 142 53.87 21.52 25.02
C GLY C 142 54.38 22.85 25.53
N PRO C 143 55.64 22.88 25.98
CA PRO C 143 56.22 24.14 26.49
C PRO C 143 56.57 25.12 25.37
N GLY C 144 56.83 24.60 24.17
CA GLY C 144 57.16 25.40 23.02
C GLY C 144 56.00 25.59 22.08
N SER C 145 56.30 26.06 20.88
CA SER C 145 55.29 26.29 19.87
C SER C 145 54.96 24.98 19.15
N GLY C 146 53.99 25.05 18.24
CA GLY C 146 53.58 23.87 17.50
C GLY C 146 52.93 24.25 16.19
N PHE C 147 52.53 23.22 15.45
CA PHE C 147 51.89 23.38 14.15
C PHE C 147 51.06 22.15 13.87
N PHE C 148 50.60 22.01 12.63
CA PHE C 148 49.82 20.86 12.21
C PHE C 148 50.70 19.63 12.05
N SER C 149 50.25 18.49 12.59
CA SER C 149 51.03 17.27 12.49
C SER C 149 50.79 16.54 11.18
N ARG C 150 49.60 16.67 10.60
CA ARG C 150 49.27 16.01 9.34
C ARG C 150 49.63 16.85 8.12
N LEU C 151 49.92 18.13 8.29
CA LEU C 151 50.27 19.03 7.21
C LEU C 151 51.67 19.60 7.44
N ASN C 152 52.21 20.22 6.40
CA ASN C 152 53.54 20.84 6.44
C ASN C 152 53.41 22.26 5.90
N TRP C 153 53.43 23.24 6.79
CA TRP C 153 53.33 24.64 6.40
C TRP C 153 54.65 25.08 5.76
N LEU C 154 54.60 25.41 4.48
CA LEU C 154 55.79 25.79 3.73
C LEU C 154 55.98 27.30 3.77
N THR C 155 57.18 27.72 4.15
CA THR C 155 57.55 29.12 4.17
C THR C 155 58.71 29.35 3.20
N LYS C 156 59.24 30.57 3.18
CA LYS C 156 60.37 30.89 2.33
C LYS C 156 61.66 30.36 2.93
N SER C 157 62.63 30.08 2.06
CA SER C 157 63.95 29.61 2.45
C SER C 157 64.93 30.78 2.29
N GLY C 158 65.05 31.58 3.35
CA GLY C 158 65.90 32.75 3.29
C GLY C 158 65.29 33.87 2.48
N SER C 159 65.85 34.13 1.29
CA SER C 159 65.33 35.14 0.39
C SER C 159 65.08 34.59 -1.01
N THR C 160 64.86 33.28 -1.13
CA THR C 160 64.63 32.64 -2.42
C THR C 160 63.59 31.56 -2.26
N TYR C 161 62.51 31.66 -3.03
CA TYR C 161 61.43 30.66 -3.04
C TYR C 161 61.22 30.22 -4.48
N PRO C 162 61.85 29.14 -4.91
CA PRO C 162 61.73 28.68 -6.30
C PRO C 162 60.42 27.95 -6.52
N VAL C 163 60.19 27.58 -7.78
CA VAL C 163 58.99 26.84 -8.16
C VAL C 163 59.11 25.39 -7.70
N LEU C 164 58.12 24.93 -6.95
CA LEU C 164 58.13 23.57 -6.43
C LEU C 164 57.48 22.61 -7.42
N ASN C 165 58.02 21.40 -7.48
CA ASN C 165 57.53 20.39 -8.42
C ASN C 165 57.73 19.02 -7.79
N VAL C 166 56.62 18.34 -7.47
CA VAL C 166 56.67 17.00 -6.90
C VAL C 166 55.84 16.06 -7.77
N THR C 167 56.17 14.78 -7.67
CA THR C 167 55.46 13.71 -8.37
C THR C 167 55.14 12.60 -7.40
N MET C 168 53.88 12.18 -7.36
CA MET C 168 53.41 11.13 -6.45
C MET C 168 52.74 10.04 -7.28
N PRO C 169 53.48 9.00 -7.68
CA PRO C 169 52.86 7.90 -8.42
C PRO C 169 52.02 7.01 -7.51
N ASN C 170 51.04 6.36 -8.12
CA ASN C 170 50.13 5.46 -7.42
C ASN C 170 50.29 4.07 -8.04
N ASN C 171 51.17 3.26 -7.45
CA ASN C 171 51.42 1.90 -7.90
C ASN C 171 50.79 0.86 -6.99
N ASP C 172 49.82 1.27 -6.17
CA ASP C 172 49.16 0.37 -5.24
C ASP C 172 47.81 -0.05 -5.80
N ASN C 173 47.03 -0.77 -4.99
CA ASN C 173 45.72 -1.27 -5.38
C ASN C 173 44.61 -0.65 -4.55
N PHE C 174 44.79 0.60 -4.11
CA PHE C 174 43.77 1.29 -3.33
C PHE C 174 43.84 2.78 -3.63
N ASP C 175 42.73 3.46 -3.40
CA ASP C 175 42.64 4.89 -3.68
C ASP C 175 43.34 5.70 -2.60
N LYS C 176 43.95 6.81 -3.01
CA LYS C 176 44.66 7.70 -2.10
C LYS C 176 43.89 9.00 -1.94
N LEU C 177 44.03 9.60 -0.75
CA LEU C 177 43.36 10.87 -0.42
C LEU C 177 44.38 11.80 0.21
N TYR C 178 44.69 12.89 -0.48
CA TYR C 178 45.67 13.86 -0.02
C TYR C 178 44.97 15.13 0.46
N ILE C 179 45.53 15.75 1.49
CA ILE C 179 44.97 16.96 2.10
C ILE C 179 46.00 18.08 1.91
N TRP C 180 45.63 19.09 1.13
CA TRP C 180 46.47 20.25 0.91
C TRP C 180 45.69 21.52 1.22
N GLY C 181 46.42 22.56 1.64
CA GLY C 181 45.79 23.79 2.04
C GLY C 181 46.35 24.98 1.30
N VAL C 182 45.57 26.06 1.28
CA VAL C 182 45.96 27.33 0.69
C VAL C 182 45.92 28.38 1.78
N HIS C 183 47.07 28.98 2.07
CA HIS C 183 47.17 29.97 3.13
C HIS C 183 46.60 31.30 2.69
N HIS C 184 45.86 31.95 3.58
CA HIS C 184 45.27 33.27 3.33
C HIS C 184 45.80 34.26 4.36
N PRO C 185 46.76 35.10 4.00
CA PRO C 185 47.28 36.08 4.97
C PRO C 185 46.29 37.20 5.23
N SER C 186 46.53 37.92 6.33
CA SER C 186 45.66 39.02 6.71
C SER C 186 45.89 40.28 5.87
N THR C 187 47.12 40.51 5.42
CA THR C 187 47.44 41.70 4.66
C THR C 187 48.63 41.39 3.74
N ASN C 188 49.15 42.42 3.08
CA ASN C 188 50.29 42.27 2.19
C ASN C 188 51.61 42.12 2.94
N GLN C 189 51.65 42.54 4.21
CA GLN C 189 52.88 42.40 4.99
C GLN C 189 53.13 40.96 5.42
N GLU C 190 52.07 40.19 5.65
CA GLU C 190 52.24 38.79 6.03
C GLU C 190 52.63 37.92 4.84
N GLN C 191 52.22 38.31 3.63
CA GLN C 191 52.59 37.56 2.44
C GLN C 191 54.06 37.72 2.10
N THR C 192 54.58 38.94 2.20
CA THR C 192 55.99 39.19 1.89
C THR C 192 56.91 38.68 3.00
N SER C 193 56.42 38.54 4.23
CA SER C 193 57.26 38.05 5.32
C SER C 193 57.37 36.54 5.31
N LEU C 194 56.35 35.83 4.80
CA LEU C 194 56.37 34.37 4.74
C LEU C 194 56.78 33.84 3.38
N TYR C 195 56.54 34.59 2.30
CA TYR C 195 56.85 34.16 0.95
C TYR C 195 57.59 35.27 0.22
N VAL C 196 58.43 34.88 -0.74
CA VAL C 196 59.18 35.86 -1.52
C VAL C 196 58.27 36.52 -2.55
N GLN C 197 57.52 35.73 -3.31
CA GLN C 197 56.62 36.26 -4.31
C GLN C 197 55.36 36.79 -3.64
N ALA C 198 54.95 38.00 -4.01
CA ALA C 198 53.80 38.65 -3.38
C ALA C 198 52.46 38.10 -3.88
N SER C 199 52.46 37.38 -4.99
CA SER C 199 51.23 36.83 -5.57
C SER C 199 51.48 35.37 -5.96
N GLY C 200 50.99 34.44 -5.14
CA GLY C 200 51.13 33.03 -5.40
C GLY C 200 49.92 32.44 -6.09
N ARG C 201 50.03 31.15 -6.41
CA ARG C 201 48.96 30.41 -7.06
C ARG C 201 49.17 28.94 -6.80
N VAL C 202 48.15 28.26 -6.27
CA VAL C 202 48.23 26.85 -5.92
C VAL C 202 47.47 26.05 -6.97
N THR C 203 48.16 25.09 -7.59
CA THR C 203 47.58 24.27 -8.65
C THR C 203 47.87 22.80 -8.35
N VAL C 204 46.81 22.04 -8.07
CA VAL C 204 46.90 20.61 -7.80
C VAL C 204 46.05 19.89 -8.83
N SER C 205 46.69 19.09 -9.69
CA SER C 205 45.99 18.42 -10.78
C SER C 205 46.47 16.99 -10.89
N THR C 206 45.61 16.16 -11.49
CA THR C 206 45.93 14.75 -11.75
C THR C 206 45.73 14.46 -13.24
N ARG C 207 45.78 13.17 -13.61
CA ARG C 207 45.55 12.78 -15.00
C ARG C 207 44.09 12.88 -15.42
N ARG C 208 43.15 12.90 -14.46
CA ARG C 208 41.73 12.96 -14.77
C ARG C 208 41.03 14.21 -14.25
N SER C 209 41.69 15.02 -13.42
CA SER C 209 41.06 16.21 -12.86
C SER C 209 42.10 17.32 -12.78
N GLN C 210 41.60 18.54 -12.57
CA GLN C 210 42.44 19.71 -12.46
C GLN C 210 41.72 20.75 -11.60
N GLN C 211 42.37 21.21 -10.55
CA GLN C 211 41.78 22.17 -9.62
C GLN C 211 42.84 23.19 -9.23
N THR C 212 42.49 24.48 -9.37
CA THR C 212 43.40 25.57 -9.05
C THR C 212 42.69 26.54 -8.11
N ILE C 213 43.31 26.81 -6.97
CA ILE C 213 42.76 27.70 -5.96
C ILE C 213 43.67 28.92 -5.86
N ILE C 214 43.11 30.10 -6.08
CA ILE C 214 43.85 31.36 -6.03
C ILE C 214 43.86 31.85 -4.58
N PRO C 215 45.02 32.22 -4.03
CA PRO C 215 45.04 32.79 -2.68
C PRO C 215 44.41 34.17 -2.64
N ASN C 216 43.60 34.39 -1.60
CA ASN C 216 42.82 35.62 -1.45
C ASN C 216 43.29 36.36 -0.22
N ILE C 217 44.00 37.47 -0.44
CA ILE C 217 44.49 38.30 0.65
C ILE C 217 43.35 39.17 1.17
N GLY C 218 43.00 38.99 2.44
CA GLY C 218 41.91 39.75 3.02
C GLY C 218 41.94 39.66 4.53
N SER C 219 41.24 40.60 5.15
CA SER C 219 41.17 40.64 6.62
C SER C 219 40.18 39.62 7.14
N ARG C 220 40.51 39.01 8.26
CA ARG C 220 39.69 38.01 8.92
C ARG C 220 39.33 38.48 10.32
N PRO C 221 38.17 38.06 10.84
CA PRO C 221 37.85 38.37 12.24
C PRO C 221 38.77 37.66 13.22
N TRP C 222 38.79 38.17 14.44
CA TRP C 222 39.68 37.65 15.48
C TRP C 222 39.17 36.29 15.96
N VAL C 223 39.79 35.22 15.45
CA VAL C 223 39.47 33.85 15.83
C VAL C 223 40.71 33.25 16.49
N ARG C 224 40.59 32.97 17.79
CA ARG C 224 41.67 32.39 18.62
C ARG C 224 42.93 33.26 18.62
N GLY C 225 42.74 34.57 18.61
CA GLY C 225 43.82 35.52 18.67
C GLY C 225 44.40 35.93 17.33
N LEU C 226 44.28 35.08 16.32
CA LEU C 226 44.85 35.35 15.00
C LEU C 226 43.78 35.84 14.05
N SER C 227 44.21 36.64 13.07
CA SER C 227 43.32 37.21 12.07
C SER C 227 43.64 36.68 10.67
N SER C 228 43.98 35.40 10.57
CA SER C 228 44.27 34.76 9.29
C SER C 228 43.70 33.35 9.30
N ARG C 229 43.38 32.85 8.11
CA ARG C 229 42.76 31.54 7.95
C ARG C 229 43.42 30.82 6.78
N ILE C 230 42.99 29.57 6.54
CA ILE C 230 43.53 28.72 5.49
C ILE C 230 42.39 27.90 4.89
N SER C 231 42.25 27.97 3.57
CA SER C 231 41.24 27.17 2.88
C SER C 231 41.76 25.76 2.64
N ILE C 232 40.86 24.78 2.74
CA ILE C 232 41.20 23.37 2.63
C ILE C 232 40.48 22.80 1.41
N TYR C 233 41.26 22.21 0.50
CA TYR C 233 40.74 21.54 -0.68
C TYR C 233 41.45 20.20 -0.86
N TRP C 234 40.70 19.17 -1.23
CA TRP C 234 41.23 17.82 -1.32
C TRP C 234 41.31 17.38 -2.78
N THR C 235 42.11 16.33 -3.01
CA THR C 235 42.31 15.76 -4.33
C THR C 235 42.48 14.26 -4.18
N ILE C 236 41.55 13.49 -4.76
CA ILE C 236 41.59 12.04 -4.68
C ILE C 236 42.39 11.51 -5.86
N VAL C 237 43.39 10.68 -5.57
CA VAL C 237 44.27 10.10 -6.58
C VAL C 237 43.87 8.65 -6.80
N LYS C 238 43.59 8.29 -8.05
CA LYS C 238 43.24 6.94 -8.41
C LYS C 238 44.48 6.07 -8.54
N PRO C 239 44.35 4.74 -8.40
CA PRO C 239 45.48 3.84 -8.70
C PRO C 239 45.83 3.89 -10.18
N GLY C 240 47.08 4.23 -10.47
CA GLY C 240 47.55 4.44 -11.82
C GLY C 240 47.76 5.90 -12.17
N ASP C 241 47.29 6.82 -11.34
CA ASP C 241 47.45 8.25 -11.57
C ASP C 241 48.72 8.75 -10.89
N VAL C 242 49.17 9.93 -11.31
CA VAL C 242 50.35 10.58 -10.73
C VAL C 242 49.94 11.97 -10.28
N LEU C 243 50.17 12.27 -9.00
CA LEU C 243 49.80 13.57 -8.44
C LEU C 243 50.94 14.55 -8.65
N VAL C 244 50.63 15.67 -9.32
CA VAL C 244 51.60 16.73 -9.59
C VAL C 244 51.10 17.99 -8.89
N ILE C 245 51.87 18.47 -7.92
CA ILE C 245 51.55 19.66 -7.15
C ILE C 245 52.61 20.71 -7.42
N ASN C 246 52.26 21.73 -8.20
CA ASN C 246 53.15 22.84 -8.49
C ASN C 246 52.50 24.14 -8.01
N SER C 247 53.25 24.94 -7.27
CA SER C 247 52.73 26.21 -6.76
C SER C 247 53.87 27.20 -6.62
N ASN C 248 53.50 28.48 -6.57
CA ASN C 248 54.46 29.57 -6.45
C ASN C 248 54.23 30.39 -5.18
N GLY C 249 53.44 29.87 -4.24
CA GLY C 249 53.17 30.59 -3.01
C GLY C 249 51.88 30.10 -2.38
N ASN C 250 51.82 30.28 -1.05
CA ASN C 250 50.68 29.90 -0.20
C ASN C 250 50.36 28.40 -0.32
N LEU C 251 51.40 27.59 -0.44
CA LEU C 251 51.24 26.14 -0.61
C LEU C 251 51.49 25.45 0.72
N ILE C 252 50.57 24.56 1.09
CA ILE C 252 50.71 23.71 2.27
C ILE C 252 50.88 22.28 1.77
N ALA C 253 52.00 21.66 2.15
CA ALA C 253 52.33 20.34 1.62
C ALA C 253 51.79 19.25 2.53
N PRO C 254 51.24 18.17 1.96
CA PRO C 254 50.82 17.04 2.78
C PRO C 254 52.00 16.16 3.18
N ARG C 255 51.87 15.53 4.34
CA ARG C 255 52.87 14.62 4.85
C ARG C 255 52.50 13.16 4.65
N GLY C 256 51.37 12.88 4.00
CA GLY C 256 50.96 11.52 3.79
C GLY C 256 49.61 11.46 3.09
N TYR C 257 48.93 10.33 3.25
CA TYR C 257 47.63 10.13 2.63
C TYR C 257 46.83 9.17 3.50
N PHE C 258 45.61 8.87 3.04
CA PHE C 258 44.71 7.94 3.71
C PHE C 258 44.20 6.92 2.71
N LYS C 259 43.80 5.76 3.22
CA LYS C 259 43.26 4.70 2.39
C LYS C 259 41.74 4.85 2.31
N MET C 260 41.21 4.95 1.09
CA MET C 260 39.77 5.11 0.88
C MET C 260 39.13 3.72 0.93
N ARG C 261 38.85 3.27 2.15
CA ARG C 261 38.22 1.98 2.35
C ARG C 261 36.73 2.05 2.04
N THR C 262 36.17 0.92 1.64
CA THR C 262 34.75 0.80 1.32
C THR C 262 34.06 0.03 2.43
N GLY C 263 33.14 0.69 3.13
CA GLY C 263 32.42 0.06 4.21
C GLY C 263 31.10 0.75 4.47
N LYS C 264 30.44 0.33 5.55
CA LYS C 264 29.16 0.86 5.95
C LYS C 264 29.29 1.87 7.10
N SER C 265 30.37 2.64 7.10
CA SER C 265 30.62 3.62 8.15
C SER C 265 30.03 4.97 7.79
N SER C 266 29.80 5.79 8.82
CA SER C 266 29.23 7.12 8.64
C SER C 266 29.66 7.99 9.82
N ILE C 267 29.04 9.17 9.94
CA ILE C 267 29.30 10.09 11.03
C ILE C 267 27.96 10.43 11.68
N MET C 268 28.02 10.89 12.94
CA MET C 268 26.82 11.24 13.69
C MET C 268 27.20 12.24 14.77
N ARG C 269 26.52 13.38 14.79
CA ARG C 269 26.69 14.36 15.85
C ARG C 269 25.81 13.99 17.05
N SER C 270 26.43 13.85 18.21
CA SER C 270 25.70 13.45 19.42
C SER C 270 26.40 14.00 20.64
N ASP C 271 25.65 14.06 21.75
CA ASP C 271 26.18 14.52 23.03
C ASP C 271 25.95 13.50 24.14
N ALA C 272 25.55 12.27 23.79
CA ALA C 272 25.30 11.24 24.79
C ALA C 272 26.59 10.53 25.17
N PRO C 273 26.74 10.13 26.44
CA PRO C 273 27.94 9.39 26.85
C PRO C 273 27.93 7.97 26.30
N ILE C 274 29.08 7.32 26.41
CA ILE C 274 29.29 5.98 25.89
C ILE C 274 29.29 5.00 27.05
N ASP C 275 28.42 4.01 26.98
CA ASP C 275 28.33 2.95 27.98
C ASP C 275 28.62 1.60 27.33
N THR C 276 28.89 0.60 28.16
CA THR C 276 29.20 -0.75 27.70
C THR C 276 27.89 -1.53 27.61
N CYS C 277 27.35 -1.62 26.39
CA CYS C 277 26.12 -2.35 26.13
C CYS C 277 26.13 -2.83 24.69
N ILE C 278 25.06 -3.54 24.31
CA ILE C 278 24.93 -4.09 22.96
C ILE C 278 23.69 -3.47 22.32
N SER C 279 23.88 -2.82 21.18
CA SER C 279 22.78 -2.20 20.44
C SER C 279 23.12 -2.17 18.96
N GLU C 280 22.18 -2.58 18.13
CA GLU C 280 22.39 -2.62 16.69
C GLU C 280 21.93 -1.36 15.98
N CYS C 281 21.49 -0.34 16.73
CA CYS C 281 21.09 0.94 16.15
C CYS C 281 21.58 2.07 17.04
N ILE C 282 22.19 3.07 16.43
CA ILE C 282 22.73 4.24 17.15
C ILE C 282 21.92 5.46 16.77
N THR C 283 21.51 6.23 17.77
CA THR C 283 20.78 7.48 17.60
C THR C 283 21.38 8.54 18.51
N PRO C 284 21.36 9.81 18.09
CA PRO C 284 22.00 10.86 18.90
C PRO C 284 21.31 11.14 20.22
N ASN C 285 20.01 10.86 20.35
CA ASN C 285 19.28 11.09 21.60
C ASN C 285 19.10 9.80 22.38
N GLY C 286 20.10 8.91 22.34
CA GLY C 286 20.03 7.64 23.03
C GLY C 286 19.79 6.48 22.10
N SER C 287 20.56 5.41 22.27
CA SER C 287 20.47 4.27 21.37
C SER C 287 19.20 3.48 21.61
N ILE C 288 18.61 2.97 20.53
CA ILE C 288 17.35 2.24 20.58
C ILE C 288 17.56 0.85 19.99
N PRO C 289 16.84 -0.17 20.46
CA PRO C 289 16.95 -1.49 19.83
C PRO C 289 16.28 -1.52 18.46
N ASN C 290 16.71 -2.47 17.63
CA ASN C 290 16.24 -2.59 16.26
C ASN C 290 15.13 -3.62 16.11
N ASP C 291 14.33 -3.81 17.15
CA ASP C 291 13.21 -4.74 17.11
C ASP C 291 11.91 -4.07 16.67
N LYS C 292 11.97 -2.83 16.20
CA LYS C 292 10.82 -2.08 15.75
C LYS C 292 11.07 -1.58 14.32
N PRO C 293 10.02 -1.45 13.50
CA PRO C 293 10.23 -1.00 12.12
C PRO C 293 10.39 0.51 11.97
N PHE C 294 9.81 1.31 12.86
CA PHE C 294 9.86 2.76 12.75
C PHE C 294 10.35 3.36 14.06
N GLN C 295 10.69 4.66 14.00
CA GLN C 295 11.18 5.37 15.17
C GLN C 295 10.89 6.85 14.98
N ASN C 296 10.96 7.60 16.10
CA ASN C 296 10.75 9.04 16.09
C ASN C 296 11.84 9.76 16.89
N VAL C 297 12.98 9.11 17.12
CA VAL C 297 14.02 9.68 17.97
C VAL C 297 14.77 10.78 17.22
N ASN C 298 15.42 10.42 16.11
CA ASN C 298 16.19 11.39 15.35
C ASN C 298 16.30 10.89 13.91
N LYS C 299 16.38 11.84 12.97
CA LYS C 299 16.46 11.48 11.57
C LYS C 299 17.84 10.96 11.18
N ILE C 300 18.89 11.44 11.84
CA ILE C 300 20.26 11.00 11.54
C ILE C 300 20.49 9.67 12.25
N THR C 301 20.61 8.59 11.47
CA THR C 301 20.78 7.25 11.99
C THR C 301 22.08 6.65 11.46
N TYR C 302 22.42 5.47 12.01
CA TYR C 302 23.62 4.76 11.59
C TYR C 302 23.42 3.27 11.86
N GLY C 303 23.64 2.45 10.83
CA GLY C 303 23.55 1.01 10.98
C GLY C 303 22.13 0.49 10.76
N ALA C 304 21.87 -0.66 11.37
CA ALA C 304 20.56 -1.31 11.29
C ALA C 304 19.59 -0.57 12.22
N CYS C 305 19.07 0.55 11.71
CA CYS C 305 18.17 1.42 12.46
C CYS C 305 16.79 1.45 11.82
N PRO C 306 15.74 1.67 12.61
CA PRO C 306 14.40 1.84 12.03
C PRO C 306 14.29 3.16 11.28
N LYS C 307 13.28 3.23 10.41
CA LYS C 307 13.04 4.41 9.60
C LYS C 307 12.44 5.52 10.45
N TYR C 308 12.89 6.75 10.21
CA TYR C 308 12.40 7.90 10.96
C TYR C 308 11.09 8.40 10.35
N VAL C 309 10.03 8.37 11.15
CA VAL C 309 8.72 8.85 10.73
C VAL C 309 8.26 9.92 11.70
N LYS C 310 7.35 10.77 11.22
CA LYS C 310 6.79 11.82 12.06
C LYS C 310 5.66 11.32 12.96
N GLN C 311 5.06 10.17 12.63
CA GLN C 311 4.00 9.61 13.44
C GLN C 311 4.60 8.93 14.66
N ASN C 312 4.29 9.45 15.84
CA ASN C 312 4.87 8.92 17.07
C ASN C 312 4.09 7.73 17.61
N THR C 313 2.79 7.63 17.31
CA THR C 313 1.93 6.58 17.84
C THR C 313 1.51 5.66 16.69
N LEU C 314 2.06 4.45 16.69
CA LEU C 314 1.69 3.41 15.72
C LEU C 314 1.39 2.14 16.52
N LYS C 315 0.13 2.00 16.94
CA LYS C 315 -0.30 0.84 17.73
C LYS C 315 -0.69 -0.27 16.77
N LEU C 316 0.18 -1.26 16.61
CA LEU C 316 -0.08 -2.42 15.77
C LEU C 316 -0.82 -3.47 16.60
N ALA C 317 -2.05 -3.77 16.20
CA ALA C 317 -2.86 -4.73 16.95
C ALA C 317 -2.39 -6.15 16.70
N THR C 318 -2.22 -6.91 17.79
CA THR C 318 -1.78 -8.29 17.73
C THR C 318 -2.89 -9.27 18.08
N GLY C 319 -4.13 -8.81 18.11
CA GLY C 319 -5.25 -9.67 18.44
C GLY C 319 -6.55 -9.11 17.93
N MET C 320 -7.65 -9.67 18.42
CA MET C 320 -8.97 -9.23 18.03
C MET C 320 -9.34 -7.94 18.74
N ARG C 321 -10.48 -7.38 18.36
CA ARG C 321 -10.97 -6.16 19.00
C ARG C 321 -11.51 -6.47 20.39
N ASN C 322 -11.43 -5.47 21.27
CA ASN C 322 -11.84 -5.63 22.66
C ASN C 322 -13.36 -5.60 22.74
N VAL C 323 -13.95 -6.74 23.09
CA VAL C 323 -15.39 -6.84 23.30
C VAL C 323 -15.63 -7.12 24.78
N PRO C 324 -16.09 -6.13 25.59
CA PRO C 324 -16.11 -6.42 27.00
C PRO C 324 -17.47 -6.71 27.55
N GLU C 325 -17.56 -7.71 28.43
CA GLU C 325 -18.75 -8.46 28.80
C GLU C 325 -19.86 -7.53 29.28
N LYS C 326 -21.09 -8.04 29.22
CA LYS C 326 -22.24 -7.25 29.66
C LYS C 326 -22.34 -7.21 31.18
N GLN C 327 -22.29 -8.36 31.83
CA GLN C 327 -22.38 -8.44 33.28
C GLN C 327 -21.58 -9.62 33.82
N ALA D 7 -17.90 -8.46 16.83
CA ALA D 7 -18.97 -7.47 16.99
C ALA D 7 -19.94 -7.51 15.82
N PHE D 9 -21.68 -12.39 14.89
CA PHE D 9 -22.44 -11.60 15.86
C PHE D 9 -22.20 -12.09 17.28
N ILE D 10 -20.98 -11.94 17.76
CA ILE D 10 -20.64 -12.31 19.13
C ILE D 10 -20.96 -11.14 20.05
N GLU D 11 -21.77 -11.40 21.07
CA GLU D 11 -22.17 -10.33 22.00
C GLU D 11 -21.03 -9.99 22.95
N ASN D 12 -20.37 -11.00 23.51
CA ASN D 12 -19.28 -10.77 24.45
C ASN D 12 -18.31 -11.94 24.38
N GLY D 13 -17.06 -11.65 24.71
CA GLY D 13 -16.01 -12.65 24.75
C GLY D 13 -15.94 -13.36 26.07
N TRP D 14 -14.74 -13.81 26.43
CA TRP D 14 -14.49 -14.52 27.69
C TRP D 14 -13.23 -13.95 28.32
N GLU D 15 -13.40 -13.27 29.46
CA GLU D 15 -12.26 -12.68 30.15
C GLU D 15 -11.48 -13.71 30.97
N GLY D 16 -12.15 -14.78 31.42
CA GLY D 16 -11.48 -15.79 32.21
C GLY D 16 -10.61 -16.76 31.45
N MET D 17 -10.71 -16.76 30.11
CA MET D 17 -9.90 -17.64 29.28
C MET D 17 -8.63 -16.89 28.89
N ILE D 18 -7.55 -17.15 29.63
CA ILE D 18 -6.28 -16.48 29.40
C ILE D 18 -5.23 -17.45 28.86
N ASP D 19 -5.65 -18.62 28.37
CA ASP D 19 -4.75 -19.62 27.83
C ASP D 19 -4.90 -19.78 26.33
N GLY D 20 -5.31 -18.73 25.65
CA GLY D 20 -5.47 -18.77 24.20
C GLY D 20 -6.33 -17.64 23.71
N TRP D 21 -6.23 -17.39 22.40
CA TRP D 21 -7.02 -16.34 21.77
C TRP D 21 -8.45 -16.79 21.50
N TYR D 22 -8.67 -18.08 21.30
CA TYR D 22 -9.99 -18.62 21.03
C TYR D 22 -10.25 -19.80 21.98
N GLY D 23 -11.46 -20.34 21.92
CA GLY D 23 -11.81 -21.47 22.75
C GLY D 23 -13.31 -21.67 22.77
N PHE D 24 -13.73 -22.53 23.70
CA PHE D 24 -15.13 -22.89 23.87
C PHE D 24 -15.51 -22.81 25.34
N ARG D 25 -16.82 -22.64 25.59
CA ARG D 25 -17.36 -22.62 26.94
C ARG D 25 -18.47 -23.67 27.01
N HIS D 26 -18.17 -24.79 27.64
CA HIS D 26 -19.12 -25.90 27.72
C HIS D 26 -20.04 -25.75 28.93
N GLN D 27 -21.22 -26.34 28.82
CA GLN D 27 -22.22 -26.28 29.89
C GLN D 27 -23.12 -27.51 29.76
N ASN D 28 -23.00 -28.44 30.69
CA ASN D 28 -23.81 -29.66 30.69
C ASN D 28 -24.05 -30.08 32.12
N SER D 29 -24.47 -31.34 32.31
CA SER D 29 -24.77 -31.83 33.65
C SER D 29 -23.51 -32.09 34.48
N GLU D 30 -22.35 -32.19 33.84
CA GLU D 30 -21.09 -32.44 34.55
C GLU D 30 -20.40 -31.15 34.98
N GLY D 31 -21.05 -30.01 34.85
CA GLY D 31 -20.49 -28.74 35.26
C GLY D 31 -20.21 -27.84 34.07
N THR D 32 -19.61 -26.69 34.37
CA THR D 32 -19.25 -25.70 33.38
C THR D 32 -17.73 -25.52 33.37
N GLY D 33 -17.26 -24.67 32.47
CA GLY D 33 -15.83 -24.40 32.36
C GLY D 33 -15.49 -23.84 31.00
N GLN D 34 -14.23 -23.42 30.90
CA GLN D 34 -13.69 -22.85 29.66
C GLN D 34 -12.45 -23.63 29.25
N ALA D 35 -12.29 -23.84 27.94
CA ALA D 35 -11.16 -24.57 27.40
C ALA D 35 -10.74 -23.95 26.08
N ALA D 36 -9.47 -23.61 25.96
CA ALA D 36 -8.96 -22.99 24.74
C ALA D 36 -8.77 -24.03 23.64
N ASP D 37 -9.17 -23.67 22.43
CA ASP D 37 -9.02 -24.55 21.28
C ASP D 37 -7.56 -24.55 20.83
N LEU D 38 -6.97 -25.74 20.72
CA LEU D 38 -5.57 -25.84 20.30
C LEU D 38 -5.40 -25.77 18.79
N LYS D 39 -6.49 -25.87 18.03
CA LYS D 39 -6.40 -25.88 16.57
C LYS D 39 -6.55 -24.49 15.96
N SER D 40 -7.62 -23.79 16.31
CA SER D 40 -7.90 -22.49 15.71
C SER D 40 -7.03 -21.38 16.27
N THR D 41 -6.54 -21.52 17.50
CA THR D 41 -5.67 -20.50 18.07
C THR D 41 -4.28 -20.55 17.44
N GLN D 42 -3.72 -21.75 17.30
CA GLN D 42 -2.39 -21.89 16.71
C GLN D 42 -2.40 -21.57 15.21
N ALA D 43 -3.52 -21.83 14.53
CA ALA D 43 -3.63 -21.46 13.13
C ALA D 43 -3.76 -19.95 12.92
N ALA D 44 -4.12 -19.21 13.97
CA ALA D 44 -4.24 -17.76 13.86
C ALA D 44 -2.95 -17.04 14.20
N ILE D 45 -2.14 -17.58 15.11
CA ILE D 45 -0.88 -16.95 15.48
C ILE D 45 0.13 -17.06 14.33
N ASP D 46 0.04 -18.13 13.53
CA ASP D 46 0.90 -18.27 12.36
C ASP D 46 0.60 -17.20 11.31
N GLN D 47 -0.63 -16.71 11.26
CA GLN D 47 -0.97 -15.59 10.39
C GLN D 47 -0.70 -14.25 11.05
N ILE D 48 -0.72 -14.18 12.38
CA ILE D 48 -0.45 -12.92 13.08
C ILE D 48 1.05 -12.67 13.18
N ASN D 49 1.80 -13.66 13.69
CA ASN D 49 3.24 -13.51 13.84
C ASN D 49 3.97 -13.52 12.50
N GLY D 50 3.36 -14.07 11.45
CA GLY D 50 3.93 -13.95 10.13
C GLY D 50 3.88 -12.54 9.58
N LYS D 51 2.90 -11.76 10.03
CA LYS D 51 2.83 -10.34 9.68
C LYS D 51 3.85 -9.50 10.44
N LEU D 52 4.37 -9.99 11.56
CA LEU D 52 5.27 -9.18 12.37
C LEU D 52 6.71 -9.28 11.89
N ASN D 53 7.19 -10.49 11.60
CA ASN D 53 8.60 -10.70 11.32
C ASN D 53 9.01 -10.20 9.94
N ARG D 54 8.07 -9.96 9.04
CA ARG D 54 8.40 -9.37 7.75
C ARG D 54 8.31 -7.85 7.76
N VAL D 55 7.98 -7.26 8.93
CA VAL D 55 7.91 -5.81 9.08
C VAL D 55 8.89 -5.31 10.13
N ILE D 56 8.86 -5.91 11.33
CA ILE D 56 9.69 -5.45 12.43
C ILE D 56 11.08 -6.10 12.45
N GLU D 57 11.30 -7.13 11.62
CA GLU D 57 12.56 -7.86 11.61
C GLU D 57 13.11 -7.90 10.19
N LYS D 58 14.43 -7.68 10.07
CA LYS D 58 15.18 -7.75 8.81
C LYS D 58 14.67 -6.76 7.77
N THR D 59 14.24 -5.58 8.23
CA THR D 59 13.75 -4.52 7.35
C THR D 59 14.57 -3.25 7.50
N ASN D 60 15.76 -3.34 8.07
CA ASN D 60 16.62 -2.20 8.30
C ASN D 60 17.66 -2.07 7.18
N GLU D 61 18.13 -0.85 6.99
CA GLU D 61 19.10 -0.52 5.94
C GLU D 61 20.36 0.03 6.59
N LYS D 62 21.49 -0.63 6.36
CA LYS D 62 22.78 -0.23 6.91
C LYS D 62 23.61 0.36 5.78
N PHE D 63 23.68 1.69 5.72
CA PHE D 63 24.43 2.37 4.68
C PHE D 63 24.82 3.76 5.19
N HIS D 64 25.72 4.40 4.45
CA HIS D 64 26.20 5.73 4.82
C HIS D 64 25.20 6.78 4.34
N GLN D 65 24.59 7.49 5.27
CA GLN D 65 23.65 8.56 4.95
C GLN D 65 24.39 9.89 4.87
N ILE D 66 23.64 10.96 4.65
CA ILE D 66 24.20 12.30 4.53
C ILE D 66 23.75 13.13 5.73
N GLU D 67 24.28 14.34 5.82
CA GLU D 67 23.93 15.25 6.90
C GLU D 67 22.52 15.79 6.69
N LYS D 68 21.66 15.63 7.70
CA LYS D 68 20.27 16.03 7.60
C LYS D 68 19.94 17.30 8.36
N GLU D 69 20.75 17.67 9.36
CA GLU D 69 20.56 18.89 10.13
C GLU D 69 21.77 19.78 9.96
N PHE D 70 21.53 21.06 9.70
CA PHE D 70 22.59 22.02 9.45
C PHE D 70 22.39 23.25 10.34
N SER D 71 23.52 23.79 10.81
CA SER D 71 23.52 25.03 11.58
C SER D 71 23.87 26.25 10.75
N GLU D 72 24.76 26.11 9.77
CA GLU D 72 25.13 27.20 8.88
C GLU D 72 24.35 27.08 7.58
N VAL D 73 23.55 28.10 7.28
CA VAL D 73 22.71 28.11 6.09
C VAL D 73 23.58 28.54 4.91
N GLU D 74 23.81 27.62 3.98
CA GLU D 74 24.66 27.90 2.82
C GLU D 74 23.87 28.43 1.64
N GLY D 75 22.75 27.79 1.30
CA GLY D 75 21.95 28.24 0.18
C GLY D 75 21.26 27.13 -0.59
N ARG D 76 21.50 27.07 -1.90
CA ARG D 76 20.82 26.11 -2.76
C ARG D 76 21.24 24.68 -2.50
N ILE D 77 22.49 24.45 -2.07
CA ILE D 77 22.97 23.10 -1.81
C ILE D 77 22.28 22.51 -0.59
N GLN D 78 21.97 23.35 0.40
CA GLN D 78 21.22 22.88 1.56
C GLN D 78 19.73 22.87 1.30
N ASP D 79 19.25 23.71 0.38
CA ASP D 79 17.82 23.75 0.08
C ASP D 79 17.38 22.54 -0.75
N LEU D 80 18.29 21.95 -1.52
CA LEU D 80 17.95 20.74 -2.27
C LEU D 80 17.79 19.54 -1.34
N GLU D 81 18.76 19.33 -0.44
CA GLU D 81 18.72 18.16 0.43
C GLU D 81 17.66 18.30 1.53
N LYS D 82 17.23 19.53 1.82
CA LYS D 82 16.15 19.72 2.79
C LYS D 82 14.83 19.26 2.22
N TYR D 83 14.56 19.57 0.95
CA TYR D 83 13.34 19.10 0.31
C TYR D 83 13.44 17.61 -0.03
N VAL D 84 14.67 17.11 -0.18
CA VAL D 84 14.87 15.67 -0.41
C VAL D 84 14.60 14.89 0.87
N GLU D 85 15.12 15.37 2.00
CA GLU D 85 14.98 14.65 3.27
C GLU D 85 13.55 14.73 3.79
N ASP D 86 12.91 15.90 3.67
CA ASP D 86 11.53 16.05 4.13
C ASP D 86 10.54 15.26 3.28
N THR D 87 10.90 14.91 2.04
CA THR D 87 10.02 14.08 1.23
C THR D 87 10.03 12.63 1.69
N LYS D 88 11.24 12.06 1.86
CA LYS D 88 11.35 10.65 2.22
C LYS D 88 10.94 10.39 3.66
N ILE D 89 11.00 11.41 4.51
CA ILE D 89 10.43 11.29 5.85
C ILE D 89 8.91 11.24 5.76
N ASP D 90 8.32 12.11 4.95
CA ASP D 90 6.88 12.10 4.75
C ASP D 90 6.43 10.91 3.93
N LEU D 91 7.29 10.39 3.05
CA LEU D 91 6.95 9.20 2.29
C LEU D 91 6.99 7.96 3.19
N TRP D 92 7.94 7.90 4.12
CA TRP D 92 7.95 6.81 5.09
C TRP D 92 6.83 6.97 6.11
N SER D 93 6.43 8.21 6.40
CA SER D 93 5.30 8.42 7.30
C SER D 93 3.98 8.10 6.63
N TYR D 94 3.87 8.37 5.32
CA TYR D 94 2.65 8.01 4.60
C TYR D 94 2.56 6.50 4.42
N ASN D 95 3.70 5.84 4.23
CA ASN D 95 3.70 4.37 4.16
C ASN D 95 3.45 3.75 5.52
N ALA D 96 3.82 4.44 6.60
CA ALA D 96 3.48 3.96 7.94
C ALA D 96 2.00 4.10 8.21
N GLU D 97 1.37 5.15 7.67
CA GLU D 97 -0.09 5.26 7.76
C GLU D 97 -0.80 4.40 6.74
N LEU D 98 -0.07 3.83 5.77
CA LEU D 98 -0.64 2.92 4.80
C LEU D 98 -0.49 1.46 5.22
N LEU D 99 0.64 1.10 5.83
CA LEU D 99 0.87 -0.29 6.19
C LEU D 99 0.20 -0.66 7.51
N VAL D 100 0.50 0.10 8.58
CA VAL D 100 0.08 -0.29 9.93
C VAL D 100 -1.43 -0.11 10.09
N ALA D 101 -2.02 0.87 9.39
CA ALA D 101 -3.46 1.02 9.44
C ALA D 101 -4.17 -0.07 8.66
N LEU D 102 -3.53 -0.61 7.62
CA LEU D 102 -4.10 -1.73 6.89
C LEU D 102 -3.80 -3.06 7.57
N GLU D 103 -2.66 -3.14 8.26
CA GLU D 103 -2.35 -4.33 9.05
C GLU D 103 -3.29 -4.47 10.24
N ASN D 104 -3.69 -3.35 10.85
CA ASN D 104 -4.70 -3.40 11.90
C ASN D 104 -6.08 -3.67 11.31
N GLN D 105 -6.33 -3.22 10.08
CA GLN D 105 -7.61 -3.50 9.43
C GLN D 105 -7.72 -4.96 9.01
N HIS D 106 -6.62 -5.54 8.54
CA HIS D 106 -6.65 -6.93 8.12
C HIS D 106 -6.70 -7.88 9.30
N THR D 107 -6.14 -7.46 10.45
CA THR D 107 -6.14 -8.31 11.64
C THR D 107 -7.54 -8.51 12.21
N ILE D 108 -8.38 -7.47 12.16
CA ILE D 108 -9.79 -7.62 12.52
C ILE D 108 -10.49 -8.52 11.51
N ASP D 109 -10.13 -8.40 10.23
CA ASP D 109 -10.68 -9.30 9.22
C ASP D 109 -10.08 -10.70 9.35
N LEU D 110 -8.86 -10.81 9.87
CA LEU D 110 -8.26 -12.13 10.09
C LEU D 110 -8.94 -12.84 11.26
N THR D 111 -9.19 -12.12 12.36
CA THR D 111 -9.88 -12.71 13.49
C THR D 111 -11.34 -12.99 13.18
N ASP D 112 -11.93 -12.23 12.25
CA ASP D 112 -13.27 -12.55 11.78
C ASP D 112 -13.25 -13.78 10.86
N SER D 113 -12.18 -13.94 10.08
CA SER D 113 -12.06 -15.11 9.21
C SER D 113 -11.71 -16.36 10.01
N GLU D 114 -10.89 -16.22 11.05
CA GLU D 114 -10.60 -17.35 11.92
C GLU D 114 -11.81 -17.74 12.75
N MET D 115 -12.67 -16.77 13.08
CA MET D 115 -13.96 -17.11 13.70
C MET D 115 -14.90 -17.74 12.67
N ASN D 116 -14.82 -17.27 11.42
CA ASN D 116 -15.64 -17.87 10.36
C ASN D 116 -15.18 -19.28 10.02
N LYS D 117 -13.87 -19.53 10.07
CA LYS D 117 -13.38 -20.89 9.90
C LYS D 117 -13.72 -21.76 11.11
N LEU D 118 -13.76 -21.18 12.31
CA LEU D 118 -14.21 -21.92 13.47
C LEU D 118 -15.71 -22.17 13.42
N PHE D 119 -16.48 -21.22 12.89
CA PHE D 119 -17.91 -21.45 12.68
C PHE D 119 -18.16 -22.42 11.54
N GLU D 120 -17.25 -22.50 10.57
CA GLU D 120 -17.40 -23.47 9.49
C GLU D 120 -16.99 -24.87 9.94
N LYS D 121 -15.96 -24.96 10.78
CA LYS D 121 -15.54 -26.27 11.30
C LYS D 121 -16.58 -26.82 12.27
N THR D 122 -17.22 -25.95 13.04
CA THR D 122 -18.33 -26.38 13.89
C THR D 122 -19.61 -26.57 13.08
N ARG D 123 -19.77 -25.81 12.00
CA ARG D 123 -20.96 -25.93 11.18
C ARG D 123 -20.95 -27.15 10.28
N ARG D 124 -19.77 -27.66 9.95
CA ARG D 124 -19.68 -28.86 9.12
C ARG D 124 -19.83 -30.14 9.93
N GLN D 125 -20.02 -30.04 11.24
CA GLN D 125 -20.24 -31.21 12.08
C GLN D 125 -21.55 -31.16 12.84
N LEU D 126 -22.25 -30.02 12.82
CA LEU D 126 -23.50 -29.84 13.55
C LEU D 126 -24.62 -29.35 12.64
N ARG D 127 -24.80 -30.01 11.49
CA ARG D 127 -25.88 -29.63 10.58
C ARG D 127 -27.23 -30.15 11.09
N GLU D 128 -27.36 -31.47 11.21
CA GLU D 128 -28.57 -32.09 11.73
C GLU D 128 -28.47 -32.38 13.22
N ASN D 129 -27.41 -31.91 13.89
CA ASN D 129 -27.20 -32.19 15.29
C ASN D 129 -27.40 -30.99 16.19
N ALA D 130 -27.20 -29.77 15.68
CA ALA D 130 -27.33 -28.57 16.50
C ALA D 130 -27.71 -27.39 15.61
N GLU D 131 -28.06 -26.28 16.25
CA GLU D 131 -28.36 -25.04 15.57
C GLU D 131 -27.74 -23.87 16.33
N ASP D 132 -27.61 -22.74 15.64
CA ASP D 132 -27.01 -21.55 16.23
C ASP D 132 -28.00 -20.90 17.19
N MET D 133 -27.53 -19.98 18.03
CA MET D 133 -28.39 -19.29 18.97
C MET D 133 -28.48 -17.79 18.68
N GLY D 134 -27.46 -17.20 18.08
CA GLY D 134 -27.45 -15.79 17.77
C GLY D 134 -26.39 -14.97 18.48
N ASN D 135 -25.77 -15.52 19.52
CA ASN D 135 -24.72 -14.84 20.27
C ASN D 135 -23.38 -15.55 20.17
N GLY D 136 -23.17 -16.35 19.12
CA GLY D 136 -21.96 -17.12 18.96
C GLY D 136 -22.00 -18.49 19.58
N CYS D 137 -23.13 -18.90 20.15
CA CYS D 137 -23.26 -20.20 20.79
C CYS D 137 -24.14 -21.12 19.96
N PHE D 138 -23.88 -22.41 20.08
CA PHE D 138 -24.64 -23.44 19.36
C PHE D 138 -25.54 -24.18 20.34
N LYS D 139 -26.79 -24.40 19.94
CA LYS D 139 -27.77 -25.12 20.77
C LYS D 139 -27.74 -26.59 20.38
N ILE D 140 -27.07 -27.40 21.17
CA ILE D 140 -26.96 -28.84 20.90
C ILE D 140 -28.25 -29.52 21.32
N TYR D 141 -28.88 -30.22 20.38
CA TYR D 141 -30.15 -30.89 20.62
C TYR D 141 -30.00 -32.35 21.06
N HIS D 142 -28.85 -32.72 21.60
CA HIS D 142 -28.63 -34.07 22.08
C HIS D 142 -27.72 -34.02 23.31
N LYS D 143 -27.50 -35.18 23.90
CA LYS D 143 -26.63 -35.27 25.07
C LYS D 143 -25.17 -35.12 24.65
N CYS D 144 -24.49 -34.12 25.23
CA CYS D 144 -23.10 -33.82 24.89
C CYS D 144 -22.31 -33.71 26.19
N ASP D 145 -21.52 -34.73 26.49
CA ASP D 145 -20.69 -34.77 27.69
C ASP D 145 -19.36 -34.06 27.42
N ASN D 146 -18.40 -34.24 28.32
CA ASN D 146 -17.09 -33.60 28.16
C ASN D 146 -16.29 -34.24 27.02
N ALA D 147 -16.54 -35.51 26.73
CA ALA D 147 -15.87 -36.13 25.58
C ALA D 147 -16.46 -35.64 24.27
N CYS D 148 -17.74 -35.26 24.27
CA CYS D 148 -18.36 -34.70 23.08
C CYS D 148 -17.85 -33.28 22.79
N ILE D 149 -17.53 -32.53 23.84
CA ILE D 149 -16.97 -31.19 23.67
C ILE D 149 -15.56 -31.28 23.08
N GLU D 150 -14.75 -32.21 23.57
CA GLU D 150 -13.40 -32.38 23.05
C GLU D 150 -13.36 -33.01 21.67
N SER D 151 -14.46 -33.64 21.24
CA SER D 151 -14.51 -34.21 19.89
C SER D 151 -14.63 -33.11 18.84
N ILE D 152 -15.46 -32.10 19.09
CA ILE D 152 -15.56 -30.96 18.18
C ILE D 152 -14.38 -30.02 18.33
N ARG D 153 -13.75 -29.99 19.51
CA ARG D 153 -12.58 -29.13 19.70
C ARG D 153 -11.37 -29.65 18.92
N ASN D 154 -11.15 -30.96 18.95
CA ASN D 154 -10.04 -31.57 18.22
C ASN D 154 -10.41 -31.93 16.79
N GLY D 155 -11.65 -31.70 16.38
CA GLY D 155 -12.06 -32.02 15.03
C GLY D 155 -12.36 -33.47 14.77
N THR D 156 -12.57 -34.27 15.82
CA THR D 156 -12.84 -35.70 15.69
C THR D 156 -14.30 -36.03 16.00
N TYR D 157 -15.21 -35.09 15.75
CA TYR D 157 -16.62 -35.32 16.00
C TYR D 157 -17.25 -36.04 14.82
N ASP D 158 -18.18 -36.95 15.14
CA ASP D 158 -18.87 -37.74 14.13
C ASP D 158 -20.31 -37.26 14.00
N HIS D 159 -20.76 -37.13 12.76
CA HIS D 159 -22.11 -36.64 12.49
C HIS D 159 -23.14 -37.75 12.45
N ASP D 160 -22.78 -38.95 11.99
CA ASP D 160 -23.74 -40.04 11.86
C ASP D 160 -24.04 -40.73 13.18
N VAL D 161 -23.23 -40.50 14.21
CA VAL D 161 -23.48 -41.14 15.50
C VAL D 161 -24.62 -40.45 16.24
N TYR D 162 -24.53 -39.13 16.39
CA TYR D 162 -25.55 -38.35 17.09
C TYR D 162 -26.62 -37.81 16.15
N ARG D 163 -26.86 -38.47 15.02
CA ARG D 163 -27.86 -37.99 14.07
C ARG D 163 -29.27 -38.39 14.48
N ASP D 164 -29.46 -39.64 14.91
CA ASP D 164 -30.79 -40.13 15.28
C ASP D 164 -31.27 -39.59 16.61
N GLU D 165 -30.37 -39.09 17.46
CA GLU D 165 -30.76 -38.58 18.77
C GLU D 165 -31.19 -37.12 18.72
N ALA D 166 -30.48 -36.28 17.96
CA ALA D 166 -30.77 -34.86 17.94
C ALA D 166 -31.91 -34.50 16.99
N LEU D 167 -32.15 -35.32 15.97
CA LEU D 167 -33.23 -35.03 15.03
C LEU D 167 -34.61 -35.27 15.62
N ASN D 168 -34.70 -36.07 16.69
CA ASN D 168 -35.97 -36.28 17.36
C ASN D 168 -36.36 -35.14 18.29
N ASN D 169 -35.45 -34.20 18.54
CA ASN D 169 -35.72 -33.06 19.41
C ASN D 169 -35.49 -31.72 18.74
N ARG D 170 -35.02 -31.70 17.48
CA ARG D 170 -34.76 -30.44 16.79
C ARG D 170 -36.05 -29.85 16.24
N PHE D 171 -36.77 -30.61 15.43
CA PHE D 171 -38.02 -30.15 14.83
C PHE D 171 -39.25 -30.62 15.61
N GLN D 172 -39.07 -31.21 16.78
CA GLN D 172 -40.19 -31.67 17.59
C GLN D 172 -40.22 -30.98 18.95
N GLU E 1 -21.17 31.06 9.14
CA GLU E 1 -21.05 29.81 9.87
C GLU E 1 -22.39 29.10 9.99
N VAL E 2 -22.38 27.92 10.59
CA VAL E 2 -23.61 27.15 10.78
C VAL E 2 -24.39 27.75 11.94
N GLN E 3 -25.64 28.14 11.68
CA GLN E 3 -26.48 28.75 12.71
C GLN E 3 -27.94 28.51 12.35
N LEU E 4 -28.73 28.12 13.35
CA LEU E 4 -30.15 27.88 13.18
C LEU E 4 -30.94 28.95 13.91
N VAL E 5 -31.85 29.60 13.19
CA VAL E 5 -32.67 30.68 13.73
C VAL E 5 -34.12 30.23 13.70
N GLU E 6 -34.76 30.25 14.86
CA GLU E 6 -36.16 29.85 15.00
C GLU E 6 -37.07 31.06 14.91
N SER E 7 -38.33 30.80 14.54
CA SER E 7 -39.34 31.84 14.42
C SER E 7 -40.70 31.21 14.61
N GLY E 8 -41.74 32.05 14.61
CA GLY E 8 -43.10 31.59 14.75
C GLY E 8 -43.62 31.55 16.17
N GLY E 9 -42.89 32.07 17.14
CA GLY E 9 -43.32 32.06 18.51
C GLY E 9 -44.25 33.20 18.85
N GLY E 10 -44.71 33.21 20.09
CA GLY E 10 -45.60 34.24 20.57
C GLY E 10 -46.53 33.69 21.63
N LEU E 11 -47.64 34.38 21.82
CA LEU E 11 -48.66 34.01 22.80
C LEU E 11 -49.87 33.44 22.09
N VAL E 12 -50.39 32.33 22.58
CA VAL E 12 -51.55 31.66 22.01
C VAL E 12 -52.39 31.09 23.14
N GLN E 13 -53.68 30.82 22.82
CA GLN E 13 -54.69 30.21 23.68
C GLN E 13 -54.64 28.69 23.55
N PRO E 14 -55.04 27.95 24.61
CA PRO E 14 -55.11 26.49 24.49
C PRO E 14 -56.19 26.03 23.53
N GLY E 15 -55.79 25.46 22.40
CA GLY E 15 -56.71 25.04 21.36
C GLY E 15 -56.51 25.71 20.02
N GLY E 16 -55.50 26.57 19.87
CA GLY E 16 -55.26 27.26 18.62
C GLY E 16 -54.37 26.47 17.68
N SER E 17 -53.70 27.18 16.78
CA SER E 17 -52.83 26.56 15.79
C SER E 17 -51.75 27.54 15.39
N LEU E 18 -50.53 27.04 15.26
CA LEU E 18 -49.37 27.84 14.86
C LEU E 18 -48.57 27.07 13.82
N ARG E 19 -47.46 27.67 13.40
CA ARG E 19 -46.55 27.03 12.44
C ARG E 19 -45.16 27.61 12.69
N LEU E 20 -44.31 26.83 13.34
CA LEU E 20 -42.96 27.27 13.66
C LEU E 20 -42.07 27.20 12.44
N SER E 21 -40.89 27.81 12.55
CA SER E 21 -39.93 27.85 11.47
C SER E 21 -38.53 27.63 12.02
N CYS E 22 -37.64 27.10 11.17
CA CYS E 22 -36.26 26.82 11.54
C CYS E 22 -35.37 27.25 10.37
N ALA E 23 -34.92 28.51 10.41
CA ALA E 23 -34.12 29.06 9.33
C ALA E 23 -32.67 28.57 9.46
N ALA E 24 -32.17 27.96 8.38
CA ALA E 24 -30.81 27.43 8.34
C ALA E 24 -29.95 28.25 7.38
N SER E 25 -28.67 28.34 7.71
CA SER E 25 -27.72 29.08 6.88
C SER E 25 -26.32 28.53 7.13
N GLY E 26 -25.47 28.62 6.11
CA GLY E 26 -24.10 28.19 6.20
C GLY E 26 -23.85 26.75 5.79
N PHE E 27 -24.88 25.98 5.48
CA PHE E 27 -24.72 24.59 5.09
C PHE E 27 -25.85 24.21 4.14
N THR E 28 -25.69 23.05 3.50
CA THR E 28 -26.71 22.54 2.59
C THR E 28 -27.83 21.89 3.39
N PHE E 29 -29.04 22.46 3.30
CA PHE E 29 -30.17 21.96 4.06
C PHE E 29 -30.74 20.66 3.51
N SER E 30 -30.54 20.38 2.22
CA SER E 30 -31.11 19.20 1.58
C SER E 30 -30.28 17.94 1.79
N THR E 31 -29.19 18.02 2.55
CA THR E 31 -28.34 16.85 2.80
C THR E 31 -28.32 16.39 4.25
N TYR E 32 -28.78 17.21 5.19
CA TYR E 32 -28.78 16.87 6.61
C TYR E 32 -30.20 16.65 7.09
N ASN E 33 -30.34 15.82 8.11
CA ASN E 33 -31.64 15.52 8.70
C ASN E 33 -31.97 16.53 9.79
N MET E 34 -33.27 16.70 10.03
CA MET E 34 -33.78 17.63 11.03
C MET E 34 -34.68 16.89 12.01
N ASN E 35 -35.01 17.56 13.11
CA ASN E 35 -35.83 16.96 14.16
C ASN E 35 -36.55 18.08 14.90
N TRP E 36 -37.13 17.74 16.05
CA TRP E 36 -37.87 18.72 16.86
C TRP E 36 -37.77 18.27 18.31
N VAL E 37 -36.94 18.96 19.09
CA VAL E 37 -36.72 18.67 20.51
C VAL E 37 -37.04 19.92 21.31
N ARG E 38 -37.94 19.79 22.27
CA ARG E 38 -38.34 20.90 23.13
C ARG E 38 -37.67 20.76 24.49
N GLN E 39 -37.98 21.71 25.38
CA GLN E 39 -37.43 21.70 26.73
C GLN E 39 -38.53 22.21 27.67
N ALA E 40 -39.13 21.30 28.41
CA ALA E 40 -40.23 21.65 29.30
C ALA E 40 -39.68 22.33 30.57
N PRO E 41 -40.39 23.33 31.09
CA PRO E 41 -39.96 23.96 32.35
C PRO E 41 -40.18 23.02 33.53
N GLY E 42 -39.10 22.76 34.28
CA GLY E 42 -39.14 21.84 35.38
C GLY E 42 -38.84 20.40 35.01
N LYS E 43 -38.76 20.08 33.72
CA LYS E 43 -38.46 18.74 33.23
C LYS E 43 -37.24 18.82 32.32
N GLY E 44 -36.86 17.67 31.77
CA GLY E 44 -35.73 17.57 30.86
C GLY E 44 -36.15 17.74 29.41
N LEU E 45 -35.26 17.33 28.52
CA LEU E 45 -35.52 17.40 27.09
C LEU E 45 -36.50 16.31 26.66
N GLU E 46 -37.18 16.55 25.54
CA GLU E 46 -38.17 15.60 25.04
C GLU E 46 -38.18 15.66 23.52
N TRP E 47 -37.82 14.56 22.88
CA TRP E 47 -37.87 14.46 21.43
C TRP E 47 -39.31 14.28 20.97
N LEU E 48 -39.68 14.97 19.89
CA LEU E 48 -41.04 14.95 19.38
C LEU E 48 -41.16 14.28 18.02
N SER E 49 -40.38 14.73 17.02
CA SER E 49 -40.52 14.22 15.67
C SER E 49 -39.16 14.15 14.99
N TYR E 50 -39.13 13.53 13.81
CA TYR E 50 -37.92 13.39 13.02
C TYR E 50 -38.30 13.27 11.56
N ILE E 51 -37.55 13.97 10.70
CA ILE E 51 -37.77 13.95 9.27
C ILE E 51 -36.43 13.72 8.58
N SER E 52 -36.50 13.26 7.34
CA SER E 52 -35.33 12.98 6.52
C SER E 52 -35.28 13.94 5.33
N THR E 53 -34.23 13.80 4.53
CA THR E 53 -34.08 14.66 3.35
C THR E 53 -35.01 14.24 2.22
N SER E 54 -35.36 12.95 2.15
CA SER E 54 -36.25 12.46 1.11
C SER E 54 -37.73 12.67 1.43
N SER E 55 -38.04 13.09 2.67
CA SER E 55 -39.40 13.36 3.15
C SER E 55 -40.30 12.14 3.03
N ASN E 56 -39.76 10.97 3.34
CA ASN E 56 -40.54 9.73 3.29
C ASN E 56 -40.47 9.00 4.62
N THR E 57 -39.39 9.21 5.37
CA THR E 57 -39.18 8.59 6.68
C THR E 57 -39.49 9.64 7.74
N ILE E 58 -40.72 9.63 8.25
CA ILE E 58 -41.18 10.57 9.25
C ILE E 58 -41.58 9.78 10.49
N TYR E 59 -40.99 10.09 11.63
CA TYR E 59 -41.27 9.43 12.89
C TYR E 59 -41.87 10.42 13.88
N TYR E 60 -42.62 9.89 14.84
CA TYR E 60 -43.25 10.68 15.88
C TYR E 60 -43.05 10.02 17.23
N ALA E 61 -43.18 10.81 18.29
CA ALA E 61 -43.04 10.34 19.65
C ALA E 61 -44.35 9.75 20.15
N ASP E 62 -44.33 9.23 21.38
CA ASP E 62 -45.53 8.64 21.96
C ASP E 62 -46.52 9.70 22.42
N SER E 63 -46.03 10.90 22.78
CA SER E 63 -46.89 11.98 23.23
C SER E 63 -47.46 12.81 22.09
N VAL E 64 -47.00 12.58 20.85
CA VAL E 64 -47.51 13.34 19.71
C VAL E 64 -48.88 12.81 19.29
N LYS E 65 -48.93 11.52 18.92
CA LYS E 65 -50.15 10.82 18.48
C LYS E 65 -50.80 11.50 17.28
N GLY E 66 -49.99 12.02 16.36
CA GLY E 66 -50.48 12.65 15.16
C GLY E 66 -51.00 14.06 15.32
N ARG E 67 -50.86 14.66 16.51
CA ARG E 67 -51.35 16.01 16.73
C ARG E 67 -50.43 17.07 16.14
N PHE E 68 -49.20 16.73 15.81
CA PHE E 68 -48.24 17.65 15.21
C PHE E 68 -47.89 17.18 13.81
N THR E 69 -47.51 18.14 12.96
CA THR E 69 -47.13 17.86 11.58
C THR E 69 -45.82 18.57 11.28
N ILE E 70 -44.83 17.83 10.79
CA ILE E 70 -43.51 18.36 10.50
C ILE E 70 -43.25 18.22 9.00
N SER E 71 -42.88 19.33 8.37
CA SER E 71 -42.58 19.36 6.95
C SER E 71 -41.33 20.19 6.70
N ARG E 72 -40.86 20.17 5.46
CA ARG E 72 -39.68 20.92 5.08
C ARG E 72 -39.77 21.26 3.60
N ASP E 73 -38.88 22.17 3.17
CA ASP E 73 -38.85 22.60 1.79
C ASP E 73 -37.40 22.89 1.41
N ASN E 74 -36.91 22.22 0.35
CA ASN E 74 -35.54 22.42 -0.08
C ASN E 74 -35.35 23.76 -0.81
N ALA E 75 -36.43 24.34 -1.34
CA ALA E 75 -36.33 25.62 -2.03
C ALA E 75 -36.21 26.80 -1.07
N LYS E 76 -36.70 26.66 0.16
CA LYS E 76 -36.63 27.72 1.16
C LYS E 76 -35.65 27.44 2.28
N ASN E 77 -35.19 26.18 2.42
CA ASN E 77 -34.24 25.73 3.43
C ASN E 77 -34.74 26.02 4.85
N SER E 78 -35.95 25.57 5.15
CA SER E 78 -36.55 25.78 6.45
C SER E 78 -37.48 24.62 6.76
N LEU E 79 -37.94 24.57 8.01
CA LEU E 79 -38.87 23.56 8.48
C LEU E 79 -40.27 24.14 8.60
N PHE E 80 -41.26 23.25 8.72
CA PHE E 80 -42.66 23.62 8.89
C PHE E 80 -43.21 22.75 10.02
N LEU E 81 -43.13 23.27 11.25
CA LEU E 81 -43.58 22.55 12.44
C LEU E 81 -44.99 23.02 12.77
N GLN E 82 -45.98 22.26 12.34
CA GLN E 82 -47.37 22.60 12.60
C GLN E 82 -47.78 22.12 13.98
N MET E 83 -48.41 23.00 14.75
CA MET E 83 -48.83 22.71 16.12
C MET E 83 -50.34 22.74 16.18
N ASN E 84 -50.95 21.58 16.41
CA ASN E 84 -52.39 21.45 16.52
C ASN E 84 -52.74 20.70 17.80
N SER E 85 -53.93 21.02 18.34
CA SER E 85 -54.49 20.43 19.56
C SER E 85 -53.54 20.60 20.75
N LEU E 86 -53.27 21.87 21.08
CA LEU E 86 -52.37 22.21 22.15
C LEU E 86 -53.09 22.22 23.49
N ARG E 87 -52.31 22.14 24.56
CA ARG E 87 -52.83 22.16 25.92
C ARG E 87 -51.86 22.97 26.79
N ASP E 88 -52.10 22.97 28.10
CA ASP E 88 -51.24 23.69 29.03
C ASP E 88 -49.92 22.98 29.28
N GLU E 89 -49.85 21.67 29.02
CA GLU E 89 -48.62 20.93 29.22
C GLU E 89 -47.58 21.21 28.14
N ASP E 90 -48.02 21.66 26.96
CA ASP E 90 -47.13 21.93 25.85
C ASP E 90 -46.49 23.31 25.91
N THR E 91 -46.70 24.06 26.98
CA THR E 91 -46.10 25.38 27.14
C THR E 91 -44.63 25.21 27.48
N ALA E 92 -43.76 25.34 26.48
CA ALA E 92 -42.33 25.14 26.65
C ALA E 92 -41.60 25.94 25.59
N VAL E 93 -40.27 25.79 25.58
CA VAL E 93 -39.40 26.43 24.59
C VAL E 93 -38.97 25.37 23.60
N TYR E 94 -39.28 25.60 22.32
CA TYR E 94 -39.02 24.64 21.26
C TYR E 94 -37.69 24.94 20.57
N TYR E 95 -37.03 23.87 20.12
CA TYR E 95 -35.75 23.99 19.43
C TYR E 95 -35.74 23.04 18.24
N CYS E 96 -34.93 23.39 17.24
CA CYS E 96 -34.66 22.52 16.11
C CYS E 96 -33.16 22.24 16.07
N ALA E 97 -32.79 20.97 15.83
CA ALA E 97 -31.42 20.55 15.85
C ALA E 97 -31.09 19.78 14.58
N ARG E 98 -29.81 19.79 14.22
CA ARG E 98 -29.30 19.08 13.05
C ARG E 98 -28.54 17.84 13.51
N ASP E 99 -28.79 16.71 12.86
CA ASP E 99 -28.12 15.47 13.21
C ASP E 99 -26.67 15.49 12.73
N ARG E 100 -25.84 14.70 13.41
CA ARG E 100 -24.42 14.64 13.06
C ARG E 100 -24.21 13.78 11.82
N GLY E 101 -24.58 12.51 11.89
CA GLY E 101 -24.54 11.66 10.72
C GLY E 101 -23.53 10.52 10.78
N CYS E 102 -22.33 10.79 11.30
CA CYS E 102 -21.27 9.80 11.31
C CYS E 102 -20.54 9.86 12.64
N SER E 103 -19.51 9.03 12.77
CA SER E 103 -18.69 8.96 13.98
C SER E 103 -17.33 9.62 13.80
N SER E 104 -17.09 10.25 12.66
CA SER E 104 -15.82 10.91 12.41
C SER E 104 -15.92 12.39 12.75
N THR E 105 -14.90 13.17 12.39
CA THR E 105 -14.90 14.60 12.70
C THR E 105 -15.86 15.35 11.80
N ASN E 106 -15.62 15.32 10.49
CA ASN E 106 -16.49 15.94 9.51
C ASN E 106 -17.18 14.87 8.69
N CYS E 107 -18.51 14.85 8.73
CA CYS E 107 -19.31 13.83 8.06
C CYS E 107 -19.59 14.29 6.63
N TYR E 108 -18.79 13.81 5.68
CA TYR E 108 -19.04 14.11 4.27
C TYR E 108 -20.22 13.32 3.73
N VAL E 109 -20.49 12.15 4.30
CA VAL E 109 -21.67 11.35 3.97
C VAL E 109 -22.58 11.36 5.18
N VAL E 110 -23.69 12.07 5.10
CA VAL E 110 -24.60 12.23 6.23
C VAL E 110 -25.40 10.95 6.41
N GLY E 111 -25.50 10.48 7.64
CA GLY E 111 -26.20 9.25 7.93
C GLY E 111 -27.55 9.46 8.61
N TYR E 112 -27.60 9.22 9.92
CA TYR E 112 -28.84 9.32 10.68
C TYR E 112 -28.54 9.95 12.03
N TYR E 113 -29.50 9.83 12.96
CA TYR E 113 -29.43 10.46 14.27
C TYR E 113 -28.75 9.56 15.32
N PHE E 114 -27.91 8.62 14.89
CA PHE E 114 -27.32 7.67 15.83
C PHE E 114 -26.05 8.19 16.48
N TYR E 115 -25.65 9.43 16.23
CA TYR E 115 -24.43 9.98 16.82
C TYR E 115 -24.66 11.41 17.30
N GLY E 116 -25.81 11.66 17.91
CA GLY E 116 -26.08 12.94 18.53
C GLY E 116 -26.39 14.05 17.55
N MET E 117 -26.62 15.24 18.10
CA MET E 117 -26.94 16.44 17.34
C MET E 117 -26.01 17.55 17.80
N ASP E 118 -25.04 17.91 16.96
CA ASP E 118 -24.01 18.87 17.32
C ASP E 118 -24.41 20.31 17.04
N VAL E 119 -25.51 20.54 16.33
CA VAL E 119 -25.96 21.89 15.96
C VAL E 119 -27.27 22.16 16.66
N TRP E 120 -27.32 23.26 17.42
CA TRP E 120 -28.54 23.68 18.11
C TRP E 120 -28.75 25.16 17.89
N GLY E 121 -30.03 25.56 17.83
CA GLY E 121 -30.39 26.94 17.61
C GLY E 121 -30.64 27.70 18.90
N GLN E 122 -31.06 28.95 18.74
CA GLN E 122 -31.31 29.80 19.90
C GLN E 122 -32.66 29.48 20.54
N GLY E 123 -33.68 29.20 19.74
CA GLY E 123 -34.98 28.85 20.24
C GLY E 123 -35.88 30.07 20.45
N THR E 124 -37.18 29.78 20.51
CA THR E 124 -38.18 30.81 20.73
C THR E 124 -39.16 30.35 21.80
N THR E 125 -39.71 31.32 22.54
CA THR E 125 -40.61 31.04 23.64
C THR E 125 -42.05 31.01 23.12
N VAL E 126 -42.71 29.87 23.29
CA VAL E 126 -44.10 29.70 22.87
C VAL E 126 -44.93 29.48 24.14
N THR E 127 -45.71 30.48 24.51
CA THR E 127 -46.53 30.42 25.72
C THR E 127 -47.97 30.10 25.32
N VAL E 128 -48.50 29.02 25.87
CA VAL E 128 -49.86 28.58 25.60
C VAL E 128 -50.67 28.80 26.88
N SER E 129 -51.41 29.90 26.93
CA SER E 129 -52.22 30.22 28.09
C SER E 129 -53.41 31.08 27.65
N SER E 130 -54.55 30.89 28.30
CA SER E 130 -55.76 31.63 27.97
C SER E 130 -55.81 33.00 28.64
N ALA E 131 -54.88 33.31 29.54
CA ALA E 131 -54.87 34.60 30.21
C ALA E 131 -54.32 35.68 29.29
N SER E 132 -54.89 36.87 29.40
CA SER E 132 -54.47 38.00 28.58
C SER E 132 -53.35 38.77 29.28
N THR E 133 -52.92 39.86 28.67
CA THR E 133 -51.86 40.69 29.23
C THR E 133 -52.42 41.52 30.38
N LYS E 134 -51.79 41.40 31.55
CA LYS E 134 -52.21 42.10 32.75
C LYS E 134 -51.00 42.71 33.43
N GLY E 135 -51.16 43.94 33.91
CA GLY E 135 -50.09 44.64 34.59
C GLY E 135 -49.80 44.06 35.96
N PRO E 136 -48.59 44.28 36.46
CA PRO E 136 -48.22 43.72 37.76
C PRO E 136 -48.79 44.53 38.93
N SER E 137 -48.92 43.84 40.07
CA SER E 137 -49.40 44.45 41.30
C SER E 137 -48.27 44.38 42.32
N VAL E 138 -47.73 45.54 42.67
CA VAL E 138 -46.59 45.64 43.58
C VAL E 138 -47.10 45.76 45.00
N PHE E 139 -46.58 44.90 45.89
CA PHE E 139 -46.95 44.94 47.31
C PHE E 139 -45.66 45.07 48.12
N PRO E 140 -45.51 46.12 48.92
CA PRO E 140 -44.29 46.28 49.71
C PRO E 140 -44.29 45.37 50.93
N LEU E 141 -43.11 45.25 51.53
CA LEU E 141 -42.91 44.42 52.72
C LEU E 141 -42.25 45.28 53.80
N ALA E 142 -42.89 45.38 54.95
CA ALA E 142 -42.35 46.17 56.05
C ALA E 142 -41.23 45.41 56.74
N PRO E 143 -40.01 45.94 56.79
CA PRO E 143 -38.92 45.23 57.46
C PRO E 143 -38.99 45.36 58.98
N SER E 144 -38.24 44.49 59.64
CA SER E 144 -38.19 44.48 61.10
C SER E 144 -36.84 43.94 61.55
N SER E 145 -36.47 44.28 62.78
CA SER E 145 -35.20 43.84 63.35
C SER E 145 -35.31 42.39 63.80
N LYS E 146 -34.48 41.52 63.23
CA LYS E 146 -34.47 40.11 63.57
C LYS E 146 -33.15 39.68 64.21
N SER E 147 -32.02 39.99 63.59
CA SER E 147 -30.72 39.62 64.12
C SER E 147 -30.29 40.63 65.17
N THR E 148 -30.17 40.18 66.42
CA THR E 148 -29.78 41.08 67.51
C THR E 148 -28.28 41.36 67.49
N SER E 149 -27.46 40.31 67.42
CA SER E 149 -26.01 40.49 67.44
C SER E 149 -25.48 40.98 66.09
N GLY E 150 -26.13 40.61 64.99
CA GLY E 150 -25.68 41.01 63.68
C GLY E 150 -26.19 42.38 63.27
N GLY E 151 -27.44 42.67 63.59
CA GLY E 151 -28.02 43.95 63.25
C GLY E 151 -28.41 44.11 61.80
N THR E 152 -29.03 43.09 61.22
CA THR E 152 -29.45 43.12 59.82
C THR E 152 -30.98 43.02 59.73
N ALA E 153 -31.51 43.47 58.60
CA ALA E 153 -32.94 43.44 58.36
C ALA E 153 -33.18 43.33 56.86
N ALA E 154 -34.03 42.38 56.47
CA ALA E 154 -34.32 42.13 55.07
C ALA E 154 -35.60 42.85 54.66
N LEU E 155 -35.67 43.20 53.37
CA LEU E 155 -36.83 43.87 52.81
C LEU E 155 -36.91 43.55 51.32
N GLY E 156 -38.13 43.61 50.79
CA GLY E 156 -38.31 43.32 49.38
C GLY E 156 -39.67 43.76 48.89
N CYS E 157 -40.00 43.33 47.68
CA CYS E 157 -41.27 43.66 47.05
C CYS E 157 -41.84 42.41 46.39
N LEU E 158 -43.16 42.32 46.38
CA LEU E 158 -43.87 41.17 45.84
C LEU E 158 -44.55 41.56 44.53
N VAL E 159 -44.13 40.94 43.44
CA VAL E 159 -44.75 41.14 42.13
C VAL E 159 -45.65 39.94 41.87
N LYS E 160 -46.96 40.15 41.93
CA LYS E 160 -47.94 39.08 41.81
C LYS E 160 -49.00 39.47 40.79
N ASP E 161 -49.56 38.45 40.14
CA ASP E 161 -50.66 38.55 39.16
C ASP E 161 -50.27 39.44 37.98
N TYR E 162 -49.27 39.00 37.23
CA TYR E 162 -48.83 39.67 36.03
C TYR E 162 -48.76 38.67 34.88
N PHE E 163 -48.80 39.19 33.67
CA PHE E 163 -48.71 38.39 32.45
C PHE E 163 -48.25 39.25 31.29
N PRO E 164 -47.27 38.81 30.49
CA PRO E 164 -46.53 37.55 30.64
C PRO E 164 -45.18 37.73 31.32
N GLU E 165 -44.42 36.65 31.43
CA GLU E 165 -43.09 36.65 32.01
C GLU E 165 -42.06 37.13 30.97
N PRO E 166 -40.96 37.76 31.41
CA PRO E 166 -40.57 38.17 32.77
C PRO E 166 -40.76 39.67 33.03
N VAL E 167 -40.35 40.10 34.22
CA VAL E 167 -40.39 41.51 34.61
C VAL E 167 -39.02 41.86 35.18
N THR E 168 -38.36 42.86 34.59
CA THR E 168 -37.07 43.32 35.08
C THR E 168 -37.29 44.15 36.34
N VAL E 169 -36.89 43.61 37.49
CA VAL E 169 -37.07 44.27 38.78
C VAL E 169 -35.70 44.62 39.35
N SER E 170 -35.52 45.89 39.70
CA SER E 170 -34.27 46.38 40.26
C SER E 170 -34.59 47.29 41.43
N TRP E 171 -33.57 47.98 41.94
CA TRP E 171 -33.71 48.88 43.08
C TRP E 171 -33.04 50.20 42.76
N ASN E 172 -33.79 51.29 42.93
CA ASN E 172 -33.34 52.68 42.69
C ASN E 172 -32.84 52.87 41.26
N SER E 173 -33.55 52.27 40.30
CA SER E 173 -33.27 52.33 38.87
C SER E 173 -31.86 51.83 38.55
N GLY E 174 -31.45 50.74 39.20
CA GLY E 174 -30.15 50.14 38.97
C GLY E 174 -29.03 50.65 39.84
N ALA E 175 -29.32 51.55 40.79
CA ALA E 175 -28.26 52.08 41.65
C ALA E 175 -27.88 51.08 42.73
N LEU E 176 -28.85 50.34 43.27
CA LEU E 176 -28.61 49.34 44.31
C LEU E 176 -28.59 47.97 43.67
N THR E 177 -27.39 47.42 43.46
CA THR E 177 -27.22 46.12 42.85
C THR E 177 -26.53 45.08 43.75
N SER E 178 -25.86 45.52 44.81
CA SER E 178 -25.16 44.61 45.70
C SER E 178 -26.14 43.88 46.61
N GLY E 179 -26.07 42.55 46.62
CA GLY E 179 -26.93 41.76 47.46
C GLY E 179 -28.34 41.55 46.95
N VAL E 180 -28.62 41.94 45.71
CA VAL E 180 -29.96 41.80 45.13
C VAL E 180 -30.09 40.40 44.55
N HIS E 181 -31.09 39.66 45.01
CA HIS E 181 -31.36 38.31 44.55
C HIS E 181 -32.67 38.29 43.78
N THR E 182 -32.64 37.71 42.58
CA THR E 182 -33.81 37.63 41.71
C THR E 182 -34.37 36.21 41.76
N PHE E 183 -35.63 36.08 42.17
CA PHE E 183 -36.29 34.79 42.27
C PHE E 183 -37.05 34.47 40.98
N PRO E 184 -37.05 33.22 40.55
CA PRO E 184 -37.80 32.87 39.33
C PRO E 184 -39.30 32.86 39.57
N ALA E 185 -40.04 33.06 38.48
CA ALA E 185 -41.49 33.09 38.55
C ALA E 185 -42.07 31.69 38.69
N VAL E 186 -43.15 31.60 39.45
CA VAL E 186 -43.84 30.32 39.68
C VAL E 186 -45.30 30.49 39.30
N LEU E 187 -45.94 29.37 38.95
CA LEU E 187 -47.34 29.38 38.56
C LEU E 187 -48.24 29.45 39.79
N GLN E 188 -49.29 30.25 39.69
CA GLN E 188 -50.28 30.38 40.74
C GLN E 188 -51.51 29.57 40.39
N SER E 189 -52.57 29.71 41.21
CA SER E 189 -53.81 28.97 40.94
C SER E 189 -54.58 29.56 39.77
N SER E 190 -54.43 30.87 39.53
CA SER E 190 -55.11 31.53 38.42
C SER E 190 -54.33 31.45 37.12
N GLY E 191 -53.13 30.87 37.12
CA GLY E 191 -52.32 30.75 35.94
C GLY E 191 -51.34 31.88 35.70
N LEU E 192 -51.35 32.91 36.54
CA LEU E 192 -50.44 34.04 36.37
C LEU E 192 -49.16 33.81 37.17
N TYR E 193 -48.07 34.37 36.66
CA TYR E 193 -46.77 34.20 37.30
C TYR E 193 -46.64 35.12 38.51
N SER E 194 -45.67 34.80 39.37
CA SER E 194 -45.39 35.59 40.56
C SER E 194 -43.97 35.33 41.01
N LEU E 195 -43.22 36.40 41.28
CA LEU E 195 -41.85 36.29 41.78
C LEU E 195 -41.62 37.35 42.85
N SER E 196 -40.38 37.45 43.32
CA SER E 196 -40.02 38.41 44.34
C SER E 196 -38.55 38.75 44.19
N SER E 197 -38.12 39.80 44.89
CA SER E 197 -36.73 40.25 44.86
C SER E 197 -36.41 40.96 46.17
N VAL E 198 -35.35 40.50 46.83
CA VAL E 198 -34.93 41.05 48.11
C VAL E 198 -33.50 41.57 47.96
N VAL E 199 -33.05 42.30 48.99
CA VAL E 199 -31.71 42.87 49.01
C VAL E 199 -31.24 42.93 50.47
N THR E 200 -30.07 42.36 50.74
CA THR E 200 -29.52 42.34 52.08
C THR E 200 -28.99 43.72 52.45
N VAL E 201 -29.61 44.36 53.42
CA VAL E 201 -29.24 45.70 53.87
C VAL E 201 -29.10 45.69 55.39
N PRO E 202 -28.22 46.50 55.97
CA PRO E 202 -28.14 46.58 57.43
C PRO E 202 -29.33 47.33 58.01
N SER E 203 -29.54 47.15 59.32
CA SER E 203 -30.64 47.77 60.02
C SER E 203 -30.41 49.24 60.35
N SER E 204 -29.19 49.74 60.17
CA SER E 204 -28.91 51.14 60.48
C SER E 204 -29.40 52.09 59.40
N SER E 205 -29.66 51.60 58.19
CA SER E 205 -30.10 52.42 57.08
C SER E 205 -31.57 52.20 56.74
N LEU E 206 -32.38 51.79 57.73
CA LEU E 206 -33.80 51.58 57.49
C LEU E 206 -34.56 52.89 57.42
N GLY E 207 -34.39 53.75 58.41
CA GLY E 207 -35.06 55.03 58.45
C GLY E 207 -34.34 56.17 57.78
N THR E 208 -33.19 55.91 57.14
CA THR E 208 -32.42 56.95 56.47
C THR E 208 -32.35 56.73 54.96
N GLN E 209 -31.96 55.54 54.51
CA GLN E 209 -31.84 55.26 53.09
C GLN E 209 -33.20 54.91 52.51
N THR E 210 -33.55 55.56 51.41
CA THR E 210 -34.82 55.31 50.73
C THR E 210 -34.65 54.18 49.73
N TYR E 211 -35.46 53.14 49.87
CA TYR E 211 -35.40 51.96 49.00
C TYR E 211 -36.67 51.94 48.14
N ILE E 212 -36.51 52.26 46.85
CA ILE E 212 -37.61 52.29 45.90
C ILE E 212 -37.48 51.07 44.99
N CYS E 213 -38.42 50.15 45.10
CA CYS E 213 -38.42 48.95 44.27
C CYS E 213 -39.09 49.28 42.94
N ASN E 214 -38.29 49.35 41.88
CA ASN E 214 -38.78 49.71 40.55
C ASN E 214 -39.24 48.46 39.81
N VAL E 215 -40.46 48.50 39.29
CA VAL E 215 -41.05 47.40 38.53
C VAL E 215 -41.42 47.93 37.15
N ASN E 216 -40.81 47.35 36.11
CA ASN E 216 -41.05 47.77 34.74
C ASN E 216 -41.44 46.56 33.91
N HIS E 217 -42.54 46.69 33.17
CA HIS E 217 -43.05 45.63 32.31
C HIS E 217 -43.01 46.11 30.86
N LYS E 218 -42.43 45.29 29.98
CA LYS E 218 -42.26 45.73 28.59
C LYS E 218 -43.56 45.70 27.77
N PRO E 219 -44.28 44.57 27.60
CA PRO E 219 -45.39 44.58 26.64
C PRO E 219 -46.65 45.27 27.14
N SER E 220 -46.76 45.56 28.44
CA SER E 220 -47.94 46.22 28.98
C SER E 220 -47.70 47.69 29.31
N ASN E 221 -46.44 48.13 29.32
CA ASN E 221 -46.02 49.52 29.60
C ASN E 221 -46.52 50.00 30.97
N THR E 222 -46.40 49.13 31.97
CA THR E 222 -46.84 49.43 33.34
C THR E 222 -45.62 49.63 34.22
N LYS E 223 -45.54 50.78 34.87
CA LYS E 223 -44.42 51.13 35.75
C LYS E 223 -44.99 51.58 37.10
N VAL E 224 -44.95 50.69 38.08
CA VAL E 224 -45.47 50.96 39.42
C VAL E 224 -44.29 50.95 40.39
N ASP E 225 -44.05 52.08 41.04
CA ASP E 225 -42.98 52.24 42.01
C ASP E 225 -43.58 52.37 43.40
N LYS E 226 -43.20 51.46 44.30
CA LYS E 226 -43.69 51.46 45.67
C LYS E 226 -42.49 51.57 46.62
N LYS E 227 -42.55 52.53 47.53
CA LYS E 227 -41.48 52.74 48.49
C LYS E 227 -41.53 51.69 49.59
N VAL E 228 -40.40 51.05 49.85
CA VAL E 228 -40.29 50.01 50.86
C VAL E 228 -39.76 50.67 52.14
N GLU E 229 -40.62 50.80 53.14
CA GLU E 229 -40.25 51.41 54.41
C GLU E 229 -40.94 50.70 55.58
N ASP F 1 -41.60 1.78 28.04
CA ASP F 1 -40.59 2.70 27.54
C ASP F 1 -39.32 2.62 28.38
N ILE F 2 -38.17 2.59 27.71
CA ILE F 2 -36.89 2.52 28.41
C ILE F 2 -36.56 3.88 29.01
N GLN F 3 -36.33 3.91 30.31
CA GLN F 3 -36.00 5.13 31.04
C GLN F 3 -34.50 5.19 31.29
N MET F 4 -33.88 6.30 30.91
CA MET F 4 -32.43 6.49 31.10
C MET F 4 -32.19 6.85 32.56
N THR F 5 -31.91 5.83 33.37
CA THR F 5 -31.68 6.02 34.79
C THR F 5 -30.27 6.52 35.02
N GLN F 6 -30.14 7.70 35.63
CA GLN F 6 -28.86 8.29 35.97
C GLN F 6 -28.63 8.22 37.47
N SER F 7 -27.36 8.28 37.86
CA SER F 7 -26.97 8.24 39.26
C SER F 7 -25.64 8.96 39.42
N PRO F 8 -25.53 9.92 40.34
CA PRO F 8 -26.60 10.41 41.23
C PRO F 8 -27.41 11.53 40.60
N SER F 9 -28.18 12.24 41.42
CA SER F 9 -28.99 13.36 40.94
C SER F 9 -28.20 14.66 40.87
N SER F 10 -27.21 14.85 41.73
CA SER F 10 -26.41 16.06 41.74
C SER F 10 -25.03 15.74 42.29
N VAL F 11 -24.01 16.36 41.69
CA VAL F 11 -22.62 16.16 42.08
C VAL F 11 -22.05 17.50 42.52
N SER F 12 -21.52 17.55 43.74
CA SER F 12 -20.88 18.75 44.29
C SER F 12 -19.39 18.51 44.35
N ALA F 13 -18.63 19.27 43.55
CA ALA F 13 -17.18 19.12 43.51
C ALA F 13 -16.56 20.49 43.26
N SER F 14 -15.33 20.65 43.74
CA SER F 14 -14.61 21.92 43.60
C SER F 14 -13.79 21.91 42.31
N VAL F 15 -12.95 22.92 42.14
CA VAL F 15 -12.13 23.05 40.94
C VAL F 15 -10.94 22.09 41.05
N GLY F 16 -10.77 21.24 40.06
CA GLY F 16 -9.69 20.27 40.03
C GLY F 16 -10.06 18.86 40.43
N ASP F 17 -11.26 18.66 40.97
CA ASP F 17 -11.69 17.35 41.38
C ASP F 17 -12.18 16.53 40.19
N ARG F 18 -12.35 15.23 40.41
CA ARG F 18 -12.82 14.30 39.39
C ARG F 18 -14.32 14.09 39.55
N VAL F 19 -15.06 14.26 38.47
CA VAL F 19 -16.51 14.10 38.46
C VAL F 19 -16.85 12.79 37.77
N THR F 20 -17.68 11.98 38.41
CA THR F 20 -18.12 10.70 37.87
C THR F 20 -19.63 10.73 37.69
N ILE F 21 -20.07 10.76 36.44
CA ILE F 21 -21.49 10.81 36.09
C ILE F 21 -21.83 9.54 35.33
N THR F 22 -22.79 8.78 35.86
CA THR F 22 -23.21 7.52 35.26
C THR F 22 -24.61 7.66 34.67
N CYS F 23 -24.87 6.88 33.62
CA CYS F 23 -26.18 6.87 32.97
C CYS F 23 -26.37 5.50 32.34
N ARG F 24 -27.23 4.69 32.93
CA ARG F 24 -27.46 3.32 32.51
C ARG F 24 -28.68 3.23 31.62
N ALA F 25 -28.87 2.04 31.03
CA ALA F 25 -30.01 1.76 30.17
C ALA F 25 -30.36 0.28 30.30
N SER F 26 -31.16 -0.23 29.36
CA SER F 26 -31.57 -1.62 29.36
C SER F 26 -31.19 -2.35 28.07
N GLN F 27 -30.42 -1.72 27.19
CA GLN F 27 -30.00 -2.35 25.94
C GLN F 27 -28.62 -1.81 25.57
N GLY F 28 -28.15 -2.20 24.39
CA GLY F 28 -26.81 -1.84 23.95
C GLY F 28 -26.72 -0.50 23.24
N ILE F 29 -26.21 0.51 23.94
CA ILE F 29 -26.01 1.84 23.37
C ILE F 29 -24.55 2.22 23.50
N SER F 30 -23.66 1.24 23.33
CA SER F 30 -22.22 1.46 23.50
C SER F 30 -21.65 2.37 22.42
N SER F 31 -22.26 2.40 21.24
CA SER F 31 -21.87 3.31 20.17
C SER F 31 -22.97 4.29 19.81
N TYR F 32 -24.06 4.32 20.57
CA TYR F 32 -25.23 5.15 20.27
C TYR F 32 -25.68 5.90 21.52
N LEU F 33 -24.74 6.52 22.21
CA LEU F 33 -25.03 7.32 23.40
C LEU F 33 -24.41 8.70 23.23
N ALA F 34 -25.23 9.74 23.39
CA ALA F 34 -24.81 11.11 23.19
C ALA F 34 -24.92 11.88 24.49
N TRP F 35 -23.85 12.59 24.86
CA TRP F 35 -23.83 13.43 26.05
C TRP F 35 -23.88 14.90 25.65
N TYR F 36 -24.70 15.67 26.37
CA TYR F 36 -24.90 17.08 26.08
C TYR F 36 -24.57 17.92 27.31
N GLN F 37 -24.31 19.20 27.06
CA GLN F 37 -24.04 20.17 28.12
C GLN F 37 -25.17 21.21 28.08
N LEU F 38 -26.19 21.00 28.90
CA LEU F 38 -27.35 21.89 28.93
C LEU F 38 -27.11 23.01 29.93
N LYS F 39 -27.28 24.25 29.47
CA LYS F 39 -27.11 25.42 30.31
C LYS F 39 -28.42 26.20 30.38
N PRO F 40 -28.72 26.83 31.53
CA PRO F 40 -29.95 27.65 31.63
C PRO F 40 -29.81 28.93 30.83
N GLY F 41 -30.71 29.12 29.85
CA GLY F 41 -30.68 30.29 29.01
C GLY F 41 -29.71 30.23 27.86
N ARG F 42 -29.09 29.08 27.61
CA ARG F 42 -28.15 28.92 26.51
C ARG F 42 -28.52 27.68 25.70
N ALA F 43 -27.96 27.60 24.49
CA ALA F 43 -28.21 26.49 23.61
C ALA F 43 -27.40 25.27 24.05
N PRO F 44 -27.96 24.06 23.91
CA PRO F 44 -27.20 22.85 24.27
C PRO F 44 -26.09 22.58 23.26
N LYS F 45 -25.06 21.90 23.74
CA LYS F 45 -23.89 21.56 22.94
C LYS F 45 -23.56 20.08 23.13
N LEU F 46 -23.29 19.39 22.03
CA LEU F 46 -22.95 17.97 22.08
C LEU F 46 -21.56 17.80 22.66
N LEU F 47 -21.47 17.10 23.79
CA LEU F 47 -20.19 16.91 24.49
C LEU F 47 -19.46 15.67 24.00
N ILE F 48 -20.08 14.50 24.15
CA ILE F 48 -19.48 13.22 23.77
C ILE F 48 -20.50 12.47 22.93
N TYR F 49 -20.12 12.11 21.71
CA TYR F 49 -20.98 11.36 20.80
C TYR F 49 -20.51 9.91 20.71
N GLY F 50 -21.46 8.99 20.75
CA GLY F 50 -21.14 7.57 20.68
C GLY F 50 -20.52 6.97 21.92
N ALA F 51 -20.45 7.74 23.01
CA ALA F 51 -19.93 7.37 24.33
C ALA F 51 -18.45 6.97 24.32
N THR F 52 -17.72 7.24 23.24
CA THR F 52 -16.30 6.92 23.16
C THR F 52 -15.43 8.03 22.59
N ARG F 53 -15.97 8.97 21.82
CA ARG F 53 -15.18 9.96 21.11
C ARG F 53 -15.58 11.36 21.56
N LEU F 54 -14.66 12.31 21.36
CA LEU F 54 -14.87 13.69 21.75
C LEU F 54 -15.33 14.52 20.56
N GLN F 55 -16.31 15.39 20.80
CA GLN F 55 -16.79 16.30 19.76
C GLN F 55 -15.76 17.37 19.48
N SER F 56 -15.61 17.71 18.19
CA SER F 56 -14.67 18.75 17.79
C SER F 56 -15.12 20.12 18.29
N GLY F 57 -14.15 20.95 18.66
CA GLY F 57 -14.41 22.22 19.30
C GLY F 57 -14.37 22.17 20.81
N VAL F 58 -14.62 21.00 21.39
CA VAL F 58 -14.55 20.79 22.84
C VAL F 58 -13.11 20.47 23.19
N PRO F 59 -12.53 21.09 24.21
CA PRO F 59 -11.16 20.76 24.62
C PRO F 59 -11.07 19.37 25.26
N SER F 60 -9.85 18.93 25.47
CA SER F 60 -9.56 17.58 25.95
C SER F 60 -9.68 17.43 27.46
N ARG F 61 -10.31 18.38 28.16
CA ARG F 61 -10.51 18.24 29.59
C ARG F 61 -11.60 17.22 29.93
N PHE F 62 -12.51 16.95 29.01
CA PHE F 62 -13.56 15.97 29.23
C PHE F 62 -13.13 14.62 28.65
N SER F 63 -13.67 13.56 29.24
CA SER F 63 -13.39 12.19 28.79
C SER F 63 -14.60 11.31 29.10
N GLY F 64 -14.56 10.09 28.60
CA GLY F 64 -15.64 9.16 28.85
C GLY F 64 -15.53 7.86 28.06
N SER F 65 -16.06 6.78 28.63
CA SER F 65 -16.05 5.47 27.99
C SER F 65 -17.21 4.66 28.56
N GLY F 66 -17.33 3.43 28.07
CA GLY F 66 -18.40 2.54 28.50
C GLY F 66 -19.22 2.04 27.33
N SER F 67 -19.62 0.78 27.41
CA SER F 67 -20.42 0.16 26.34
C SER F 67 -21.73 -0.39 26.88
N GLY F 68 -21.92 -1.70 26.72
CA GLY F 68 -23.13 -2.35 27.18
C GLY F 68 -24.11 -1.39 27.80
N THR F 69 -24.32 -1.51 29.11
CA THR F 69 -25.21 -0.63 29.85
C THR F 69 -24.49 0.27 30.84
N ASP F 70 -23.27 -0.06 31.24
CA ASP F 70 -22.52 0.74 32.19
C ASP F 70 -21.72 1.79 31.45
N PHE F 71 -21.89 3.05 31.86
CA PHE F 71 -21.17 4.17 31.26
C PHE F 71 -20.70 5.10 32.36
N THR F 72 -19.58 5.79 32.10
CA THR F 72 -18.96 6.67 33.07
C THR F 72 -18.46 7.92 32.37
N LEU F 73 -18.94 9.07 32.82
CA LEU F 73 -18.47 10.37 32.33
C LEU F 73 -17.43 10.90 33.31
N THR F 74 -16.16 10.83 32.91
CA THR F 74 -15.05 11.21 33.76
C THR F 74 -14.53 12.58 33.33
N ILE F 75 -14.56 13.55 34.25
CA ILE F 75 -14.10 14.90 34.00
C ILE F 75 -12.91 15.15 34.93
N SER F 76 -11.70 14.97 34.41
CA SER F 76 -10.48 15.23 35.16
C SER F 76 -9.92 16.62 34.91
N GLY F 77 -10.63 17.44 34.15
CA GLY F 77 -10.19 18.79 33.82
C GLY F 77 -11.24 19.83 34.11
N LEU F 78 -11.94 19.68 35.23
CA LEU F 78 -13.08 20.52 35.57
C LEU F 78 -12.63 21.95 35.85
N GLN F 79 -13.22 22.90 35.12
CA GLN F 79 -13.00 24.32 35.21
C GLN F 79 -14.18 25.01 35.92
N PRO F 80 -13.97 26.17 36.56
CA PRO F 80 -15.10 26.87 37.18
C PRO F 80 -16.09 27.46 36.19
N GLU F 81 -15.72 27.60 34.91
CA GLU F 81 -16.63 28.09 33.89
C GLU F 81 -17.33 26.99 33.12
N ASP F 82 -17.30 25.76 33.62
CA ASP F 82 -17.91 24.61 32.94
C ASP F 82 -18.94 23.90 33.80
N PHE F 83 -19.46 24.57 34.83
CA PHE F 83 -20.48 23.97 35.70
C PHE F 83 -21.85 24.09 35.03
N ALA F 84 -22.39 22.96 34.58
CA ALA F 84 -23.69 22.93 33.94
C ALA F 84 -24.32 21.56 34.16
N THR F 85 -25.56 21.41 33.71
CA THR F 85 -26.30 20.16 33.84
C THR F 85 -26.10 19.31 32.59
N TYR F 86 -25.66 18.08 32.77
CA TYR F 86 -25.38 17.16 31.67
C TYR F 86 -26.49 16.12 31.55
N HIS F 87 -26.76 15.73 30.31
CA HIS F 87 -27.80 14.76 30.00
C HIS F 87 -27.27 13.72 29.02
N CYS F 88 -27.85 12.52 29.07
CA CYS F 88 -27.53 11.44 28.16
C CYS F 88 -28.74 11.14 27.27
N GLN F 89 -28.50 11.00 25.98
CA GLN F 89 -29.55 10.72 25.00
C GLN F 89 -29.34 9.34 24.39
N GLN F 90 -30.41 8.54 24.40
CA GLN F 90 -30.38 7.23 23.78
C GLN F 90 -30.66 7.37 22.28
N ALA F 91 -29.75 6.85 21.46
CA ALA F 91 -29.90 6.92 20.01
C ALA F 91 -30.33 5.59 19.40
N ASP F 92 -30.26 4.49 20.16
CA ASP F 92 -30.70 3.18 19.70
C ASP F 92 -31.66 2.63 20.76
N SER F 93 -32.97 2.75 20.53
CA SER F 93 -33.55 3.22 19.27
C SER F 93 -34.69 4.20 19.53
N PHE F 94 -35.49 4.45 18.51
CA PHE F 94 -36.60 5.40 18.63
C PHE F 94 -37.69 4.82 19.55
N PRO F 95 -38.35 5.66 20.37
CA PRO F 95 -38.20 7.12 20.52
C PRO F 95 -36.98 7.54 21.36
N LEU F 96 -36.48 8.74 21.08
CA LEU F 96 -35.27 9.26 21.73
C LEU F 96 -35.62 9.73 23.12
N THR F 97 -35.54 8.83 24.09
CA THR F 97 -35.85 9.15 25.48
C THR F 97 -34.63 9.78 26.14
N PHE F 98 -34.80 10.98 26.68
CA PHE F 98 -33.73 11.68 27.37
C PHE F 98 -33.67 11.27 28.84
N GLY F 99 -32.53 11.57 29.47
CA GLY F 99 -32.33 11.24 30.87
C GLY F 99 -32.85 12.32 31.80
N GLN F 100 -32.69 12.06 33.10
CA GLN F 100 -33.13 13.00 34.11
C GLN F 100 -32.18 14.19 34.22
N GLY F 101 -30.89 13.95 34.15
CA GLY F 101 -29.91 15.02 34.22
C GLY F 101 -29.28 15.17 35.58
N THR F 102 -27.98 15.42 35.62
CA THR F 102 -27.23 15.60 36.86
C THR F 102 -26.75 17.04 36.93
N ARG F 103 -27.17 17.76 37.97
CA ARG F 103 -26.78 19.15 38.15
C ARG F 103 -25.44 19.21 38.86
N LEU F 104 -24.42 19.73 38.17
CA LEU F 104 -23.08 19.84 38.72
C LEU F 104 -22.94 21.17 39.44
N GLU F 105 -22.62 21.12 40.73
CA GLU F 105 -22.49 22.31 41.56
C GLU F 105 -21.09 22.36 42.18
N ILE F 106 -20.75 23.53 42.70
CA ILE F 106 -19.46 23.76 43.33
C ILE F 106 -19.56 23.39 44.80
N LYS F 107 -18.58 22.62 45.28
CA LYS F 107 -18.55 22.24 46.69
C LYS F 107 -18.12 23.43 47.54
N ARG F 108 -18.99 23.86 48.44
CA ARG F 108 -18.75 25.01 49.30
C ARG F 108 -18.89 24.62 50.77
N THR F 109 -18.55 25.56 51.64
CA THR F 109 -18.65 25.34 53.07
C THR F 109 -20.09 25.51 53.54
N VAL F 110 -20.55 24.56 54.34
CA VAL F 110 -21.92 24.61 54.87
C VAL F 110 -22.01 25.69 55.93
N ALA F 111 -22.88 26.66 55.71
CA ALA F 111 -23.06 27.79 56.62
C ALA F 111 -24.47 27.78 57.19
N ALA F 112 -24.63 28.47 58.32
CA ALA F 112 -25.93 28.54 58.98
C ALA F 112 -26.83 29.55 58.27
N PRO F 113 -28.04 29.17 57.86
CA PRO F 113 -28.93 30.12 57.19
C PRO F 113 -29.57 31.09 58.18
N SER F 114 -29.81 32.30 57.70
CA SER F 114 -30.44 33.34 58.50
C SER F 114 -31.95 33.32 58.24
N VAL F 115 -32.72 33.08 59.30
CA VAL F 115 -34.17 32.98 59.17
C VAL F 115 -34.77 34.37 59.12
N PHE F 116 -35.59 34.63 58.09
CA PHE F 116 -36.30 35.89 57.95
C PHE F 116 -37.78 35.61 57.77
N ILE F 117 -38.60 36.64 58.00
CA ILE F 117 -40.05 36.55 57.82
C ILE F 117 -40.55 37.94 57.45
N PHE F 118 -41.74 37.98 56.86
CA PHE F 118 -42.33 39.24 56.41
C PHE F 118 -43.81 39.29 56.72
N PRO F 119 -44.25 40.21 57.59
CA PRO F 119 -45.69 40.37 57.81
C PRO F 119 -46.34 41.04 56.62
N PRO F 120 -47.64 40.81 56.41
CA PRO F 120 -48.34 41.48 55.29
C PRO F 120 -48.54 42.96 55.58
N SER F 121 -48.25 43.78 54.57
CA SER F 121 -48.37 45.22 54.69
C SER F 121 -49.82 45.65 54.49
N ASP F 122 -50.08 46.95 54.67
CA ASP F 122 -51.42 47.48 54.52
C ASP F 122 -51.85 47.62 53.07
N GLU F 123 -50.89 47.62 52.13
CA GLU F 123 -51.24 47.74 50.72
C GLU F 123 -51.81 46.44 50.16
N GLN F 124 -51.52 45.31 50.79
CA GLN F 124 -52.00 44.02 50.31
C GLN F 124 -53.30 43.57 50.98
N LEU F 125 -53.50 43.94 52.25
CA LEU F 125 -54.70 43.52 52.97
C LEU F 125 -55.93 44.27 52.47
N LYS F 126 -55.77 45.49 51.97
CA LYS F 126 -56.89 46.25 51.44
C LYS F 126 -57.28 45.82 50.03
N SER F 127 -56.42 45.07 49.34
CA SER F 127 -56.73 44.59 48.00
C SER F 127 -57.57 43.33 47.98
N GLY F 128 -57.71 42.65 49.11
CA GLY F 128 -58.51 41.44 49.19
C GLY F 128 -57.73 40.15 49.23
N THR F 129 -56.42 40.19 49.45
CA THR F 129 -55.61 38.98 49.50
C THR F 129 -54.60 39.10 50.64
N ALA F 130 -53.86 38.02 50.86
CA ALA F 130 -52.86 37.97 51.92
C ALA F 130 -51.81 36.94 51.57
N SER F 131 -50.58 37.19 52.01
CA SER F 131 -49.47 36.28 51.75
C SER F 131 -48.40 36.49 52.82
N VAL F 132 -47.85 35.39 53.32
CA VAL F 132 -46.78 35.42 54.31
C VAL F 132 -45.50 34.93 53.64
N VAL F 133 -44.45 35.74 53.74
CA VAL F 133 -43.18 35.47 53.06
C VAL F 133 -42.17 35.01 54.11
N CYS F 134 -41.54 33.85 53.86
CA CYS F 134 -40.50 33.31 54.72
C CYS F 134 -39.22 33.21 53.89
N LEU F 135 -38.23 34.03 54.23
CA LEU F 135 -37.02 34.16 53.44
C LEU F 135 -35.86 33.43 54.11
N LEU F 136 -35.11 32.68 53.30
CA LEU F 136 -33.94 31.95 53.76
C LEU F 136 -32.75 32.34 52.89
N ASN F 137 -31.69 32.84 53.52
CA ASN F 137 -30.49 33.27 52.82
C ASN F 137 -29.26 32.60 53.40
N ASN F 138 -28.23 32.45 52.55
CA ASN F 138 -26.92 31.90 52.88
C ASN F 138 -27.02 30.47 53.44
N PHE F 139 -27.52 29.58 52.60
CA PHE F 139 -27.64 28.17 52.96
C PHE F 139 -27.03 27.31 51.86
N TYR F 140 -26.41 26.21 52.27
CA TYR F 140 -25.78 25.28 51.34
C TYR F 140 -25.83 23.89 51.96
N PRO F 141 -26.27 22.86 51.22
CA PRO F 141 -26.74 22.91 49.83
C PRO F 141 -28.21 23.28 49.71
N ARG F 142 -28.82 22.99 48.56
CA ARG F 142 -30.22 23.33 48.32
C ARG F 142 -31.19 22.40 49.02
N GLU F 143 -30.72 21.28 49.57
CA GLU F 143 -31.59 20.33 50.27
C GLU F 143 -31.89 20.88 51.67
N ALA F 144 -32.86 21.78 51.71
CA ALA F 144 -33.30 22.41 52.94
C ALA F 144 -34.80 22.18 53.12
N LYS F 145 -35.20 21.81 54.33
CA LYS F 145 -36.60 21.54 54.65
C LYS F 145 -37.23 22.78 55.28
N VAL F 146 -38.40 23.16 54.78
CA VAL F 146 -39.14 24.31 55.29
C VAL F 146 -40.60 23.92 55.40
N GLN F 147 -41.18 24.07 56.59
CA GLN F 147 -42.56 23.71 56.85
C GLN F 147 -43.31 24.91 57.41
N TRP F 148 -44.64 24.90 57.22
CA TRP F 148 -45.51 25.96 57.69
C TRP F 148 -46.46 25.44 58.75
N LYS F 149 -46.74 26.28 59.74
CA LYS F 149 -47.70 25.96 60.78
C LYS F 149 -48.52 27.21 61.11
N VAL F 150 -49.83 27.04 61.21
CA VAL F 150 -50.76 28.12 61.50
C VAL F 150 -51.57 27.72 62.73
N ASP F 151 -51.41 28.49 63.82
CA ASP F 151 -52.09 28.29 65.10
C ASP F 151 -51.82 26.90 65.67
N ASN F 152 -50.53 26.54 65.73
CA ASN F 152 -50.03 25.24 66.19
C ASN F 152 -50.64 24.08 65.40
N ALA F 153 -50.76 24.27 64.09
CA ALA F 153 -51.31 23.25 63.20
C ALA F 153 -50.64 23.38 61.84
N LEU F 154 -50.01 22.30 61.38
CA LEU F 154 -49.30 22.33 60.11
C LEU F 154 -50.28 22.25 58.94
N GLN F 155 -49.99 23.01 57.90
CA GLN F 155 -50.79 23.03 56.68
C GLN F 155 -49.91 22.70 55.48
N SER F 156 -50.56 22.25 54.40
CA SER F 156 -49.86 21.87 53.19
C SER F 156 -50.80 22.00 52.00
N GLY F 157 -50.21 22.02 50.81
CA GLY F 157 -50.97 22.11 49.59
C GLY F 157 -51.32 23.51 49.14
N ASN F 158 -50.88 24.54 49.87
CA ASN F 158 -51.19 25.92 49.50
C ASN F 158 -49.97 26.83 49.68
N SER F 159 -48.77 26.29 49.50
CA SER F 159 -47.54 27.04 49.68
C SER F 159 -46.66 26.88 48.44
N GLN F 160 -46.00 27.96 48.05
CA GLN F 160 -45.09 27.97 46.92
C GLN F 160 -43.74 28.51 47.36
N GLU F 161 -42.73 28.27 46.53
CA GLU F 161 -41.36 28.70 46.84
C GLU F 161 -40.60 28.93 45.55
N SER F 162 -39.50 29.68 45.66
CA SER F 162 -38.64 29.98 44.52
C SER F 162 -37.19 29.85 44.95
N VAL F 163 -36.39 29.16 44.14
CA VAL F 163 -34.98 28.92 44.43
C VAL F 163 -34.15 29.69 43.40
N THR F 164 -33.23 30.53 43.90
CA THR F 164 -32.36 31.29 43.03
C THR F 164 -31.23 30.42 42.49
N GLU F 165 -30.52 30.94 41.50
CA GLU F 165 -29.37 30.25 40.94
C GLU F 165 -28.14 30.47 41.80
N GLN F 166 -27.07 29.76 41.46
CA GLN F 166 -25.84 29.84 42.22
C GLN F 166 -25.09 31.12 41.86
N ASP F 167 -24.60 31.83 42.88
CA ASP F 167 -23.86 33.06 42.66
C ASP F 167 -22.46 32.75 42.16
N SER F 168 -21.92 33.67 41.35
CA SER F 168 -20.58 33.50 40.80
C SER F 168 -19.49 33.98 41.75
N LYS F 169 -19.83 34.83 42.71
CA LYS F 169 -18.84 35.37 43.66
C LYS F 169 -18.97 34.75 45.05
N ASP F 170 -20.17 34.77 45.63
CA ASP F 170 -20.37 34.25 46.97
C ASP F 170 -20.75 32.77 47.00
N SER F 171 -21.27 32.25 45.88
CA SER F 171 -21.70 30.85 45.72
C SER F 171 -22.74 30.45 46.77
N THR F 172 -23.71 31.34 47.01
CA THR F 172 -24.77 31.11 47.97
C THR F 172 -26.09 30.90 47.25
N TYR F 173 -27.15 30.66 48.02
CA TYR F 173 -28.48 30.43 47.47
C TYR F 173 -29.50 31.19 48.32
N SER F 174 -30.65 31.45 47.72
CA SER F 174 -31.75 32.14 48.38
C SER F 174 -33.05 31.38 48.14
N LEU F 175 -33.91 31.39 49.15
CA LEU F 175 -35.19 30.69 49.09
C LEU F 175 -36.26 31.54 49.75
N SER F 176 -37.36 31.77 49.05
CA SER F 176 -38.48 32.57 49.54
C SER F 176 -39.75 31.73 49.45
N SER F 177 -40.22 31.24 50.59
CA SER F 177 -41.43 30.44 50.64
C SER F 177 -42.64 31.37 50.77
N THR F 178 -43.59 31.23 49.85
CA THR F 178 -44.78 32.07 49.80
C THR F 178 -46.00 31.23 50.09
N LEU F 179 -46.76 31.62 51.12
CA LEU F 179 -47.99 30.94 51.49
C LEU F 179 -49.18 31.68 50.90
N THR F 180 -50.12 30.93 50.33
CA THR F 180 -51.29 31.51 49.68
C THR F 180 -52.41 31.67 50.70
N LEU F 181 -52.84 32.91 50.92
CA LEU F 181 -53.94 33.22 51.82
C LEU F 181 -54.90 34.17 51.12
N SER F 182 -56.03 34.44 51.79
CA SER F 182 -57.03 35.36 51.27
C SER F 182 -57.38 36.43 52.30
N LYS F 183 -58.38 37.25 52.00
CA LYS F 183 -58.79 38.29 52.94
C LYS F 183 -59.57 37.73 54.12
N ALA F 184 -60.44 36.75 53.86
CA ALA F 184 -61.23 36.14 54.93
C ALA F 184 -60.40 35.19 55.78
N ASP F 185 -59.41 34.52 55.19
CA ASP F 185 -58.57 33.59 55.93
C ASP F 185 -57.53 34.30 56.80
N TYR F 186 -57.21 35.55 56.49
CA TYR F 186 -56.23 36.29 57.30
C TYR F 186 -56.85 36.74 58.62
N GLU F 187 -58.12 37.15 58.61
CA GLU F 187 -58.78 37.57 59.83
C GLU F 187 -59.24 36.40 60.69
N LYS F 188 -59.31 35.19 60.13
CA LYS F 188 -59.72 34.02 60.90
C LYS F 188 -58.60 33.52 61.80
N HIS F 189 -57.38 33.46 61.28
CA HIS F 189 -56.23 32.99 62.04
C HIS F 189 -55.47 34.16 62.65
N LYS F 190 -54.73 33.87 63.72
CA LYS F 190 -54.01 34.89 64.47
C LYS F 190 -52.51 34.69 64.43
N VAL F 191 -52.02 33.49 64.74
CA VAL F 191 -50.59 33.22 64.86
C VAL F 191 -50.10 32.55 63.59
N TYR F 192 -49.03 33.08 63.00
CA TYR F 192 -48.40 32.52 61.82
C TYR F 192 -46.92 32.28 62.12
N ALA F 193 -46.38 31.19 61.58
CA ALA F 193 -45.00 30.82 61.84
C ALA F 193 -44.42 30.12 60.62
N CYS F 194 -43.10 29.96 60.63
CA CYS F 194 -42.38 29.32 59.54
C CYS F 194 -41.26 28.48 60.13
N GLU F 195 -41.31 27.16 59.89
CA GLU F 195 -40.29 26.25 60.39
C GLU F 195 -39.13 26.19 59.41
N VAL F 196 -37.91 26.26 59.94
CA VAL F 196 -36.69 26.19 59.15
C VAL F 196 -35.85 25.03 59.65
N THR F 197 -35.59 24.06 58.77
CA THR F 197 -34.78 22.90 59.10
C THR F 197 -33.57 22.86 58.16
N HIS F 198 -32.38 22.90 58.74
CA HIS F 198 -31.14 22.90 57.96
C HIS F 198 -30.15 21.94 58.61
N GLN F 199 -29.21 21.45 57.79
CA GLN F 199 -28.22 20.52 58.29
C GLN F 199 -27.17 21.20 59.17
N GLY F 200 -26.84 22.45 58.87
CA GLY F 200 -25.87 23.19 59.67
C GLY F 200 -26.41 23.76 60.95
N LEU F 201 -27.72 23.76 61.15
CA LEU F 201 -28.33 24.29 62.35
C LEU F 201 -28.45 23.19 63.40
N SER F 202 -27.94 23.47 64.60
CA SER F 202 -28.04 22.52 65.71
C SER F 202 -29.41 22.55 66.39
N SER F 203 -30.23 23.55 66.10
CA SER F 203 -31.56 23.67 66.68
C SER F 203 -32.47 24.32 65.64
N PRO F 204 -33.74 23.90 65.54
CA PRO F 204 -34.65 24.53 64.58
C PRO F 204 -35.03 25.95 64.97
N VAL F 205 -34.54 26.93 64.21
CA VAL F 205 -34.82 28.33 64.48
C VAL F 205 -36.05 28.74 63.68
N THR F 206 -37.07 29.27 64.36
CA THR F 206 -38.30 29.68 63.74
C THR F 206 -38.69 31.08 64.21
N LYS F 207 -39.52 31.74 63.42
CA LYS F 207 -40.02 33.07 63.73
C LYS F 207 -41.54 33.06 63.75
N SER F 208 -42.13 33.95 64.54
CA SER F 208 -43.57 34.06 64.67
C SER F 208 -43.95 35.52 64.81
N PHE F 209 -45.18 35.83 64.37
CA PHE F 209 -45.69 37.19 64.43
C PHE F 209 -47.20 37.15 64.53
N ASN F 210 -47.78 38.18 65.13
CA ASN F 210 -49.21 38.29 65.32
C ASN F 210 -49.83 39.04 64.13
N ARG F 211 -51.15 38.88 63.98
CA ARG F 211 -51.86 39.54 62.90
C ARG F 211 -52.03 41.03 63.14
N GLY F 212 -51.92 41.49 64.38
CA GLY F 212 -52.03 42.89 64.71
C GLY F 212 -50.72 43.64 64.81
N GLU F 213 -49.62 43.04 64.38
CA GLU F 213 -48.30 43.66 64.43
C GLU F 213 -47.77 43.99 63.04
N CYS F 214 -48.66 44.37 62.12
CA CYS F 214 -48.27 44.69 60.76
C CYS F 214 -47.70 46.11 60.68
N PRO G 9 -50.62 -17.49 6.03
CA PRO G 9 -49.15 -17.54 6.06
C PRO G 9 -48.53 -17.21 4.70
N THR G 10 -47.22 -16.98 4.69
CA THR G 10 -46.53 -16.66 3.45
C THR G 10 -46.25 -15.17 3.28
N ALA G 11 -44.98 -14.82 3.12
CA ALA G 11 -44.58 -13.43 2.96
C ALA G 11 -43.31 -13.37 2.13
N THR G 12 -42.85 -12.16 1.84
CA THR G 12 -41.66 -11.94 1.04
C THR G 12 -40.84 -10.83 1.70
N LEU G 13 -39.58 -11.15 2.04
CA LEU G 13 -38.67 -10.20 2.67
C LEU G 13 -37.37 -10.20 1.89
N CYS G 14 -37.12 -9.14 1.14
CA CYS G 14 -35.94 -9.05 0.28
C CYS G 14 -34.86 -8.20 0.94
N LEU G 15 -33.60 -8.54 0.64
CA LEU G 15 -32.44 -7.86 1.18
C LEU G 15 -31.63 -7.32 0.00
N GLY G 16 -31.70 -6.02 -0.22
CA GLY G 16 -31.01 -5.40 -1.34
C GLY G 16 -30.28 -4.13 -0.97
N HIS G 17 -29.88 -3.37 -1.99
CA HIS G 17 -29.17 -2.12 -1.79
C HIS G 17 -29.76 -1.05 -2.70
N HIS G 18 -29.26 0.17 -2.57
CA HIS G 18 -29.73 1.29 -3.38
C HIS G 18 -29.08 1.25 -4.76
N ALA G 19 -29.88 1.55 -5.78
CA ALA G 19 -29.42 1.56 -7.17
C ALA G 19 -29.64 2.94 -7.75
N VAL G 20 -28.59 3.50 -8.34
CA VAL G 20 -28.64 4.82 -8.97
C VAL G 20 -28.51 4.64 -10.48
N PRO G 21 -29.45 5.17 -11.27
CA PRO G 21 -29.33 5.01 -12.73
C PRO G 21 -28.22 5.83 -13.35
N ASN G 22 -27.81 6.93 -12.71
CA ASN G 22 -26.77 7.81 -13.23
C ASN G 22 -25.54 7.66 -12.33
N GLY G 23 -24.68 6.70 -12.67
CA GLY G 23 -23.46 6.45 -11.95
C GLY G 23 -22.23 6.91 -12.69
N THR G 24 -21.07 6.44 -12.24
CA THR G 24 -19.80 6.78 -12.86
C THR G 24 -18.82 5.64 -12.66
N LEU G 25 -17.86 5.53 -13.58
CA LEU G 25 -16.87 4.47 -13.54
C LEU G 25 -15.76 4.82 -12.57
N VAL G 26 -15.32 3.83 -11.79
CA VAL G 26 -14.26 4.01 -10.80
C VAL G 26 -13.09 3.11 -11.19
N LYS G 27 -11.99 3.28 -10.45
CA LYS G 27 -10.77 2.52 -10.65
C LYS G 27 -10.54 1.60 -9.45
N THR G 28 -10.48 0.29 -9.70
CA THR G 28 -10.32 -0.69 -8.65
C THR G 28 -9.17 -1.61 -9.02
N ILE G 29 -8.99 -2.67 -8.23
CA ILE G 29 -7.90 -3.62 -8.43
C ILE G 29 -8.31 -4.73 -9.38
N THR G 30 -9.49 -5.32 -9.17
CA THR G 30 -9.95 -6.45 -9.97
C THR G 30 -10.33 -6.05 -11.39
N ASP G 31 -10.98 -4.92 -11.58
CA ASP G 31 -11.41 -4.48 -12.90
C ASP G 31 -10.78 -3.14 -13.23
N ASP G 32 -11.00 -2.69 -14.46
CA ASP G 32 -10.50 -1.39 -14.88
C ASP G 32 -11.55 -0.30 -14.71
N GLN G 33 -12.71 -0.49 -15.33
CA GLN G 33 -13.81 0.46 -15.23
C GLN G 33 -15.06 -0.28 -14.76
N ILE G 34 -15.68 0.22 -13.68
CA ILE G 34 -16.88 -0.37 -13.12
C ILE G 34 -17.78 0.74 -12.59
N GLU G 35 -19.03 0.76 -13.03
CA GLU G 35 -19.97 1.80 -12.61
C GLU G 35 -20.50 1.50 -11.22
N VAL G 36 -20.56 2.54 -10.38
CA VAL G 36 -21.05 2.41 -9.02
C VAL G 36 -22.26 3.32 -8.83
N THR G 37 -22.82 3.34 -7.62
CA THR G 37 -23.98 4.16 -7.35
C THR G 37 -23.61 5.63 -7.22
N ASN G 38 -22.60 5.94 -6.42
CA ASN G 38 -22.16 7.32 -6.22
C ASN G 38 -20.67 7.32 -5.91
N ALA G 39 -19.95 8.27 -6.51
CA ALA G 39 -18.51 8.36 -6.32
C ALA G 39 -18.08 9.81 -6.46
N THR G 40 -17.02 10.17 -5.74
CA THR G 40 -16.45 11.51 -5.78
C THR G 40 -15.07 11.47 -6.44
N GLU G 41 -14.64 12.64 -6.91
CA GLU G 41 -13.35 12.80 -7.56
C GLU G 41 -12.36 13.42 -6.57
N LEU G 42 -11.27 12.70 -6.30
CA LEU G 42 -10.28 13.16 -5.34
C LEU G 42 -9.27 14.13 -5.92
N VAL G 43 -9.37 14.46 -7.20
CA VAL G 43 -8.42 15.34 -7.88
C VAL G 43 -9.16 16.62 -8.26
N GLN G 44 -8.64 17.77 -7.82
CA GLN G 44 -9.22 19.06 -8.18
C GLN G 44 -8.89 19.41 -9.62
N SER G 45 -9.77 19.06 -10.55
CA SER G 45 -9.59 19.35 -11.96
C SER G 45 -10.14 20.71 -12.36
N SER G 46 -10.52 21.54 -11.40
CA SER G 46 -11.04 22.87 -11.69
C SER G 46 -10.60 23.82 -10.58
N SER G 47 -10.55 25.10 -10.92
CA SER G 47 -10.10 26.13 -9.99
C SER G 47 -10.91 27.40 -10.21
N THR G 48 -10.86 28.30 -9.22
CA THR G 48 -11.56 29.57 -9.31
C THR G 48 -10.88 30.54 -10.25
N GLY G 49 -9.58 30.37 -10.51
CA GLY G 49 -8.86 31.24 -11.41
C GLY G 49 -8.24 32.46 -10.75
N LYS G 50 -8.57 32.74 -9.49
CA LYS G 50 -8.04 33.90 -8.78
C LYS G 50 -7.49 33.47 -7.43
N ILE G 51 -6.46 34.18 -6.98
CA ILE G 51 -5.78 33.87 -5.72
C ILE G 51 -6.50 34.58 -4.59
N CYS G 52 -6.85 33.82 -3.55
CA CYS G 52 -7.51 34.37 -2.37
C CYS G 52 -6.47 34.89 -1.39
N ASN G 53 -6.79 36.02 -0.75
CA ASN G 53 -5.88 36.68 0.18
C ASN G 53 -6.17 36.33 1.63
N ASN G 54 -6.88 35.23 1.88
CA ASN G 54 -7.19 34.78 3.23
C ASN G 54 -7.03 33.26 3.30
N PRO G 55 -6.43 32.72 4.38
CA PRO G 55 -5.85 33.44 5.52
C PRO G 55 -4.41 33.89 5.28
N HIS G 56 -3.79 33.40 4.20
CA HIS G 56 -2.42 33.74 3.90
C HIS G 56 -2.31 35.15 3.35
N ARG G 57 -1.26 35.86 3.77
CA ARG G 57 -1.03 37.23 3.31
C ARG G 57 -0.32 37.18 1.96
N ILE G 58 -1.09 37.40 0.90
CA ILE G 58 -0.57 37.31 -0.46
C ILE G 58 -0.07 38.69 -0.89
N LEU G 59 1.17 38.75 -1.35
CA LEU G 59 1.77 39.98 -1.85
C LEU G 59 1.81 39.94 -3.38
N ASP G 60 1.54 41.08 -4.00
CA ASP G 60 1.40 41.17 -5.45
C ASP G 60 2.62 41.89 -6.01
N GLY G 61 3.55 41.12 -6.59
CA GLY G 61 4.71 41.68 -7.25
C GLY G 61 4.43 42.05 -8.70
N ILE G 62 3.72 43.16 -8.91
CA ILE G 62 3.32 43.56 -10.26
C ILE G 62 4.53 44.10 -11.03
N ASP G 63 5.19 45.12 -10.48
CA ASP G 63 6.28 45.79 -11.16
C ASP G 63 7.66 45.32 -10.74
N CYS G 64 7.75 44.44 -9.74
CA CYS G 64 9.04 43.97 -9.25
C CYS G 64 8.95 42.50 -8.88
N THR G 65 10.09 41.84 -8.94
CA THR G 65 10.22 40.47 -8.45
C THR G 65 10.68 40.51 -6.99
N LEU G 66 11.07 39.35 -6.45
CA LEU G 66 11.57 39.32 -5.09
C LEU G 66 12.99 39.89 -5.00
N ILE G 67 13.81 39.66 -6.03
CA ILE G 67 15.18 40.17 -6.02
C ILE G 67 15.18 41.67 -6.27
N ASP G 68 14.19 42.18 -7.01
CA ASP G 68 14.13 43.61 -7.29
C ASP G 68 13.76 44.41 -6.04
N ALA G 69 13.00 43.81 -5.12
CA ALA G 69 12.68 44.49 -3.87
C ALA G 69 13.83 44.43 -2.88
N LEU G 70 14.70 43.43 -3.00
CA LEU G 70 15.82 43.29 -2.08
C LEU G 70 16.99 44.20 -2.45
N LEU G 71 17.15 44.53 -3.74
CA LEU G 71 18.28 45.33 -4.18
C LEU G 71 18.00 46.82 -4.16
N GLY G 72 16.74 47.23 -4.23
CA GLY G 72 16.41 48.64 -4.20
C GLY G 72 16.02 49.22 -5.54
N ASP G 73 15.22 48.49 -6.31
CA ASP G 73 14.71 48.99 -7.57
C ASP G 73 13.68 50.08 -7.31
N PRO G 74 13.70 51.17 -8.09
CA PRO G 74 12.77 52.29 -7.82
C PRO G 74 11.31 51.99 -8.12
N HIS G 75 10.99 50.90 -8.80
CA HIS G 75 9.60 50.55 -9.08
C HIS G 75 8.91 49.84 -7.92
N CYS G 76 9.63 49.54 -6.84
CA CYS G 76 9.04 48.86 -5.69
C CYS G 76 9.21 49.69 -4.43
N ASP G 77 8.93 50.99 -4.51
CA ASP G 77 9.06 51.87 -3.35
C ASP G 77 7.94 51.70 -2.36
N VAL G 78 6.82 51.08 -2.76
CA VAL G 78 5.69 50.87 -1.84
C VAL G 78 5.86 49.65 -0.96
N PHE G 79 6.92 48.86 -1.16
CA PHE G 79 7.18 47.66 -0.36
C PHE G 79 8.20 47.92 0.75
N GLN G 80 8.23 49.13 1.29
CA GLN G 80 9.16 49.48 2.35
C GLN G 80 8.70 48.85 3.66
N ASN G 81 9.53 47.95 4.21
CA ASN G 81 9.28 47.22 5.46
C ASN G 81 7.96 46.46 5.43
N GLU G 82 7.70 45.79 4.31
CA GLU G 82 6.46 45.06 4.09
C GLU G 82 6.70 43.57 4.31
N THR G 83 5.89 42.98 5.19
CA THR G 83 5.92 41.55 5.44
C THR G 83 4.79 40.85 4.68
N TRP G 84 4.97 39.56 4.43
CA TRP G 84 4.02 38.79 3.65
C TRP G 84 4.12 37.32 4.04
N ASP G 85 3.33 36.50 3.37
CA ASP G 85 3.36 35.05 3.53
C ASP G 85 3.66 34.32 2.23
N LEU G 86 3.26 34.85 1.08
CA LEU G 86 3.57 34.27 -0.21
C LEU G 86 3.73 35.39 -1.23
N PHE G 87 4.86 35.40 -1.91
CA PHE G 87 5.15 36.41 -2.93
C PHE G 87 4.80 35.86 -4.31
N VAL G 88 3.99 36.61 -5.05
CA VAL G 88 3.55 36.22 -6.38
C VAL G 88 4.34 37.04 -7.39
N GLU G 89 5.17 36.37 -8.18
CA GLU G 89 5.96 37.00 -9.22
C GLU G 89 5.25 36.86 -10.55
N ARG G 90 4.97 37.99 -11.19
CA ARG G 90 4.28 37.99 -12.47
C ARG G 90 5.25 37.70 -13.61
N SER G 91 4.69 37.20 -14.72
CA SER G 91 5.50 36.90 -15.89
C SER G 91 5.86 38.15 -16.69
N LYS G 92 5.14 39.25 -16.50
CA LYS G 92 5.40 40.50 -17.20
C LYS G 92 6.30 41.43 -16.40
N ALA G 93 6.98 40.92 -15.38
CA ALA G 93 7.87 41.74 -14.56
C ALA G 93 9.17 42.02 -15.32
N PHE G 94 9.70 43.22 -15.12
CA PHE G 94 10.92 43.64 -15.80
C PHE G 94 11.67 44.61 -14.91
N SER G 95 12.92 44.88 -15.29
CA SER G 95 13.78 45.80 -14.57
C SER G 95 14.01 47.04 -15.42
N ASN G 96 13.89 48.22 -14.80
CA ASN G 96 14.12 49.50 -15.45
C ASN G 96 15.14 50.31 -14.67
N CYS G 97 16.25 49.65 -14.33
CA CYS G 97 17.30 50.26 -13.53
C CYS G 97 18.63 49.64 -13.96
N TYR G 98 19.64 49.76 -13.11
CA TYR G 98 20.95 49.19 -13.39
C TYR G 98 20.87 47.66 -13.41
N PRO G 99 21.33 47.01 -14.47
CA PRO G 99 21.17 45.55 -14.56
C PRO G 99 22.10 44.82 -13.62
N TYR G 100 21.62 43.68 -13.12
CA TYR G 100 22.35 42.88 -12.14
C TYR G 100 22.39 41.43 -12.61
N ASP G 101 23.28 40.66 -11.99
CA ASP G 101 23.38 39.23 -12.25
C ASP G 101 23.45 38.51 -10.92
N VAL G 102 22.63 37.47 -10.77
CA VAL G 102 22.60 36.69 -9.53
C VAL G 102 23.13 35.29 -9.81
N PRO G 103 24.39 34.99 -9.47
CA PRO G 103 24.85 33.59 -9.51
C PRO G 103 24.17 32.79 -8.42
N ASP G 104 23.74 31.57 -8.78
CA ASP G 104 22.88 30.72 -7.96
C ASP G 104 21.58 31.46 -7.59
N TYR G 105 20.77 31.72 -8.62
CA TYR G 105 19.55 32.50 -8.45
C TYR G 105 18.52 31.81 -7.55
N ALA G 106 18.52 30.48 -7.52
CA ALA G 106 17.62 29.76 -6.63
C ALA G 106 18.13 29.70 -5.20
N SER G 107 19.39 30.08 -4.96
CA SER G 107 19.93 30.09 -3.60
C SER G 107 19.48 31.30 -2.80
N LEU G 108 19.56 32.50 -3.37
CA LEU G 108 19.23 33.70 -2.62
C LEU G 108 17.73 33.94 -2.59
N ARG G 109 17.00 33.46 -3.60
CA ARG G 109 15.56 33.68 -3.63
C ARG G 109 14.82 32.75 -2.68
N SER G 110 15.45 31.66 -2.23
CA SER G 110 14.81 30.73 -1.31
C SER G 110 15.05 31.07 0.15
N LEU G 111 15.79 32.14 0.45
CA LEU G 111 16.07 32.51 1.82
C LEU G 111 15.10 33.56 2.35
N VAL G 112 14.88 34.64 1.59
CA VAL G 112 13.97 35.68 2.04
C VAL G 112 12.53 35.23 1.89
N ALA G 113 12.25 34.41 0.87
CA ALA G 113 10.90 33.86 0.71
C ALA G 113 10.53 32.86 1.78
N SER G 114 11.52 32.22 2.41
CA SER G 114 11.24 31.35 3.55
C SER G 114 10.89 32.15 4.79
N SER G 115 11.48 33.34 4.95
CA SER G 115 11.18 34.18 6.10
C SER G 115 9.93 35.02 5.84
N GLY G 116 9.90 35.74 4.73
CA GLY G 116 8.74 36.55 4.38
C GLY G 116 8.71 37.89 5.09
N THR G 117 9.81 38.64 5.02
CA THR G 117 9.88 39.95 5.64
C THR G 117 10.87 40.83 4.88
N LEU G 118 10.71 42.13 5.03
CA LEU G 118 11.58 43.13 4.43
C LEU G 118 11.97 44.19 5.45
N GLU G 119 12.19 43.78 6.69
CA GLU G 119 12.54 44.71 7.77
C GLU G 119 13.99 45.15 7.57
N PHE G 120 14.15 46.33 6.96
CA PHE G 120 15.47 46.85 6.59
C PHE G 120 15.94 47.80 7.69
N ILE G 121 16.58 47.22 8.70
CA ILE G 121 17.09 47.99 9.83
C ILE G 121 18.39 48.68 9.39
N THR G 122 18.35 50.00 9.31
CA THR G 122 19.52 50.77 8.89
C THR G 122 20.53 50.83 10.03
N GLU G 123 21.67 50.17 9.85
CA GLU G 123 22.71 50.14 10.86
C GLU G 123 23.68 51.31 10.67
N GLY G 124 24.53 51.50 11.68
CA GLY G 124 25.50 52.58 11.65
C GLY G 124 26.80 52.22 10.96
N PHE G 125 26.74 52.11 9.63
CA PHE G 125 27.93 51.82 8.86
C PHE G 125 28.84 53.04 8.79
N THR G 126 30.15 52.80 8.80
CA THR G 126 31.15 53.87 8.78
C THR G 126 32.05 53.65 7.56
N TRP G 127 31.82 54.44 6.52
CA TRP G 127 32.61 54.38 5.29
C TRP G 127 33.23 55.75 5.07
N THR G 128 34.47 55.93 5.51
CA THR G 128 35.17 57.21 5.39
C THR G 128 36.14 57.18 4.22
N GLY G 129 36.33 58.36 3.62
CA GLY G 129 37.22 58.47 2.48
C GLY G 129 36.71 57.85 1.21
N VAL G 130 35.40 57.77 1.04
CA VAL G 130 34.80 57.14 -0.13
C VAL G 130 33.49 57.86 -0.45
N THR G 131 33.35 58.30 -1.70
CA THR G 131 32.14 58.97 -2.14
C THR G 131 30.99 57.98 -2.23
N GLN G 132 29.92 58.23 -1.48
CA GLN G 132 28.77 57.34 -1.41
C GLN G 132 27.67 57.84 -2.33
N ASN G 133 26.57 57.07 -2.38
CA ASN G 133 25.35 57.38 -3.13
C ASN G 133 25.63 57.55 -4.63
N GLY G 134 26.45 56.68 -5.18
CA GLY G 134 26.74 56.74 -6.60
C GLY G 134 25.64 56.12 -7.44
N GLY G 135 25.43 56.70 -8.62
CA GLY G 135 24.38 56.23 -9.51
C GLY G 135 24.71 56.41 -10.98
N SER G 136 23.72 56.18 -11.84
CA SER G 136 23.90 56.30 -13.29
C SER G 136 22.72 57.07 -13.86
N ASN G 137 22.85 57.45 -15.14
CA ASN G 137 21.80 58.20 -15.82
C ASN G 137 20.67 57.31 -16.32
N ALA G 138 20.90 56.00 -16.43
CA ALA G 138 19.85 55.11 -16.91
C ALA G 138 18.79 54.85 -15.85
N CYS G 139 19.21 54.63 -14.60
CA CYS G 139 18.29 54.40 -13.50
C CYS G 139 17.95 55.75 -12.86
N LYS G 140 16.70 56.17 -12.99
CA LYS G 140 16.26 57.49 -12.54
C LYS G 140 15.19 57.34 -11.47
N ARG G 141 15.15 58.32 -10.57
CA ARG G 141 14.16 58.39 -9.49
C ARG G 141 13.53 59.78 -9.54
N GLY G 142 12.44 59.92 -10.29
CA GLY G 142 11.76 61.19 -10.43
C GLY G 142 12.31 62.01 -11.59
N PRO G 143 12.41 63.33 -11.40
CA PRO G 143 12.92 64.19 -12.48
C PRO G 143 14.43 64.08 -12.65
N GLY G 144 15.13 63.69 -11.59
CA GLY G 144 16.56 63.53 -11.62
C GLY G 144 16.99 62.08 -11.75
N SER G 145 18.26 61.83 -11.48
CA SER G 145 18.81 60.48 -11.55
C SER G 145 18.51 59.73 -10.25
N GLY G 146 18.89 58.46 -10.21
CA GLY G 146 18.65 57.64 -9.04
C GLY G 146 19.62 56.48 -8.98
N PHE G 147 19.45 55.68 -7.93
CA PHE G 147 20.30 54.52 -7.69
C PHE G 147 19.52 53.53 -6.83
N PHE G 148 20.22 52.52 -6.31
CA PHE G 148 19.59 51.52 -5.46
C PHE G 148 19.35 52.08 -4.07
N SER G 149 18.16 51.82 -3.53
CA SER G 149 17.82 52.31 -2.20
C SER G 149 18.34 51.39 -1.10
N ARG G 150 18.42 50.10 -1.36
CA ARG G 150 18.90 49.13 -0.38
C ARG G 150 20.41 48.96 -0.40
N LEU G 151 21.08 49.36 -1.47
CA LEU G 151 22.53 49.25 -1.60
C LEU G 151 23.14 50.64 -1.69
N ASN G 152 24.47 50.68 -1.55
CA ASN G 152 25.23 51.92 -1.61
C ASN G 152 26.41 51.71 -2.57
N TRP G 153 26.28 52.23 -3.79
CA TRP G 153 27.34 52.12 -4.78
C TRP G 153 28.50 53.02 -4.41
N LEU G 154 29.65 52.42 -4.10
CA LEU G 154 30.82 53.16 -3.66
C LEU G 154 31.70 53.50 -4.86
N THR G 155 32.07 54.76 -4.97
CA THR G 155 32.98 55.25 -6.00
C THR G 155 34.23 55.81 -5.34
N LYS G 156 35.11 56.39 -6.15
CA LYS G 156 36.33 56.97 -5.62
C LYS G 156 36.05 58.34 -5.02
N SER G 157 36.89 58.74 -4.06
CA SER G 157 36.79 60.04 -3.40
C SER G 157 37.90 60.92 -3.96
N GLY G 158 37.60 61.62 -5.04
CA GLY G 158 38.59 62.46 -5.69
C GLY G 158 39.61 61.64 -6.46
N SER G 159 40.85 61.61 -5.95
CA SER G 159 41.91 60.83 -6.57
C SER G 159 42.58 59.89 -5.57
N THR G 160 41.86 59.49 -4.51
CA THR G 160 42.41 58.61 -3.49
C THR G 160 41.32 57.67 -3.02
N TYR G 161 41.57 56.36 -3.14
CA TYR G 161 40.65 55.32 -2.68
C TYR G 161 41.41 54.40 -1.74
N PRO G 162 41.36 54.63 -0.44
CA PRO G 162 42.11 53.81 0.51
C PRO G 162 41.41 52.48 0.76
N VAL G 163 42.07 51.64 1.56
CA VAL G 163 41.53 50.34 1.92
C VAL G 163 40.43 50.52 2.95
N LEU G 164 39.24 49.98 2.66
CA LEU G 164 38.09 50.10 3.54
C LEU G 164 38.09 48.94 4.56
N ASN G 165 37.65 49.26 5.78
CA ASN G 165 37.63 48.28 6.86
C ASN G 165 36.46 48.60 7.77
N VAL G 166 35.46 47.72 7.81
CA VAL G 166 34.30 47.89 8.65
C VAL G 166 34.15 46.64 9.54
N THR G 167 33.48 46.84 10.67
CA THR G 167 33.18 45.77 11.60
C THR G 167 31.71 45.86 11.99
N MET G 168 30.99 44.73 11.88
CA MET G 168 29.57 44.65 12.18
C MET G 168 29.34 43.55 13.21
N PRO G 169 29.34 43.88 14.50
CA PRO G 169 29.07 42.86 15.52
C PRO G 169 27.61 42.47 15.55
N ASN G 170 27.34 41.28 16.08
CA ASN G 170 26.00 40.73 16.20
C ASN G 170 25.74 40.45 17.68
N ASN G 171 25.14 41.43 18.37
CA ASN G 171 24.80 41.30 19.78
C ASN G 171 23.31 41.08 19.99
N ASP G 172 22.60 40.66 18.95
CA ASP G 172 21.16 40.42 19.03
C ASP G 172 20.89 38.93 19.18
N ASN G 173 19.60 38.55 19.11
CA ASN G 173 19.18 37.18 19.25
C ASN G 173 18.51 36.66 17.98
N PHE G 174 18.95 37.15 16.82
CA PHE G 174 18.40 36.71 15.55
C PHE G 174 19.48 36.78 14.49
N ASP G 175 19.30 35.98 13.43
CA ASP G 175 20.28 35.92 12.36
C ASP G 175 20.15 37.14 11.44
N LYS G 176 21.30 37.60 10.93
CA LYS G 176 21.35 38.74 10.04
C LYS G 176 21.68 38.29 8.62
N LEU G 177 21.17 39.04 7.65
CA LEU G 177 21.39 38.76 6.24
C LEU G 177 21.77 40.06 5.54
N TYR G 178 23.02 40.12 5.06
CA TYR G 178 23.53 41.31 4.39
C TYR G 178 23.64 41.04 2.89
N ILE G 179 23.40 42.08 2.10
CA ILE G 179 23.43 41.99 0.64
C ILE G 179 24.54 42.92 0.15
N TRP G 180 25.56 42.33 -0.47
CA TRP G 180 26.67 43.08 -1.02
C TRP G 180 26.89 42.68 -2.48
N GLY G 181 27.40 43.62 -3.27
CA GLY G 181 27.57 43.39 -4.69
C GLY G 181 29.00 43.65 -5.12
N VAL G 182 29.34 43.05 -6.26
CA VAL G 182 30.64 43.24 -6.91
C VAL G 182 30.40 43.84 -8.28
N HIS G 183 30.93 45.04 -8.51
CA HIS G 183 30.70 45.74 -9.77
C HIS G 183 31.58 45.17 -10.88
N HIS G 184 31.00 45.05 -12.07
CA HIS G 184 31.73 44.55 -13.25
C HIS G 184 31.66 45.61 -14.34
N PRO G 185 32.74 46.37 -14.55
CA PRO G 185 32.73 47.39 -15.61
C PRO G 185 32.82 46.75 -16.99
N SER G 186 32.48 47.55 -18.00
CA SER G 186 32.50 47.08 -19.38
C SER G 186 33.91 47.03 -19.95
N THR G 187 34.80 47.93 -19.54
CA THR G 187 36.16 47.96 -20.05
C THR G 187 37.08 48.53 -18.98
N ASN G 188 38.33 48.76 -19.35
CA ASN G 188 39.30 49.31 -18.42
C ASN G 188 39.12 50.80 -18.19
N GLN G 189 38.41 51.50 -19.07
CA GLN G 189 38.18 52.93 -18.90
C GLN G 189 37.14 53.19 -17.82
N GLU G 190 36.16 52.30 -17.65
CA GLU G 190 35.15 52.49 -16.62
C GLU G 190 35.70 52.17 -15.23
N GLN G 191 36.69 51.28 -15.15
CA GLN G 191 37.28 50.94 -13.86
C GLN G 191 38.14 52.08 -13.33
N THR G 192 38.93 52.72 -14.20
CA THR G 192 39.78 53.82 -13.78
C THR G 192 38.98 55.10 -13.53
N SER G 193 37.82 55.25 -14.16
CA SER G 193 37.01 56.45 -13.95
C SER G 193 36.20 56.38 -12.67
N LEU G 194 35.87 55.19 -12.19
CA LEU G 194 35.10 55.03 -10.96
C LEU G 194 35.97 54.67 -9.77
N TYR G 195 37.11 54.01 -9.99
CA TYR G 195 38.00 53.59 -8.91
C TYR G 195 39.42 54.00 -9.25
N VAL G 196 40.22 54.22 -8.20
CA VAL G 196 41.61 54.60 -8.39
C VAL G 196 42.44 53.39 -8.79
N GLN G 197 42.34 52.30 -8.05
CA GLN G 197 43.07 51.09 -8.36
C GLN G 197 42.41 50.36 -9.53
N ALA G 198 43.22 49.95 -10.51
CA ALA G 198 42.69 49.32 -11.71
C ALA G 198 42.30 47.86 -11.49
N SER G 199 42.75 47.24 -10.41
CA SER G 199 42.46 45.84 -10.11
C SER G 199 42.05 45.72 -8.65
N GLY G 200 40.75 45.58 -8.40
CA GLY G 200 40.23 45.43 -7.07
C GLY G 200 39.98 43.98 -6.70
N ARG G 201 39.57 43.78 -5.45
CA ARG G 201 39.25 42.46 -4.93
C ARG G 201 38.32 42.60 -3.75
N VAL G 202 37.16 41.94 -3.81
CA VAL G 202 36.14 42.03 -2.78
C VAL G 202 36.23 40.78 -1.91
N THR G 203 36.40 40.97 -0.60
CA THR G 203 36.55 39.88 0.35
C THR G 203 35.60 40.12 1.52
N VAL G 204 34.59 39.25 1.66
CA VAL G 204 33.63 39.32 2.75
C VAL G 204 33.70 38.00 3.52
N SER G 205 34.14 38.08 4.78
CA SER G 205 34.34 36.88 5.57
C SER G 205 33.80 37.10 6.98
N THR G 206 33.48 35.98 7.64
CA THR G 206 33.01 35.98 9.02
C THR G 206 33.89 35.06 9.86
N ARG G 207 33.48 34.80 11.10
CA ARG G 207 34.22 33.89 11.97
C ARG G 207 34.08 32.43 11.58
N ARG G 208 33.06 32.08 10.79
CA ARG G 208 32.82 30.70 10.41
C ARG G 208 32.89 30.46 8.91
N SER G 209 32.94 31.51 8.09
CA SER G 209 32.98 31.34 6.64
C SER G 209 33.90 32.40 6.05
N GLN G 210 34.25 32.18 4.78
CA GLN G 210 35.11 33.10 4.04
C GLN G 210 34.79 33.00 2.56
N GLN G 211 34.47 34.13 1.95
CA GLN G 211 34.09 34.16 0.55
C GLN G 211 34.74 35.36 -0.12
N THR G 212 35.42 35.13 -1.24
CA THR G 212 36.10 36.17 -1.99
C THR G 212 35.67 36.09 -3.45
N ILE G 213 35.20 37.22 -3.99
CA ILE G 213 34.76 37.30 -5.38
C ILE G 213 35.66 38.29 -6.11
N ILE G 214 36.31 37.81 -7.17
CA ILE G 214 37.21 38.63 -7.96
C ILE G 214 36.40 39.37 -9.02
N PRO G 215 36.57 40.68 -9.17
CA PRO G 215 35.87 41.41 -10.24
C PRO G 215 36.41 41.01 -11.61
N ASN G 216 35.49 40.84 -12.56
CA ASN G 216 35.79 40.36 -13.91
C ASN G 216 35.44 41.46 -14.89
N ILE G 217 36.45 42.09 -15.46
CA ILE G 217 36.26 43.14 -16.46
C ILE G 217 35.97 42.49 -17.80
N GLY G 218 34.79 42.75 -18.35
CA GLY G 218 34.40 42.16 -19.62
C GLY G 218 33.24 42.90 -20.22
N SER G 219 33.01 42.63 -21.51
CA SER G 219 31.92 43.27 -22.24
C SER G 219 30.61 42.55 -21.98
N ARG G 220 29.54 43.32 -21.85
CA ARG G 220 28.21 42.81 -21.62
C ARG G 220 27.30 43.22 -22.76
N PRO G 221 26.25 42.44 -23.06
CA PRO G 221 25.28 42.86 -24.06
C PRO G 221 24.47 44.06 -23.60
N TRP G 222 23.83 44.71 -24.57
CA TRP G 222 23.05 45.93 -24.31
C TRP G 222 21.77 45.58 -23.57
N VAL G 223 21.78 45.76 -22.26
CA VAL G 223 20.61 45.51 -21.41
C VAL G 223 20.22 46.83 -20.76
N ARG G 224 19.03 47.33 -21.13
CA ARG G 224 18.45 48.59 -20.63
C ARG G 224 19.38 49.79 -20.89
N GLY G 225 20.04 49.78 -22.05
CA GLY G 225 20.88 50.87 -22.48
C GLY G 225 22.32 50.78 -22.04
N LEU G 226 22.61 50.10 -20.95
CA LEU G 226 23.95 49.99 -20.41
C LEU G 226 24.56 48.63 -20.74
N SER G 227 25.89 48.59 -20.78
CA SER G 227 26.64 47.38 -21.08
C SER G 227 27.51 46.95 -19.89
N SER G 228 26.98 47.09 -18.68
CA SER G 228 27.69 46.68 -17.48
C SER G 228 26.70 46.03 -16.52
N ARG G 229 27.23 45.15 -15.66
CA ARG G 229 26.41 44.39 -14.73
C ARG G 229 27.11 44.33 -13.37
N ILE G 230 26.44 43.71 -12.41
CA ILE G 230 26.95 43.59 -11.04
C ILE G 230 26.55 42.22 -10.49
N SER G 231 27.54 41.47 -10.00
CA SER G 231 27.28 40.17 -9.39
C SER G 231 26.86 40.35 -7.93
N ILE G 232 25.90 39.54 -7.50
CA ILE G 232 25.32 39.63 -6.16
C ILE G 232 25.67 38.37 -5.39
N TYR G 233 26.29 38.54 -4.22
CA TYR G 233 26.62 37.45 -3.32
C TYR G 233 26.26 37.86 -1.90
N TRP G 234 25.71 36.91 -1.13
CA TRP G 234 25.21 37.20 0.20
C TRP G 234 26.08 36.55 1.27
N THR G 235 25.91 37.02 2.50
CA THR G 235 26.65 36.51 3.65
C THR G 235 25.74 36.56 4.86
N ILE G 236 25.47 35.39 5.45
CA ILE G 236 24.61 35.28 6.62
C ILE G 236 25.46 35.38 7.87
N VAL G 237 25.11 36.30 8.77
CA VAL G 237 25.84 36.54 10.00
C VAL G 237 25.07 35.92 11.15
N LYS G 238 25.72 35.04 11.91
CA LYS G 238 25.13 34.40 13.06
C LYS G 238 25.19 35.34 14.28
N PRO G 239 24.30 35.14 15.25
CA PRO G 239 24.42 35.88 16.52
C PRO G 239 25.69 35.48 17.27
N GLY G 240 26.56 36.46 17.50
CA GLY G 240 27.87 36.23 18.08
C GLY G 240 29.02 36.41 17.11
N ASP G 241 28.74 36.49 15.81
CA ASP G 241 29.75 36.68 14.79
C ASP G 241 29.96 38.18 14.53
N VAL G 242 31.06 38.50 13.87
CA VAL G 242 31.40 39.87 13.49
C VAL G 242 31.69 39.88 11.99
N LEU G 243 30.97 40.73 11.26
CA LEU G 243 31.14 40.82 9.81
C LEU G 243 32.24 41.81 9.49
N VAL G 244 33.26 41.35 8.77
CA VAL G 244 34.38 42.19 8.35
C VAL G 244 34.41 42.21 6.83
N ILE G 245 34.21 43.40 6.25
CA ILE G 245 34.18 43.58 4.80
C ILE G 245 35.34 44.50 4.44
N ASN G 246 36.37 43.94 3.83
CA ASN G 246 37.52 44.70 3.35
C ASN G 246 37.66 44.47 1.85
N SER G 247 37.82 45.56 1.11
CA SER G 247 37.97 45.48 -0.34
C SER G 247 38.82 46.63 -0.84
N ASN G 248 39.38 46.46 -2.03
CA ASN G 248 40.22 47.48 -2.66
C ASN G 248 39.65 47.96 -3.99
N GLY G 249 38.38 47.71 -4.23
CA GLY G 249 37.74 48.12 -5.47
C GLY G 249 36.55 47.26 -5.79
N ASN G 250 35.62 47.87 -6.55
CA ASN G 250 34.37 47.24 -7.01
C ASN G 250 33.52 46.74 -5.84
N LEU G 251 33.51 47.51 -4.75
CA LEU G 251 32.78 47.15 -3.54
C LEU G 251 31.47 47.92 -3.48
N ILE G 252 30.38 47.21 -3.24
CA ILE G 252 29.06 47.81 -3.02
C ILE G 252 28.69 47.57 -1.57
N ALA G 253 28.45 48.66 -0.83
CA ALA G 253 28.22 48.56 0.60
C ALA G 253 26.73 48.39 0.89
N PRO G 254 26.38 47.52 1.84
CA PRO G 254 24.98 47.42 2.26
C PRO G 254 24.60 48.54 3.21
N ARG G 255 23.32 48.91 3.16
CA ARG G 255 22.77 49.95 4.03
C ARG G 255 21.97 49.36 5.19
N GLY G 256 21.92 48.05 5.32
CA GLY G 256 21.16 47.44 6.40
C GLY G 256 21.19 45.94 6.29
N TYR G 257 20.21 45.30 6.94
CA TYR G 257 20.13 43.84 6.94
C TYR G 257 18.65 43.45 7.07
N PHE G 258 18.42 42.14 7.13
CA PHE G 258 17.08 41.58 7.29
C PHE G 258 17.10 40.55 8.39
N LYS G 259 15.94 40.32 8.99
CA LYS G 259 15.79 39.33 10.06
C LYS G 259 15.39 38.00 9.44
N MET G 260 16.19 36.96 9.70
CA MET G 260 15.95 35.62 9.16
C MET G 260 14.93 34.93 10.05
N ARG G 261 13.66 35.22 9.79
CA ARG G 261 12.57 34.61 10.54
C ARG G 261 12.32 33.18 10.09
N THR G 262 11.80 32.37 10.99
CA THR G 262 11.50 30.97 10.73
C THR G 262 9.98 30.81 10.62
N GLY G 263 9.50 30.42 9.44
CA GLY G 263 8.09 30.26 9.23
C GLY G 263 7.81 29.31 8.09
N LYS G 264 6.53 29.21 7.73
CA LYS G 264 6.07 28.34 6.65
C LYS G 264 5.81 29.12 5.37
N SER G 265 6.61 30.14 5.11
CA SER G 265 6.45 30.96 3.92
C SER G 265 7.28 30.41 2.76
N SER G 266 6.89 30.78 1.54
CA SER G 266 7.58 30.33 0.33
C SER G 266 7.32 31.36 -0.77
N ILE G 267 7.67 30.98 -2.00
CA ILE G 267 7.46 31.82 -3.17
C ILE G 267 6.68 31.01 -4.20
N MET G 268 6.03 31.71 -5.13
CA MET G 268 5.23 31.07 -6.17
C MET G 268 5.11 32.03 -7.34
N ARG G 269 5.48 31.57 -8.53
CA ARG G 269 5.29 32.33 -9.76
C ARG G 269 3.88 32.09 -10.28
N SER G 270 3.14 33.17 -10.51
CA SER G 270 1.76 33.07 -10.96
C SER G 270 1.38 34.32 -11.73
N ASP G 271 0.33 34.20 -12.54
CA ASP G 271 -0.22 35.31 -13.31
C ASP G 271 -1.70 35.53 -13.04
N ALA G 272 -2.25 34.90 -12.02
CA ALA G 272 -3.68 35.04 -11.71
C ALA G 272 -3.90 36.28 -10.85
N PRO G 273 -5.04 36.97 -11.04
CA PRO G 273 -5.34 38.14 -10.19
C PRO G 273 -5.71 37.72 -8.77
N ILE G 274 -5.76 38.71 -7.89
CA ILE G 274 -6.04 38.50 -6.47
C ILE G 274 -7.47 38.95 -6.19
N ASP G 275 -8.28 38.06 -5.63
CA ASP G 275 -9.65 38.35 -5.25
C ASP G 275 -9.81 38.15 -3.75
N THR G 276 -10.90 38.70 -3.21
CA THR G 276 -11.20 38.60 -1.78
C THR G 276 -12.02 37.34 -1.55
N CYS G 277 -11.35 36.28 -1.11
CA CYS G 277 -12.00 35.02 -0.80
C CYS G 277 -11.18 34.28 0.25
N ILE G 278 -11.65 33.10 0.63
CA ILE G 278 -10.99 32.27 1.64
C ILE G 278 -10.59 30.96 0.98
N SER G 279 -9.30 30.64 1.03
CA SER G 279 -8.77 29.40 0.47
C SER G 279 -7.51 29.01 1.23
N GLU G 280 -7.43 27.74 1.62
CA GLU G 280 -6.30 27.23 2.37
C GLU G 280 -5.21 26.62 1.48
N CYS G 281 -5.36 26.70 0.17
CA CYS G 281 -4.35 26.21 -0.76
C CYS G 281 -4.23 27.19 -1.93
N ILE G 282 -2.99 27.52 -2.28
CA ILE G 282 -2.70 28.45 -3.37
C ILE G 282 -2.02 27.68 -4.48
N THR G 283 -2.49 27.88 -5.71
CA THR G 283 -1.93 27.29 -6.91
C THR G 283 -1.80 28.37 -7.98
N PRO G 284 -0.79 28.29 -8.84
CA PRO G 284 -0.60 29.34 -9.87
C PRO G 284 -1.69 29.40 -10.93
N ASN G 285 -2.38 28.30 -11.20
CA ASN G 285 -3.46 28.28 -12.19
C ASN G 285 -4.83 28.36 -11.53
N GLY G 286 -4.93 29.12 -10.43
CA GLY G 286 -6.18 29.25 -9.72
C GLY G 286 -6.20 28.48 -8.42
N SER G 287 -6.63 29.11 -7.34
CA SER G 287 -6.62 28.48 -6.03
C SER G 287 -7.70 27.40 -5.93
N ILE G 288 -7.37 26.31 -5.24
CA ILE G 288 -8.26 25.17 -5.10
C ILE G 288 -8.53 24.94 -3.62
N PRO G 289 -9.70 24.42 -3.24
CA PRO G 289 -9.93 24.08 -1.84
C PRO G 289 -9.15 22.83 -1.43
N ASN G 290 -8.88 22.73 -0.13
CA ASN G 290 -8.08 21.64 0.43
C ASN G 290 -8.94 20.51 0.96
N ASP G 291 -10.12 20.29 0.39
CA ASP G 291 -11.00 19.20 0.79
C ASP G 291 -10.74 17.93 0.00
N LYS G 292 -9.70 17.90 -0.82
CA LYS G 292 -9.34 16.76 -1.64
C LYS G 292 -7.90 16.35 -1.33
N PRO G 293 -7.58 15.06 -1.43
CA PRO G 293 -6.21 14.63 -1.11
C PRO G 293 -5.20 14.85 -2.22
N PHE G 294 -5.63 14.86 -3.48
CA PHE G 294 -4.72 14.99 -4.62
C PHE G 294 -5.20 16.12 -5.52
N GLN G 295 -4.31 16.52 -6.44
CA GLN G 295 -4.62 17.58 -7.39
C GLN G 295 -3.76 17.41 -8.62
N ASN G 296 -4.16 18.08 -9.71
CA ASN G 296 -3.41 18.06 -10.96
C ASN G 296 -3.24 19.47 -11.53
N VAL G 297 -3.37 20.50 -10.69
CA VAL G 297 -3.31 21.87 -11.17
C VAL G 297 -1.88 22.27 -11.50
N ASN G 298 -1.00 22.26 -10.49
CA ASN G 298 0.39 22.64 -10.68
C ASN G 298 1.23 22.00 -9.59
N LYS G 299 2.49 21.70 -9.92
CA LYS G 299 3.38 21.06 -8.97
C LYS G 299 3.87 22.04 -7.89
N ILE G 300 3.98 23.32 -8.21
CA ILE G 300 4.43 24.32 -7.25
C ILE G 300 3.25 24.71 -6.38
N THR G 301 3.30 24.33 -5.11
CA THR G 301 2.22 24.57 -4.16
C THR G 301 2.73 25.39 -2.99
N TYR G 302 1.79 25.82 -2.14
CA TYR G 302 2.12 26.60 -0.96
C TYR G 302 1.04 26.39 0.09
N GLY G 303 1.46 26.02 1.29
CA GLY G 303 0.53 25.84 2.38
C GLY G 303 -0.13 24.47 2.39
N ALA G 304 -1.32 24.42 2.99
CA ALA G 304 -2.09 23.18 3.09
C ALA G 304 -2.73 22.87 1.73
N CYS G 305 -1.92 22.29 0.86
CA CYS G 305 -2.32 21.96 -0.50
C CYS G 305 -2.31 20.45 -0.71
N PRO G 306 -3.15 19.93 -1.62
CA PRO G 306 -3.08 18.50 -1.94
C PRO G 306 -1.82 18.17 -2.73
N LYS G 307 -1.49 16.88 -2.73
CA LYS G 307 -0.30 16.40 -3.43
C LYS G 307 -0.54 16.38 -4.94
N TYR G 308 0.49 16.76 -5.68
CA TYR G 308 0.40 16.84 -7.14
C TYR G 308 0.68 15.47 -7.74
N VAL G 309 -0.31 14.91 -8.44
CA VAL G 309 -0.17 13.63 -9.11
C VAL G 309 -0.47 13.81 -10.60
N LYS G 310 0.04 12.88 -11.40
CA LYS G 310 -0.21 12.91 -12.83
C LYS G 310 -1.56 12.31 -13.20
N GLN G 311 -2.14 11.49 -12.34
CA GLN G 311 -3.44 10.88 -12.61
C GLN G 311 -4.53 11.92 -12.36
N ASN G 312 -5.24 12.30 -13.43
CA ASN G 312 -6.25 13.34 -13.32
C ASN G 312 -7.59 12.79 -12.89
N THR G 313 -7.85 11.50 -13.12
CA THR G 313 -9.13 10.88 -12.82
C THR G 313 -8.93 9.88 -11.68
N LEU G 314 -9.42 10.22 -10.49
CA LEU G 314 -9.39 9.34 -9.32
C LEU G 314 -10.80 9.32 -8.73
N LYS G 315 -11.64 8.41 -9.23
CA LYS G 315 -13.02 8.29 -8.76
C LYS G 315 -13.04 7.37 -7.54
N LEU G 316 -13.19 7.97 -6.36
CA LEU G 316 -13.28 7.21 -5.12
C LEU G 316 -14.72 6.80 -4.88
N ALA G 317 -14.97 5.50 -4.85
CA ALA G 317 -16.33 5.00 -4.68
C ALA G 317 -16.79 5.16 -3.23
N THR G 318 -17.97 5.73 -3.05
CA THR G 318 -18.55 5.96 -1.74
C THR G 318 -19.76 5.06 -1.48
N GLY G 319 -19.97 4.04 -2.30
CA GLY G 319 -21.09 3.15 -2.12
C GLY G 319 -20.86 1.82 -2.81
N MET G 320 -21.94 1.08 -2.98
CA MET G 320 -21.88 -0.22 -3.62
C MET G 320 -21.81 -0.07 -5.13
N ARG G 321 -21.60 -1.19 -5.82
CA ARG G 321 -21.57 -1.19 -7.27
C ARG G 321 -22.97 -1.02 -7.84
N ASN G 322 -23.04 -0.44 -9.03
CA ASN G 322 -24.32 -0.14 -9.68
C ASN G 322 -24.90 -1.43 -10.25
N VAL G 323 -26.00 -1.90 -9.66
CA VAL G 323 -26.71 -3.06 -10.17
C VAL G 323 -28.07 -2.59 -10.68
N PRO G 324 -28.23 -2.38 -11.98
CA PRO G 324 -29.52 -1.90 -12.51
C PRO G 324 -30.58 -2.99 -12.49
N GLU G 325 -31.83 -2.56 -12.49
CA GLU G 325 -32.96 -3.48 -12.45
C GLU G 325 -33.19 -4.13 -13.81
N LYS G 326 -33.86 -5.28 -13.79
CA LYS G 326 -34.15 -6.00 -15.02
C LYS G 326 -35.31 -5.35 -15.78
N GLN G 327 -36.43 -5.11 -15.10
CA GLN G 327 -37.59 -4.51 -15.72
C GLN G 327 -38.37 -3.67 -14.71
N ALA H 7 -23.62 -8.46 -6.78
CA ALA H 7 -23.58 -9.20 -8.02
C ALA H 7 -23.05 -10.61 -7.81
N PHE H 9 -25.63 -13.09 -4.04
CA PHE H 9 -26.16 -13.23 -5.39
C PHE H 9 -27.44 -12.40 -5.56
N ILE H 10 -27.31 -11.09 -5.41
CA ILE H 10 -28.43 -10.18 -5.61
C ILE H 10 -28.58 -9.91 -7.10
N GLU H 11 -29.79 -10.14 -7.63
CA GLU H 11 -30.04 -9.94 -9.05
C GLU H 11 -30.17 -8.46 -9.38
N ASN H 12 -30.91 -7.72 -8.56
CA ASN H 12 -31.13 -6.29 -8.80
C ASN H 12 -31.38 -5.59 -7.48
N GLY H 13 -31.04 -4.31 -7.44
CA GLY H 13 -31.27 -3.47 -6.28
C GLY H 13 -32.65 -2.84 -6.27
N TRP H 14 -32.75 -1.68 -5.64
CA TRP H 14 -34.00 -0.95 -5.55
C TRP H 14 -33.74 0.53 -5.87
N GLU H 15 -34.28 0.99 -6.99
CA GLU H 15 -34.07 2.38 -7.39
C GLU H 15 -34.99 3.34 -6.63
N GLY H 16 -36.16 2.86 -6.18
CA GLY H 16 -37.10 3.71 -5.47
C GLY H 16 -36.74 4.00 -4.03
N MET H 17 -35.77 3.29 -3.47
CA MET H 17 -35.34 3.49 -2.09
C MET H 17 -34.20 4.50 -2.09
N ILE H 18 -34.53 5.77 -1.83
CA ILE H 18 -33.55 6.85 -1.84
C ILE H 18 -33.33 7.40 -0.43
N ASP H 19 -33.77 6.67 0.60
CA ASP H 19 -33.62 7.09 1.98
C ASP H 19 -32.63 6.22 2.75
N GLY H 20 -31.67 5.65 2.06
CA GLY H 20 -30.66 4.82 2.70
C GLY H 20 -29.94 3.95 1.70
N TRP H 21 -28.78 3.45 2.13
CA TRP H 21 -27.99 2.57 1.27
C TRP H 21 -28.53 1.15 1.27
N TYR H 22 -29.16 0.71 2.35
CA TYR H 22 -29.72 -0.62 2.46
C TYR H 22 -31.17 -0.52 2.89
N GLY H 23 -31.84 -1.66 2.95
CA GLY H 23 -33.23 -1.69 3.37
C GLY H 23 -33.88 -3.00 3.00
N PHE H 24 -35.20 -3.02 3.12
CA PHE H 24 -36.01 -4.21 2.84
C PHE H 24 -37.19 -3.84 1.97
N ARG H 25 -37.75 -4.85 1.29
CA ARG H 25 -38.94 -4.69 0.46
C ARG H 25 -39.97 -5.72 0.92
N HIS H 26 -40.93 -5.28 1.72
CA HIS H 26 -41.94 -6.18 2.27
C HIS H 26 -43.08 -6.39 1.28
N GLN H 27 -43.75 -7.53 1.41
CA GLN H 27 -44.87 -7.87 0.55
C GLN H 27 -45.77 -8.85 1.31
N ASN H 28 -46.95 -8.39 1.68
CA ASN H 28 -47.90 -9.23 2.42
C ASN H 28 -49.30 -8.81 2.03
N SER H 29 -50.30 -9.22 2.83
CA SER H 29 -51.68 -8.91 2.52
C SER H 29 -52.04 -7.45 2.79
N GLU H 30 -51.22 -6.73 3.56
CA GLU H 30 -51.46 -5.32 3.86
C GLU H 30 -50.83 -4.38 2.84
N GLY H 31 -50.32 -4.90 1.73
CA GLY H 31 -49.72 -4.09 0.69
C GLY H 31 -48.23 -4.31 0.59
N THR H 32 -47.61 -3.54 -0.30
CA THR H 32 -46.18 -3.58 -0.54
C THR H 32 -45.54 -2.26 -0.16
N GLY H 33 -44.23 -2.18 -0.29
CA GLY H 33 -43.51 -0.97 0.03
C GLY H 33 -42.06 -1.25 0.31
N GLN H 34 -41.30 -0.16 0.43
CA GLN H 34 -39.87 -0.22 0.73
C GLN H 34 -39.59 0.56 2.00
N ALA H 35 -38.65 0.05 2.81
CA ALA H 35 -38.28 0.69 4.07
C ALA H 35 -36.79 0.51 4.30
N ALA H 36 -36.09 1.61 4.54
CA ALA H 36 -34.66 1.57 4.75
C ALA H 36 -34.33 1.07 6.15
N ASP H 37 -33.34 0.20 6.24
CA ASP H 37 -32.89 -0.33 7.53
C ASP H 37 -32.04 0.73 8.24
N LEU H 38 -32.43 1.10 9.45
CA LEU H 38 -31.69 2.10 10.21
C LEU H 38 -30.46 1.54 10.89
N LYS H 39 -30.32 0.21 10.96
CA LYS H 39 -29.20 -0.40 11.66
C LYS H 39 -28.01 -0.68 10.74
N SER H 40 -28.26 -1.34 9.61
CA SER H 40 -27.17 -1.72 8.72
C SER H 40 -26.67 -0.56 7.85
N THR H 41 -27.51 0.45 7.60
CA THR H 41 -27.07 1.59 6.81
C THR H 41 -26.13 2.47 7.61
N GLN H 42 -26.49 2.78 8.86
CA GLN H 42 -25.66 3.63 9.70
C GLN H 42 -24.36 2.95 10.09
N ALA H 43 -24.37 1.62 10.22
CA ALA H 43 -23.16 0.88 10.51
C ALA H 43 -22.20 0.83 9.33
N ALA H 44 -22.69 1.09 8.12
CA ALA H 44 -21.85 1.10 6.92
C ALA H 44 -21.24 2.46 6.64
N ILE H 45 -21.96 3.55 6.95
CA ILE H 45 -21.44 4.89 6.70
C ILE H 45 -20.30 5.20 7.66
N ASP H 46 -20.32 4.63 8.88
CA ASP H 46 -19.22 4.79 9.82
C ASP H 46 -17.94 4.15 9.30
N GLN H 47 -18.06 3.10 8.49
CA GLN H 47 -16.90 2.49 7.84
C GLN H 47 -16.53 3.20 6.54
N ILE H 48 -17.50 3.84 5.88
CA ILE H 48 -17.22 4.54 4.63
C ILE H 48 -16.63 5.92 4.91
N ASN H 49 -17.29 6.71 5.78
CA ASN H 49 -16.81 8.04 6.09
C ASN H 49 -15.53 8.02 6.94
N GLY H 50 -15.25 6.91 7.63
CA GLY H 50 -13.98 6.77 8.30
C GLY H 50 -12.82 6.61 7.33
N LYS H 51 -13.09 6.07 6.15
CA LYS H 51 -12.10 6.01 5.08
C LYS H 51 -11.86 7.35 4.41
N LEU H 52 -12.80 8.29 4.55
CA LEU H 52 -12.67 9.56 3.85
C LEU H 52 -11.85 10.57 4.64
N ASN H 53 -12.14 10.72 5.94
CA ASN H 53 -11.55 11.79 6.73
C ASN H 53 -10.09 11.54 7.07
N ARG H 54 -9.60 10.31 6.93
CA ARG H 54 -8.18 10.05 7.13
C ARG H 54 -7.38 10.13 5.84
N VAL H 55 -8.04 10.45 4.72
CA VAL H 55 -7.38 10.59 3.43
C VAL H 55 -7.56 12.01 2.88
N ILE H 56 -8.80 12.49 2.82
CA ILE H 56 -9.09 13.79 2.24
C ILE H 56 -8.99 14.94 3.24
N GLU H 57 -8.86 14.64 4.52
CA GLU H 57 -8.82 15.65 5.58
C GLU H 57 -7.59 15.45 6.43
N LYS H 58 -6.92 16.56 6.77
CA LYS H 58 -5.75 16.61 7.66
C LYS H 58 -4.59 15.77 7.13
N THR H 59 -4.43 15.75 5.81
CA THR H 59 -3.33 15.02 5.16
C THR H 59 -2.45 15.95 4.34
N ASN H 60 -2.52 17.25 4.59
CA ASN H 60 -1.76 18.24 3.86
C ASN H 60 -0.47 18.60 4.60
N GLU H 61 0.51 19.06 3.84
CA GLU H 61 1.82 19.43 4.38
C GLU H 61 2.08 20.90 4.08
N LYS H 62 2.27 21.69 5.13
CA LYS H 62 2.53 23.13 5.00
C LYS H 62 4.00 23.37 5.32
N PHE H 63 4.80 23.56 4.27
CA PHE H 63 6.23 23.80 4.43
C PHE H 63 6.73 24.56 3.22
N HIS H 64 7.99 25.01 3.30
CA HIS H 64 8.62 25.75 2.22
C HIS H 64 9.19 24.78 1.19
N GLN H 65 8.67 24.84 -0.03
CA GLN H 65 9.17 24.01 -1.13
C GLN H 65 10.22 24.78 -1.92
N ILE H 66 10.73 24.15 -2.97
CA ILE H 66 11.75 24.74 -3.83
C ILE H 66 11.16 24.98 -5.21
N GLU H 67 11.97 25.59 -6.08
CA GLU H 67 11.54 25.85 -7.45
C GLU H 67 11.53 24.56 -8.25
N LYS H 68 10.39 24.25 -8.86
CA LYS H 68 10.22 23.02 -9.63
C LYS H 68 10.23 23.23 -11.13
N GLU H 69 9.96 24.45 -11.61
CA GLU H 69 9.99 24.77 -13.03
C GLU H 69 11.04 25.84 -13.28
N PHE H 70 11.88 25.62 -14.28
CA PHE H 70 12.97 26.54 -14.60
C PHE H 70 12.90 26.91 -16.08
N SER H 71 13.22 28.17 -16.36
CA SER H 71 13.33 28.67 -17.72
C SER H 71 14.75 28.69 -18.24
N GLU H 72 15.73 28.96 -17.39
CA GLU H 72 17.14 28.97 -17.76
C GLU H 72 17.77 27.65 -17.34
N VAL H 73 18.33 26.94 -18.31
CA VAL H 73 18.97 25.65 -18.06
C VAL H 73 20.40 25.89 -17.58
N GLU H 74 20.66 25.51 -16.34
CA GLU H 74 21.98 25.72 -15.74
C GLU H 74 22.89 24.51 -15.93
N GLY H 75 22.40 23.32 -15.63
CA GLY H 75 23.22 22.12 -15.77
C GLY H 75 22.93 21.04 -14.76
N ARG H 76 23.98 20.61 -14.03
CA ARG H 76 23.85 19.50 -13.09
C ARG H 76 23.00 19.85 -11.88
N ILE H 77 22.98 21.12 -11.46
CA ILE H 77 22.19 21.52 -10.30
C ILE H 77 20.70 21.45 -10.60
N GLN H 78 20.31 21.78 -11.82
CA GLN H 78 18.91 21.64 -12.20
C GLN H 78 18.57 20.20 -12.59
N ASP H 79 19.55 19.44 -13.07
CA ASP H 79 19.30 18.04 -13.43
C ASP H 79 19.14 17.17 -12.20
N LEU H 80 19.72 17.56 -11.07
CA LEU H 80 19.55 16.79 -9.84
C LEU H 80 18.15 16.97 -9.28
N GLU H 81 17.68 18.22 -9.18
CA GLU H 81 16.37 18.48 -8.56
C GLU H 81 15.23 18.07 -9.48
N LYS H 82 15.47 17.96 -10.79
CA LYS H 82 14.43 17.51 -11.70
C LYS H 82 14.17 16.02 -11.56
N TYR H 83 15.20 15.24 -11.26
CA TYR H 83 15.03 13.79 -11.13
C TYR H 83 14.34 13.42 -9.83
N VAL H 84 14.55 14.21 -8.77
CA VAL H 84 13.86 13.93 -7.51
C VAL H 84 12.41 14.39 -7.59
N GLU H 85 12.16 15.50 -8.28
CA GLU H 85 10.80 16.02 -8.39
C GLU H 85 9.94 15.13 -9.28
N ASP H 86 10.51 14.62 -10.38
CA ASP H 86 9.80 13.66 -11.22
C ASP H 86 9.59 12.32 -10.53
N THR H 87 10.42 11.98 -9.55
CA THR H 87 10.23 10.74 -8.81
C THR H 87 9.11 10.88 -7.78
N LYS H 88 9.13 11.96 -6.99
CA LYS H 88 8.14 12.12 -5.92
C LYS H 88 6.75 12.43 -6.47
N ILE H 89 6.66 12.96 -7.69
CA ILE H 89 5.38 13.06 -8.36
C ILE H 89 4.89 11.68 -8.77
N ASP H 90 5.79 10.87 -9.34
CA ASP H 90 5.44 9.52 -9.73
C ASP H 90 5.26 8.59 -8.54
N LEU H 91 5.95 8.87 -7.42
CA LEU H 91 5.74 8.07 -6.22
C LEU H 91 4.40 8.41 -5.57
N TRP H 92 4.01 9.68 -5.61
CA TRP H 92 2.67 10.05 -5.14
C TRP H 92 1.59 9.58 -6.11
N SER H 93 1.92 9.50 -7.40
CA SER H 93 0.96 8.96 -8.36
C SER H 93 0.85 7.44 -8.23
N TYR H 94 1.94 6.76 -7.89
CA TYR H 94 1.89 5.32 -7.67
C TYR H 94 1.14 5.01 -6.37
N ASN H 95 1.30 5.86 -5.35
CA ASN H 95 0.54 5.69 -4.13
C ASN H 95 -0.93 6.05 -4.32
N ALA H 96 -1.22 6.94 -5.26
CA ALA H 96 -2.61 7.23 -5.60
C ALA H 96 -3.25 6.05 -6.34
N GLU H 97 -2.46 5.36 -7.16
CA GLU H 97 -2.95 4.15 -7.81
C GLU H 97 -2.90 2.94 -6.88
N LEU H 98 -2.25 3.06 -5.73
CA LEU H 98 -2.22 1.99 -4.73
C LEU H 98 -3.31 2.16 -3.68
N LEU H 99 -3.57 3.40 -3.26
CA LEU H 99 -4.57 3.62 -2.20
C LEU H 99 -5.99 3.63 -2.76
N VAL H 100 -6.26 4.50 -3.74
CA VAL H 100 -7.63 4.74 -4.19
C VAL H 100 -8.17 3.52 -4.95
N ALA H 101 -7.30 2.80 -5.66
CA ALA H 101 -7.74 1.58 -6.32
C ALA H 101 -8.02 0.47 -5.31
N LEU H 102 -7.32 0.46 -4.18
CA LEU H 102 -7.61 -0.52 -3.13
C LEU H 102 -8.76 -0.06 -2.25
N GLU H 103 -8.94 1.26 -2.10
CA GLU H 103 -10.09 1.78 -1.36
C GLU H 103 -11.39 1.51 -2.11
N ASN H 104 -11.37 1.57 -3.44
CA ASN H 104 -12.54 1.19 -4.21
C ASN H 104 -12.74 -0.32 -4.22
N GLN H 105 -11.64 -1.09 -4.12
CA GLN H 105 -11.74 -2.53 -4.03
C GLN H 105 -12.27 -2.96 -2.67
N HIS H 106 -11.86 -2.27 -1.60
CA HIS H 106 -12.33 -2.63 -0.27
C HIS H 106 -13.78 -2.21 -0.04
N THR H 107 -14.22 -1.15 -0.72
CA THR H 107 -15.59 -0.66 -0.55
C THR H 107 -16.61 -1.63 -1.14
N ILE H 108 -16.28 -2.29 -2.24
CA ILE H 108 -17.13 -3.37 -2.75
C ILE H 108 -17.11 -4.55 -1.79
N ASP H 109 -15.94 -4.83 -1.18
CA ASP H 109 -15.87 -5.86 -0.16
C ASP H 109 -16.52 -5.41 1.15
N LEU H 110 -16.57 -4.10 1.40
CA LEU H 110 -17.26 -3.60 2.59
C LEU H 110 -18.77 -3.71 2.43
N THR H 111 -19.29 -3.35 1.25
CA THR H 111 -20.73 -3.49 1.00
C THR H 111 -21.13 -4.95 0.89
N ASP H 112 -20.21 -5.83 0.48
CA ASP H 112 -20.48 -7.26 0.52
C ASP H 112 -20.46 -7.79 1.95
N SER H 113 -19.59 -7.24 2.79
CA SER H 113 -19.55 -7.66 4.19
C SER H 113 -20.73 -7.11 4.98
N GLU H 114 -21.16 -5.88 4.65
CA GLU H 114 -22.36 -5.34 5.29
C GLU H 114 -23.61 -6.07 4.82
N MET H 115 -23.62 -6.57 3.58
CA MET H 115 -24.71 -7.43 3.14
C MET H 115 -24.61 -8.81 3.79
N ASN H 116 -23.39 -9.30 4.01
CA ASN H 116 -23.21 -10.57 4.69
C ASN H 116 -23.58 -10.48 6.17
N LYS H 117 -23.31 -9.34 6.81
CA LYS H 117 -23.77 -9.13 8.18
C LYS H 117 -25.28 -8.95 8.24
N LEU H 118 -25.87 -8.35 7.21
CA LEU H 118 -27.32 -8.26 7.14
C LEU H 118 -27.94 -9.62 6.85
N PHE H 119 -27.26 -10.44 6.05
CA PHE H 119 -27.73 -11.81 5.83
C PHE H 119 -27.50 -12.68 7.07
N GLU H 120 -26.50 -12.35 7.88
CA GLU H 120 -26.26 -13.10 9.11
C GLU H 120 -27.24 -12.68 10.21
N LYS H 121 -27.59 -11.39 10.27
CA LYS H 121 -28.57 -10.93 11.24
C LYS H 121 -29.96 -11.45 10.91
N THR H 122 -30.28 -11.53 9.61
CA THR H 122 -31.54 -12.14 9.21
C THR H 122 -31.47 -13.66 9.29
N ARG H 123 -30.29 -14.24 9.06
CA ARG H 123 -30.16 -15.69 9.11
C ARG H 123 -30.16 -16.24 10.52
N ARG H 124 -29.78 -15.43 11.51
CA ARG H 124 -29.81 -15.87 12.89
C ARG H 124 -31.19 -15.75 13.52
N GLN H 125 -32.18 -15.26 12.78
CA GLN H 125 -33.53 -15.16 13.30
C GLN H 125 -34.54 -15.92 12.46
N LEU H 126 -34.14 -16.44 11.29
CA LEU H 126 -35.03 -17.14 10.38
C LEU H 126 -34.46 -18.51 10.00
N ARG H 127 -34.02 -19.29 10.99
CA ARG H 127 -33.51 -20.62 10.71
C ARG H 127 -34.65 -21.60 10.43
N GLU H 128 -35.52 -21.81 11.41
CA GLU H 128 -36.68 -22.69 11.26
C GLU H 128 -37.93 -21.92 10.86
N ASN H 129 -37.81 -20.63 10.57
CA ASN H 129 -38.96 -19.80 10.23
C ASN H 129 -39.03 -19.41 8.77
N ALA H 130 -37.89 -19.35 8.07
CA ALA H 130 -37.87 -18.95 6.67
C ALA H 130 -36.67 -19.58 5.99
N GLU H 131 -36.65 -19.46 4.66
CA GLU H 131 -35.54 -19.93 3.85
C GLU H 131 -35.24 -18.90 2.76
N ASP H 132 -34.04 -19.01 2.19
CA ASP H 132 -33.60 -18.10 1.14
C ASP H 132 -34.31 -18.44 -0.16
N MET H 133 -34.28 -17.52 -1.12
CA MET H 133 -34.90 -17.76 -2.42
C MET H 133 -33.88 -17.83 -3.55
N GLY H 134 -32.75 -17.13 -3.42
CA GLY H 134 -31.73 -17.13 -4.44
C GLY H 134 -31.45 -15.79 -5.07
N ASN H 135 -32.32 -14.80 -4.86
CA ASN H 135 -32.13 -13.46 -5.40
C ASN H 135 -32.00 -12.42 -4.29
N GLY H 136 -31.54 -12.83 -3.11
CA GLY H 136 -31.44 -11.94 -1.97
C GLY H 136 -32.69 -11.83 -1.13
N CYS H 137 -33.74 -12.57 -1.46
CA CYS H 137 -35.01 -12.51 -0.75
C CYS H 137 -35.19 -13.76 0.09
N PHE H 138 -35.92 -13.61 1.20
CA PHE H 138 -36.23 -14.71 2.10
C PHE H 138 -37.69 -15.10 1.97
N LYS H 139 -37.95 -16.40 1.88
CA LYS H 139 -39.31 -16.92 1.76
C LYS H 139 -39.82 -17.24 3.15
N ILE H 140 -40.66 -16.35 3.70
CA ILE H 140 -41.22 -16.53 5.03
C ILE H 140 -42.36 -17.53 4.96
N TYR H 141 -42.26 -18.61 5.74
CA TYR H 141 -43.25 -19.67 5.74
C TYR H 141 -44.34 -19.48 6.79
N HIS H 142 -44.56 -18.25 7.26
CA HIS H 142 -45.61 -17.98 8.23
C HIS H 142 -46.20 -16.60 7.94
N LYS H 143 -47.21 -16.24 8.71
CA LYS H 143 -47.84 -14.92 8.56
C LYS H 143 -46.93 -13.85 9.13
N CYS H 144 -46.57 -12.87 8.30
CA CYS H 144 -45.67 -11.80 8.69
C CYS H 144 -46.30 -10.47 8.27
N ASP H 145 -46.83 -9.73 9.25
CA ASP H 145 -47.46 -8.45 9.01
C ASP H 145 -46.40 -7.34 9.01
N ASN H 146 -46.85 -6.08 9.08
CA ASN H 146 -45.92 -4.96 9.08
C ASN H 146 -45.14 -4.87 10.39
N ALA H 147 -45.72 -5.35 11.49
CA ALA H 147 -44.98 -5.38 12.75
C ALA H 147 -43.92 -6.47 12.74
N CYS H 148 -44.14 -7.56 11.98
CA CYS H 148 -43.15 -8.61 11.86
C CYS H 148 -41.97 -8.16 11.00
N ILE H 149 -42.22 -7.31 10.00
CA ILE H 149 -41.14 -6.77 9.17
C ILE H 149 -40.26 -5.84 9.99
N GLU H 150 -40.86 -4.98 10.82
CA GLU H 150 -40.09 -4.07 11.65
C GLU H 150 -39.39 -4.76 12.81
N SER H 151 -39.79 -6.00 13.15
CA SER H 151 -39.10 -6.73 14.20
C SER H 151 -37.74 -7.22 13.72
N ILE H 152 -37.67 -7.72 12.48
CA ILE H 152 -36.38 -8.13 11.92
C ILE H 152 -35.56 -6.94 11.47
N ARG H 153 -36.20 -5.81 11.15
CA ARG H 153 -35.46 -4.61 10.77
C ARG H 153 -34.75 -3.99 11.96
N ASN H 154 -35.43 -3.92 13.11
CA ASN H 154 -34.84 -3.37 14.32
C ASN H 154 -34.08 -4.42 15.13
N GLY H 155 -34.09 -5.67 14.71
CA GLY H 155 -33.39 -6.71 15.42
C GLY H 155 -34.10 -7.24 16.65
N THR H 156 -35.40 -7.01 16.76
CA THR H 156 -36.20 -7.46 17.91
C THR H 156 -37.12 -8.62 17.54
N TYR H 157 -36.72 -9.43 16.57
CA TYR H 157 -37.53 -10.57 16.15
C TYR H 157 -37.28 -11.76 17.07
N ASP H 158 -38.34 -12.51 17.34
CA ASP H 158 -38.27 -13.67 18.23
C ASP H 158 -38.41 -14.93 17.40
N HIS H 159 -37.54 -15.91 17.67
CA HIS H 159 -37.54 -17.17 16.92
C HIS H 159 -38.50 -18.20 17.51
N ASP H 160 -38.68 -18.22 18.82
CA ASP H 160 -39.52 -19.23 19.45
C ASP H 160 -41.01 -18.94 19.32
N VAL H 161 -41.38 -17.71 18.95
CA VAL H 161 -42.80 -17.39 18.80
C VAL H 161 -43.36 -17.95 17.51
N TYR H 162 -42.71 -17.67 16.38
CA TYR H 162 -43.14 -18.12 15.08
C TYR H 162 -42.52 -19.45 14.67
N ARG H 163 -42.12 -20.27 15.64
CA ARG H 163 -41.49 -21.55 15.33
C ARG H 163 -42.52 -22.62 14.99
N ASP H 164 -43.61 -22.70 15.76
CA ASP H 164 -44.61 -23.73 15.55
C ASP H 164 -45.50 -23.46 14.33
N GLU H 165 -45.53 -22.22 13.84
CA GLU H 165 -46.36 -21.88 12.70
C GLU H 165 -45.67 -22.15 11.37
N ALA H 166 -44.38 -21.80 11.26
CA ALA H 166 -43.69 -21.92 9.98
C ALA H 166 -43.14 -23.32 9.74
N LEU H 167 -42.93 -24.11 10.80
CA LEU H 167 -42.43 -25.47 10.62
C LEU H 167 -43.49 -26.41 10.07
N ASN H 168 -44.77 -26.07 10.20
CA ASN H 168 -45.84 -26.87 9.62
C ASN H 168 -46.01 -26.65 8.13
N ASN H 169 -45.38 -25.63 7.56
CA ASN H 169 -45.48 -25.34 6.14
C ASN H 169 -44.14 -25.31 5.42
N ARG H 170 -43.03 -25.52 6.14
CA ARG H 170 -41.72 -25.50 5.51
C ARG H 170 -41.41 -26.82 4.82
N PHE H 171 -41.48 -27.93 5.56
CA PHE H 171 -41.22 -29.25 5.02
C PHE H 171 -42.49 -30.00 4.63
N GLN H 172 -43.64 -29.33 4.66
CA GLN H 172 -44.90 -29.98 4.30
C GLN H 172 -45.56 -29.27 3.12
N GLU I 1 3.12 -10.86 -37.00
CA GLU I 1 1.92 -10.53 -36.25
C GLU I 1 0.97 -11.72 -36.19
N VAL I 2 -0.14 -11.55 -35.49
CA VAL I 2 -1.15 -12.60 -35.36
C VAL I 2 -1.96 -12.66 -36.65
N GLN I 3 -1.98 -13.83 -37.29
CA GLN I 3 -2.68 -14.00 -38.54
C GLN I 3 -3.06 -15.46 -38.70
N LEU I 4 -4.31 -15.71 -39.10
CA LEU I 4 -4.82 -17.06 -39.32
C LEU I 4 -5.04 -17.28 -40.81
N VAL I 5 -4.46 -18.35 -41.34
CA VAL I 5 -4.56 -18.69 -42.76
C VAL I 5 -5.30 -20.02 -42.87
N GLU I 6 -6.39 -20.03 -43.62
CA GLU I 6 -7.20 -21.22 -43.81
C GLU I 6 -6.79 -21.94 -45.10
N SER I 7 -7.08 -23.24 -45.14
CA SER I 7 -6.77 -24.06 -46.29
C SER I 7 -7.74 -25.24 -46.33
N GLY I 8 -7.63 -26.05 -47.38
CA GLY I 8 -8.46 -27.22 -47.54
C GLY I 8 -9.74 -27.00 -48.31
N GLY I 9 -9.92 -25.83 -48.93
CA GLY I 9 -11.11 -25.55 -49.69
C GLY I 9 -11.04 -26.10 -51.11
N GLY I 10 -12.12 -25.90 -51.84
CA GLY I 10 -12.22 -26.35 -53.21
C GLY I 10 -13.65 -26.72 -53.55
N LEU I 11 -13.78 -27.54 -54.59
CA LEU I 11 -15.07 -28.00 -55.08
C LEU I 11 -15.26 -29.46 -54.70
N VAL I 12 -16.45 -29.79 -54.19
CA VAL I 12 -16.77 -31.15 -53.78
C VAL I 12 -18.24 -31.42 -54.10
N GLN I 13 -18.59 -32.72 -54.17
CA GLN I 13 -19.93 -33.25 -54.40
C GLN I 13 -20.66 -33.42 -53.07
N PRO I 14 -22.01 -33.34 -53.08
CA PRO I 14 -22.75 -33.60 -51.83
C PRO I 14 -22.67 -35.05 -51.38
N GLY I 15 -21.99 -35.28 -50.27
CA GLY I 15 -21.77 -36.62 -49.76
C GLY I 15 -20.32 -37.03 -49.64
N GLY I 16 -19.37 -36.15 -49.94
CA GLY I 16 -17.95 -36.46 -49.86
C GLY I 16 -17.38 -36.22 -48.48
N SER I 17 -16.06 -36.01 -48.43
CA SER I 17 -15.36 -35.79 -47.18
C SER I 17 -14.14 -34.92 -47.44
N LEU I 18 -13.90 -33.97 -46.54
CA LEU I 18 -12.76 -33.06 -46.64
C LEU I 18 -12.11 -32.94 -45.27
N ARG I 19 -11.08 -32.11 -45.19
CA ARG I 19 -10.39 -31.84 -43.93
C ARG I 19 -9.77 -30.45 -44.03
N LEU I 20 -10.41 -29.47 -43.39
CA LEU I 20 -9.94 -28.10 -43.44
C LEU I 20 -8.73 -27.91 -42.53
N SER I 21 -8.08 -26.76 -42.69
CA SER I 21 -6.90 -26.42 -41.90
C SER I 21 -6.97 -24.96 -41.48
N CYS I 22 -6.31 -24.65 -40.37
CA CYS I 22 -6.28 -23.29 -39.82
C CYS I 22 -4.85 -23.02 -39.35
N ALA I 23 -4.03 -22.48 -40.24
CA ALA I 23 -2.63 -22.22 -39.94
C ALA I 23 -2.49 -20.97 -39.07
N ALA I 24 -1.84 -21.11 -37.94
CA ALA I 24 -1.64 -20.00 -37.00
C ALA I 24 -0.16 -19.62 -36.95
N SER I 25 0.09 -18.34 -36.71
CA SER I 25 1.45 -17.81 -36.63
C SER I 25 1.44 -16.54 -35.80
N GLY I 26 2.56 -16.29 -35.12
CA GLY I 26 2.72 -15.10 -34.33
C GLY I 26 2.32 -15.24 -32.87
N PHE I 27 1.76 -16.37 -32.47
CA PHE I 27 1.35 -16.57 -31.08
C PHE I 27 1.44 -18.05 -30.75
N THR I 28 1.34 -18.36 -29.46
CA THR I 28 1.38 -19.73 -28.99
C THR I 28 0.03 -20.39 -29.21
N PHE I 29 -0.01 -21.43 -30.05
CA PHE I 29 -1.25 -22.10 -30.39
C PHE I 29 -1.75 -23.00 -29.27
N SER I 30 -0.86 -23.48 -28.40
CA SER I 30 -1.24 -24.41 -27.34
C SER I 30 -1.79 -23.73 -26.11
N THR I 31 -1.95 -22.40 -26.11
CA THR I 31 -2.47 -21.68 -24.97
C THR I 31 -3.81 -21.00 -25.23
N TYR I 32 -4.25 -20.89 -26.48
CA TYR I 32 -5.50 -20.24 -26.82
C TYR I 32 -6.49 -21.27 -27.34
N ASN I 33 -7.78 -20.97 -27.16
CA ASN I 33 -8.84 -21.84 -27.63
C ASN I 33 -9.22 -21.51 -29.06
N MET I 34 -9.77 -22.51 -29.76
CA MET I 34 -10.19 -22.37 -31.15
C MET I 34 -11.66 -22.77 -31.27
N ASN I 35 -12.23 -22.46 -32.44
CA ASN I 35 -13.63 -22.72 -32.71
C ASN I 35 -13.82 -22.88 -34.21
N TRP I 36 -15.08 -22.87 -34.66
CA TRP I 36 -15.40 -23.02 -36.07
C TRP I 36 -16.71 -22.28 -36.33
N VAL I 37 -16.61 -21.11 -36.96
CA VAL I 37 -17.75 -20.27 -37.27
C VAL I 37 -17.77 -20.03 -38.78
N ARG I 38 -18.89 -20.36 -39.42
CA ARG I 38 -19.06 -20.18 -40.85
C ARG I 38 -19.93 -18.97 -41.12
N GLN I 39 -20.17 -18.71 -42.41
CA GLN I 39 -21.01 -17.58 -42.84
C GLN I 39 -21.81 -18.04 -44.05
N ALA I 40 -23.09 -18.33 -43.84
CA ALA I 40 -23.94 -18.81 -44.92
C ALA I 40 -24.34 -17.66 -45.84
N PRO I 41 -24.42 -17.90 -47.15
CA PRO I 41 -24.88 -16.85 -48.08
C PRO I 41 -26.37 -16.59 -47.90
N GLY I 42 -26.72 -15.33 -47.64
CA GLY I 42 -28.08 -14.95 -47.38
C GLY I 42 -28.50 -15.02 -45.92
N LYS I 43 -27.68 -15.60 -45.07
CA LYS I 43 -27.94 -15.71 -43.64
C LYS I 43 -26.79 -15.08 -42.86
N GLY I 44 -26.87 -15.16 -41.53
CA GLY I 44 -25.86 -14.63 -40.66
C GLY I 44 -24.80 -15.66 -40.31
N LEU I 45 -24.05 -15.35 -39.26
CA LEU I 45 -23.01 -16.25 -38.77
C LEU I 45 -23.63 -17.42 -38.03
N GLU I 46 -22.90 -18.53 -37.98
CA GLU I 46 -23.38 -19.74 -37.32
C GLU I 46 -22.21 -20.46 -36.69
N TRP I 47 -22.20 -20.57 -35.36
CA TRP I 47 -21.18 -21.31 -34.65
C TRP I 47 -21.43 -22.81 -34.79
N LEU I 48 -20.35 -23.56 -35.00
CA LEU I 48 -20.43 -25.00 -35.21
C LEU I 48 -19.83 -25.82 -34.08
N SER I 49 -18.57 -25.57 -33.73
CA SER I 49 -17.88 -26.38 -32.74
C SER I 49 -16.94 -25.52 -31.92
N TYR I 50 -16.39 -26.11 -30.87
CA TYR I 50 -15.46 -25.45 -29.97
C TYR I 50 -14.55 -26.49 -29.34
N ILE I 51 -13.25 -26.17 -29.27
CA ILE I 51 -12.27 -27.06 -28.69
C ILE I 51 -11.39 -26.24 -27.72
N SER I 52 -10.75 -26.94 -26.81
CA SER I 52 -9.89 -26.34 -25.80
C SER I 52 -8.44 -26.76 -26.04
N THR I 53 -7.55 -26.25 -25.19
CA THR I 53 -6.13 -26.58 -25.31
C THR I 53 -5.82 -27.99 -24.80
N SER I 54 -6.60 -28.48 -23.83
CA SER I 54 -6.38 -29.81 -23.29
C SER I 54 -7.02 -30.91 -24.12
N SER I 55 -7.82 -30.54 -25.14
CA SER I 55 -8.51 -31.47 -26.05
C SER I 55 -9.41 -32.45 -25.29
N ASN I 56 -10.13 -31.95 -24.29
CA ASN I 56 -11.04 -32.78 -23.52
C ASN I 56 -12.43 -32.15 -23.48
N THR I 57 -12.49 -30.82 -23.62
CA THR I 57 -13.75 -30.09 -23.62
C THR I 57 -14.09 -29.74 -25.06
N ILE I 58 -14.89 -30.58 -25.70
CA ILE I 58 -15.31 -30.39 -27.09
C ILE I 58 -16.82 -30.25 -27.12
N TYR I 59 -17.29 -29.15 -27.69
CA TYR I 59 -18.71 -28.87 -27.81
C TYR I 59 -19.13 -28.81 -29.27
N TYR I 60 -20.41 -29.06 -29.52
CA TYR I 60 -20.97 -29.04 -30.86
C TYR I 60 -22.29 -28.28 -30.85
N ALA I 61 -22.68 -27.81 -32.03
CA ALA I 61 -23.93 -27.08 -32.19
C ALA I 61 -25.09 -28.03 -32.38
N ASP I 62 -26.30 -27.47 -32.49
CA ASP I 62 -27.49 -28.30 -32.68
C ASP I 62 -27.60 -28.82 -34.12
N SER I 63 -27.02 -28.10 -35.08
CA SER I 63 -27.05 -28.52 -36.48
C SER I 63 -25.93 -29.48 -36.83
N VAL I 64 -24.98 -29.72 -35.94
CA VAL I 64 -23.88 -30.63 -36.22
C VAL I 64 -24.32 -32.08 -36.06
N LYS I 65 -24.78 -32.43 -34.84
CA LYS I 65 -25.26 -33.77 -34.48
C LYS I 65 -24.21 -34.86 -34.73
N GLY I 66 -22.94 -34.52 -34.47
CA GLY I 66 -21.86 -35.46 -34.64
C GLY I 66 -21.39 -35.70 -36.05
N ARG I 67 -21.91 -34.95 -37.02
CA ARG I 67 -21.49 -35.14 -38.41
C ARG I 67 -20.14 -34.51 -38.71
N PHE I 68 -19.66 -33.61 -37.85
CA PHE I 68 -18.36 -32.98 -38.02
C PHE I 68 -17.43 -33.39 -36.88
N THR I 69 -16.13 -33.37 -37.16
CA THR I 69 -15.10 -33.73 -36.19
C THR I 69 -14.02 -32.66 -36.20
N ILE I 70 -13.72 -32.12 -35.02
CA ILE I 70 -12.74 -31.05 -34.86
C ILE I 70 -11.60 -31.56 -34.01
N SER I 71 -10.37 -31.42 -34.51
CA SER I 71 -9.18 -31.85 -33.80
C SER I 71 -8.11 -30.78 -33.94
N ARG I 72 -7.02 -30.97 -33.21
CA ARG I 72 -5.90 -30.03 -33.23
C ARG I 72 -4.62 -30.77 -32.88
N ASP I 73 -3.50 -30.10 -33.14
CA ASP I 73 -2.18 -30.68 -32.85
C ASP I 73 -1.25 -29.55 -32.43
N ASN I 74 -0.67 -29.68 -31.24
CA ASN I 74 0.25 -28.66 -30.74
C ASN I 74 1.60 -28.70 -31.43
N ALA I 75 1.97 -29.83 -32.04
CA ALA I 75 3.24 -29.93 -32.74
C ALA I 75 3.22 -29.25 -34.11
N LYS I 76 2.04 -29.12 -34.71
CA LYS I 76 1.92 -28.48 -36.02
C LYS I 76 1.25 -27.11 -35.97
N ASN I 77 0.62 -26.76 -34.83
CA ASN I 77 -0.07 -25.48 -34.60
C ASN I 77 -1.15 -25.20 -35.64
N SER I 78 -2.06 -26.17 -35.78
CA SER I 78 -3.14 -26.06 -36.75
C SER I 78 -4.35 -26.83 -36.24
N LEU I 79 -5.45 -26.70 -36.97
CA LEU I 79 -6.69 -27.40 -36.65
C LEU I 79 -6.94 -28.51 -37.67
N PHE I 80 -7.87 -29.40 -37.32
CA PHE I 80 -8.29 -30.51 -38.18
C PHE I 80 -9.81 -30.54 -38.16
N LEU I 81 -10.42 -29.82 -39.09
CA LEU I 81 -11.88 -29.73 -39.20
C LEU I 81 -12.36 -30.75 -40.22
N GLN I 82 -12.79 -31.91 -39.75
CA GLN I 82 -13.28 -32.96 -40.62
C GLN I 82 -14.73 -32.72 -40.98
N MET I 83 -15.05 -32.79 -42.27
CA MET I 83 -16.40 -32.54 -42.78
C MET I 83 -16.95 -33.83 -43.36
N ASN I 84 -18.00 -34.36 -42.72
CA ASN I 84 -18.65 -35.58 -43.17
C ASN I 84 -20.16 -35.36 -43.25
N SER I 85 -20.79 -36.09 -44.18
CA SER I 85 -22.23 -36.06 -44.44
C SER I 85 -22.70 -34.65 -44.80
N LEU I 86 -22.14 -34.13 -45.88
CA LEU I 86 -22.44 -32.78 -46.34
C LEU I 86 -23.70 -32.77 -47.20
N ARG I 87 -24.24 -31.57 -47.39
CA ARG I 87 -25.44 -31.37 -48.21
C ARG I 87 -25.32 -30.03 -48.91
N ASP I 88 -26.39 -29.61 -49.58
CA ASP I 88 -26.39 -28.35 -50.29
C ASP I 88 -26.53 -27.15 -49.35
N GLU I 89 -27.05 -27.35 -48.14
CA GLU I 89 -27.20 -26.25 -47.20
C GLU I 89 -25.88 -25.84 -46.57
N ASP I 90 -24.91 -26.73 -46.54
CA ASP I 90 -23.61 -26.45 -45.92
C ASP I 90 -22.65 -25.72 -46.86
N THR I 91 -23.09 -25.32 -48.05
CA THR I 91 -22.25 -24.59 -49.00
C THR I 91 -22.10 -23.16 -48.49
N ALA I 92 -20.97 -22.87 -47.86
CA ALA I 92 -20.72 -21.56 -47.28
C ALA I 92 -19.21 -21.34 -47.20
N VAL I 93 -18.83 -20.20 -46.62
CA VAL I 93 -17.43 -19.85 -46.41
C VAL I 93 -17.12 -20.07 -44.94
N TYR I 94 -16.14 -20.92 -44.66
CA TYR I 94 -15.79 -21.31 -43.30
C TYR I 94 -14.64 -20.45 -42.78
N TYR I 95 -14.67 -20.18 -41.48
CA TYR I 95 -13.64 -19.39 -40.81
C TYR I 95 -13.26 -20.05 -39.50
N CYS I 96 -12.03 -19.79 -39.06
CA CYS I 96 -11.57 -20.18 -37.74
C CYS I 96 -11.17 -18.92 -36.97
N ALA I 97 -11.58 -18.86 -35.71
CA ALA I 97 -11.35 -17.67 -34.88
C ALA I 97 -10.72 -18.08 -33.55
N ARG I 98 -10.00 -17.13 -32.96
CA ARG I 98 -9.34 -17.32 -31.68
C ARG I 98 -10.11 -16.56 -30.60
N ASP I 99 -10.34 -17.22 -29.47
CA ASP I 99 -11.07 -16.60 -28.38
C ASP I 99 -10.20 -15.57 -27.67
N ARG I 100 -10.87 -14.59 -27.05
CA ARG I 100 -10.15 -13.54 -26.34
C ARG I 100 -9.60 -14.04 -25.00
N GLY I 101 -10.49 -14.51 -24.13
CA GLY I 101 -10.06 -15.12 -22.89
C GLY I 101 -10.37 -14.34 -21.63
N CYS I 102 -10.19 -13.02 -21.67
CA CYS I 102 -10.37 -12.18 -20.51
C CYS I 102 -11.08 -10.90 -20.92
N SER I 103 -11.29 -10.01 -19.94
CA SER I 103 -11.94 -8.73 -20.15
C SER I 103 -10.97 -7.56 -20.14
N SER I 104 -9.67 -7.83 -20.06
CA SER I 104 -8.67 -6.78 -20.04
C SER I 104 -8.14 -6.54 -21.46
N THR I 105 -7.07 -5.75 -21.57
CA THR I 105 -6.51 -5.45 -22.88
C THR I 105 -5.73 -6.64 -23.43
N ASN I 106 -4.68 -7.06 -22.73
CA ASN I 106 -3.90 -8.22 -23.10
C ASN I 106 -4.15 -9.33 -22.09
N CYS I 107 -4.67 -10.46 -22.56
CA CYS I 107 -5.02 -11.59 -21.71
C CYS I 107 -3.79 -12.49 -21.55
N TYR I 108 -3.07 -12.29 -20.45
CA TYR I 108 -1.92 -13.14 -20.15
C TYR I 108 -2.34 -14.51 -19.67
N VAL I 109 -3.50 -14.61 -19.03
CA VAL I 109 -4.10 -15.88 -18.62
C VAL I 109 -5.34 -16.08 -19.48
N VAL I 110 -5.26 -17.01 -20.43
CA VAL I 110 -6.34 -17.25 -21.38
C VAL I 110 -7.47 -18.00 -20.68
N GLY I 111 -8.70 -17.52 -20.85
CA GLY I 111 -9.84 -18.13 -20.23
C GLY I 111 -10.70 -18.94 -21.16
N TYR I 112 -11.85 -18.40 -21.57
CA TYR I 112 -12.79 -19.10 -22.42
C TYR I 112 -13.36 -18.11 -23.43
N TYR I 113 -14.46 -18.51 -24.09
CA TYR I 113 -15.08 -17.75 -25.16
C TYR I 113 -16.13 -16.76 -24.67
N PHE I 114 -16.06 -16.34 -23.41
CA PHE I 114 -17.09 -15.49 -22.84
C PHE I 114 -16.87 -14.00 -23.11
N TYR I 115 -15.85 -13.63 -23.88
CA TYR I 115 -15.58 -12.22 -24.18
C TYR I 115 -15.24 -12.04 -25.64
N GLY I 116 -15.94 -12.74 -26.52
CA GLY I 116 -15.80 -12.54 -27.95
C GLY I 116 -14.54 -13.15 -28.53
N MET I 117 -14.38 -12.95 -29.83
CA MET I 117 -13.24 -13.46 -30.59
C MET I 117 -12.65 -12.31 -31.40
N ASP I 118 -11.49 -11.82 -30.98
CA ASP I 118 -10.86 -10.65 -31.60
C ASP I 118 -9.98 -11.00 -32.79
N VAL I 119 -9.71 -12.27 -33.03
CA VAL I 119 -8.82 -12.70 -34.11
C VAL I 119 -9.65 -13.50 -35.11
N TRP I 120 -9.62 -13.08 -36.38
CA TRP I 120 -10.33 -13.76 -37.45
C TRP I 120 -9.40 -13.91 -38.65
N GLY I 121 -9.58 -15.01 -39.39
CA GLY I 121 -8.77 -15.28 -40.55
C GLY I 121 -9.41 -14.78 -41.84
N GLN I 122 -8.73 -15.10 -42.95
CA GLN I 122 -9.23 -14.66 -44.26
C GLN I 122 -10.36 -15.55 -44.75
N GLY I 123 -10.26 -16.86 -44.52
CA GLY I 123 -11.30 -17.78 -44.93
C GLY I 123 -11.05 -18.37 -46.31
N THR I 124 -11.72 -19.49 -46.56
CA THR I 124 -11.63 -20.19 -47.84
C THR I 124 -13.03 -20.57 -48.30
N THR I 125 -13.20 -20.62 -49.62
CA THR I 125 -14.50 -20.91 -50.24
C THR I 125 -14.62 -22.42 -50.44
N VAL I 126 -15.65 -23.01 -49.83
CA VAL I 126 -15.93 -24.44 -49.96
C VAL I 126 -17.29 -24.57 -50.63
N THR I 127 -17.27 -24.98 -51.90
CA THR I 127 -18.50 -25.13 -52.70
C THR I 127 -18.88 -26.61 -52.73
N VAL I 128 -20.08 -26.91 -52.28
CA VAL I 128 -20.60 -28.28 -52.26
C VAL I 128 -21.73 -28.34 -53.28
N SER I 129 -21.42 -28.86 -54.47
CA SER I 129 -22.39 -28.98 -55.54
C SER I 129 -21.99 -30.13 -56.46
N SER I 130 -22.99 -30.83 -56.98
CA SER I 130 -22.75 -31.97 -57.87
C SER I 130 -22.52 -31.56 -59.32
N ALA I 131 -22.71 -30.28 -59.65
CA ALA I 131 -22.49 -29.82 -61.01
C ALA I 131 -21.01 -29.66 -61.31
N SER I 132 -20.63 -29.99 -62.54
CA SER I 132 -19.24 -29.89 -62.95
C SER I 132 -18.96 -28.50 -63.52
N THR I 133 -17.73 -28.31 -64.00
CA THR I 133 -17.32 -27.02 -64.57
C THR I 133 -17.92 -26.87 -65.95
N LYS I 134 -18.65 -25.78 -66.17
CA LYS I 134 -19.31 -25.50 -67.43
C LYS I 134 -19.07 -24.05 -67.83
N GLY I 135 -18.79 -23.82 -69.11
CA GLY I 135 -18.54 -22.49 -69.61
C GLY I 135 -19.80 -21.65 -69.65
N PRO I 136 -19.65 -20.33 -69.64
CA PRO I 136 -20.81 -19.45 -69.64
C PRO I 136 -21.42 -19.30 -71.02
N SER I 137 -22.71 -18.95 -71.02
CA SER I 137 -23.47 -18.71 -72.24
C SER I 137 -23.88 -17.24 -72.26
N VAL I 138 -23.31 -16.48 -73.18
CA VAL I 138 -23.56 -15.05 -73.28
C VAL I 138 -24.74 -14.79 -74.20
N PHE I 139 -25.71 -14.02 -73.71
CA PHE I 139 -26.89 -13.64 -74.49
C PHE I 139 -26.97 -12.12 -74.53
N PRO I 140 -26.93 -11.49 -75.69
CA PRO I 140 -27.02 -10.04 -75.76
C PRO I 140 -28.45 -9.55 -75.55
N LEU I 141 -28.57 -8.25 -75.31
CA LEU I 141 -29.86 -7.60 -75.10
C LEU I 141 -29.96 -6.41 -76.06
N ALA I 142 -31.00 -6.41 -76.89
CA ALA I 142 -31.21 -5.33 -77.84
C ALA I 142 -31.76 -4.10 -77.14
N PRO I 143 -31.09 -2.96 -77.18
CA PRO I 143 -31.61 -1.76 -76.52
C PRO I 143 -32.71 -1.10 -77.33
N SER I 144 -33.43 -0.20 -76.66
CA SER I 144 -34.51 0.53 -77.28
C SER I 144 -34.69 1.86 -76.57
N SER I 145 -35.31 2.81 -77.28
CA SER I 145 -35.54 4.14 -76.73
C SER I 145 -36.73 4.11 -75.78
N LYS I 146 -36.49 4.47 -74.53
CA LYS I 146 -37.54 4.51 -73.51
C LYS I 146 -37.81 5.91 -72.99
N SER I 147 -36.77 6.63 -72.58
CA SER I 147 -36.92 7.99 -72.07
C SER I 147 -37.01 8.97 -73.23
N THR I 148 -38.16 9.62 -73.38
CA THR I 148 -38.34 10.58 -74.47
C THR I 148 -37.64 11.90 -74.18
N SER I 149 -37.90 12.48 -73.00
CA SER I 149 -37.29 13.76 -72.66
C SER I 149 -35.83 13.63 -72.27
N GLY I 150 -35.44 12.51 -71.69
CA GLY I 150 -34.07 12.31 -71.28
C GLY I 150 -33.17 11.82 -72.39
N GLY I 151 -33.67 10.90 -73.21
CA GLY I 151 -32.90 10.37 -74.31
C GLY I 151 -31.86 9.36 -73.92
N THR I 152 -32.20 8.43 -73.03
CA THR I 152 -31.28 7.39 -72.57
C THR I 152 -31.79 6.02 -72.99
N ALA I 153 -30.87 5.07 -73.03
CA ALA I 153 -31.20 3.69 -73.40
C ALA I 153 -30.22 2.75 -72.71
N ALA I 154 -30.75 1.73 -72.04
CA ALA I 154 -29.92 0.78 -71.31
C ALA I 154 -29.66 -0.46 -72.15
N LEU I 155 -28.51 -1.09 -71.90
CA LEU I 155 -28.12 -2.31 -72.59
C LEU I 155 -27.21 -3.12 -71.69
N GLY I 156 -27.19 -4.43 -71.92
CA GLY I 156 -26.36 -5.29 -71.10
C GLY I 156 -26.22 -6.67 -71.72
N CYS I 157 -25.66 -7.58 -70.92
CA CYS I 157 -25.44 -8.95 -71.36
C CYS I 157 -25.84 -9.89 -70.22
N LEU I 158 -26.33 -11.06 -70.60
CA LEU I 158 -26.81 -12.06 -69.65
C LEU I 158 -25.84 -13.24 -69.63
N VAL I 159 -25.21 -13.46 -68.48
CA VAL I 159 -24.35 -14.60 -68.26
C VAL I 159 -25.13 -15.64 -67.47
N LYS I 160 -25.51 -16.73 -68.13
CA LYS I 160 -26.35 -17.75 -67.53
C LYS I 160 -25.74 -19.12 -67.76
N ASP I 161 -26.01 -20.03 -66.82
CA ASP I 161 -25.60 -21.44 -66.84
C ASP I 161 -24.08 -21.58 -66.92
N TYR I 162 -23.42 -21.10 -65.87
CA TYR I 162 -21.97 -21.23 -65.73
C TYR I 162 -21.65 -21.83 -64.37
N PHE I 163 -20.44 -22.39 -64.26
CA PHE I 163 -19.94 -22.97 -63.02
C PHE I 163 -18.42 -23.03 -63.05
N PRO I 164 -17.73 -22.61 -61.98
CA PRO I 164 -18.28 -22.02 -60.76
C PRO I 164 -18.27 -20.49 -60.76
N GLU I 165 -18.60 -19.91 -59.62
CA GLU I 165 -18.60 -18.46 -59.42
C GLU I 165 -17.21 -18.00 -58.99
N PRO I 166 -16.81 -16.75 -59.34
CA PRO I 166 -17.49 -15.75 -60.16
C PRO I 166 -16.91 -15.62 -61.56
N VAL I 167 -17.43 -14.66 -62.33
CA VAL I 167 -16.95 -14.35 -63.67
C VAL I 167 -16.72 -12.85 -63.75
N THR I 168 -15.50 -12.45 -64.07
CA THR I 168 -15.17 -11.03 -64.23
C THR I 168 -15.72 -10.55 -65.57
N VAL I 169 -16.75 -9.70 -65.51
CA VAL I 169 -17.42 -9.18 -66.70
C VAL I 169 -17.17 -7.68 -66.77
N SER I 170 -16.67 -7.22 -67.92
CA SER I 170 -16.38 -5.81 -68.13
C SER I 170 -16.88 -5.43 -69.53
N TRP I 171 -16.51 -4.22 -69.97
CA TRP I 171 -16.92 -3.72 -71.27
C TRP I 171 -15.71 -3.14 -71.98
N ASN I 172 -15.48 -3.60 -73.22
CA ASN I 172 -14.38 -3.18 -74.09
C ASN I 172 -13.01 -3.41 -73.43
N SER I 173 -12.87 -4.56 -72.75
CA SER I 173 -11.65 -4.98 -72.05
C SER I 173 -11.20 -3.97 -71.00
N GLY I 174 -12.17 -3.41 -70.26
CA GLY I 174 -11.87 -2.46 -69.22
C GLY I 174 -11.84 -1.01 -69.64
N ALA I 175 -12.16 -0.71 -70.91
CA ALA I 175 -12.15 0.68 -71.35
C ALA I 175 -13.39 1.43 -70.88
N LEU I 176 -14.55 0.77 -70.87
CA LEU I 176 -15.81 1.38 -70.44
C LEU I 176 -16.08 0.94 -69.00
N THR I 177 -15.81 1.84 -68.06
CA THR I 177 -16.02 1.56 -66.64
C THR I 177 -17.02 2.48 -65.97
N SER I 178 -17.36 3.62 -66.57
CA SER I 178 -18.29 4.55 -65.96
C SER I 178 -19.73 4.06 -66.13
N GLY I 179 -20.44 3.98 -65.00
CA GLY I 179 -21.83 3.55 -65.03
C GLY I 179 -22.04 2.06 -65.12
N VAL I 180 -20.98 1.26 -64.98
CA VAL I 180 -21.08 -0.19 -65.07
C VAL I 180 -21.47 -0.74 -63.70
N HIS I 181 -22.58 -1.47 -63.65
CA HIS I 181 -23.08 -2.06 -62.41
C HIS I 181 -22.96 -3.58 -62.51
N THR I 182 -22.37 -4.19 -61.49
CA THR I 182 -22.18 -5.64 -61.44
C THR I 182 -23.19 -6.24 -60.48
N PHE I 183 -24.00 -7.18 -60.98
CA PHE I 183 -25.03 -7.85 -60.18
C PHE I 183 -24.49 -9.15 -59.61
N PRO I 184 -24.86 -9.50 -58.38
CA PRO I 184 -24.39 -10.76 -57.79
C PRO I 184 -25.09 -11.96 -58.39
N ALA I 185 -24.41 -13.10 -58.32
CA ALA I 185 -24.94 -14.33 -58.88
C ALA I 185 -26.02 -14.91 -57.98
N VAL I 186 -27.03 -15.51 -58.60
CA VAL I 186 -28.14 -16.14 -57.90
C VAL I 186 -28.28 -17.58 -58.39
N LEU I 187 -28.85 -18.43 -57.53
CA LEU I 187 -29.03 -19.83 -57.86
C LEU I 187 -30.25 -20.01 -58.77
N GLN I 188 -30.11 -20.89 -59.74
CA GLN I 188 -31.18 -21.22 -60.66
C GLN I 188 -31.81 -22.56 -60.26
N SER I 189 -32.72 -23.07 -61.09
CA SER I 189 -33.36 -24.34 -60.80
C SER I 189 -32.40 -25.52 -61.02
N SER I 190 -31.46 -25.38 -61.94
CA SER I 190 -30.49 -26.42 -62.23
C SER I 190 -29.27 -26.37 -61.32
N GLY I 191 -29.19 -25.37 -60.44
CA GLY I 191 -28.07 -25.25 -59.52
C GLY I 191 -26.93 -24.38 -60.02
N LEU I 192 -26.99 -23.89 -61.24
CA LEU I 192 -25.93 -23.07 -61.79
C LEU I 192 -26.21 -21.59 -61.52
N TYR I 193 -25.14 -20.81 -61.39
CA TYR I 193 -25.25 -19.40 -61.09
C TYR I 193 -25.61 -18.61 -62.35
N SER I 194 -26.10 -17.39 -62.13
CA SER I 194 -26.48 -16.50 -63.23
C SER I 194 -26.47 -15.06 -62.73
N LEU I 195 -25.82 -14.17 -63.47
CA LEU I 195 -25.78 -12.76 -63.14
C LEU I 195 -25.91 -11.94 -64.42
N SER I 196 -25.78 -10.62 -64.28
CA SER I 196 -25.88 -9.71 -65.41
C SER I 196 -25.05 -8.47 -65.11
N SER I 197 -24.85 -7.65 -66.14
CA SER I 197 -24.11 -6.41 -66.01
C SER I 197 -24.58 -5.43 -67.07
N VAL I 198 -24.98 -4.23 -66.62
CA VAL I 198 -25.48 -3.19 -67.51
C VAL I 198 -24.59 -1.96 -67.38
N VAL I 199 -24.81 -1.00 -68.27
CA VAL I 199 -24.04 0.24 -68.30
C VAL I 199 -24.94 1.35 -68.83
N THR I 200 -25.05 2.44 -68.08
CA THR I 200 -25.88 3.56 -68.49
C THR I 200 -25.20 4.34 -69.60
N VAL I 201 -25.81 4.33 -70.79
CA VAL I 201 -25.26 5.01 -71.96
C VAL I 201 -26.36 5.85 -72.59
N PRO I 202 -26.03 6.98 -73.22
CA PRO I 202 -27.07 7.76 -73.91
C PRO I 202 -27.50 7.08 -75.20
N SER I 203 -28.65 7.53 -75.71
CA SER I 203 -29.23 6.95 -76.92
C SER I 203 -28.58 7.46 -78.20
N SER I 204 -27.74 8.50 -78.12
CA SER I 204 -27.09 9.04 -79.30
C SER I 204 -25.93 8.18 -79.78
N SER I 205 -25.38 7.33 -78.92
CA SER I 205 -24.23 6.49 -79.27
C SER I 205 -24.62 5.02 -79.43
N LEU I 206 -25.87 4.76 -79.81
CA LEU I 206 -26.31 3.38 -80.01
C LEU I 206 -25.79 2.82 -81.33
N GLY I 207 -26.00 3.54 -82.43
CA GLY I 207 -25.55 3.11 -83.73
C GLY I 207 -24.16 3.53 -84.11
N THR I 208 -23.43 4.19 -83.21
CA THR I 208 -22.07 4.65 -83.49
C THR I 208 -21.04 3.97 -82.62
N GLN I 209 -21.23 3.97 -81.30
CA GLN I 209 -20.26 3.37 -80.39
C GLN I 209 -20.50 1.86 -80.31
N THR I 210 -19.43 1.10 -80.48
CA THR I 210 -19.49 -0.36 -80.40
C THR I 210 -19.31 -0.80 -78.95
N TYR I 211 -20.28 -1.55 -78.44
CA TYR I 211 -20.26 -2.05 -77.07
C TYR I 211 -20.06 -3.55 -77.11
N ILE I 212 -18.87 -4.00 -76.73
CA ILE I 212 -18.52 -5.42 -76.71
C ILE I 212 -18.45 -5.86 -75.25
N CYS I 213 -19.37 -6.73 -74.86
CA CYS I 213 -19.42 -7.25 -73.49
C CYS I 213 -18.46 -8.43 -73.39
N ASN I 214 -17.33 -8.23 -72.71
CA ASN I 214 -16.31 -9.26 -72.58
C ASN I 214 -16.61 -10.14 -71.37
N VAL I 215 -16.61 -11.45 -71.58
CA VAL I 215 -16.86 -12.44 -70.53
C VAL I 215 -15.65 -13.37 -70.49
N ASN I 216 -14.98 -13.40 -69.34
CA ASN I 216 -13.78 -14.21 -69.15
C ASN I 216 -13.96 -15.08 -67.91
N HIS I 217 -13.72 -16.38 -68.07
CA HIS I 217 -13.83 -17.34 -66.97
C HIS I 217 -12.47 -17.95 -66.71
N LYS I 218 -12.05 -17.95 -65.43
CA LYS I 218 -10.70 -18.41 -65.10
C LYS I 218 -10.55 -19.94 -65.16
N PRO I 219 -11.29 -20.78 -64.41
CA PRO I 219 -10.93 -22.20 -64.39
C PRO I 219 -11.36 -22.98 -65.62
N SER I 220 -12.24 -22.44 -66.46
CA SER I 220 -12.68 -23.14 -67.66
C SER I 220 -12.03 -22.61 -68.93
N ASN I 221 -11.36 -21.45 -68.86
CA ASN I 221 -10.66 -20.81 -69.98
C ASN I 221 -11.60 -20.55 -71.16
N THR I 222 -12.80 -20.06 -70.87
CA THR I 222 -13.80 -19.75 -71.87
C THR I 222 -13.94 -18.25 -72.01
N LYS I 223 -13.76 -17.74 -73.23
CA LYS I 223 -13.85 -16.31 -73.53
C LYS I 223 -14.80 -16.14 -74.70
N VAL I 224 -16.03 -15.72 -74.40
CA VAL I 224 -17.07 -15.51 -75.41
C VAL I 224 -17.41 -14.02 -75.44
N ASP I 225 -17.18 -13.39 -76.58
CA ASP I 225 -17.46 -11.96 -76.76
C ASP I 225 -18.64 -11.80 -77.71
N LYS I 226 -19.70 -11.15 -77.23
CA LYS I 226 -20.90 -10.90 -78.02
C LYS I 226 -21.13 -9.41 -78.12
N LYS I 227 -21.31 -8.91 -79.35
CA LYS I 227 -21.53 -7.49 -79.57
C LYS I 227 -22.97 -7.14 -79.21
N VAL I 228 -23.12 -6.09 -78.41
CA VAL I 228 -24.44 -5.61 -77.98
C VAL I 228 -24.85 -4.47 -78.90
N GLU I 229 -25.83 -4.72 -79.76
CA GLU I 229 -26.32 -3.72 -80.69
C GLU I 229 -27.81 -3.83 -80.88
N ASP J 1 -34.52 -22.74 -28.44
CA ASP J 1 -33.28 -21.98 -28.61
C ASP J 1 -33.54 -20.49 -28.49
N ILE J 2 -32.67 -19.79 -27.77
CA ILE J 2 -32.80 -18.35 -27.58
C ILE J 2 -32.37 -17.65 -28.86
N GLN J 3 -33.26 -16.81 -29.40
CA GLN J 3 -33.01 -16.06 -30.61
C GLN J 3 -32.65 -14.62 -30.27
N MET J 4 -31.52 -14.15 -30.78
CA MET J 4 -31.06 -12.78 -30.54
C MET J 4 -31.87 -11.83 -31.41
N THR J 5 -32.96 -11.31 -30.84
CA THR J 5 -33.85 -10.41 -31.57
C THR J 5 -33.25 -9.01 -31.58
N GLN J 6 -33.00 -8.49 -32.78
CA GLN J 6 -32.47 -7.15 -32.97
C GLN J 6 -33.55 -6.22 -33.50
N SER J 7 -33.37 -4.92 -33.28
CA SER J 7 -34.31 -3.92 -33.74
C SER J 7 -33.55 -2.61 -33.94
N PRO J 8 -33.68 -1.95 -35.10
CA PRO J 8 -34.47 -2.39 -36.26
C PRO J 8 -33.66 -3.30 -37.21
N SER J 9 -34.16 -3.47 -38.43
CA SER J 9 -33.47 -4.29 -39.41
C SER J 9 -32.42 -3.51 -40.20
N SER J 10 -32.61 -2.21 -40.38
CA SER J 10 -31.67 -1.37 -41.11
C SER J 10 -31.77 0.06 -40.61
N VAL J 11 -30.63 0.72 -40.50
CA VAL J 11 -30.55 2.10 -40.03
C VAL J 11 -29.94 2.94 -41.14
N SER J 12 -30.64 4.00 -41.54
CA SER J 12 -30.18 4.92 -42.56
C SER J 12 -29.82 6.24 -41.87
N ALA J 13 -28.53 6.58 -41.86
CA ALA J 13 -28.06 7.80 -41.23
C ALA J 13 -26.89 8.36 -42.02
N SER J 14 -26.73 9.68 -41.95
CA SER J 14 -25.68 10.35 -42.69
C SER J 14 -24.41 10.44 -41.82
N VAL J 15 -23.43 11.20 -42.29
CA VAL J 15 -22.17 11.34 -41.57
C VAL J 15 -22.36 12.34 -40.43
N GLY J 16 -22.04 11.90 -39.21
CA GLY J 16 -22.17 12.74 -38.03
C GLY J 16 -23.40 12.46 -37.19
N ASP J 17 -24.33 11.66 -37.68
CA ASP J 17 -25.55 11.35 -36.94
C ASP J 17 -25.27 10.27 -35.90
N ARG J 18 -26.23 10.09 -35.00
CA ARG J 18 -26.14 9.09 -33.94
C ARG J 18 -26.91 7.84 -34.36
N VAL J 19 -26.25 6.69 -34.26
CA VAL J 19 -26.83 5.41 -34.62
C VAL J 19 -27.17 4.65 -33.35
N THR J 20 -28.41 4.14 -33.28
CA THR J 20 -28.88 3.39 -32.12
C THR J 20 -29.23 1.98 -32.59
N ILE J 21 -28.42 1.00 -32.19
CA ILE J 21 -28.61 -0.40 -32.55
C ILE J 21 -28.87 -1.18 -31.28
N THR J 22 -30.02 -1.85 -31.22
CA THR J 22 -30.41 -2.64 -30.05
C THR J 22 -30.39 -4.13 -30.38
N CYS J 23 -30.13 -4.93 -29.36
CA CYS J 23 -30.09 -6.39 -29.50
C CYS J 23 -30.44 -6.99 -28.16
N ARG J 24 -31.63 -7.58 -28.06
CA ARG J 24 -32.14 -8.12 -26.80
C ARG J 24 -31.92 -9.63 -26.74
N ALA J 25 -32.23 -10.20 -25.57
CA ALA J 25 -32.12 -11.63 -25.34
C ALA J 25 -33.16 -12.03 -24.30
N SER J 26 -33.01 -13.23 -23.75
CA SER J 26 -33.93 -13.74 -22.73
C SER J 26 -33.23 -14.09 -21.42
N GLN J 27 -31.95 -13.76 -21.28
CA GLN J 27 -31.21 -14.05 -20.06
C GLN J 27 -30.16 -12.95 -19.86
N GLY J 28 -29.32 -13.14 -18.84
CA GLY J 28 -28.33 -12.14 -18.49
C GLY J 28 -27.01 -12.26 -19.25
N ILE J 29 -26.81 -11.37 -20.22
CA ILE J 29 -25.57 -11.33 -20.98
C ILE J 29 -24.95 -9.94 -20.85
N SER J 30 -25.06 -9.35 -19.65
CA SER J 30 -24.56 -8.00 -19.42
C SER J 30 -23.04 -7.93 -19.50
N SER J 31 -22.34 -9.03 -19.21
CA SER J 31 -20.90 -9.11 -19.35
C SER J 31 -20.47 -10.14 -20.37
N TYR J 32 -21.41 -10.73 -21.11
CA TYR J 32 -21.14 -11.80 -22.06
C TYR J 32 -21.81 -11.52 -23.39
N LEU J 33 -21.66 -10.29 -23.89
CA LEU J 33 -22.20 -9.89 -25.17
C LEU J 33 -21.09 -9.30 -26.03
N ALA J 34 -20.93 -9.82 -27.25
CA ALA J 34 -19.86 -9.40 -28.15
C ALA J 34 -20.47 -8.80 -29.40
N TRP J 35 -19.98 -7.62 -29.78
CA TRP J 35 -20.40 -6.93 -31.00
C TRP J 35 -19.31 -7.02 -32.05
N TYR J 36 -19.70 -7.35 -33.27
CA TYR J 36 -18.76 -7.50 -34.38
C TYR J 36 -19.12 -6.53 -35.50
N GLN J 37 -18.13 -6.27 -36.35
CA GLN J 37 -18.29 -5.42 -37.53
C GLN J 37 -18.07 -6.30 -38.76
N LEU J 38 -19.17 -6.82 -39.31
CA LEU J 38 -19.10 -7.72 -40.46
C LEU J 38 -19.13 -6.92 -41.75
N LYS J 39 -18.14 -7.15 -42.62
CA LYS J 39 -18.06 -6.48 -43.91
C LYS J 39 -18.13 -7.49 -45.04
N PRO J 40 -18.76 -7.14 -46.16
CA PRO J 40 -18.81 -8.07 -47.31
C PRO J 40 -17.44 -8.19 -47.96
N GLY J 41 -16.92 -9.41 -48.00
CA GLY J 41 -15.62 -9.67 -48.58
C GLY J 41 -14.44 -9.39 -47.69
N ARG J 42 -14.66 -9.10 -46.41
CA ARG J 42 -13.60 -8.83 -45.46
C ARG J 42 -13.79 -9.66 -44.21
N ALA J 43 -12.73 -9.77 -43.42
CA ALA J 43 -12.75 -10.55 -42.19
C ALA J 43 -13.51 -9.79 -41.10
N PRO J 44 -14.25 -10.49 -40.23
CA PRO J 44 -14.93 -9.81 -39.13
C PRO J 44 -13.95 -9.33 -38.08
N LYS J 45 -14.36 -8.28 -37.36
CA LYS J 45 -13.54 -7.67 -36.31
C LYS J 45 -14.41 -7.43 -35.09
N LEU J 46 -13.88 -7.80 -33.92
CA LEU J 46 -14.59 -7.61 -32.67
C LEU J 46 -14.62 -6.13 -32.31
N LEU J 47 -15.83 -5.57 -32.21
CA LEU J 47 -16.00 -4.15 -31.92
C LEU J 47 -16.07 -3.88 -30.42
N ILE J 48 -17.04 -4.47 -29.74
CA ILE J 48 -17.26 -4.26 -28.31
C ILE J 48 -17.40 -5.63 -27.66
N TYR J 49 -16.56 -5.93 -26.68
CA TYR J 49 -16.60 -7.18 -25.94
C TYR J 49 -17.18 -6.95 -24.56
N GLY J 50 -18.06 -7.85 -24.12
CA GLY J 50 -18.68 -7.75 -22.82
C GLY J 50 -19.73 -6.66 -22.68
N ALA J 51 -20.12 -6.02 -23.79
CA ALA J 51 -21.14 -4.98 -23.92
C ALA J 51 -20.84 -3.71 -23.10
N THR J 52 -19.62 -3.57 -22.58
CA THR J 52 -19.24 -2.39 -21.82
C THR J 52 -17.88 -1.82 -22.17
N ARG J 53 -16.96 -2.60 -22.73
CA ARG J 53 -15.59 -2.18 -22.95
C ARG J 53 -15.27 -2.17 -24.44
N LEU J 54 -14.29 -1.33 -24.80
CA LEU J 54 -13.89 -1.17 -26.19
C LEU J 54 -12.69 -2.04 -26.50
N GLN J 55 -12.72 -2.68 -27.67
CA GLN J 55 -11.62 -3.51 -28.12
C GLN J 55 -10.43 -2.62 -28.50
N SER J 56 -9.22 -3.09 -28.15
CA SER J 56 -8.01 -2.35 -28.48
C SER J 56 -7.77 -2.34 -29.98
N GLY J 57 -7.25 -1.22 -30.49
CA GLY J 57 -7.10 -0.99 -31.91
C GLY J 57 -8.26 -0.24 -32.53
N VAL J 58 -9.44 -0.32 -31.93
CA VAL J 58 -10.62 0.41 -32.39
C VAL J 58 -10.57 1.80 -31.77
N PRO J 59 -10.80 2.87 -32.56
CA PRO J 59 -10.82 4.21 -31.98
C PRO J 59 -12.04 4.44 -31.11
N SER J 60 -12.04 5.58 -30.41
CA SER J 60 -13.05 5.91 -29.43
C SER J 60 -14.33 6.50 -30.03
N ARG J 61 -14.52 6.39 -31.35
CA ARG J 61 -15.76 6.86 -31.95
C ARG J 61 -16.95 5.96 -31.64
N PHE J 62 -16.70 4.70 -31.31
CA PHE J 62 -17.76 3.77 -30.96
C PHE J 62 -17.94 3.71 -29.45
N SER J 63 -19.16 3.42 -29.02
CA SER J 63 -19.49 3.30 -27.61
C SER J 63 -20.65 2.34 -27.46
N GLY J 64 -20.95 1.99 -26.20
CA GLY J 64 -22.05 1.10 -25.92
C GLY J 64 -22.14 0.68 -24.47
N SER J 65 -23.35 0.38 -24.02
CA SER J 65 -23.61 -0.05 -22.64
C SER J 65 -24.88 -0.88 -22.63
N GLY J 66 -25.24 -1.33 -21.44
CA GLY J 66 -26.45 -2.11 -21.26
C GLY J 66 -26.33 -3.05 -20.08
N SER J 67 -27.47 -3.47 -19.57
CA SER J 67 -27.53 -4.40 -18.45
C SER J 67 -28.78 -5.25 -18.56
N GLY J 68 -28.65 -6.52 -18.17
CA GLY J 68 -29.76 -7.45 -18.25
C GLY J 68 -30.04 -7.90 -19.66
N THR J 69 -31.17 -7.47 -20.22
CA THR J 69 -31.54 -7.81 -21.59
C THR J 69 -31.54 -6.63 -22.54
N ASP J 70 -31.61 -5.40 -22.03
CA ASP J 70 -31.62 -4.21 -22.86
C ASP J 70 -30.20 -3.75 -23.13
N PHE J 71 -29.85 -3.59 -24.41
CA PHE J 71 -28.54 -3.13 -24.82
C PHE J 71 -28.68 -2.11 -25.93
N THR J 72 -27.73 -1.19 -26.00
CA THR J 72 -27.77 -0.09 -26.96
C THR J 72 -26.37 0.14 -27.50
N LEU J 73 -26.22 0.06 -28.82
CA LEU J 73 -24.96 0.37 -29.51
C LEU J 73 -25.05 1.80 -30.02
N THR J 74 -24.38 2.73 -29.33
CA THR J 74 -24.44 4.15 -29.64
C THR J 74 -23.16 4.53 -30.37
N ILE J 75 -23.31 5.04 -31.59
CA ILE J 75 -22.19 5.48 -32.42
C ILE J 75 -22.35 6.98 -32.64
N SER J 76 -21.65 7.78 -31.84
CA SER J 76 -21.66 9.23 -31.98
C SER J 76 -20.49 9.74 -32.81
N GLY J 77 -19.70 8.85 -33.39
CA GLY J 77 -18.55 9.22 -34.19
C GLY J 77 -18.55 8.55 -35.54
N LEU J 78 -19.72 8.45 -36.17
CA LEU J 78 -19.89 7.71 -37.41
C LEU J 78 -19.14 8.39 -38.55
N GLN J 79 -18.27 7.63 -39.21
CA GLN J 79 -17.46 8.02 -40.35
C GLN J 79 -18.02 7.39 -41.63
N PRO J 80 -17.76 8.00 -42.81
CA PRO J 80 -18.23 7.38 -44.05
C PRO J 80 -17.50 6.11 -44.43
N GLU J 81 -16.34 5.83 -43.83
CA GLU J 81 -15.59 4.61 -44.10
C GLU J 81 -15.87 3.51 -43.06
N ASP J 82 -16.94 3.65 -42.27
CA ASP J 82 -17.27 2.69 -41.23
C ASP J 82 -18.68 2.12 -41.39
N PHE J 83 -19.26 2.23 -42.57
CA PHE J 83 -20.60 1.71 -42.83
C PHE J 83 -20.51 0.20 -43.10
N ALA J 84 -21.00 -0.59 -42.15
CA ALA J 84 -20.98 -2.04 -42.28
C ALA J 84 -22.14 -2.62 -41.47
N THR J 85 -22.31 -3.94 -41.56
CA THR J 85 -23.36 -4.64 -40.84
C THR J 85 -22.83 -5.14 -39.51
N TYR J 86 -23.53 -4.83 -38.43
CA TYR J 86 -23.12 -5.19 -37.08
C TYR J 86 -23.99 -6.33 -36.56
N HIS J 87 -23.37 -7.22 -35.78
CA HIS J 87 -24.04 -8.38 -35.21
C HIS J 87 -23.69 -8.51 -33.74
N CYS J 88 -24.59 -9.11 -32.98
CA CYS J 88 -24.40 -9.40 -31.56
C CYS J 88 -24.30 -10.89 -31.34
N GLN J 89 -23.31 -11.31 -30.54
CA GLN J 89 -23.09 -12.73 -30.26
C GLN J 89 -23.34 -12.98 -28.78
N GLN J 90 -24.15 -13.99 -28.48
CA GLN J 90 -24.41 -14.41 -27.11
C GLN J 90 -23.31 -15.34 -26.65
N ALA J 91 -22.64 -14.98 -25.56
CA ALA J 91 -21.56 -15.80 -25.00
C ALA J 91 -21.99 -16.59 -23.78
N ASP J 92 -23.16 -16.31 -23.22
CA ASP J 92 -23.72 -17.05 -22.08
C ASP J 92 -25.14 -17.43 -22.44
N SER J 93 -25.37 -18.67 -22.89
CA SER J 93 -24.34 -19.72 -22.91
C SER J 93 -24.40 -20.49 -24.23
N PHE J 94 -23.76 -21.66 -24.25
CA PHE J 94 -23.72 -22.47 -25.47
C PHE J 94 -25.10 -23.03 -25.78
N PRO J 95 -25.48 -23.13 -27.07
CA PRO J 95 -24.73 -22.77 -28.29
C PRO J 95 -24.71 -21.28 -28.59
N LEU J 96 -23.67 -20.84 -29.30
CA LEU J 96 -23.45 -19.42 -29.60
C LEU J 96 -24.37 -19.01 -30.73
N THR J 97 -25.56 -18.54 -30.38
CA THR J 97 -26.54 -18.11 -31.37
C THR J 97 -26.26 -16.67 -31.76
N PHE J 98 -26.06 -16.44 -33.06
CA PHE J 98 -25.82 -15.10 -33.57
C PHE J 98 -27.15 -14.40 -33.88
N GLY J 99 -27.06 -13.08 -34.03
CA GLY J 99 -28.23 -12.27 -34.31
C GLY J 99 -28.51 -12.16 -35.80
N GLN J 100 -29.58 -11.43 -36.12
CA GLN J 100 -29.97 -11.24 -37.51
C GLN J 100 -29.06 -10.22 -38.20
N GLY J 101 -28.68 -9.16 -37.49
CA GLY J 101 -27.80 -8.15 -38.05
C GLY J 101 -28.54 -6.94 -38.59
N THR J 102 -27.97 -5.76 -38.36
CA THR J 102 -28.55 -4.50 -38.82
C THR J 102 -27.62 -3.88 -39.86
N ARG J 103 -28.14 -3.69 -41.07
CA ARG J 103 -27.36 -3.12 -42.16
C ARG J 103 -27.40 -1.60 -42.07
N LEU J 104 -26.23 -0.99 -41.83
CA LEU J 104 -26.12 0.45 -41.70
C LEU J 104 -25.87 1.06 -43.08
N GLU J 105 -26.76 1.94 -43.51
CA GLU J 105 -26.68 2.58 -44.81
C GLU J 105 -26.63 4.10 -44.66
N ILE J 106 -26.24 4.76 -45.74
CA ILE J 106 -26.15 6.22 -45.77
C ILE J 106 -27.50 6.79 -46.17
N LYS J 107 -27.96 7.80 -45.41
CA LYS J 107 -29.23 8.46 -45.72
C LYS J 107 -29.06 9.36 -46.93
N ARG J 108 -29.79 9.07 -48.00
CA ARG J 108 -29.71 9.81 -49.25
C ARG J 108 -31.09 10.34 -49.64
N THR J 109 -31.11 11.15 -50.69
CA THR J 109 -32.35 11.73 -51.18
C THR J 109 -33.11 10.71 -52.02
N VAL J 110 -34.41 10.60 -51.77
CA VAL J 110 -35.26 9.68 -52.51
C VAL J 110 -35.48 10.23 -53.92
N ALA J 111 -35.08 9.45 -54.92
CA ALA J 111 -35.20 9.84 -56.32
C ALA J 111 -36.11 8.87 -57.05
N ALA J 112 -36.66 9.33 -58.17
CA ALA J 112 -37.56 8.51 -58.97
C ALA J 112 -36.77 7.51 -59.79
N PRO J 113 -37.09 6.22 -59.73
CA PRO J 113 -36.37 5.23 -60.52
C PRO J 113 -36.79 5.25 -61.98
N SER J 114 -35.82 4.95 -62.85
CA SER J 114 -36.06 4.89 -64.28
C SER J 114 -36.38 3.45 -64.68
N VAL J 115 -37.59 3.24 -65.21
CA VAL J 115 -38.05 1.91 -65.56
C VAL J 115 -37.45 1.51 -66.90
N PHE J 116 -36.81 0.35 -66.93
CA PHE J 116 -36.26 -0.22 -68.16
C PHE J 116 -36.79 -1.64 -68.35
N ILE J 117 -36.67 -2.13 -69.58
CA ILE J 117 -37.09 -3.48 -69.93
C ILE J 117 -36.22 -3.95 -71.08
N PHE J 118 -36.15 -5.28 -71.26
CA PHE J 118 -35.31 -5.86 -72.30
C PHE J 118 -36.03 -7.02 -72.99
N PRO J 119 -36.33 -6.88 -74.29
CA PRO J 119 -36.91 -8.01 -75.02
C PRO J 119 -35.87 -9.08 -75.26
N PRO J 120 -36.29 -10.34 -75.43
CA PRO J 120 -35.31 -11.40 -75.72
C PRO J 120 -34.77 -11.29 -77.14
N SER J 121 -33.45 -11.43 -77.25
CA SER J 121 -32.78 -11.33 -78.54
C SER J 121 -32.89 -12.65 -79.30
N ASP J 122 -32.39 -12.65 -80.54
CA ASP J 122 -32.45 -13.84 -81.37
C ASP J 122 -31.42 -14.90 -80.97
N GLU J 123 -30.37 -14.52 -80.23
CA GLU J 123 -29.37 -15.47 -79.80
C GLU J 123 -29.86 -16.38 -78.68
N GLN J 124 -30.87 -15.95 -77.92
CA GLN J 124 -31.40 -16.73 -76.82
C GLN J 124 -32.61 -17.58 -77.20
N LEU J 125 -33.43 -17.11 -78.14
CA LEU J 125 -34.62 -17.87 -78.53
C LEU J 125 -34.26 -19.09 -79.36
N LYS J 126 -33.14 -19.05 -80.09
CA LYS J 126 -32.72 -20.20 -80.87
C LYS J 126 -32.03 -21.26 -80.02
N SER J 127 -31.63 -20.93 -78.79
CA SER J 127 -30.99 -21.89 -77.91
C SER J 127 -31.98 -22.77 -77.15
N GLY J 128 -33.26 -22.40 -77.15
CA GLY J 128 -34.27 -23.19 -76.47
C GLY J 128 -34.75 -22.63 -75.14
N THR J 129 -34.44 -21.38 -74.83
CA THR J 129 -34.87 -20.77 -73.58
C THR J 129 -35.30 -19.34 -73.85
N ALA J 130 -35.82 -18.70 -72.79
CA ALA J 130 -36.30 -17.32 -72.88
C ALA J 130 -36.23 -16.69 -71.50
N SER J 131 -36.01 -15.38 -71.48
CA SER J 131 -35.94 -14.63 -70.24
C SER J 131 -36.25 -13.17 -70.52
N VAL J 132 -37.05 -12.56 -69.65
CA VAL J 132 -37.42 -11.16 -69.74
C VAL J 132 -36.73 -10.42 -68.61
N VAL J 133 -36.00 -9.36 -68.95
CA VAL J 133 -35.21 -8.60 -67.98
C VAL J 133 -35.90 -7.27 -67.72
N CYS J 134 -36.14 -6.97 -66.45
CA CYS J 134 -36.73 -5.70 -66.03
C CYS J 134 -35.72 -5.00 -65.13
N LEU J 135 -35.18 -3.88 -65.61
CA LEU J 135 -34.08 -3.18 -64.95
C LEU J 135 -34.59 -1.93 -64.25
N LEU J 136 -34.14 -1.74 -63.01
CA LEU J 136 -34.48 -0.57 -62.21
C LEU J 136 -33.20 0.09 -61.75
N ASN J 137 -33.04 1.37 -62.06
CA ASN J 137 -31.84 2.12 -61.70
C ASN J 137 -32.23 3.40 -60.97
N ASN J 138 -31.31 3.86 -60.11
CA ASN J 138 -31.41 5.11 -59.34
C ASN J 138 -32.67 5.14 -58.47
N PHE J 139 -32.72 4.19 -57.52
CA PHE J 139 -33.82 4.10 -56.57
C PHE J 139 -33.26 4.04 -55.16
N TYR J 140 -33.98 4.67 -54.23
CA TYR J 140 -33.57 4.69 -52.83
C TYR J 140 -34.83 4.80 -51.98
N PRO J 141 -35.00 3.96 -50.95
CA PRO J 141 -34.08 2.90 -50.52
C PRO J 141 -34.29 1.59 -51.28
N ARG J 142 -33.79 0.48 -50.71
CA ARG J 142 -33.89 -0.81 -51.37
C ARG J 142 -35.27 -1.43 -51.26
N GLU J 143 -36.15 -0.89 -50.42
CA GLU J 143 -37.51 -1.41 -50.25
C GLU J 143 -38.36 -0.97 -51.44
N ALA J 144 -38.22 -1.70 -52.55
CA ALA J 144 -38.94 -1.43 -53.78
C ALA J 144 -39.72 -2.68 -54.18
N LYS J 145 -40.99 -2.48 -54.56
CA LYS J 145 -41.85 -3.58 -54.96
C LYS J 145 -41.86 -3.70 -56.48
N VAL J 146 -41.69 -4.93 -56.97
CA VAL J 146 -41.69 -5.21 -58.40
C VAL J 146 -42.50 -6.47 -58.64
N GLN J 147 -43.52 -6.37 -59.49
CA GLN J 147 -44.40 -7.50 -59.78
C GLN J 147 -44.43 -7.76 -61.28
N TRP J 148 -44.71 -9.00 -61.64
CA TRP J 148 -44.76 -9.43 -63.03
C TRP J 148 -46.20 -9.81 -63.41
N LYS J 149 -46.59 -9.49 -64.64
CA LYS J 149 -47.88 -9.87 -65.17
C LYS J 149 -47.72 -10.29 -66.62
N VAL J 150 -48.35 -11.41 -66.98
CA VAL J 150 -48.29 -11.96 -68.33
C VAL J 150 -49.71 -12.11 -68.84
N ASP J 151 -50.05 -11.38 -69.91
CA ASP J 151 -51.37 -11.37 -70.55
C ASP J 151 -52.48 -11.00 -69.58
N ASN J 152 -52.27 -9.88 -68.86
CA ASN J 152 -53.17 -9.37 -67.82
C ASN J 152 -53.43 -10.40 -66.72
N ALA J 153 -52.38 -11.11 -66.33
CA ALA J 153 -52.47 -12.13 -65.28
C ALA J 153 -51.14 -12.19 -64.55
N LEU J 154 -51.17 -11.97 -63.24
CA LEU J 154 -49.95 -11.95 -62.44
C LEU J 154 -49.46 -13.38 -62.19
N GLN J 155 -48.13 -13.54 -62.25
CA GLN J 155 -47.49 -14.82 -62.00
C GLN J 155 -46.46 -14.67 -60.89
N SER J 156 -46.13 -15.79 -60.26
CA SER J 156 -45.18 -15.80 -59.15
C SER J 156 -44.54 -17.18 -59.05
N GLY J 157 -43.43 -17.23 -58.33
CA GLY J 157 -42.70 -18.47 -58.11
C GLY J 157 -41.71 -18.84 -59.20
N ASN J 158 -41.53 -17.99 -60.22
CA ASN J 158 -40.60 -18.29 -61.30
C ASN J 158 -39.80 -17.05 -61.71
N SER J 159 -39.56 -16.14 -60.76
CA SER J 159 -38.84 -14.91 -61.03
C SER J 159 -37.69 -14.76 -60.04
N GLN J 160 -36.56 -14.24 -60.52
CA GLN J 160 -35.39 -13.99 -59.69
C GLN J 160 -34.95 -12.55 -59.87
N GLU J 161 -34.12 -12.08 -58.95
CA GLU J 161 -33.64 -10.70 -58.98
C GLU J 161 -32.27 -10.63 -58.31
N SER J 162 -31.56 -9.55 -58.60
CA SER J 162 -30.23 -9.31 -58.03
C SER J 162 -30.13 -7.85 -57.62
N VAL J 163 -29.62 -7.61 -56.41
CA VAL J 163 -29.48 -6.27 -55.85
C VAL J 163 -28.00 -5.95 -55.73
N THR J 164 -27.59 -4.83 -56.33
CA THR J 164 -26.21 -4.40 -56.26
C THR J 164 -25.91 -3.75 -54.91
N GLU J 165 -24.62 -3.56 -54.64
CA GLU J 165 -24.19 -2.90 -53.42
C GLU J 165 -24.29 -1.38 -53.58
N GLN J 166 -24.07 -0.68 -52.48
CA GLN J 166 -24.15 0.77 -52.48
C GLN J 166 -22.90 1.38 -53.10
N ASP J 167 -23.09 2.35 -53.99
CA ASP J 167 -21.98 3.01 -54.65
C ASP J 167 -21.28 3.97 -53.70
N SER J 168 -19.98 4.13 -53.89
CA SER J 168 -19.19 5.01 -53.04
C SER J 168 -19.27 6.48 -53.48
N LYS J 169 -19.64 6.73 -54.74
CA LYS J 169 -19.71 8.10 -55.27
C LYS J 169 -21.15 8.58 -55.42
N ASP J 170 -21.99 7.82 -56.12
CA ASP J 170 -23.37 8.23 -56.36
C ASP J 170 -24.34 7.77 -55.29
N SER J 171 -23.98 6.72 -54.54
CA SER J 171 -24.79 6.14 -53.46
C SER J 171 -26.17 5.69 -53.96
N THR J 172 -26.19 5.07 -55.12
CA THR J 172 -27.42 4.57 -55.73
C THR J 172 -27.43 3.04 -55.69
N TYR J 173 -28.52 2.47 -56.19
CA TYR J 173 -28.70 1.03 -56.22
C TYR J 173 -29.26 0.61 -57.58
N SER J 174 -29.07 -0.66 -57.91
CA SER J 174 -29.55 -1.23 -59.15
C SER J 174 -30.24 -2.55 -58.87
N LEU J 175 -31.30 -2.82 -59.63
CA LEU J 175 -32.08 -4.05 -59.47
C LEU J 175 -32.47 -4.56 -60.85
N SER J 176 -32.19 -5.84 -61.10
CA SER J 176 -32.52 -6.48 -62.37
C SER J 176 -33.35 -7.72 -62.08
N SER J 177 -34.65 -7.65 -62.35
CA SER J 177 -35.57 -8.76 -62.14
C SER J 177 -35.56 -9.65 -63.38
N THR J 178 -35.26 -10.93 -63.18
CA THR J 178 -35.16 -11.90 -64.28
C THR J 178 -36.28 -12.93 -64.13
N LEU J 179 -37.11 -13.05 -65.17
CA LEU J 179 -38.19 -14.02 -65.21
C LEU J 179 -37.74 -15.26 -65.97
N THR J 180 -38.05 -16.43 -65.42
CA THR J 180 -37.65 -17.70 -66.00
C THR J 180 -38.73 -18.17 -66.98
N LEU J 181 -38.35 -18.32 -68.24
CA LEU J 181 -39.23 -18.82 -69.29
C LEU J 181 -38.51 -19.89 -70.09
N SER J 182 -39.26 -20.52 -71.00
CA SER J 182 -38.70 -21.54 -71.86
C SER J 182 -39.01 -21.25 -73.32
N LYS J 183 -38.68 -22.19 -74.22
CA LYS J 183 -38.95 -21.98 -75.64
C LYS J 183 -40.43 -22.16 -75.96
N ALA J 184 -41.09 -23.15 -75.34
CA ALA J 184 -42.50 -23.38 -75.59
C ALA J 184 -43.38 -22.35 -74.90
N ASP J 185 -42.96 -21.85 -73.73
CA ASP J 185 -43.74 -20.86 -73.01
C ASP J 185 -43.63 -19.47 -73.61
N TYR J 186 -42.59 -19.19 -74.39
CA TYR J 186 -42.46 -17.89 -75.03
C TYR J 186 -43.41 -17.73 -76.20
N GLU J 187 -43.61 -18.80 -76.97
CA GLU J 187 -44.53 -18.75 -78.11
C GLU J 187 -45.99 -18.87 -77.69
N LYS J 188 -46.26 -19.34 -76.47
CA LYS J 188 -47.63 -19.45 -76.00
C LYS J 188 -48.22 -18.10 -75.62
N HIS J 189 -47.45 -17.28 -74.92
CA HIS J 189 -47.90 -15.96 -74.48
C HIS J 189 -47.45 -14.89 -75.48
N LYS J 190 -48.16 -13.76 -75.45
CA LYS J 190 -47.91 -12.67 -76.38
C LYS J 190 -47.45 -11.39 -75.69
N VAL J 191 -48.18 -10.94 -74.66
CA VAL J 191 -47.91 -9.67 -74.01
C VAL J 191 -47.17 -9.92 -72.70
N TYR J 192 -46.06 -9.21 -72.51
CA TYR J 192 -45.28 -9.28 -71.28
C TYR J 192 -45.12 -7.87 -70.72
N ALA J 193 -45.13 -7.77 -69.39
CA ALA J 193 -45.06 -6.48 -68.73
C ALA J 193 -44.32 -6.64 -67.40
N CYS J 194 -43.95 -5.49 -66.82
CA CYS J 194 -43.24 -5.45 -65.54
C CYS J 194 -43.77 -4.28 -64.74
N GLU J 195 -44.34 -4.56 -63.57
CA GLU J 195 -44.88 -3.53 -62.69
C GLU J 195 -43.76 -3.00 -61.79
N VAL J 196 -43.70 -1.67 -61.66
CA VAL J 196 -42.71 -1.00 -60.83
C VAL J 196 -43.45 -0.15 -59.81
N THR J 197 -43.23 -0.43 -58.54
CA THR J 197 -43.84 0.31 -57.44
C THR J 197 -42.74 0.90 -56.58
N HIS J 198 -42.75 2.22 -56.45
CA HIS J 198 -41.72 2.93 -55.69
C HIS J 198 -42.40 4.01 -54.84
N GLN J 199 -41.73 4.39 -53.75
CA GLN J 199 -42.29 5.40 -52.86
C GLN J 199 -42.22 6.79 -53.46
N GLY J 200 -41.18 7.08 -54.24
CA GLY J 200 -41.05 8.38 -54.87
C GLY J 200 -41.88 8.59 -56.11
N LEU J 201 -42.48 7.53 -56.65
CA LEU J 201 -43.31 7.63 -57.84
C LEU J 201 -44.75 7.90 -57.44
N SER J 202 -45.33 8.95 -58.03
CA SER J 202 -46.73 9.29 -57.79
C SER J 202 -47.70 8.44 -58.60
N SER J 203 -47.21 7.69 -59.58
CA SER J 203 -48.03 6.82 -60.40
C SER J 203 -47.21 5.60 -60.78
N PRO J 204 -47.82 4.41 -60.84
CA PRO J 204 -47.06 3.21 -61.23
C PRO J 204 -46.69 3.22 -62.71
N VAL J 205 -45.40 3.38 -62.99
CA VAL J 205 -44.91 3.41 -64.37
C VAL J 205 -44.49 1.99 -64.76
N THR J 206 -45.06 1.50 -65.86
CA THR J 206 -44.79 0.15 -66.34
C THR J 206 -44.50 0.19 -67.82
N LYS J 207 -43.83 -0.86 -68.31
CA LYS J 207 -43.49 -1.01 -69.71
C LYS J 207 -44.03 -2.32 -70.23
N SER J 208 -44.34 -2.36 -71.52
CA SER J 208 -44.88 -3.54 -72.17
C SER J 208 -44.31 -3.67 -73.57
N PHE J 209 -44.24 -4.89 -74.06
CA PHE J 209 -43.70 -5.17 -75.39
C PHE J 209 -44.32 -6.46 -75.91
N ASN J 210 -44.40 -6.57 -77.23
CA ASN J 210 -44.97 -7.73 -77.88
C ASN J 210 -43.88 -8.75 -78.19
N ARG J 211 -44.31 -9.99 -78.44
CA ARG J 211 -43.36 -11.07 -78.74
C ARG J 211 -42.76 -10.93 -80.13
N GLY J 212 -43.40 -10.20 -81.03
CA GLY J 212 -42.90 -9.99 -82.38
C GLY J 212 -42.12 -8.70 -82.57
N GLU J 213 -41.76 -8.01 -81.48
CA GLU J 213 -41.00 -6.77 -81.56
C GLU J 213 -39.59 -6.94 -81.02
N CYS J 214 -39.01 -8.11 -81.24
CA CYS J 214 -37.65 -8.40 -80.78
C CYS J 214 -36.60 -7.80 -81.71
N PRO K 9 -31.78 -43.10 -5.77
CA PRO K 9 -31.33 -41.81 -5.23
C PRO K 9 -29.91 -41.87 -4.65
N THR K 10 -29.32 -40.71 -4.40
CA THR K 10 -27.97 -40.65 -3.85
C THR K 10 -26.93 -40.33 -4.89
N ALA K 11 -26.17 -39.26 -4.67
CA ALA K 11 -25.14 -38.84 -5.60
C ALA K 11 -24.04 -38.12 -4.83
N THR K 12 -22.99 -37.72 -5.54
CA THR K 12 -21.86 -37.02 -4.95
C THR K 12 -21.46 -35.88 -5.87
N LEU K 13 -21.49 -34.66 -5.35
CA LEU K 13 -21.11 -33.46 -6.10
C LEU K 13 -20.06 -32.71 -5.30
N CYS K 14 -18.82 -32.76 -5.77
CA CYS K 14 -17.70 -32.14 -5.08
C CYS K 14 -17.35 -30.80 -5.70
N LEU K 15 -16.88 -29.88 -4.85
CA LEU K 15 -16.51 -28.53 -5.25
C LEU K 15 -15.05 -28.32 -4.90
N GLY K 16 -14.18 -28.38 -5.89
CA GLY K 16 -12.76 -28.27 -5.65
C GLY K 16 -12.05 -27.34 -6.63
N HIS K 17 -10.72 -27.40 -6.64
CA HIS K 17 -9.92 -26.56 -7.52
C HIS K 17 -8.84 -27.42 -8.17
N HIS K 18 -8.10 -26.80 -9.09
CA HIS K 18 -7.03 -27.48 -9.79
C HIS K 18 -5.77 -27.54 -8.93
N ALA K 19 -5.10 -28.68 -8.97
CA ALA K 19 -3.86 -28.90 -8.21
C ALA K 19 -2.74 -29.25 -9.16
N VAL K 20 -1.63 -28.54 -9.05
CA VAL K 20 -0.45 -28.75 -9.88
C VAL K 20 0.63 -29.39 -9.00
N PRO K 21 1.21 -30.52 -9.40
CA PRO K 21 2.25 -31.14 -8.58
C PRO K 21 3.57 -30.38 -8.59
N ASN K 22 3.84 -29.60 -9.63
CA ASN K 22 5.09 -28.85 -9.76
C ASN K 22 4.76 -27.36 -9.62
N GLY K 23 4.78 -26.87 -8.38
CA GLY K 23 4.53 -25.48 -8.10
C GLY K 23 5.77 -24.73 -7.69
N THR K 24 5.57 -23.56 -7.10
CA THR K 24 6.67 -22.72 -6.65
C THR K 24 6.22 -21.89 -5.45
N LEU K 25 7.18 -21.52 -4.61
CA LEU K 25 6.89 -20.74 -3.43
C LEU K 25 6.74 -19.26 -3.77
N VAL K 26 5.76 -18.61 -3.15
CA VAL K 26 5.48 -17.20 -3.37
C VAL K 26 5.66 -16.45 -2.06
N LYS K 27 5.58 -15.12 -2.15
CA LYS K 27 5.73 -14.23 -1.01
C LYS K 27 4.39 -13.56 -0.74
N THR K 28 3.87 -13.76 0.48
CA THR K 28 2.56 -13.21 0.86
C THR K 28 2.73 -12.47 2.19
N ILE K 29 1.61 -12.05 2.75
CA ILE K 29 1.60 -11.29 3.99
C ILE K 29 1.58 -12.22 5.20
N THR K 30 0.70 -13.21 5.19
CA THR K 30 0.54 -14.11 6.33
C THR K 30 1.70 -15.08 6.50
N ASP K 31 2.20 -15.67 5.42
CA ASP K 31 3.27 -16.64 5.49
C ASP K 31 4.50 -16.09 4.76
N ASP K 32 5.62 -16.80 4.91
CA ASP K 32 6.84 -16.43 4.22
C ASP K 32 6.96 -17.15 2.88
N GLN K 33 6.91 -18.48 2.90
CA GLN K 33 6.98 -19.29 1.69
C GLN K 33 5.79 -20.23 1.66
N ILE K 34 5.05 -20.21 0.55
CA ILE K 34 3.86 -21.05 0.38
C ILE K 34 3.78 -21.45 -1.09
N GLU K 35 3.69 -22.75 -1.34
CA GLU K 35 3.63 -23.26 -2.71
C GLU K 35 2.24 -23.09 -3.29
N VAL K 36 2.16 -22.65 -4.54
CA VAL K 36 0.89 -22.44 -5.22
C VAL K 36 0.85 -23.32 -6.47
N THR K 37 -0.25 -23.23 -7.22
CA THR K 37 -0.39 -24.03 -8.43
C THR K 37 0.46 -23.49 -9.57
N ASN K 38 0.37 -22.18 -9.83
CA ASN K 38 1.15 -21.56 -10.90
C ASN K 38 1.43 -20.12 -10.53
N ALA K 39 2.66 -19.68 -10.80
CA ALA K 39 3.07 -18.33 -10.46
C ALA K 39 4.15 -17.87 -11.44
N THR K 40 4.15 -16.56 -11.70
CA THR K 40 5.14 -15.94 -12.58
C THR K 40 6.08 -15.06 -11.78
N GLU K 41 7.23 -14.77 -12.38
CA GLU K 41 8.26 -13.93 -11.76
C GLU K 41 8.19 -12.54 -12.38
N LEU K 42 7.95 -11.53 -11.54
CA LEU K 42 7.83 -10.16 -12.01
C LEU K 42 9.16 -9.45 -12.19
N VAL K 43 10.28 -10.11 -11.89
CA VAL K 43 11.60 -9.51 -11.99
C VAL K 43 12.37 -10.20 -13.11
N GLN K 44 12.84 -9.42 -14.06
CA GLN K 44 13.63 -9.95 -15.17
C GLN K 44 15.04 -10.31 -14.69
N SER K 45 15.25 -11.56 -14.31
CA SER K 45 16.55 -12.03 -13.84
C SER K 45 17.41 -12.59 -14.98
N SER K 46 17.02 -12.36 -16.23
CA SER K 46 17.78 -12.82 -17.38
C SER K 46 17.63 -11.81 -18.50
N SER K 47 18.61 -11.81 -19.40
CA SER K 47 18.63 -10.87 -20.52
C SER K 47 19.22 -11.56 -21.74
N THR K 48 19.02 -10.94 -22.91
CA THR K 48 19.56 -11.47 -24.15
C THR K 48 21.05 -11.21 -24.31
N GLY K 49 21.60 -10.23 -23.59
CA GLY K 49 23.01 -9.91 -23.67
C GLY K 49 23.40 -8.94 -24.75
N LYS K 50 22.48 -8.60 -25.66
CA LYS K 50 22.75 -7.68 -26.75
C LYS K 50 21.70 -6.60 -26.81
N ILE K 51 22.10 -5.42 -27.26
CA ILE K 51 21.22 -4.25 -27.32
C ILE K 51 20.50 -4.26 -28.66
N CYS K 52 19.17 -4.14 -28.62
CA CYS K 52 18.36 -4.09 -29.83
C CYS K 52 18.27 -2.66 -30.34
N ASN K 53 18.31 -2.51 -31.67
CA ASN K 53 18.30 -1.20 -32.31
C ASN K 53 16.91 -0.79 -32.79
N ASN K 54 15.86 -1.41 -32.24
CA ASN K 54 14.48 -1.08 -32.60
C ASN K 54 13.63 -1.07 -31.34
N PRO K 55 12.72 -0.09 -31.20
CA PRO K 55 12.45 1.03 -32.11
C PRO K 55 13.37 2.23 -31.88
N HIS K 56 14.12 2.21 -30.78
CA HIS K 56 15.01 3.31 -30.44
C HIS K 56 16.25 3.29 -31.31
N ARG K 57 16.69 4.47 -31.74
CA ARG K 57 17.88 4.60 -32.58
C ARG K 57 19.11 4.58 -31.67
N ILE K 58 19.78 3.43 -31.63
CA ILE K 58 20.94 3.23 -30.76
C ILE K 58 22.20 3.60 -31.53
N LEU K 59 23.00 4.48 -30.94
CA LEU K 59 24.29 4.88 -31.50
C LEU K 59 25.41 4.17 -30.76
N ASP K 60 26.42 3.75 -31.51
CA ASP K 60 27.53 2.95 -30.98
C ASP K 60 28.78 3.81 -30.89
N GLY K 61 29.10 4.26 -29.67
CA GLY K 61 30.32 5.01 -29.43
C GLY K 61 31.51 4.10 -29.18
N ILE K 62 32.04 3.50 -30.25
CA ILE K 62 33.15 2.56 -30.10
C ILE K 62 34.45 3.29 -29.79
N ASP K 63 34.84 4.22 -30.64
CA ASP K 63 36.12 4.91 -30.52
C ASP K 63 36.01 6.28 -29.85
N CYS K 64 34.81 6.75 -29.55
CA CYS K 64 34.63 8.05 -28.94
C CYS K 64 33.50 8.01 -27.92
N THR K 65 33.57 8.91 -26.95
CA THR K 65 32.49 9.12 -26.00
C THR K 65 31.57 10.22 -26.53
N LEU K 66 30.66 10.70 -25.69
CA LEU K 66 29.78 11.79 -26.11
C LEU K 66 30.53 13.11 -26.14
N ILE K 67 31.46 13.33 -25.20
CA ILE K 67 32.21 14.57 -25.15
C ILE K 67 33.24 14.61 -26.27
N ASP K 68 33.75 13.45 -26.69
CA ASP K 68 34.73 13.40 -27.78
C ASP K 68 34.10 13.74 -29.12
N ALA K 69 32.81 13.45 -29.30
CA ALA K 69 32.13 13.82 -30.54
C ALA K 69 31.74 15.30 -30.54
N LEU K 70 31.59 15.91 -29.37
CA LEU K 70 31.21 17.31 -29.29
C LEU K 70 32.40 18.25 -29.45
N LEU K 71 33.60 17.81 -29.07
CA LEU K 71 34.77 18.67 -29.12
C LEU K 71 35.49 18.61 -30.46
N GLY K 72 35.35 17.51 -31.20
CA GLY K 72 36.01 17.40 -32.50
C GLY K 72 37.20 16.48 -32.50
N ASP K 73 37.08 15.33 -31.83
CA ASP K 73 38.14 14.34 -31.85
C ASP K 73 38.19 13.68 -33.23
N PRO K 74 39.40 13.43 -33.78
CA PRO K 74 39.50 12.88 -35.14
C PRO K 74 39.06 11.43 -35.27
N HIS K 75 38.84 10.71 -34.16
CA HIS K 75 38.38 9.33 -34.24
C HIS K 75 36.87 9.20 -34.41
N CYS K 76 36.14 10.32 -34.40
CA CYS K 76 34.68 10.28 -34.57
C CYS K 76 34.26 11.12 -35.76
N ASP K 77 34.95 10.98 -36.88
CA ASP K 77 34.61 11.74 -38.09
C ASP K 77 33.37 11.21 -38.79
N VAL K 78 32.94 9.98 -38.47
CA VAL K 78 31.75 9.40 -39.10
C VAL K 78 30.46 9.84 -38.43
N PHE K 79 30.53 10.58 -37.34
CA PHE K 79 29.35 11.06 -36.62
C PHE K 79 29.01 12.50 -36.98
N GLN K 80 29.29 12.92 -38.21
CA GLN K 80 29.00 14.27 -38.66
C GLN K 80 27.50 14.43 -38.90
N ASN K 81 26.87 15.32 -38.12
CA ASN K 81 25.43 15.62 -38.18
C ASN K 81 24.58 14.37 -37.98
N GLU K 82 24.95 13.55 -37.02
CA GLU K 82 24.28 12.29 -36.74
C GLU K 82 23.34 12.45 -35.54
N THR K 83 22.08 12.09 -35.73
CA THR K 83 21.09 12.09 -34.66
C THR K 83 20.89 10.66 -34.15
N TRP K 84 20.42 10.57 -32.91
CA TRP K 84 20.24 9.28 -32.26
C TRP K 84 19.16 9.41 -31.19
N ASP K 85 18.95 8.31 -30.46
CA ASP K 85 18.05 8.27 -29.32
C ASP K 85 18.73 7.86 -28.03
N LEU K 86 19.76 7.01 -28.10
CA LEU K 86 20.53 6.61 -26.93
C LEU K 86 21.97 6.39 -27.33
N PHE K 87 22.89 7.05 -26.62
CA PHE K 87 24.31 6.93 -26.88
C PHE K 87 24.91 5.89 -25.95
N VAL K 88 25.62 4.91 -26.52
CA VAL K 88 26.25 3.85 -25.75
C VAL K 88 27.75 4.13 -25.70
N GLU K 89 28.25 4.41 -24.51
CA GLU K 89 29.67 4.68 -24.29
C GLU K 89 30.34 3.40 -23.82
N ARG K 90 31.36 2.96 -24.55
CA ARG K 90 32.07 1.75 -24.20
C ARG K 90 33.10 2.03 -23.10
N SER K 91 33.48 0.96 -22.39
CA SER K 91 34.47 1.08 -21.33
C SER K 91 35.89 1.13 -21.86
N LYS K 92 36.12 0.70 -23.09
CA LYS K 92 37.44 0.73 -23.71
C LYS K 92 37.68 1.99 -24.53
N ALA K 93 36.87 3.02 -24.32
CA ALA K 93 37.03 4.27 -25.06
C ALA K 93 38.21 5.06 -24.52
N PHE K 94 38.91 5.74 -25.42
CA PHE K 94 40.08 6.52 -25.04
C PHE K 94 40.21 7.72 -25.97
N SER K 95 41.05 8.66 -25.59
CA SER K 95 41.32 9.87 -26.36
C SER K 95 42.72 9.79 -26.93
N ASN K 96 42.86 10.09 -28.21
CA ASN K 96 44.15 10.11 -28.91
C ASN K 96 44.36 11.46 -29.57
N CYS K 97 44.13 12.51 -28.82
CA CYS K 97 44.24 13.88 -29.32
C CYS K 97 44.69 14.77 -28.16
N TYR K 98 44.48 16.07 -28.30
CA TYR K 98 44.82 17.02 -27.24
C TYR K 98 43.95 16.76 -26.01
N PRO K 99 44.54 16.59 -24.83
CA PRO K 99 43.74 16.25 -23.65
C PRO K 99 42.94 17.44 -23.14
N TYR K 100 41.75 17.14 -22.60
CA TYR K 100 40.84 18.15 -22.12
C TYR K 100 40.39 17.80 -20.71
N ASP K 101 39.82 18.78 -20.03
CA ASP K 101 39.24 18.58 -18.70
C ASP K 101 37.85 19.22 -18.68
N VAL K 102 36.88 18.47 -18.17
CA VAL K 102 35.51 18.97 -18.09
C VAL K 102 35.13 19.12 -16.62
N PRO K 103 35.17 20.34 -16.07
CA PRO K 103 34.58 20.56 -14.74
C PRO K 103 33.07 20.42 -14.81
N ASP K 104 32.51 19.75 -13.80
CA ASP K 104 31.11 19.30 -13.77
C ASP K 104 30.79 18.46 -15.00
N TYR K 105 31.41 17.28 -15.05
CA TYR K 105 31.31 16.38 -16.21
C TYR K 105 29.89 15.87 -16.41
N ALA K 106 29.11 15.74 -15.33
CA ALA K 106 27.72 15.32 -15.46
C ALA K 106 26.78 16.45 -15.86
N SER K 107 27.27 17.69 -15.86
CA SER K 107 26.45 18.83 -16.25
C SER K 107 26.34 18.97 -17.77
N LEU K 108 27.46 18.87 -18.48
CA LEU K 108 27.43 19.08 -19.92
C LEU K 108 27.00 17.81 -20.66
N ARG K 109 27.27 16.64 -20.09
CA ARG K 109 26.91 15.39 -20.76
C ARG K 109 25.42 15.10 -20.66
N SER K 110 24.71 15.72 -19.72
CA SER K 110 23.28 15.50 -19.58
C SER K 110 22.44 16.44 -20.42
N LEU K 111 23.06 17.31 -21.21
CA LEU K 111 22.32 18.26 -22.04
C LEU K 111 22.17 17.78 -23.48
N VAL K 112 23.28 17.36 -24.10
CA VAL K 112 23.22 16.88 -25.48
C VAL K 112 22.59 15.50 -25.54
N ALA K 113 22.79 14.69 -24.50
CA ALA K 113 22.16 13.37 -24.44
C ALA K 113 20.66 13.46 -24.23
N SER K 114 20.16 14.55 -23.64
CA SER K 114 18.72 14.74 -23.54
C SER K 114 18.12 15.12 -24.89
N SER K 115 18.86 15.86 -25.71
CA SER K 115 18.37 16.23 -27.04
C SER K 115 18.61 15.11 -28.04
N GLY K 116 19.84 14.64 -28.15
CA GLY K 116 20.16 13.55 -29.05
C GLY K 116 20.37 13.98 -30.49
N THR K 117 21.23 14.98 -30.70
CA THR K 117 21.51 15.48 -32.03
C THR K 117 22.92 16.05 -32.08
N LEU K 118 23.50 16.06 -33.27
CA LEU K 118 24.81 16.63 -33.52
C LEU K 118 24.78 17.58 -34.71
N GLU K 119 23.68 18.32 -34.85
CA GLU K 119 23.51 19.26 -35.95
C GLU K 119 24.39 20.46 -35.71
N PHE K 120 25.56 20.48 -36.37
CA PHE K 120 26.58 21.50 -36.16
C PHE K 120 26.43 22.54 -37.27
N ILE K 121 25.56 23.52 -37.03
CA ILE K 121 25.32 24.58 -38.01
C ILE K 121 26.48 25.58 -37.90
N THR K 122 27.31 25.63 -38.93
CA THR K 122 28.46 26.54 -38.94
C THR K 122 27.99 27.96 -39.19
N GLU K 123 28.12 28.82 -38.19
CA GLU K 123 27.69 30.20 -38.29
C GLU K 123 28.82 31.08 -38.83
N GLY K 124 28.47 32.31 -39.19
CA GLY K 124 29.43 33.24 -39.75
C GLY K 124 30.20 34.01 -38.68
N PHE K 125 31.12 33.32 -38.01
CA PHE K 125 31.95 33.96 -37.00
C PHE K 125 32.99 34.84 -37.67
N THR K 126 33.29 35.98 -37.03
CA THR K 126 34.24 36.96 -37.54
C THR K 126 35.34 37.15 -36.51
N TRP K 127 36.49 36.54 -36.76
CA TRP K 127 37.67 36.64 -35.88
C TRP K 127 38.81 37.21 -36.72
N THR K 128 39.02 38.52 -36.63
CA THR K 128 40.04 39.21 -37.39
C THR K 128 41.25 39.50 -36.51
N GLY K 129 42.43 39.50 -37.14
CA GLY K 129 43.67 39.76 -36.42
C GLY K 129 44.10 38.63 -35.52
N VAL K 130 43.74 37.40 -35.83
CA VAL K 130 44.06 36.25 -34.98
C VAL K 130 44.25 35.03 -35.88
N THR K 131 45.39 34.36 -35.74
CA THR K 131 45.67 33.16 -36.53
C THR K 131 44.78 32.01 -36.07
N GLN K 132 43.98 31.48 -36.98
CA GLN K 132 43.04 30.41 -36.68
C GLN K 132 43.63 29.06 -37.08
N ASN K 133 42.85 28.00 -36.80
CA ASN K 133 43.17 26.61 -37.14
C ASN K 133 44.49 26.16 -36.52
N GLY K 134 44.71 26.53 -35.26
CA GLY K 134 45.91 26.10 -34.56
C GLY K 134 45.81 24.67 -34.06
N GLY K 135 46.95 23.98 -34.07
CA GLY K 135 46.98 22.60 -33.64
C GLY K 135 48.31 22.20 -33.00
N SER K 136 48.49 20.91 -32.76
CA SER K 136 49.70 20.38 -32.16
C SER K 136 50.16 19.15 -32.92
N ASN K 137 51.39 18.71 -32.62
CA ASN K 137 51.96 17.56 -33.29
C ASN K 137 51.46 16.23 -32.72
N ALA K 138 50.89 16.24 -31.52
CA ALA K 138 50.40 14.99 -30.92
C ALA K 138 49.09 14.55 -31.56
N CYS K 139 48.17 15.48 -31.79
CA CYS K 139 46.89 15.17 -32.42
C CYS K 139 47.05 15.32 -33.92
N LYS K 140 46.93 14.21 -34.64
CA LYS K 140 47.17 14.18 -36.08
C LYS K 140 45.91 13.75 -36.82
N ARG K 141 45.76 14.24 -38.04
CA ARG K 141 44.65 13.90 -38.92
C ARG K 141 45.25 13.48 -40.26
N GLY K 142 45.52 12.19 -40.41
CA GLY K 142 46.09 11.67 -41.62
C GLY K 142 47.61 11.68 -41.59
N PRO K 143 48.23 12.01 -42.73
CA PRO K 143 49.69 12.06 -42.79
C PRO K 143 50.28 13.27 -42.09
N GLY K 144 49.50 14.34 -41.99
CA GLY K 144 49.92 15.57 -41.35
C GLY K 144 49.36 15.70 -39.95
N SER K 145 49.45 16.91 -39.42
CA SER K 145 48.94 17.22 -38.09
C SER K 145 47.44 17.48 -38.14
N GLY K 146 46.85 17.70 -36.97
CA GLY K 146 45.42 17.95 -36.90
C GLY K 146 45.07 18.70 -35.63
N PHE K 147 43.78 18.98 -35.49
CA PHE K 147 43.25 19.71 -34.34
C PHE K 147 41.78 19.35 -34.18
N PHE K 148 41.07 20.10 -33.35
CA PHE K 148 39.65 19.87 -33.13
C PHE K 148 38.85 20.39 -34.31
N SER K 149 37.88 19.59 -34.76
CA SER K 149 37.06 19.98 -35.90
C SER K 149 35.88 20.86 -35.47
N ARG K 150 35.37 20.66 -34.26
CA ARG K 150 34.25 21.45 -33.75
C ARG K 150 34.69 22.74 -33.06
N LEU K 151 35.97 22.88 -32.76
CA LEU K 151 36.51 24.06 -32.10
C LEU K 151 37.57 24.71 -32.98
N ASN K 152 37.94 25.93 -32.61
CA ASN K 152 38.95 26.70 -33.34
C ASN K 152 39.95 27.23 -32.31
N TRP K 153 41.12 26.60 -32.25
CA TRP K 153 42.17 27.01 -31.33
C TRP K 153 42.80 28.31 -31.84
N LEU K 154 42.63 29.39 -31.08
CA LEU K 154 43.12 30.69 -31.47
C LEU K 154 44.52 30.93 -30.90
N THR K 155 45.44 31.32 -31.76
CA THR K 155 46.80 31.67 -31.37
C THR K 155 47.06 33.13 -31.71
N LYS K 156 48.30 33.58 -31.50
CA LYS K 156 48.67 34.94 -31.81
C LYS K 156 48.86 35.12 -33.31
N SER K 157 48.65 36.35 -33.78
CA SER K 157 48.84 36.71 -35.18
C SER K 157 50.13 37.51 -35.29
N GLY K 158 51.24 36.79 -35.48
CA GLY K 158 52.54 37.43 -35.53
C GLY K 158 53.01 37.88 -34.17
N SER K 159 53.02 39.20 -33.95
CA SER K 159 53.41 39.77 -32.66
C SER K 159 52.36 40.72 -32.12
N THR K 160 51.10 40.57 -32.52
CA THR K 160 50.02 41.44 -32.08
C THR K 160 48.77 40.61 -31.89
N TYR K 161 48.20 40.65 -30.68
CA TYR K 161 46.97 39.95 -30.34
C TYR K 161 46.01 40.96 -29.73
N PRO K 162 45.14 41.57 -30.52
CA PRO K 162 44.23 42.60 -29.99
C PRO K 162 43.05 41.97 -29.26
N VAL K 163 42.20 42.83 -28.70
CA VAL K 163 41.02 42.39 -27.98
C VAL K 163 39.96 41.95 -28.98
N LEU K 164 39.47 40.73 -28.81
CA LEU K 164 38.47 40.17 -29.71
C LEU K 164 37.07 40.52 -29.24
N ASN K 165 36.16 40.73 -30.19
CA ASN K 165 34.79 41.13 -29.88
C ASN K 165 33.88 40.56 -30.96
N VAL K 166 33.02 39.63 -30.57
CA VAL K 166 32.06 39.03 -31.49
C VAL K 166 30.66 39.20 -30.92
N THR K 167 29.67 39.16 -31.82
CA THR K 167 28.26 39.23 -31.46
C THR K 167 27.51 38.16 -32.21
N MET K 168 26.72 37.36 -31.48
CA MET K 168 25.96 36.26 -32.06
C MET K 168 24.49 36.45 -31.70
N PRO K 169 23.71 37.09 -32.58
CA PRO K 169 22.27 37.24 -32.31
C PRO K 169 21.53 35.94 -32.50
N ASN K 170 20.38 35.83 -31.83
CA ASN K 170 19.52 34.65 -31.89
C ASN K 170 18.16 35.11 -32.38
N ASN K 171 17.95 35.03 -33.69
CA ASN K 171 16.68 35.39 -34.32
C ASN K 171 15.88 34.17 -34.75
N ASP K 172 16.19 33.00 -34.19
CA ASP K 172 15.51 31.77 -34.52
C ASP K 172 14.47 31.43 -33.46
N ASN K 173 13.87 30.24 -33.56
CA ASN K 173 12.86 29.79 -32.62
C ASN K 173 13.31 28.54 -31.87
N PHE K 174 14.61 28.42 -31.61
CA PHE K 174 15.15 27.29 -30.87
C PHE K 174 16.37 27.74 -30.08
N ASP K 175 16.66 27.00 -29.02
CA ASP K 175 17.78 27.33 -28.15
C ASP K 175 19.10 26.91 -28.78
N LYS K 176 20.14 27.69 -28.53
CA LYS K 176 21.47 27.43 -29.05
C LYS K 176 22.41 26.99 -27.94
N LEU K 177 23.37 26.15 -28.30
CA LEU K 177 24.35 25.63 -27.36
C LEU K 177 25.74 25.77 -27.97
N TYR K 178 26.55 26.66 -27.40
CA TYR K 178 27.90 26.92 -27.89
C TYR K 178 28.92 26.26 -26.97
N ILE K 179 30.02 25.79 -27.56
CA ILE K 179 31.08 25.10 -26.84
C ILE K 179 32.35 25.92 -26.98
N TRP K 180 32.85 26.45 -25.86
CA TRP K 180 34.07 27.23 -25.85
C TRP K 180 35.01 26.68 -24.78
N GLY K 181 36.31 26.86 -25.01
CA GLY K 181 37.31 26.32 -24.12
C GLY K 181 38.27 27.38 -23.63
N VAL K 182 38.93 27.08 -22.52
CA VAL K 182 39.97 27.93 -21.94
C VAL K 182 41.26 27.11 -21.91
N HIS K 183 42.27 27.59 -22.62
CA HIS K 183 43.53 26.86 -22.70
C HIS K 183 44.35 27.05 -21.43
N HIS K 184 44.96 25.97 -20.97
CA HIS K 184 45.82 25.98 -19.79
C HIS K 184 47.22 25.54 -20.17
N PRO K 185 48.17 26.46 -20.34
CA PRO K 185 49.53 26.06 -20.70
C PRO K 185 50.26 25.43 -19.51
N SER K 186 51.34 24.71 -19.84
CA SER K 186 52.11 24.02 -18.82
C SER K 186 53.01 24.96 -18.03
N THR K 187 53.51 26.03 -18.65
CA THR K 187 54.40 26.97 -17.98
C THR K 187 54.23 28.34 -18.63
N ASN K 188 55.08 29.28 -18.22
CA ASN K 188 55.03 30.63 -18.76
C ASN K 188 55.63 30.73 -20.16
N GLN K 189 56.44 29.75 -20.57
CA GLN K 189 57.02 29.77 -21.91
C GLN K 189 56.01 29.40 -22.98
N GLU K 190 55.04 28.55 -22.64
CA GLU K 190 54.00 28.18 -23.60
C GLU K 190 52.98 29.29 -23.78
N GLN K 191 52.76 30.11 -22.75
CA GLN K 191 51.81 31.22 -22.86
C GLN K 191 52.37 32.32 -23.75
N THR K 192 53.65 32.66 -23.60
CA THR K 192 54.24 33.71 -24.41
C THR K 192 54.50 33.26 -25.85
N SER K 193 54.64 31.96 -26.09
CA SER K 193 54.88 31.48 -27.44
C SER K 193 53.59 31.38 -28.25
N LEU K 194 52.45 31.21 -27.58
CA LEU K 194 51.17 31.11 -28.27
C LEU K 194 50.36 32.40 -28.21
N TYR K 195 50.57 33.23 -27.19
CA TYR K 195 49.83 34.46 -27.01
C TYR K 195 50.79 35.59 -26.70
N VAL K 196 50.39 36.81 -27.07
CA VAL K 196 51.22 37.98 -26.81
C VAL K 196 51.15 38.38 -25.35
N GLN K 197 49.93 38.53 -24.82
CA GLN K 197 49.75 38.90 -23.43
C GLN K 197 50.00 37.69 -22.54
N ALA K 198 50.79 37.89 -21.48
CA ALA K 198 51.17 36.79 -20.60
C ALA K 198 50.06 36.40 -19.62
N SER K 199 49.04 37.24 -19.46
CA SER K 199 47.94 36.97 -18.53
C SER K 199 46.63 37.29 -19.24
N GLY K 200 45.93 36.24 -19.69
CA GLY K 200 44.66 36.40 -20.36
C GLY K 200 43.48 36.20 -19.43
N ARG K 201 42.29 36.41 -19.98
CA ARG K 201 41.04 36.23 -19.24
C ARG K 201 39.91 36.01 -20.23
N VAL K 202 39.16 34.94 -20.04
CA VAL K 202 38.06 34.56 -20.93
C VAL K 202 36.75 34.92 -20.26
N THR K 203 35.92 35.72 -20.95
CA THR K 203 34.65 36.19 -20.43
C THR K 203 33.57 35.94 -21.47
N VAL K 204 32.63 35.05 -21.16
CA VAL K 204 31.50 34.73 -22.02
C VAL K 204 30.22 35.04 -21.25
N SER K 205 29.48 36.04 -21.71
CA SER K 205 28.29 36.49 -21.00
C SER K 205 27.16 36.70 -21.99
N THR K 206 25.93 36.63 -21.46
CA THR K 206 24.73 36.87 -22.25
C THR K 206 23.87 37.94 -21.58
N ARG K 207 22.65 38.15 -22.06
CA ARG K 207 21.74 39.10 -21.46
C ARG K 207 21.17 38.64 -20.12
N ARG K 208 21.19 37.33 -19.85
CA ARG K 208 20.64 36.80 -18.62
C ARG K 208 21.67 36.09 -17.74
N SER K 209 22.87 35.83 -18.26
CA SER K 209 23.89 35.13 -17.48
C SER K 209 25.24 35.76 -17.76
N GLN K 210 26.20 35.44 -16.90
CA GLN K 210 27.57 35.95 -17.02
C GLN K 210 28.51 34.95 -16.37
N GLN K 211 29.51 34.50 -17.13
CA GLN K 211 30.47 33.51 -16.63
C GLN K 211 31.87 33.90 -17.11
N THR K 212 32.81 33.95 -16.17
CA THR K 212 34.20 34.30 -16.46
C THR K 212 35.11 33.24 -15.87
N ILE K 213 35.96 32.67 -16.72
CA ILE K 213 36.90 31.63 -16.31
C ILE K 213 38.31 32.17 -16.49
N ILE K 214 39.08 32.17 -15.40
CA ILE K 214 40.45 32.68 -15.43
C ILE K 214 41.38 31.54 -15.84
N PRO K 215 42.27 31.74 -16.80
CA PRO K 215 43.24 30.70 -17.14
C PRO K 215 44.25 30.47 -16.03
N ASN K 216 44.54 29.22 -15.76
CA ASN K 216 45.40 28.80 -14.65
C ASN K 216 46.64 28.12 -15.22
N ILE K 217 47.77 28.81 -15.15
CA ILE K 217 49.03 28.26 -15.61
C ILE K 217 49.56 27.29 -14.56
N GLY K 218 49.72 26.03 -14.95
CA GLY K 218 50.20 25.01 -14.04
C GLY K 218 50.66 23.78 -14.78
N SER K 219 51.46 22.98 -14.09
CA SER K 219 51.98 21.75 -14.67
C SER K 219 50.93 20.64 -14.62
N ARG K 220 50.88 19.85 -15.68
CA ARG K 220 49.95 18.74 -15.82
C ARG K 220 50.74 17.44 -15.96
N PRO K 221 50.16 16.31 -15.54
CA PRO K 221 50.82 15.03 -15.77
C PRO K 221 50.86 14.66 -17.25
N TRP K 222 51.73 13.70 -17.57
CA TRP K 222 51.94 13.30 -18.96
C TRP K 222 50.74 12.48 -19.44
N VAL K 223 49.86 13.13 -20.19
CA VAL K 223 48.68 12.49 -20.76
C VAL K 223 48.80 12.60 -22.28
N ARG K 224 48.94 11.44 -22.95
CA ARG K 224 49.06 11.31 -24.40
C ARG K 224 50.25 12.11 -24.95
N GLY K 225 51.34 12.13 -24.19
CA GLY K 225 52.57 12.77 -24.60
C GLY K 225 52.69 14.23 -24.22
N LEU K 226 51.57 14.93 -24.05
CA LEU K 226 51.58 16.34 -23.74
C LEU K 226 51.30 16.58 -22.25
N SER K 227 51.76 17.72 -21.75
CA SER K 227 51.59 18.10 -20.36
C SER K 227 50.75 19.36 -20.21
N SER K 228 49.73 19.51 -21.05
CA SER K 228 48.83 20.65 -20.99
C SER K 228 47.41 20.17 -21.23
N ARG K 229 46.45 20.94 -20.73
CA ARG K 229 45.04 20.60 -20.82
C ARG K 229 44.22 21.85 -21.13
N ILE K 230 42.91 21.67 -21.27
CA ILE K 230 41.99 22.76 -21.61
C ILE K 230 40.68 22.53 -20.86
N SER K 231 40.24 23.55 -20.13
CA SER K 231 38.96 23.47 -19.44
C SER K 231 37.81 23.82 -20.38
N ILE K 232 36.71 23.10 -20.24
CA ILE K 232 35.55 23.24 -21.12
C ILE K 232 34.38 23.79 -20.31
N TYR K 233 33.81 24.90 -20.77
CA TYR K 233 32.63 25.50 -20.17
C TYR K 233 31.66 25.91 -21.28
N TRP K 234 30.37 25.70 -21.04
CA TRP K 234 29.35 25.93 -22.05
C TRP K 234 28.49 27.13 -21.69
N THR K 235 27.76 27.64 -22.68
CA THR K 235 26.86 28.77 -22.50
C THR K 235 25.66 28.58 -23.41
N ILE K 236 24.48 28.44 -22.82
CA ILE K 236 23.25 28.25 -23.57
C ILE K 236 22.66 29.61 -23.90
N VAL K 237 22.37 29.84 -25.19
CA VAL K 237 21.83 31.11 -25.67
C VAL K 237 20.35 30.93 -25.97
N LYS K 238 19.52 31.76 -25.35
CA LYS K 238 18.09 31.73 -25.57
C LYS K 238 17.72 32.47 -26.85
N PRO K 239 16.56 32.15 -27.45
CA PRO K 239 16.07 32.95 -28.57
C PRO K 239 15.73 34.36 -28.13
N GLY K 240 16.35 35.35 -28.77
CA GLY K 240 16.24 36.74 -28.39
C GLY K 240 17.47 37.29 -27.69
N ASP K 241 18.39 36.43 -27.27
CA ASP K 241 19.63 36.85 -26.61
C ASP K 241 20.73 37.04 -27.65
N VAL K 242 21.79 37.73 -27.23
CA VAL K 242 22.96 37.97 -28.07
C VAL K 242 24.19 37.50 -27.31
N LEU K 243 24.97 36.61 -27.92
CA LEU K 243 26.16 36.07 -27.29
C LEU K 243 27.36 36.99 -27.58
N VAL K 244 27.99 37.49 -26.52
CA VAL K 244 29.15 38.35 -26.63
C VAL K 244 30.33 37.65 -25.96
N ILE K 245 31.36 37.35 -26.74
CA ILE K 245 32.54 36.65 -26.25
C ILE K 245 33.73 37.58 -26.46
N ASN K 246 34.23 38.15 -25.36
CA ASN K 246 35.42 39.00 -25.38
C ASN K 246 36.48 38.39 -24.48
N SER K 247 37.70 38.29 -24.99
CA SER K 247 38.79 37.71 -24.22
C SER K 247 40.11 38.34 -24.66
N ASN K 248 41.11 38.24 -23.78
CA ASN K 248 42.44 38.78 -24.04
C ASN K 248 43.51 37.71 -24.05
N GLY K 249 43.11 36.45 -24.17
CA GLY K 249 44.07 35.36 -24.19
C GLY K 249 43.43 34.07 -23.74
N ASN K 250 44.02 32.96 -24.22
CA ASN K 250 43.60 31.58 -23.94
C ASN K 250 42.14 31.33 -24.32
N LEU K 251 41.73 31.93 -25.45
CA LEU K 251 40.36 31.82 -25.93
C LEU K 251 40.29 30.78 -27.04
N ILE K 252 39.33 29.87 -26.93
CA ILE K 252 39.04 28.89 -27.98
C ILE K 252 37.69 29.26 -28.57
N ALA K 253 37.67 29.50 -29.88
CA ALA K 253 36.46 30.00 -30.52
C ALA K 253 35.60 28.84 -31.03
N PRO K 254 34.28 28.92 -30.84
CA PRO K 254 33.40 27.89 -31.42
C PRO K 254 33.19 28.12 -32.90
N ARG K 255 32.99 27.01 -33.62
CA ARG K 255 32.73 27.04 -35.05
C ARG K 255 31.26 26.84 -35.38
N GLY K 256 30.40 26.71 -34.36
CA GLY K 256 28.99 26.50 -34.62
C GLY K 256 28.24 26.32 -33.32
N TYR K 257 27.07 25.69 -33.42
CA TYR K 257 26.22 25.45 -32.26
C TYR K 257 25.41 24.19 -32.49
N PHE K 258 24.56 23.86 -31.52
CA PHE K 258 23.67 22.71 -31.60
C PHE K 258 22.26 23.14 -31.23
N LYS K 259 21.28 22.42 -31.77
CA LYS K 259 19.87 22.69 -31.49
C LYS K 259 19.45 21.92 -30.25
N MET K 260 18.95 22.63 -29.25
CA MET K 260 18.50 22.02 -27.99
C MET K 260 17.09 21.49 -28.19
N ARG K 261 17.01 20.29 -28.75
CA ARG K 261 15.73 19.63 -28.97
C ARG K 261 15.19 19.06 -27.67
N THR K 262 13.86 18.96 -27.59
CA THR K 262 13.18 18.41 -26.43
C THR K 262 12.64 17.03 -26.77
N GLY K 263 13.14 16.02 -26.09
CA GLY K 263 12.72 14.66 -26.34
C GLY K 263 12.96 13.78 -25.13
N LYS K 264 12.72 12.48 -25.32
CA LYS K 264 12.89 11.48 -24.27
C LYS K 264 14.20 10.71 -24.42
N SER K 265 15.26 11.38 -24.86
CA SER K 265 16.55 10.76 -25.05
C SER K 265 17.40 10.87 -23.80
N SER K 266 18.38 9.98 -23.68
CA SER K 266 19.28 9.94 -22.53
C SER K 266 20.60 9.30 -22.95
N ILE K 267 21.43 8.97 -21.97
CA ILE K 267 22.71 8.32 -22.21
C ILE K 267 22.75 7.05 -21.35
N MET K 268 23.63 6.13 -21.75
CA MET K 268 23.79 4.86 -21.05
C MET K 268 25.16 4.30 -21.33
N ARG K 269 25.92 4.00 -20.28
CA ARG K 269 27.22 3.34 -20.42
C ARG K 269 27.01 1.83 -20.47
N SER K 270 27.51 1.20 -21.52
CA SER K 270 27.32 -0.23 -21.71
C SER K 270 28.47 -0.79 -22.53
N ASP K 271 28.65 -2.11 -22.43
CA ASP K 271 29.67 -2.82 -23.19
C ASP K 271 29.09 -3.97 -24.01
N ALA K 272 27.77 -4.04 -24.15
CA ALA K 272 27.13 -5.12 -24.88
C ALA K 272 27.09 -4.79 -26.37
N PRO K 273 27.23 -5.79 -27.24
CA PRO K 273 27.13 -5.53 -28.69
C PRO K 273 25.69 -5.23 -29.10
N ILE K 274 25.56 -4.73 -30.33
CA ILE K 274 24.28 -4.32 -30.88
C ILE K 274 23.83 -5.36 -31.89
N ASP K 275 22.63 -5.91 -31.68
CA ASP K 275 22.04 -6.89 -32.58
C ASP K 275 20.73 -6.34 -33.14
N THR K 276 20.26 -6.97 -34.21
CA THR K 276 19.02 -6.57 -34.87
C THR K 276 17.86 -7.30 -34.22
N CYS K 277 17.16 -6.63 -33.32
CA CYS K 277 16.00 -7.20 -32.65
C CYS K 277 15.08 -6.05 -32.23
N ILE K 278 13.98 -6.41 -31.59
CA ILE K 278 12.97 -5.45 -31.14
C ILE K 278 12.87 -5.55 -29.62
N SER K 279 13.09 -4.43 -28.94
CA SER K 279 13.00 -4.38 -27.49
C SER K 279 12.63 -2.95 -27.07
N GLU K 280 11.67 -2.83 -26.17
CA GLU K 280 11.20 -1.53 -25.70
C GLU K 280 11.91 -1.08 -24.43
N CYS K 281 12.90 -1.83 -23.95
CA CYS K 281 13.67 -1.43 -22.79
C CYS K 281 15.14 -1.78 -23.02
N ILE K 282 16.02 -0.83 -22.71
CA ILE K 282 17.46 -0.99 -22.90
C ILE K 282 18.12 -1.01 -21.52
N THR K 283 19.00 -1.98 -21.31
CA THR K 283 19.78 -2.12 -20.08
C THR K 283 21.22 -2.43 -20.44
N PRO K 284 22.18 -1.96 -19.64
CA PRO K 284 23.60 -2.18 -19.98
C PRO K 284 24.06 -3.63 -19.91
N ASN K 285 23.40 -4.47 -19.12
CA ASN K 285 23.76 -5.89 -19.03
C ASN K 285 22.84 -6.75 -19.86
N GLY K 286 22.40 -6.25 -21.01
CA GLY K 286 21.52 -6.99 -21.88
C GLY K 286 20.09 -6.48 -21.84
N SER K 287 19.48 -6.29 -23.01
CA SER K 287 18.14 -5.72 -23.07
C SER K 287 17.10 -6.72 -22.60
N ILE K 288 16.08 -6.21 -21.91
CA ILE K 288 15.03 -7.04 -21.33
C ILE K 288 13.68 -6.59 -21.88
N PRO K 289 12.70 -7.49 -22.02
CA PRO K 289 11.37 -7.05 -22.45
C PRO K 289 10.64 -6.31 -21.33
N ASN K 290 9.70 -5.47 -21.75
CA ASN K 290 8.96 -4.60 -20.83
C ASN K 290 7.61 -5.21 -20.41
N ASP K 291 7.52 -6.53 -20.38
CA ASP K 291 6.30 -7.21 -19.96
C ASP K 291 6.29 -7.50 -18.46
N LYS K 292 7.23 -6.96 -17.71
CA LYS K 292 7.34 -7.15 -16.27
C LYS K 292 7.39 -5.79 -15.58
N PRO K 293 6.86 -5.69 -14.35
CA PRO K 293 6.86 -4.38 -13.68
C PRO K 293 8.17 -4.02 -13.01
N PHE K 294 8.98 -4.99 -12.59
CA PHE K 294 10.23 -4.72 -11.89
C PHE K 294 11.37 -5.46 -12.57
N GLN K 295 12.59 -5.09 -12.19
CA GLN K 295 13.79 -5.72 -12.75
C GLN K 295 14.93 -5.55 -11.76
N ASN K 296 15.98 -6.36 -11.94
CA ASN K 296 17.17 -6.29 -11.12
C ASN K 296 18.44 -6.28 -11.96
N VAL K 297 18.33 -5.90 -13.23
CA VAL K 297 19.48 -5.94 -14.14
C VAL K 297 20.44 -4.80 -13.84
N ASN K 298 19.98 -3.57 -13.99
CA ASN K 298 20.81 -2.40 -13.75
C ASN K 298 19.92 -1.21 -13.41
N LYS K 299 20.45 -0.31 -12.60
CA LYS K 299 19.68 0.86 -12.18
C LYS K 299 19.58 1.90 -13.29
N ILE K 300 20.57 2.00 -14.16
CA ILE K 300 20.56 2.96 -15.26
C ILE K 300 19.74 2.37 -16.40
N THR K 301 18.58 2.94 -16.66
CA THR K 301 17.67 2.46 -17.68
C THR K 301 17.39 3.57 -18.70
N TYR K 302 16.68 3.19 -19.77
CA TYR K 302 16.31 4.12 -20.82
C TYR K 302 15.05 3.63 -21.50
N GLY K 303 14.05 4.50 -21.60
CA GLY K 303 12.82 4.17 -22.28
C GLY K 303 11.81 3.51 -21.37
N ALA K 304 10.90 2.75 -21.99
CA ALA K 304 9.85 2.03 -21.26
C ALA K 304 10.48 0.80 -20.61
N CYS K 305 11.10 1.03 -19.45
CA CYS K 305 11.80 0.01 -18.70
C CYS K 305 11.13 -0.25 -17.35
N PRO K 306 11.24 -1.46 -16.81
CA PRO K 306 10.74 -1.70 -15.46
C PRO K 306 11.59 -1.01 -14.40
N LYS K 307 11.01 -0.87 -13.22
CA LYS K 307 11.70 -0.20 -12.12
C LYS K 307 12.75 -1.12 -11.51
N TYR K 308 13.89 -0.55 -11.16
CA TYR K 308 14.98 -1.31 -10.57
C TYR K 308 14.75 -1.47 -9.07
N VAL K 309 14.63 -2.72 -8.62
CA VAL K 309 14.44 -3.03 -7.21
C VAL K 309 15.56 -3.97 -6.78
N LYS K 310 15.80 -4.01 -5.47
CA LYS K 310 16.81 -4.90 -4.92
C LYS K 310 16.29 -6.33 -4.72
N GLN K 311 14.97 -6.51 -4.68
CA GLN K 311 14.39 -7.84 -4.52
C GLN K 311 14.45 -8.58 -5.85
N ASN K 312 15.20 -9.68 -5.89
CA ASN K 312 15.38 -10.42 -7.13
C ASN K 312 14.29 -11.46 -7.34
N THR K 313 13.63 -11.90 -6.27
CA THR K 313 12.62 -12.94 -6.35
C THR K 313 11.26 -12.33 -5.96
N LEU K 314 10.38 -12.17 -6.94
CA LEU K 314 9.02 -11.70 -6.74
C LEU K 314 8.08 -12.64 -7.48
N LYS K 315 7.64 -13.70 -6.81
CA LYS K 315 6.74 -14.69 -7.39
C LYS K 315 5.30 -14.22 -7.20
N LEU K 316 4.69 -13.74 -8.28
CA LEU K 316 3.30 -13.31 -8.26
C LEU K 316 2.40 -14.50 -8.56
N ALA K 317 1.54 -14.85 -7.61
CA ALA K 317 0.68 -16.01 -7.76
C ALA K 317 -0.45 -15.72 -8.73
N THR K 318 -0.65 -16.64 -9.68
CA THR K 318 -1.71 -16.53 -10.67
C THR K 318 -2.83 -17.55 -10.44
N GLY K 319 -2.86 -18.17 -9.27
CA GLY K 319 -3.87 -19.15 -8.97
C GLY K 319 -4.00 -19.39 -7.48
N MET K 320 -4.67 -20.47 -7.13
CA MET K 320 -4.87 -20.83 -5.74
C MET K 320 -3.63 -21.49 -5.17
N ARG K 321 -3.67 -21.76 -3.86
CA ARG K 321 -2.56 -22.43 -3.20
C ARG K 321 -2.53 -23.91 -3.58
N ASN K 322 -1.33 -24.49 -3.55
CA ASN K 322 -1.13 -25.87 -3.96
C ASN K 322 -1.62 -26.79 -2.83
N VAL K 323 -2.70 -27.52 -3.09
CA VAL K 323 -3.22 -28.51 -2.15
C VAL K 323 -3.05 -29.89 -2.77
N PRO K 324 -2.00 -30.63 -2.42
CA PRO K 324 -1.79 -31.96 -3.01
C PRO K 324 -2.79 -32.97 -2.48
N GLU K 325 -2.97 -34.03 -3.27
CA GLU K 325 -3.92 -35.09 -2.91
C GLU K 325 -3.33 -36.00 -1.84
N LYS K 326 -4.21 -36.70 -1.14
CA LYS K 326 -3.79 -37.61 -0.09
C LYS K 326 -3.25 -38.92 -0.67
N GLN K 327 -4.02 -39.55 -1.54
CA GLN K 327 -3.61 -40.80 -2.17
C GLN K 327 -4.17 -40.92 -3.58
N ALA L 7 -7.76 -24.74 1.88
CA ALA L 7 -7.20 -25.36 3.07
C ALA L 7 -7.98 -24.95 4.32
N PHE L 9 -13.10 -25.66 3.75
CA PHE L 9 -12.35 -26.80 4.27
C PHE L 9 -12.20 -27.90 3.24
N ILE L 10 -11.53 -27.58 2.13
CA ILE L 10 -11.26 -28.56 1.09
C ILE L 10 -10.03 -29.37 1.49
N GLU L 11 -10.18 -30.70 1.51
CA GLU L 11 -9.07 -31.57 1.89
C GLU L 11 -8.04 -31.67 0.79
N ASN L 12 -8.50 -31.87 -0.46
CA ASN L 12 -7.59 -32.02 -1.58
C ASN L 12 -8.28 -31.55 -2.86
N GLY L 13 -7.48 -31.10 -3.80
CA GLY L 13 -7.97 -30.65 -5.10
C GLY L 13 -8.11 -31.79 -6.09
N TRP L 14 -7.97 -31.46 -7.37
CA TRP L 14 -8.08 -32.43 -8.45
C TRP L 14 -6.94 -32.20 -9.43
N GLU L 15 -6.00 -33.13 -9.48
CA GLU L 15 -4.85 -33.00 -10.38
C GLU L 15 -5.21 -33.36 -11.81
N GLY L 16 -6.21 -34.20 -12.02
CA GLY L 16 -6.61 -34.61 -13.36
C GLY L 16 -7.42 -33.59 -14.13
N MET L 17 -7.90 -32.54 -13.46
CA MET L 17 -8.68 -31.49 -14.10
C MET L 17 -7.72 -30.39 -14.56
N ILE L 18 -7.32 -30.44 -15.82
CA ILE L 18 -6.39 -29.48 -16.38
C ILE L 18 -7.06 -28.55 -17.40
N ASP L 19 -8.39 -28.51 -17.41
CA ASP L 19 -9.15 -27.68 -18.33
C ASP L 19 -9.85 -26.53 -17.62
N GLY L 20 -9.31 -26.08 -16.50
CA GLY L 20 -9.89 -24.98 -15.76
C GLY L 20 -9.37 -24.92 -14.35
N TRP L 21 -9.59 -23.77 -13.72
CA TRP L 21 -9.17 -23.59 -12.34
C TRP L 21 -10.14 -24.22 -11.36
N TYR L 22 -11.42 -24.30 -11.70
CA TYR L 22 -12.45 -24.87 -10.84
C TYR L 22 -13.23 -25.91 -11.64
N GLY L 23 -14.13 -26.59 -10.95
CA GLY L 23 -14.96 -27.60 -11.59
C GLY L 23 -15.64 -28.47 -10.57
N PHE L 24 -16.21 -29.57 -11.05
CA PHE L 24 -16.95 -30.51 -10.24
C PHE L 24 -16.50 -31.93 -10.55
N ARG L 25 -16.67 -32.82 -9.59
CA ARG L 25 -16.38 -34.25 -9.75
C ARG L 25 -17.65 -35.02 -9.43
N HIS L 26 -18.35 -35.48 -10.47
CA HIS L 26 -19.61 -36.18 -10.32
C HIS L 26 -19.38 -37.67 -10.13
N GLN L 27 -20.34 -38.32 -9.48
CA GLN L 27 -20.28 -39.76 -9.24
C GLN L 27 -21.71 -40.27 -9.08
N ASN L 28 -22.15 -41.07 -10.04
CA ASN L 28 -23.50 -41.63 -10.01
C ASN L 28 -23.46 -43.00 -10.68
N SER L 29 -24.64 -43.51 -11.06
CA SER L 29 -24.72 -44.83 -11.67
C SER L 29 -24.22 -44.85 -13.11
N GLU L 30 -24.13 -43.69 -13.76
CA GLU L 30 -23.67 -43.60 -15.13
C GLU L 30 -22.16 -43.43 -15.24
N GLY L 31 -21.43 -43.58 -14.15
CA GLY L 31 -19.99 -43.47 -14.15
C GLY L 31 -19.51 -42.25 -13.41
N THR L 32 -18.20 -42.05 -13.44
CA THR L 32 -17.54 -40.93 -12.80
C THR L 32 -16.87 -40.04 -13.85
N GLY L 33 -16.28 -38.95 -13.40
CA GLY L 33 -15.60 -38.04 -14.29
C GLY L 33 -15.47 -36.66 -13.68
N GLN L 34 -14.69 -35.82 -14.36
CA GLN L 34 -14.46 -34.46 -13.94
C GLN L 34 -14.85 -33.51 -15.06
N ALA L 35 -15.42 -32.36 -14.69
CA ALA L 35 -15.87 -31.37 -15.65
C ALA L 35 -15.64 -29.98 -15.08
N ALA L 36 -14.94 -29.13 -15.83
CA ALA L 36 -14.66 -27.78 -15.37
C ALA L 36 -15.87 -26.88 -15.51
N ASP L 37 -16.12 -26.07 -14.48
CA ASP L 37 -17.22 -25.12 -14.50
C ASP L 37 -16.86 -23.93 -15.38
N LEU L 38 -17.69 -23.66 -16.38
CA LEU L 38 -17.43 -22.54 -17.29
C LEU L 38 -17.82 -21.20 -16.70
N LYS L 39 -18.57 -21.18 -15.60
CA LYS L 39 -19.06 -19.94 -15.03
C LYS L 39 -18.11 -19.37 -13.98
N SER L 40 -17.76 -20.18 -12.98
CA SER L 40 -16.93 -19.70 -11.87
C SER L 40 -15.47 -19.56 -12.24
N THR L 41 -14.98 -20.32 -13.23
CA THR L 41 -13.60 -20.21 -13.65
C THR L 41 -13.37 -18.92 -14.43
N GLN L 42 -14.26 -18.62 -15.38
CA GLN L 42 -14.13 -17.41 -16.19
C GLN L 42 -14.36 -16.15 -15.36
N ALA L 43 -15.20 -16.22 -14.33
CA ALA L 43 -15.40 -15.09 -13.45
C ALA L 43 -14.20 -14.84 -12.54
N ALA L 44 -13.32 -15.84 -12.37
CA ALA L 44 -12.13 -15.67 -11.55
C ALA L 44 -10.94 -15.14 -12.33
N ILE L 45 -10.82 -15.49 -13.61
CA ILE L 45 -9.70 -15.00 -14.42
C ILE L 45 -9.88 -13.51 -14.73
N ASP L 46 -11.12 -13.03 -14.79
CA ASP L 46 -11.38 -11.61 -14.97
C ASP L 46 -10.90 -10.79 -13.77
N GLN L 47 -10.89 -11.39 -12.59
CA GLN L 47 -10.31 -10.74 -11.41
C GLN L 47 -8.81 -10.97 -11.30
N ILE L 48 -8.31 -12.08 -11.84
CA ILE L 48 -6.87 -12.37 -11.77
C ILE L 48 -6.12 -11.57 -12.83
N ASN L 49 -6.57 -11.65 -14.09
CA ASN L 49 -5.90 -10.93 -15.17
C ASN L 49 -6.12 -9.43 -15.09
N GLY L 50 -7.16 -8.98 -14.39
CA GLY L 50 -7.31 -7.56 -14.13
C GLY L 50 -6.26 -7.02 -13.18
N LYS L 51 -5.73 -7.87 -12.30
CA LYS L 51 -4.63 -7.51 -11.43
C LYS L 51 -3.29 -7.49 -12.14
N LEU L 52 -3.18 -8.13 -13.31
CA LEU L 52 -1.90 -8.22 -13.99
C LEU L 52 -1.65 -7.02 -14.90
N ASN L 53 -2.64 -6.65 -15.71
CA ASN L 53 -2.44 -5.64 -16.74
C ASN L 53 -2.35 -4.22 -16.19
N ARG L 54 -2.78 -4.00 -14.94
CA ARG L 54 -2.59 -2.70 -14.33
C ARG L 54 -1.28 -2.60 -13.55
N VAL L 55 -0.49 -3.66 -13.53
CA VAL L 55 0.80 -3.69 -12.84
C VAL L 55 1.94 -3.96 -13.82
N ILE L 56 1.83 -5.04 -14.61
CA ILE L 56 2.91 -5.42 -15.52
C ILE L 56 2.82 -4.73 -16.87
N GLU L 57 1.73 -4.02 -17.15
CA GLU L 57 1.52 -3.39 -18.44
C GLU L 57 1.18 -1.92 -18.23
N LYS L 58 1.77 -1.05 -19.07
CA LYS L 58 1.54 0.40 -19.11
C LYS L 58 1.86 1.06 -17.77
N THR L 59 2.91 0.58 -17.10
CA THR L 59 3.38 1.15 -15.84
C THR L 59 4.82 1.60 -15.93
N ASN L 60 5.33 1.78 -17.14
CA ASN L 60 6.72 2.19 -17.36
C ASN L 60 6.80 3.70 -17.57
N GLU L 61 7.97 4.25 -17.27
CA GLU L 61 8.23 5.68 -17.36
C GLU L 61 9.37 5.91 -18.35
N LYS L 62 9.11 6.68 -19.39
CA LYS L 62 10.10 7.00 -20.42
C LYS L 62 10.51 8.46 -20.24
N PHE L 63 11.67 8.68 -19.63
CA PHE L 63 12.17 10.03 -19.39
C PHE L 63 13.69 9.96 -19.26
N HIS L 64 14.31 11.15 -19.30
CA HIS L 64 15.76 11.25 -19.18
C HIS L 64 16.17 11.20 -17.71
N GLN L 65 16.93 10.17 -17.34
CA GLN L 65 17.42 10.02 -15.99
C GLN L 65 18.81 10.66 -15.86
N ILE L 66 19.40 10.51 -14.68
CA ILE L 66 20.72 11.06 -14.41
C ILE L 66 21.71 9.91 -14.23
N GLU L 67 22.99 10.27 -14.09
CA GLU L 67 24.03 9.27 -13.88
C GLU L 67 23.93 8.70 -12.47
N LYS L 68 23.85 7.38 -12.37
CA LYS L 68 23.67 6.71 -11.08
C LYS L 68 24.93 6.03 -10.58
N GLU L 69 25.86 5.69 -11.44
CA GLU L 69 27.12 5.08 -11.05
C GLU L 69 28.27 5.98 -11.46
N PHE L 70 29.20 6.21 -10.53
CA PHE L 70 30.33 7.11 -10.76
C PHE L 70 31.64 6.40 -10.42
N SER L 71 32.66 6.68 -11.23
CA SER L 71 34.00 6.18 -10.98
C SER L 71 34.89 7.20 -10.28
N GLU L 72 34.72 8.48 -10.58
CA GLU L 72 35.48 9.54 -9.95
C GLU L 72 34.66 10.16 -8.82
N VAL L 73 35.18 10.07 -7.60
CA VAL L 73 34.49 10.58 -6.42
C VAL L 73 34.74 12.09 -6.34
N GLU L 74 33.70 12.87 -6.56
CA GLU L 74 33.81 14.33 -6.56
C GLU L 74 33.59 14.91 -5.16
N GLY L 75 32.52 14.50 -4.48
CA GLY L 75 32.24 15.02 -3.16
C GLY L 75 30.77 15.15 -2.83
N ARG L 76 30.36 16.35 -2.43
CA ARG L 76 28.99 16.59 -1.97
C ARG L 76 27.96 16.46 -3.10
N ILE L 77 28.34 16.79 -4.33
CA ILE L 77 27.41 16.69 -5.46
C ILE L 77 27.09 15.23 -5.76
N GLN L 78 28.07 14.34 -5.60
CA GLN L 78 27.81 12.92 -5.79
C GLN L 78 27.17 12.29 -4.55
N ASP L 79 27.42 12.87 -3.37
CA ASP L 79 26.85 12.31 -2.14
C ASP L 79 25.36 12.61 -2.02
N LEU L 80 24.89 13.69 -2.66
CA LEU L 80 23.47 13.99 -2.65
C LEU L 80 22.69 13.02 -3.52
N GLU L 81 23.18 12.78 -4.74
CA GLU L 81 22.46 11.89 -5.67
C GLU L 81 22.62 10.43 -5.28
N LYS L 82 23.65 10.09 -4.49
CA LYS L 82 23.78 8.71 -4.02
C LYS L 82 22.74 8.39 -2.95
N TYR L 83 22.46 9.34 -2.05
CA TYR L 83 21.40 9.14 -1.07
C TYR L 83 20.03 9.30 -1.73
N VAL L 84 19.97 10.03 -2.84
CA VAL L 84 18.72 10.16 -3.58
C VAL L 84 18.39 8.86 -4.32
N GLU L 85 19.40 8.26 -4.97
CA GLU L 85 19.15 7.05 -5.77
C GLU L 85 18.92 5.83 -4.89
N ASP L 86 19.66 5.72 -3.78
CA ASP L 86 19.50 4.57 -2.89
C ASP L 86 18.17 4.60 -2.15
N THR L 87 17.55 5.77 -1.99
CA THR L 87 16.25 5.83 -1.33
C THR L 87 15.14 5.37 -2.26
N LYS L 88 15.12 5.88 -3.50
CA LYS L 88 14.04 5.53 -4.43
C LYS L 88 14.15 4.11 -4.94
N ILE L 89 15.34 3.51 -4.90
CA ILE L 89 15.47 2.08 -5.14
C ILE L 89 14.87 1.31 -3.98
N ASP L 90 15.17 1.73 -2.75
CA ASP L 90 14.59 1.11 -1.57
C ASP L 90 13.10 1.43 -1.43
N LEU L 91 12.67 2.59 -1.93
CA LEU L 91 11.24 2.90 -1.91
C LEU L 91 10.48 2.08 -2.93
N TRP L 92 11.08 1.82 -4.09
CA TRP L 92 10.47 0.92 -5.06
C TRP L 92 10.55 -0.53 -4.60
N SER L 93 11.60 -0.88 -3.85
CA SER L 93 11.68 -2.22 -3.29
C SER L 93 10.70 -2.43 -2.15
N TYR L 94 10.45 -1.38 -1.35
CA TYR L 94 9.45 -1.48 -0.29
C TYR L 94 8.04 -1.53 -0.88
N ASN L 95 7.81 -0.81 -1.98
CA ASN L 95 6.52 -0.88 -2.66
C ASN L 95 6.36 -2.22 -3.39
N ALA L 96 7.46 -2.84 -3.79
CA ALA L 96 7.39 -4.18 -4.36
C ALA L 96 7.06 -5.21 -3.29
N GLU L 97 7.59 -5.02 -2.07
CA GLU L 97 7.23 -5.88 -0.96
C GLU L 97 5.88 -5.53 -0.36
N LEU L 98 5.29 -4.39 -0.76
CA LEU L 98 3.96 -4.01 -0.30
C LEU L 98 2.88 -4.44 -1.29
N LEU L 99 3.16 -4.34 -2.60
CA LEU L 99 2.15 -4.68 -3.59
C LEU L 99 2.07 -6.18 -3.84
N VAL L 100 3.20 -6.80 -4.21
CA VAL L 100 3.19 -8.19 -4.69
C VAL L 100 2.90 -9.15 -3.53
N ALA L 101 3.33 -8.80 -2.31
CA ALA L 101 2.99 -9.61 -1.15
C ALA L 101 1.51 -9.50 -0.79
N LEU L 102 0.90 -8.33 -1.06
CA LEU L 102 -0.53 -8.19 -0.82
C LEU L 102 -1.34 -8.73 -2.00
N GLU L 103 -0.78 -8.67 -3.21
CA GLU L 103 -1.45 -9.25 -4.36
C GLU L 103 -1.48 -10.78 -4.28
N ASN L 104 -0.43 -11.39 -3.72
CA ASN L 104 -0.48 -12.82 -3.45
C ASN L 104 -1.39 -13.14 -2.27
N GLN L 105 -1.49 -12.22 -1.31
CA GLN L 105 -2.39 -12.42 -0.19
C GLN L 105 -3.85 -12.28 -0.62
N HIS L 106 -4.14 -11.34 -1.52
CA HIS L 106 -5.51 -11.15 -1.97
C HIS L 106 -5.94 -12.26 -2.94
N THR L 107 -4.98 -12.87 -3.64
CA THR L 107 -5.30 -13.93 -4.59
C THR L 107 -5.78 -15.19 -3.89
N ILE L 108 -5.19 -15.52 -2.74
CA ILE L 108 -5.69 -16.61 -1.91
C ILE L 108 -7.06 -16.26 -1.35
N ASP L 109 -7.26 -14.99 -1.00
CA ASP L 109 -8.59 -14.55 -0.57
C ASP L 109 -9.55 -14.46 -1.74
N LEU L 110 -9.05 -14.24 -2.95
CA LEU L 110 -9.91 -14.24 -4.13
C LEU L 110 -10.36 -15.64 -4.49
N THR L 111 -9.46 -16.62 -4.44
CA THR L 111 -9.83 -18.00 -4.71
C THR L 111 -10.70 -18.58 -3.59
N ASP L 112 -10.55 -18.06 -2.37
CA ASP L 112 -11.47 -18.43 -1.30
C ASP L 112 -12.84 -17.78 -1.49
N SER L 113 -12.87 -16.56 -2.02
CA SER L 113 -14.15 -15.89 -2.28
C SER L 113 -14.84 -16.48 -3.51
N GLU L 114 -14.07 -16.88 -4.52
CA GLU L 114 -14.65 -17.56 -5.67
C GLU L 114 -15.15 -18.95 -5.31
N MET L 115 -14.50 -19.60 -4.35
CA MET L 115 -15.03 -20.86 -3.82
C MET L 115 -16.25 -20.61 -2.95
N ASN L 116 -16.26 -19.49 -2.21
CA ASN L 116 -17.42 -19.13 -1.40
C ASN L 116 -18.61 -18.74 -2.26
N LYS L 117 -18.37 -18.08 -3.40
CA LYS L 117 -19.45 -17.80 -4.33
C LYS L 117 -19.92 -19.07 -5.03
N LEU L 118 -19.00 -20.02 -5.28
CA LEU L 118 -19.40 -21.31 -5.83
C LEU L 118 -20.14 -22.14 -4.80
N PHE L 119 -19.77 -22.02 -3.52
CA PHE L 119 -20.54 -22.67 -2.46
C PHE L 119 -21.88 -21.98 -2.22
N GLU L 120 -21.95 -20.68 -2.50
CA GLU L 120 -23.22 -19.97 -2.36
C GLU L 120 -24.15 -20.25 -3.52
N LYS L 121 -23.59 -20.38 -4.74
CA LYS L 121 -24.40 -20.72 -5.90
C LYS L 121 -24.92 -22.14 -5.81
N THR L 122 -24.11 -23.06 -5.26
CA THR L 122 -24.59 -24.41 -5.02
C THR L 122 -25.47 -24.48 -3.78
N ARG L 123 -25.22 -23.61 -2.80
CA ARG L 123 -26.02 -23.61 -1.58
C ARG L 123 -27.40 -23.01 -1.77
N ARG L 124 -27.54 -22.11 -2.75
CA ARG L 124 -28.85 -21.50 -3.01
C ARG L 124 -29.74 -22.39 -3.87
N GLN L 125 -29.26 -23.56 -4.29
CA GLN L 125 -30.07 -24.50 -5.06
C GLN L 125 -30.21 -25.85 -4.38
N LEU L 126 -29.47 -26.10 -3.31
CA LEU L 126 -29.47 -27.38 -2.61
C LEU L 126 -29.76 -27.21 -1.12
N ARG L 127 -30.79 -26.43 -0.78
CA ARG L 127 -31.16 -26.26 0.62
C ARG L 127 -31.89 -27.48 1.16
N GLU L 128 -33.06 -27.79 0.58
CA GLU L 128 -33.82 -28.96 0.97
C GLU L 128 -33.54 -30.17 0.08
N ASN L 129 -32.55 -30.06 -0.81
CA ASN L 129 -32.23 -31.14 -1.73
C ASN L 129 -30.92 -31.86 -1.42
N ALA L 130 -29.98 -31.20 -0.75
CA ALA L 130 -28.70 -31.82 -0.44
C ALA L 130 -28.12 -31.17 0.81
N GLU L 131 -27.04 -31.76 1.31
CA GLU L 131 -26.31 -31.24 2.45
C GLU L 131 -24.80 -31.39 2.19
N ASP L 132 -24.02 -30.63 2.95
CA ASP L 132 -22.57 -30.65 2.82
C ASP L 132 -22.02 -31.93 3.44
N MET L 133 -20.77 -32.27 3.11
CA MET L 133 -20.14 -33.45 3.68
C MET L 133 -18.97 -33.11 4.60
N GLY L 134 -18.28 -32.00 4.34
CA GLY L 134 -17.15 -31.58 5.16
C GLY L 134 -15.83 -31.51 4.44
N ASN L 135 -15.73 -32.08 3.24
CA ASN L 135 -14.51 -32.04 2.44
C ASN L 135 -14.70 -31.29 1.13
N GLY L 136 -15.66 -30.36 1.07
CA GLY L 136 -15.97 -29.65 -0.15
C GLY L 136 -16.97 -30.33 -1.05
N CYS L 137 -17.54 -31.46 -0.64
CA CYS L 137 -18.49 -32.21 -1.43
C CYS L 137 -19.88 -32.10 -0.84
N PHE L 138 -20.89 -32.22 -1.70
CA PHE L 138 -22.29 -32.16 -1.29
C PHE L 138 -22.92 -33.54 -1.41
N LYS L 139 -23.68 -33.93 -0.39
CA LYS L 139 -24.37 -35.21 -0.37
C LYS L 139 -25.77 -35.02 -0.92
N ILE L 140 -25.97 -35.39 -2.18
CA ILE L 140 -27.27 -35.26 -2.83
C ILE L 140 -28.17 -36.41 -2.36
N TYR L 141 -29.33 -36.06 -1.80
CA TYR L 141 -30.27 -37.04 -1.27
C TYR L 141 -31.33 -37.47 -2.28
N HIS L 142 -31.07 -37.31 -3.57
CA HIS L 142 -32.01 -37.72 -4.60
C HIS L 142 -31.23 -38.23 -5.81
N LYS L 143 -31.96 -38.71 -6.81
CA LYS L 143 -31.34 -39.19 -8.03
C LYS L 143 -30.85 -38.02 -8.86
N CYS L 144 -29.55 -38.02 -9.17
CA CYS L 144 -28.91 -36.94 -9.92
C CYS L 144 -28.08 -37.55 -11.03
N ASP L 145 -28.58 -37.46 -12.27
CA ASP L 145 -27.89 -38.00 -13.44
C ASP L 145 -26.90 -36.96 -13.97
N ASN L 146 -26.40 -37.19 -15.18
CA ASN L 146 -25.44 -36.26 -15.78
C ASN L 146 -26.12 -34.95 -16.20
N ALA L 147 -27.40 -34.98 -16.50
CA ALA L 147 -28.12 -33.74 -16.80
C ALA L 147 -28.37 -32.93 -15.53
N CYS L 148 -28.48 -33.60 -14.38
CA CYS L 148 -28.64 -32.90 -13.11
C CYS L 148 -27.34 -32.22 -12.69
N ILE L 149 -26.19 -32.83 -13.01
CA ILE L 149 -24.90 -32.23 -12.71
C ILE L 149 -24.69 -30.96 -13.55
N GLU L 150 -25.05 -31.02 -14.83
CA GLU L 150 -24.89 -29.86 -15.71
C GLU L 150 -25.92 -28.77 -15.41
N SER L 151 -27.00 -29.10 -14.70
CA SER L 151 -27.98 -28.07 -14.34
C SER L 151 -27.44 -27.16 -13.25
N ILE L 152 -26.76 -27.72 -12.25
CA ILE L 152 -26.13 -26.91 -11.22
C ILE L 152 -24.84 -26.26 -11.72
N ARG L 153 -24.19 -26.86 -12.72
CA ARG L 153 -22.97 -26.29 -13.26
C ARG L 153 -23.27 -25.03 -14.08
N ASN L 154 -24.32 -25.06 -14.89
CA ASN L 154 -24.73 -23.91 -15.69
C ASN L 154 -25.66 -22.97 -14.93
N GLY L 155 -26.03 -23.30 -13.70
CA GLY L 155 -26.91 -22.45 -12.93
C GLY L 155 -28.38 -22.55 -13.29
N THR L 156 -28.78 -23.60 -13.98
CA THR L 156 -30.16 -23.79 -14.39
C THR L 156 -30.86 -24.90 -13.60
N TYR L 157 -30.42 -25.10 -12.36
CA TYR L 157 -31.03 -26.13 -11.51
C TYR L 157 -32.29 -25.60 -10.84
N ASP L 158 -33.29 -26.47 -10.72
CA ASP L 158 -34.57 -26.12 -10.14
C ASP L 158 -34.70 -26.76 -8.76
N HIS L 159 -35.14 -25.98 -7.79
CA HIS L 159 -35.29 -26.46 -6.42
C HIS L 159 -36.63 -27.13 -6.16
N ASP L 160 -37.71 -26.66 -6.81
CA ASP L 160 -39.03 -27.18 -6.55
C ASP L 160 -39.29 -28.52 -7.24
N VAL L 161 -38.45 -28.90 -8.21
CA VAL L 161 -38.65 -30.17 -8.90
C VAL L 161 -38.19 -31.34 -8.05
N TYR L 162 -36.95 -31.27 -7.55
CA TYR L 162 -36.39 -32.33 -6.73
C TYR L 162 -36.61 -32.11 -5.24
N ARG L 163 -37.66 -31.39 -4.87
CA ARG L 163 -37.93 -31.13 -3.46
C ARG L 163 -38.63 -32.30 -2.79
N ASP L 164 -39.62 -32.90 -3.47
CA ASP L 164 -40.40 -33.99 -2.88
C ASP L 164 -39.63 -35.31 -2.86
N GLU L 165 -38.55 -35.43 -3.62
CA GLU L 165 -37.78 -36.67 -3.68
C GLU L 165 -36.69 -36.72 -2.62
N ALA L 166 -35.97 -35.61 -2.42
CA ALA L 166 -34.84 -35.62 -1.51
C ALA L 166 -35.25 -35.43 -0.05
N LEU L 167 -36.42 -34.81 0.20
CA LEU L 167 -36.86 -34.59 1.57
C LEU L 167 -37.35 -35.88 2.23
N ASN L 168 -37.70 -36.90 1.44
CA ASN L 168 -38.09 -38.19 2.00
C ASN L 168 -36.90 -39.04 2.44
N ASN L 169 -35.68 -38.65 2.08
CA ASN L 169 -34.49 -39.39 2.45
C ASN L 169 -33.46 -38.55 3.22
N ARG L 170 -33.72 -37.26 3.42
CA ARG L 170 -32.78 -36.41 4.13
C ARG L 170 -32.89 -36.60 5.64
N PHE L 171 -34.10 -36.42 6.18
CA PHE L 171 -34.34 -36.57 7.61
C PHE L 171 -34.89 -37.94 7.97
N GLN L 172 -34.93 -38.87 7.02
CA GLN L 172 -35.44 -40.21 7.28
C GLN L 172 -34.38 -41.26 7.03
#